data_7PI2
#
_entry.id   7PI2
#
_cell.length_a   354.300
_cell.length_b   71.045
_cell.length_c   164.789
_cell.angle_alpha   90.000
_cell.angle_beta   91.160
_cell.angle_gamma   90.000
#
_symmetry.space_group_name_H-M   'C 1 2 1'
#
loop_
_entity.id
_entity.type
_entity.pdbx_description
1 polymer 'Cysteine-rich protective antigen'
2 polymer 'Monoclonal antibody Cy.003 heavy chain'
3 polymer 'Monoclonal antibody Cy.003 light chain'
#
loop_
_entity_poly.entity_id
_entity_poly.type
_entity_poly.pdbx_seq_one_letter_code
_entity_poly.pdbx_strand_id
1 'polypeptide(L)'
;DSRHVFIRTELSFIKNNVPCIRDMFFIYKRELYNICLDDLKGEEDETHIYVQKKVKDSWITLNDLFKETDLTGRPHIFAY
VDVEEIIILLCEDEEFSNRKKDMTCHRFYSNDGKEYNNAEITISDYILKDKLLSSYVSLPLKIENREYFLICGVSPYKFK
DDNKKDDILCMASHDKGETWGTKIVIKYDNYKLGVQYFFLRPYISKNDLSFHFYVGDNINNVKNVNFIECTHEKDLEFVC
SNRDFLKDNKVLQDVSTLNDEYIVSYGNDNNFAECYIFFNNENSILIKPEKYGNTAAGCYGGTFVKIDENRALFIYSSSQ
GIYNIHTIYYANYEGGGGSEPEA
;
A,D,G,J
2 'polypeptide(L)'
;AVTLDESGGGLQTPGGALSLVCKGSGFFSFSSYTMQWVRQAPGKGLEWVASISSGGGTNYGAAVKGRATISRDNGQSTLR
LQLNNLRAEDTGTYYCAKHGVNGCDWSYSVGCVDAWGHGTEVIVSSASTKGPSVFPLAPSSKSTSGGTAALGCLVKDYFP
EPVTVSWNSGALTSGVHTFPAVLQSSGLYSLSSVVTVPSSSLGTQTYICNVNHKPSNTKVDKKVEPKSCDK
;
B,E,H,K
3 'polypeptide(L)'
;ALTQPSSVSANPGETVKITCSGGSSSYYGWYQQKSPGSAPVTLIYNNQKRPSDIPSRFSGSKSGSTGTLTITGVQAEDEA
VYFCGSRDNSGGIFGAGTTLTVLRTVAAPSVFIFPPSDEQLKSGTASVVCLLNNFYPREAKVQWKVDNALQSGNSQESVT
EQDSKDSTYSLSSTLTLSKADYEKHKVYACEVTHQGLSSPVTKSFNRGEC
;
C,F,I,L
#
# COMPACT_ATOMS: atom_id res chain seq x y z
N ARG A 3 35.17 34.86 76.39
CA ARG A 3 35.34 35.02 74.94
C ARG A 3 36.83 35.14 74.51
N HIS A 4 37.10 35.00 73.17
CA HIS A 4 38.44 34.99 72.57
C HIS A 4 38.44 35.86 71.34
N VAL A 5 38.96 37.07 71.46
CA VAL A 5 38.99 38.02 70.35
C VAL A 5 40.39 38.15 69.80
N PHE A 6 40.54 38.12 68.47
CA PHE A 6 41.82 38.26 67.78
C PHE A 6 41.64 39.34 66.73
N ILE A 7 42.31 40.49 66.85
CA ILE A 7 42.24 41.55 65.84
C ILE A 7 43.64 41.84 65.38
N ARG A 8 43.86 41.93 64.08
CA ARG A 8 45.19 42.18 63.54
C ARG A 8 45.09 43.10 62.34
N THR A 9 45.78 44.26 62.36
CA THR A 9 45.75 45.16 61.22
C THR A 9 47.15 45.57 60.79
N GLU A 10 47.34 45.78 59.50
CA GLU A 10 48.60 46.29 58.98
C GLU A 10 48.36 47.27 57.86
N LEU A 11 49.29 48.20 57.70
CA LEU A 11 49.17 49.23 56.69
C LEU A 11 50.23 49.12 55.62
N SER A 12 49.78 48.97 54.39
CA SER A 12 50.61 48.89 53.22
C SER A 12 50.20 50.03 52.29
N PHE A 13 51.13 50.48 51.45
CA PHE A 13 50.84 51.54 50.50
C PHE A 13 50.93 51.03 49.07
N ILE A 14 50.19 51.66 48.15
CA ILE A 14 50.25 51.33 46.74
C ILE A 14 50.23 52.62 45.94
N LYS A 15 51.16 52.74 44.98
CA LYS A 15 51.24 53.89 44.09
C LYS A 15 50.62 53.50 42.74
N ASN A 16 49.88 54.44 42.13
CA ASN A 16 49.30 54.22 40.82
C ASN A 16 49.87 55.24 39.84
N ASN A 17 50.34 54.77 38.71
CA ASN A 17 50.84 55.65 37.65
C ASN A 17 49.68 56.32 36.87
N VAL A 18 48.47 55.77 37.00
CA VAL A 18 47.32 56.29 36.29
C VAL A 18 46.42 57.13 37.20
N PRO A 19 46.04 58.30 36.69
CA PRO A 19 45.16 59.22 37.44
C PRO A 19 43.74 58.69 37.38
N CYS A 20 43.34 57.95 38.42
CA CYS A 20 42.02 57.35 38.49
C CYS A 20 40.93 58.34 38.91
N ILE A 21 39.81 58.29 38.21
CA ILE A 21 38.67 59.17 38.50
C ILE A 21 37.80 58.44 39.52
N ARG A 22 37.51 57.16 39.28
CA ARG A 22 36.72 56.36 40.20
C ARG A 22 37.36 54.97 40.31
N ASP A 23 37.64 54.54 41.53
CA ASP A 23 38.24 53.23 41.76
C ASP A 23 37.19 52.17 42.04
N MET A 24 37.51 50.93 41.71
CA MET A 24 36.61 49.81 41.92
C MET A 24 37.44 48.60 42.25
N PHE A 25 37.35 48.12 43.49
CA PHE A 25 38.22 47.05 43.95
C PHE A 25 37.58 45.70 43.99
N PHE A 26 38.34 44.68 43.63
CA PHE A 26 37.86 43.31 43.74
C PHE A 26 39.00 42.37 44.03
N ILE A 27 38.68 41.30 44.74
CA ILE A 27 39.63 40.25 45.07
C ILE A 27 39.39 39.11 44.09
N TYR A 28 40.47 38.61 43.49
CA TYR A 28 40.36 37.48 42.59
C TYR A 28 41.54 36.54 42.82
N LYS A 29 41.27 35.32 43.29
CA LYS A 29 42.29 34.33 43.61
C LYS A 29 43.34 34.89 44.58
N ARG A 30 42.87 35.60 45.61
CA ARG A 30 43.68 36.32 46.60
C ARG A 30 44.79 37.12 45.95
N GLU A 31 44.35 37.94 45.06
CA GLU A 31 45.09 38.96 44.38
C GLU A 31 44.13 40.12 44.42
N LEU A 32 44.68 41.30 44.59
CA LEU A 32 43.85 42.51 44.59
C LEU A 32 43.87 43.16 43.21
N TYR A 33 42.69 43.48 42.71
CA TYR A 33 42.53 44.09 41.41
C TYR A 33 41.74 45.37 41.52
N ASN A 34 41.99 46.29 40.60
CA ASN A 34 41.28 47.56 40.52
C ASN A 34 40.74 47.76 39.11
N ILE A 35 39.60 48.40 39.00
CA ILE A 35 39.04 48.79 37.71
C ILE A 35 39.10 50.29 37.74
N CYS A 36 40.17 50.82 37.16
CA CYS A 36 40.46 52.22 37.15
C CYS A 36 39.74 52.91 36.01
N LEU A 37 39.12 54.05 36.27
CA LEU A 37 38.49 54.83 35.22
C LEU A 37 39.33 56.10 35.01
N ASP A 38 40.01 56.21 33.87
CA ASP A 38 40.84 57.37 33.57
C ASP A 38 40.05 58.40 32.74
N ASP A 39 40.46 59.68 32.79
CA ASP A 39 39.83 60.76 32.03
C ASP A 39 40.80 61.92 31.78
N GLU A 44 42.08 66.83 27.64
CA GLU A 44 42.92 66.81 26.46
C GLU A 44 43.32 65.42 25.96
N ASP A 45 43.06 64.36 26.77
CA ASP A 45 43.40 62.96 26.48
C ASP A 45 42.15 62.06 26.25
N GLU A 46 42.31 60.72 26.23
CA GLU A 46 41.17 59.84 26.03
C GLU A 46 40.76 59.08 27.30
N THR A 47 39.53 58.58 27.30
CA THR A 47 38.97 57.81 28.40
C THR A 47 39.58 56.41 28.37
N HIS A 48 39.76 55.83 29.53
CA HIS A 48 40.25 54.47 29.66
C HIS A 48 39.51 53.77 30.80
N ILE A 49 39.49 52.44 30.75
CA ILE A 49 38.91 51.62 31.80
C ILE A 49 39.93 50.51 32.03
N TYR A 50 40.99 50.82 32.79
CA TYR A 50 42.09 49.89 33.00
C TYR A 50 41.80 48.84 34.04
N VAL A 51 42.20 47.60 33.79
CA VAL A 51 42.10 46.54 34.78
C VAL A 51 43.51 46.43 35.33
N GLN A 52 43.69 46.72 36.61
CA GLN A 52 44.99 46.72 37.27
C GLN A 52 45.11 45.66 38.36
N LYS A 53 46.34 45.33 38.73
CA LYS A 53 46.58 44.34 39.77
C LYS A 53 47.69 44.80 40.70
N LYS A 54 47.49 44.64 42.02
CA LYS A 54 48.55 44.98 42.96
C LYS A 54 49.59 43.87 42.91
N VAL A 55 50.78 44.17 42.35
CA VAL A 55 51.88 43.21 42.28
C VAL A 55 52.73 43.21 43.58
N LYS A 56 53.34 44.36 43.95
CA LYS A 56 54.06 44.42 45.21
C LYS A 56 53.53 45.67 45.91
N ASP A 57 54.12 46.83 45.69
CA ASP A 57 53.62 48.08 46.23
C ASP A 57 53.13 49.00 45.09
N SER A 58 52.77 48.43 43.93
CA SER A 58 52.32 49.20 42.80
C SER A 58 51.20 48.51 42.08
N TRP A 59 50.33 49.28 41.42
CA TRP A 59 49.30 48.71 40.58
C TRP A 59 49.92 48.49 39.19
N ILE A 60 49.52 47.41 38.52
CA ILE A 60 50.02 47.14 37.18
C ILE A 60 48.88 47.03 36.23
N THR A 61 48.86 47.92 35.22
CA THR A 61 47.83 47.91 34.21
C THR A 61 47.92 46.62 33.41
N LEU A 62 46.83 45.87 33.38
CA LEU A 62 46.78 44.62 32.67
C LEU A 62 46.16 44.80 31.31
N ASN A 63 45.04 45.54 31.23
CA ASN A 63 44.45 45.84 29.92
C ASN A 63 43.43 46.98 30.00
N ASP A 64 43.06 47.50 28.81
CA ASP A 64 42.11 48.57 28.66
C ASP A 64 40.89 48.01 27.97
N LEU A 65 39.79 47.89 28.73
CA LEU A 65 38.54 47.36 28.20
C LEU A 65 37.82 48.36 27.33
N PHE A 66 38.02 49.64 27.58
CA PHE A 66 37.39 50.69 26.81
C PHE A 66 37.80 50.68 25.35
N LYS A 67 39.07 50.34 25.08
CA LYS A 67 39.63 50.27 23.72
C LYS A 67 38.82 49.33 22.84
N GLU A 68 38.42 48.19 23.45
CA GLU A 68 37.67 47.08 22.87
C GLU A 68 36.18 47.35 22.62
N THR A 69 35.66 48.50 23.08
CA THR A 69 34.27 48.84 22.84
C THR A 69 34.11 50.16 22.10
N ASP A 70 33.07 50.27 21.27
CA ASP A 70 32.81 51.51 20.53
C ASP A 70 31.88 52.47 21.32
N LEU A 71 31.92 52.38 22.66
CA LEU A 71 31.13 53.16 23.59
C LEU A 71 31.60 54.60 23.67
N THR A 72 30.66 55.50 24.00
CA THR A 72 30.98 56.93 24.10
C THR A 72 30.89 57.39 25.56
N GLY A 73 31.75 58.34 25.94
CA GLY A 73 31.74 58.92 27.27
C GLY A 73 32.00 57.97 28.42
N ARG A 74 31.23 58.12 29.52
CA ARG A 74 31.41 57.28 30.70
C ARG A 74 30.32 56.23 30.84
N PRO A 75 30.67 54.94 30.78
CA PRO A 75 29.64 53.91 30.98
C PRO A 75 29.53 53.46 32.42
N HIS A 76 28.39 52.86 32.76
CA HIS A 76 28.23 52.21 34.06
C HIS A 76 29.05 50.92 33.98
N ILE A 77 29.61 50.49 35.10
CA ILE A 77 30.44 49.29 35.14
C ILE A 77 29.93 48.32 36.18
N PHE A 78 29.59 47.12 35.76
CA PHE A 78 29.11 46.09 36.69
C PHE A 78 30.03 44.91 36.58
N ALA A 79 30.87 44.72 37.59
CA ALA A 79 31.80 43.60 37.62
C ALA A 79 31.27 42.52 38.52
N TYR A 80 31.40 41.27 38.12
CA TYR A 80 30.93 40.13 38.91
C TYR A 80 32.03 39.15 39.03
N VAL A 81 32.38 38.78 40.26
CA VAL A 81 33.44 37.83 40.49
C VAL A 81 32.94 36.56 41.09
N ASP A 82 32.83 35.54 40.26
CA ASP A 82 32.57 34.20 40.74
C ASP A 82 33.94 33.61 41.18
N VAL A 83 33.96 32.39 41.69
CA VAL A 83 35.19 31.76 42.15
C VAL A 83 36.32 31.78 41.11
N GLU A 84 36.10 31.15 39.93
CA GLU A 84 37.11 31.08 38.87
C GLU A 84 36.85 32.00 37.68
N GLU A 85 35.72 32.74 37.65
CA GLU A 85 35.47 33.60 36.50
C GLU A 85 35.10 35.01 36.87
N ILE A 86 35.51 35.95 36.02
CA ILE A 86 35.27 37.38 36.16
C ILE A 86 34.47 37.82 34.96
N ILE A 87 33.34 38.50 35.17
CA ILE A 87 32.51 39.01 34.09
C ILE A 87 32.30 40.50 34.29
N ILE A 88 32.74 41.35 33.35
CA ILE A 88 32.60 42.80 33.49
C ILE A 88 31.69 43.36 32.41
N LEU A 89 30.79 44.26 32.78
CA LEU A 89 29.84 44.85 31.84
C LEU A 89 29.97 46.36 31.78
N LEU A 90 30.14 46.91 30.57
CA LEU A 90 30.24 48.34 30.37
C LEU A 90 28.97 48.79 29.69
N CYS A 91 28.06 49.42 30.43
CA CYS A 91 26.74 49.83 29.90
C CYS A 91 26.68 51.31 29.59
N GLU A 92 26.19 51.69 28.40
CA GLU A 92 26.08 53.10 28.01
C GLU A 92 25.21 53.93 28.93
N ASP A 93 25.60 55.18 29.22
CA ASP A 93 24.78 56.08 30.05
C ASP A 93 23.98 57.07 29.16
N GLU A 94 22.70 57.34 29.51
CA GLU A 94 21.75 58.21 28.77
C GLU A 94 22.33 59.55 28.23
N ARG A 99 19.38 57.23 26.34
CA ARG A 99 17.94 57.37 26.53
C ARG A 99 17.13 56.64 25.43
N LYS A 100 17.39 55.31 25.26
CA LYS A 100 16.75 54.43 24.27
C LYS A 100 15.78 53.39 24.92
N LYS A 101 14.91 52.74 24.10
CA LYS A 101 13.93 51.74 24.54
C LYS A 101 14.61 50.53 25.21
N ASP A 102 15.73 50.13 24.63
CA ASP A 102 16.58 49.06 25.13
C ASP A 102 17.98 49.59 25.48
N MET A 103 18.72 48.84 26.30
CA MET A 103 20.07 49.24 26.72
C MET A 103 21.16 48.40 26.08
N THR A 104 22.17 49.06 25.49
CA THR A 104 23.32 48.39 24.89
C THR A 104 24.44 48.31 25.93
N CYS A 105 25.12 47.15 26.01
CA CYS A 105 26.20 46.94 26.96
C CYS A 105 27.30 46.09 26.31
N HIS A 106 28.51 46.08 26.84
CA HIS A 106 29.62 45.29 26.26
C HIS A 106 30.13 44.39 27.37
N ARG A 107 30.12 43.10 27.15
CA ARG A 107 30.49 42.12 28.16
C ARG A 107 31.89 41.55 27.96
N PHE A 108 32.66 41.40 29.03
CA PHE A 108 34.02 40.86 29.02
C PHE A 108 34.07 39.65 29.95
N TYR A 109 34.80 38.61 29.57
CA TYR A 109 34.91 37.40 30.37
C TYR A 109 36.34 37.00 30.50
N SER A 110 36.72 36.58 31.70
CA SER A 110 38.03 36.02 31.94
C SER A 110 37.97 34.92 32.98
N ASN A 111 38.91 33.98 32.91
CA ASN A 111 39.03 32.89 33.87
C ASN A 111 40.32 33.00 34.69
N ASP A 112 41.12 34.01 34.33
CA ASP A 112 42.39 34.36 34.91
C ASP A 112 42.36 35.91 35.07
N GLY A 113 43.36 36.51 35.66
CA GLY A 113 43.37 37.97 35.79
C GLY A 113 43.74 38.69 34.50
N LYS A 114 44.37 37.96 33.56
CA LYS A 114 45.03 38.48 32.40
C LYS A 114 44.22 38.66 31.12
N GLU A 115 43.66 37.57 30.53
CA GLU A 115 43.02 37.66 29.22
C GLU A 115 41.48 37.77 29.25
N TYR A 116 40.94 38.91 28.80
CA TYR A 116 39.50 39.14 28.75
C TYR A 116 38.98 39.04 27.32
N ASN A 117 37.90 38.29 27.08
CA ASN A 117 37.31 38.20 25.75
C ASN A 117 35.97 38.89 25.73
N ASN A 118 35.68 39.65 24.67
CA ASN A 118 34.48 40.48 24.68
C ASN A 118 33.58 40.33 23.48
N ALA A 119 32.36 40.83 23.66
CA ALA A 119 31.32 40.92 22.65
C ALA A 119 30.23 41.82 23.18
N GLU A 120 29.61 42.58 22.28
CA GLU A 120 28.55 43.51 22.62
C GLU A 120 27.19 42.84 22.74
N ILE A 121 26.47 43.10 23.83
CA ILE A 121 25.15 42.55 24.06
C ILE A 121 24.10 43.66 24.18
N THR A 122 22.82 43.30 23.97
CA THR A 122 21.75 44.29 24.06
C THR A 122 20.61 43.71 24.88
N ILE A 123 20.15 44.48 25.87
CA ILE A 123 19.03 44.08 26.72
C ILE A 123 17.81 44.81 26.20
N SER A 124 16.97 44.14 25.39
CA SER A 124 15.82 44.77 24.79
C SER A 124 14.69 44.99 25.76
N ASP A 125 14.06 46.19 25.67
CA ASP A 125 12.95 46.65 26.50
C ASP A 125 13.28 46.46 27.99
N TYR A 126 14.53 46.76 28.36
CA TYR A 126 14.98 46.52 29.73
C TYR A 126 14.10 47.17 30.79
N ILE A 127 13.99 46.48 31.93
CA ILE A 127 13.10 46.83 33.02
C ILE A 127 13.50 48.13 33.73
N LEU A 128 14.80 48.51 33.68
CA LEU A 128 15.26 49.68 34.41
C LEU A 128 15.19 51.01 33.65
N LYS A 129 14.22 51.16 32.74
CA LYS A 129 14.06 52.43 32.02
C LYS A 129 13.76 53.57 33.01
N ASP A 130 14.48 54.68 32.88
CA ASP A 130 14.37 55.87 33.74
C ASP A 130 14.69 55.63 35.25
N LYS A 131 15.40 54.53 35.56
CA LYS A 131 15.91 54.29 36.92
C LYS A 131 17.36 54.77 36.88
N LEU A 132 17.90 55.15 38.03
CA LEU A 132 19.28 55.61 38.10
C LEU A 132 20.19 54.43 38.40
N LEU A 133 21.28 54.28 37.64
CA LEU A 133 22.26 53.21 37.91
C LEU A 133 23.61 53.79 38.28
N SER A 134 24.42 52.99 38.96
CA SER A 134 25.77 53.40 39.33
C SER A 134 26.67 52.19 39.31
N SER A 135 27.92 52.36 38.89
CA SER A 135 28.89 51.28 38.80
C SER A 135 29.17 50.60 40.15
N TYR A 136 29.40 49.28 40.13
CA TYR A 136 29.76 48.50 41.31
C TYR A 136 30.29 47.11 40.97
N VAL A 137 30.95 46.48 41.94
CA VAL A 137 31.44 45.10 41.88
C VAL A 137 30.48 44.25 42.72
N SER A 138 30.19 43.05 42.28
CA SER A 138 29.29 42.17 43.01
C SER A 138 29.62 40.68 42.78
N LEU A 139 28.86 39.80 43.40
CA LEU A 139 29.06 38.37 43.26
C LEU A 139 27.70 37.71 43.00
N PRO A 140 27.67 36.48 42.46
CA PRO A 140 26.37 35.83 42.21
C PRO A 140 25.55 35.62 43.48
N LEU A 141 24.22 35.78 43.36
CA LEU A 141 23.28 35.61 44.46
C LEU A 141 22.49 34.34 44.21
N LYS A 142 22.60 33.35 45.09
CA LYS A 142 21.83 32.12 44.93
C LYS A 142 20.42 32.35 45.42
N ILE A 143 19.44 32.08 44.56
CA ILE A 143 18.03 32.26 44.87
C ILE A 143 17.35 30.98 44.46
N GLU A 144 17.15 30.09 45.46
CA GLU A 144 16.55 28.78 45.29
C GLU A 144 17.18 27.98 44.15
N ASN A 145 18.44 27.56 44.37
CA ASN A 145 19.23 26.68 43.49
C ASN A 145 19.43 27.26 42.08
N ARG A 146 19.76 28.52 42.03
CA ARG A 146 20.06 29.21 40.80
C ARG A 146 20.88 30.43 41.17
N GLU A 147 21.94 30.73 40.42
CA GLU A 147 22.79 31.89 40.70
C GLU A 147 22.42 33.02 39.75
N TYR A 148 22.31 34.24 40.27
CA TYR A 148 21.97 35.39 39.48
C TYR A 148 22.96 36.51 39.67
N PHE A 149 23.21 37.26 38.59
CA PHE A 149 23.97 38.50 38.65
C PHE A 149 22.92 39.59 38.66
N LEU A 150 23.10 40.63 39.48
CA LEU A 150 22.06 41.66 39.58
C LEU A 150 22.50 42.99 39.09
N ILE A 151 21.64 43.68 38.35
CA ILE A 151 21.84 45.06 37.95
C ILE A 151 20.65 45.77 38.59
N CYS A 152 20.92 46.66 39.54
CA CYS A 152 19.89 47.33 40.31
C CYS A 152 19.86 48.81 40.11
N GLY A 153 18.66 49.35 40.17
CA GLY A 153 18.43 50.76 39.97
C GLY A 153 17.44 51.34 40.95
N VAL A 154 17.50 52.65 41.09
CA VAL A 154 16.66 53.35 42.03
C VAL A 154 15.89 54.50 41.38
N SER A 155 14.71 54.81 41.92
CA SER A 155 13.92 55.94 41.45
C SER A 155 14.67 57.20 41.96
N PRO A 156 14.97 58.16 41.07
CA PRO A 156 15.72 59.36 41.53
C PRO A 156 15.08 60.07 42.73
N TYR A 157 13.77 60.40 42.63
CA TYR A 157 12.95 61.11 43.63
C TYR A 157 11.48 60.65 43.53
N LYS A 158 10.63 60.98 44.54
CA LYS A 158 9.23 60.59 44.50
C LYS A 158 8.30 61.61 45.17
N PHE A 159 7.04 61.70 44.70
CA PHE A 159 6.06 62.66 45.21
C PHE A 159 4.66 62.04 45.47
N LYS A 160 4.43 60.86 44.90
CA LYS A 160 3.19 60.11 45.11
C LYS A 160 3.54 58.69 45.59
N ASP A 161 3.14 58.32 46.80
CA ASP A 161 3.50 56.99 47.29
C ASP A 161 2.47 55.87 47.13
N ASP A 162 2.78 54.88 46.30
CA ASP A 162 1.87 53.74 46.16
C ASP A 162 2.70 52.48 46.28
N ASN A 163 3.92 52.52 45.74
CA ASN A 163 4.81 51.36 45.79
C ASN A 163 4.32 50.23 44.91
N ASP A 166 8.27 49.16 43.96
CA ASP A 166 8.53 49.86 42.69
C ASP A 166 9.75 50.78 42.75
N ASP A 167 10.11 51.22 43.96
CA ASP A 167 11.18 52.19 44.20
C ASP A 167 12.56 51.65 43.87
N ILE A 168 12.88 50.44 44.33
CA ILE A 168 14.15 49.79 43.98
C ILE A 168 13.80 48.66 43.05
N LEU A 169 14.63 48.43 42.04
CA LEU A 169 14.32 47.38 41.09
C LEU A 169 15.56 46.73 40.57
N CYS A 170 15.55 45.40 40.43
CA CYS A 170 16.70 44.69 39.88
C CYS A 170 16.33 43.84 38.72
N MET A 171 17.11 43.93 37.64
CA MET A 171 17.03 42.98 36.55
C MET A 171 18.21 42.04 36.78
N ALA A 172 17.98 40.76 36.57
CA ALA A 172 18.95 39.75 36.91
C ALA A 172 19.18 38.73 35.79
N SER A 173 20.34 38.06 35.82
CA SER A 173 20.75 37.10 34.81
C SER A 173 21.32 35.85 35.43
N HIS A 174 20.78 34.72 35.03
CA HIS A 174 21.25 33.43 35.51
C HIS A 174 22.02 32.65 34.41
N ASP A 175 22.44 33.34 33.33
CA ASP A 175 23.21 32.77 32.25
C ASP A 175 24.51 33.56 32.04
N LYS A 176 25.15 33.93 33.16
CA LYS A 176 26.41 34.64 33.21
C LYS A 176 26.40 35.99 32.53
N GLY A 177 25.27 36.68 32.55
CA GLY A 177 25.20 38.02 32.00
C GLY A 177 24.98 38.12 30.51
N GLU A 178 24.58 37.02 29.89
CA GLU A 178 24.31 37.01 28.46
C GLU A 178 22.95 37.67 28.24
N THR A 179 21.95 37.20 28.98
CA THR A 179 20.59 37.74 28.91
C THR A 179 20.16 38.24 30.28
N TRP A 180 19.33 39.28 30.32
CA TRP A 180 18.86 39.86 31.56
C TRP A 180 17.35 39.91 31.59
N GLY A 181 16.73 38.74 31.43
CA GLY A 181 15.28 38.62 31.41
C GLY A 181 14.62 38.47 32.76
N THR A 182 15.39 38.17 33.80
CA THR A 182 14.82 37.97 35.13
C THR A 182 14.56 39.28 35.83
N LYS A 183 13.45 39.37 36.59
CA LYS A 183 13.13 40.57 37.35
C LYS A 183 13.01 40.25 38.86
N ILE A 184 13.84 40.89 39.67
CA ILE A 184 13.79 40.70 41.11
C ILE A 184 13.08 41.89 41.69
N VAL A 185 12.03 41.63 42.49
CA VAL A 185 11.19 42.65 43.13
C VAL A 185 11.71 42.98 44.51
N ILE A 186 11.89 44.28 44.78
CA ILE A 186 12.37 44.75 46.08
C ILE A 186 11.31 45.62 46.73
N LYS A 187 10.69 45.13 47.79
CA LYS A 187 9.70 45.92 48.50
C LYS A 187 10.38 46.64 49.66
N TYR A 188 10.71 47.93 49.47
CA TYR A 188 11.30 48.77 50.52
C TYR A 188 10.26 49.81 50.88
N ASP A 189 9.39 49.47 51.82
CA ASP A 189 8.28 50.36 52.18
C ASP A 189 8.68 51.66 52.88
N ASN A 190 9.90 51.77 53.39
CA ASN A 190 10.36 52.97 54.09
C ASN A 190 10.97 54.03 53.12
N TYR A 191 10.74 53.88 51.81
CA TYR A 191 11.24 54.85 50.82
C TYR A 191 10.58 56.20 51.06
N LYS A 192 11.38 57.25 51.24
CA LYS A 192 10.85 58.58 51.55
C LYS A 192 10.48 59.46 50.35
N LEU A 193 9.37 60.19 50.50
CA LEU A 193 8.90 61.13 49.49
C LEU A 193 9.66 62.46 49.68
N GLY A 194 10.07 63.07 48.56
CA GLY A 194 10.76 64.36 48.57
C GLY A 194 12.26 64.38 48.79
N VAL A 195 12.94 63.22 48.67
CA VAL A 195 14.40 63.11 48.80
C VAL A 195 15.00 62.31 47.64
N GLN A 196 16.27 62.57 47.30
CA GLN A 196 16.89 61.86 46.18
C GLN A 196 17.93 60.86 46.61
N TYR A 197 17.84 59.65 46.05
CA TYR A 197 18.73 58.53 46.33
C TYR A 197 19.93 58.61 45.39
N PHE A 198 21.14 58.14 45.80
CA PHE A 198 22.32 58.37 44.96
C PHE A 198 23.14 57.17 44.45
N PHE A 199 23.84 56.40 45.30
CA PHE A 199 24.76 55.39 44.79
C PHE A 199 24.39 54.03 45.25
N LEU A 200 23.22 53.57 44.83
CA LEU A 200 22.77 52.25 45.25
C LEU A 200 23.66 51.14 44.74
N ARG A 201 23.95 50.19 45.61
CA ARG A 201 24.71 49.01 45.27
C ARG A 201 24.34 47.88 46.20
N PRO A 202 24.16 46.67 45.65
CA PRO A 202 23.79 45.54 46.50
C PRO A 202 24.99 44.93 47.19
N TYR A 203 24.86 44.68 48.48
CA TYR A 203 25.86 43.98 49.24
C TYR A 203 25.33 42.55 49.42
N ILE A 204 26.03 41.57 48.86
CA ILE A 204 25.62 40.17 48.89
C ILE A 204 26.60 39.34 49.70
N SER A 205 26.08 38.44 50.53
CA SER A 205 26.91 37.59 51.35
C SER A 205 26.13 36.34 51.71
N LYS A 206 26.60 35.16 51.28
CA LYS A 206 25.96 33.89 51.61
C LYS A 206 24.43 33.85 51.30
N ASN A 207 23.99 34.09 50.02
CA ASN A 207 22.55 34.09 49.63
C ASN A 207 21.70 35.16 50.29
N ASP A 208 22.32 36.07 51.07
CA ASP A 208 21.59 37.13 51.73
C ASP A 208 21.84 38.40 50.95
N LEU A 209 20.76 39.11 50.63
CA LEU A 209 20.83 40.35 49.85
C LEU A 209 20.56 41.56 50.72
N SER A 210 21.37 42.59 50.54
CA SER A 210 21.27 43.85 51.25
C SER A 210 21.64 45.00 50.32
N PHE A 211 21.37 46.25 50.71
CA PHE A 211 21.68 47.39 49.87
C PHE A 211 22.30 48.49 50.64
N HIS A 212 23.29 49.13 50.03
CA HIS A 212 23.96 50.27 50.61
C HIS A 212 23.77 51.40 49.62
N PHE A 213 23.29 52.54 50.10
CA PHE A 213 23.02 53.69 49.24
C PHE A 213 23.04 55.01 49.99
N TYR A 214 22.93 56.13 49.28
CA TYR A 214 22.91 57.45 49.91
C TYR A 214 21.57 58.11 49.73
N VAL A 215 21.24 59.02 50.64
CA VAL A 215 20.01 59.82 50.57
C VAL A 215 20.43 61.30 50.73
N GLY A 216 19.90 62.16 49.87
CA GLY A 216 20.22 63.58 49.86
C GLY A 216 19.34 64.49 50.70
N ASP A 217 19.85 64.85 51.90
CA ASP A 217 19.20 65.72 52.90
C ASP A 217 18.59 67.03 52.33
N ASN A 218 17.47 67.51 52.92
CA ASN A 218 16.78 68.74 52.49
C ASN A 218 16.92 69.86 53.53
N ILE A 219 17.00 69.49 54.82
CA ILE A 219 17.21 70.42 55.92
C ILE A 219 18.68 70.94 55.88
N ASN A 220 19.62 70.05 55.44
CA ASN A 220 21.04 70.28 55.24
C ASN A 220 21.33 69.99 53.72
N ASN A 221 22.59 69.63 53.35
CA ASN A 221 22.93 69.35 51.95
C ASN A 221 23.71 68.05 51.74
N VAL A 222 24.31 67.53 52.82
CA VAL A 222 25.14 66.32 52.78
C VAL A 222 24.37 65.04 52.47
N LYS A 223 25.01 64.14 51.74
CA LYS A 223 24.44 62.84 51.43
C LYS A 223 24.63 61.92 52.68
N ASN A 224 23.66 61.03 52.94
CA ASN A 224 23.72 60.18 54.12
C ASN A 224 23.62 58.72 53.76
N VAL A 225 24.52 57.90 54.30
CA VAL A 225 24.47 56.47 54.04
C VAL A 225 23.28 55.83 54.71
N ASN A 226 22.64 54.92 54.01
CA ASN A 226 21.56 54.08 54.46
C ASN A 226 21.88 52.65 54.05
N PHE A 227 21.58 51.69 54.91
CA PHE A 227 21.83 50.29 54.63
C PHE A 227 20.59 49.50 55.00
N ILE A 228 20.04 48.75 54.04
CA ILE A 228 18.85 47.96 54.29
C ILE A 228 19.13 46.47 54.11
N GLU A 229 18.54 45.64 54.98
CA GLU A 229 18.64 44.19 54.91
C GLU A 229 17.38 43.65 54.28
N CYS A 230 17.50 42.61 53.46
CA CYS A 230 16.35 42.00 52.80
C CYS A 230 16.21 40.57 53.15
N THR A 231 14.99 40.14 53.40
CA THR A 231 14.69 38.74 53.62
C THR A 231 13.93 38.25 52.39
N HIS A 232 14.19 37.01 52.00
CA HIS A 232 13.53 36.42 50.84
C HIS A 232 12.23 35.80 51.33
N GLU A 233 11.08 36.24 50.79
CA GLU A 233 9.82 35.62 51.19
C GLU A 233 9.29 34.71 50.06
N LYS A 234 8.76 35.29 48.98
CA LYS A 234 8.34 34.49 47.84
C LYS A 234 9.51 34.44 46.85
N ASP A 235 9.50 33.47 45.96
CA ASP A 235 10.53 33.32 44.94
C ASP A 235 10.68 34.58 44.04
N LEU A 236 11.85 35.27 44.15
CA LEU A 236 12.24 36.47 43.41
C LEU A 236 11.70 37.80 43.94
N GLU A 237 11.03 37.76 45.10
CA GLU A 237 10.51 38.95 45.76
C GLU A 237 11.15 39.03 47.14
N PHE A 238 11.88 40.11 47.37
CA PHE A 238 12.53 40.35 48.65
C PHE A 238 11.85 41.49 49.38
N VAL A 239 11.87 41.44 50.72
CA VAL A 239 11.32 42.52 51.52
C VAL A 239 12.41 43.09 52.37
N CYS A 240 12.72 44.37 52.17
CA CYS A 240 13.82 45.01 52.86
C CYS A 240 13.40 45.92 54.00
N SER A 241 14.33 46.23 54.89
CA SER A 241 14.09 47.06 56.05
C SER A 241 15.39 47.73 56.46
N ASN A 242 15.31 48.99 56.85
CA ASN A 242 16.48 49.75 57.25
C ASN A 242 17.18 49.14 58.45
N ARG A 243 18.51 49.19 58.45
CA ARG A 243 19.32 48.72 59.57
C ARG A 243 19.93 49.95 60.22
N ASP A 244 19.66 50.16 61.51
CA ASP A 244 20.19 51.29 62.25
C ASP A 244 21.65 51.11 62.60
N PHE A 245 22.51 51.95 62.03
CA PHE A 245 23.93 51.98 62.40
C PHE A 245 24.34 53.32 63.01
N LEU A 246 23.38 54.20 63.31
CA LEU A 246 23.66 55.52 63.84
C LEU A 246 24.53 55.51 65.07
N LYS A 247 25.45 56.46 65.13
CA LYS A 247 26.41 56.61 66.21
C LYS A 247 26.65 58.10 66.34
N ASP A 248 26.37 58.63 67.52
CA ASP A 248 26.52 60.07 67.77
C ASP A 248 27.92 60.60 67.43
N ASN A 249 27.96 61.80 66.84
CA ASN A 249 29.18 62.52 66.45
C ASN A 249 30.10 61.77 65.50
N LYS A 250 29.56 60.77 64.79
CA LYS A 250 30.28 60.01 63.79
C LYS A 250 29.32 59.78 62.63
N VAL A 251 29.84 59.89 61.40
CA VAL A 251 29.03 59.70 60.20
C VAL A 251 29.23 58.30 59.62
N LEU A 252 28.14 57.59 59.33
CA LEU A 252 28.22 56.25 58.79
C LEU A 252 28.87 56.28 57.42
N GLN A 253 29.85 55.41 57.19
CA GLN A 253 30.57 55.37 55.93
C GLN A 253 30.35 54.05 55.13
N ASP A 254 31.12 52.98 55.37
CA ASP A 254 30.91 51.72 54.66
C ASP A 254 30.48 50.59 55.59
N VAL A 255 29.89 49.54 55.03
CA VAL A 255 29.38 48.38 55.76
C VAL A 255 29.79 47.09 55.07
N SER A 256 30.24 46.13 55.85
CA SER A 256 30.59 44.81 55.37
C SER A 256 30.35 43.79 56.49
N THR A 257 30.63 42.50 56.27
CA THR A 257 30.46 41.48 57.29
C THR A 257 31.66 40.59 57.37
N LEU A 258 32.03 40.17 58.58
CA LEU A 258 33.10 39.22 58.86
C LEU A 258 32.60 38.37 60.00
N ASN A 259 32.66 37.03 59.89
CA ASN A 259 32.25 36.14 61.01
C ASN A 259 30.72 36.10 61.13
N ASP A 260 29.94 36.53 60.11
CA ASP A 260 28.47 36.63 60.26
C ASP A 260 28.08 37.77 61.25
N GLU A 261 28.92 38.80 61.34
CA GLU A 261 28.76 39.98 62.18
C GLU A 261 29.14 41.19 61.32
N TYR A 262 28.53 42.34 61.56
CA TYR A 262 28.82 43.52 60.76
C TYR A 262 30.14 44.17 61.14
N ILE A 263 30.84 44.66 60.14
CA ILE A 263 32.03 45.48 60.30
C ILE A 263 31.65 46.79 59.66
N VAL A 264 31.71 47.87 60.43
CA VAL A 264 31.23 49.16 59.97
C VAL A 264 32.25 50.27 60.08
N SER A 265 32.36 51.11 59.05
CA SER A 265 33.29 52.22 59.06
C SER A 265 32.57 53.54 59.27
N TYR A 266 33.22 54.43 60.00
CA TYR A 266 32.66 55.74 60.33
C TYR A 266 33.70 56.82 60.19
N GLY A 267 33.27 58.02 59.84
CA GLY A 267 34.14 59.17 59.81
C GLY A 267 33.88 60.01 61.04
N ASN A 268 34.87 60.77 61.50
CA ASN A 268 34.68 61.65 62.67
C ASN A 268 33.58 62.68 62.36
N ASP A 269 33.68 63.35 61.21
CA ASP A 269 32.71 64.30 60.69
C ASP A 269 32.67 64.16 59.17
N ASN A 270 31.99 65.08 58.46
CA ASN A 270 31.91 65.01 57.00
C ASN A 270 33.22 65.34 56.27
N ASN A 271 34.30 65.62 57.01
CA ASN A 271 35.60 65.91 56.41
C ASN A 271 36.56 64.70 56.44
N PHE A 272 36.20 63.63 57.19
CA PHE A 272 36.95 62.39 57.30
C PHE A 272 38.40 62.57 57.67
N ALA A 273 38.63 63.42 58.67
CA ALA A 273 39.95 63.59 59.25
C ALA A 273 40.40 62.25 59.87
N GLU A 274 39.45 61.47 60.43
CA GLU A 274 39.66 60.17 61.01
C GLU A 274 38.57 59.19 60.63
N CYS A 275 38.87 57.89 60.73
CA CYS A 275 37.90 56.83 60.46
C CYS A 275 37.99 55.80 61.54
N TYR A 276 36.85 55.39 62.06
CA TYR A 276 36.76 54.37 63.09
C TYR A 276 36.16 53.13 62.44
N ILE A 277 36.64 51.93 62.83
CA ILE A 277 36.07 50.68 62.33
C ILE A 277 35.53 49.90 63.51
N PHE A 278 34.25 49.53 63.47
CA PHE A 278 33.63 48.80 64.55
C PHE A 278 33.32 47.39 64.14
N PHE A 279 33.69 46.43 65.00
CA PHE A 279 33.47 45.00 64.79
C PHE A 279 32.34 44.60 65.70
N ASN A 280 31.20 44.22 65.10
CA ASN A 280 29.98 43.82 65.83
C ASN A 280 29.56 44.87 66.87
N ASN A 281 29.83 46.16 66.58
CA ASN A 281 29.53 47.26 67.50
C ASN A 281 30.12 47.03 68.90
N GLU A 282 31.20 46.25 68.99
CA GLU A 282 31.79 45.92 70.27
C GLU A 282 33.24 46.38 70.38
N ASN A 283 34.02 46.19 69.33
CA ASN A 283 35.42 46.56 69.35
C ASN A 283 35.69 47.52 68.22
N SER A 284 36.68 48.40 68.40
CA SER A 284 36.95 49.39 67.38
C SER A 284 38.40 49.68 67.20
N ILE A 285 38.74 50.09 66.01
CA ILE A 285 40.08 50.51 65.68
C ILE A 285 40.02 51.90 65.07
N LEU A 286 41.02 52.72 65.37
CA LEU A 286 41.09 54.07 64.85
C LEU A 286 42.09 54.12 63.73
N ILE A 287 41.71 54.76 62.64
CA ILE A 287 42.53 54.98 61.47
C ILE A 287 42.76 56.48 61.32
N LYS A 288 43.98 56.92 61.64
CA LYS A 288 44.33 58.32 61.48
C LYS A 288 45.29 58.34 60.33
N PRO A 289 44.92 59.00 59.24
CA PRO A 289 45.75 59.10 58.03
C PRO A 289 46.99 60.00 58.16
N GLU A 290 47.53 60.09 59.36
CA GLU A 290 48.73 60.88 59.70
C GLU A 290 50.05 60.08 59.48
N LYS A 291 49.91 58.75 59.24
CA LYS A 291 50.93 57.75 58.87
C LYS A 291 51.45 58.17 57.47
N TYR A 292 52.79 58.10 57.27
CA TYR A 292 53.52 58.55 56.06
C TYR A 292 54.01 60.03 56.24
N GLY A 293 53.33 60.76 57.12
CA GLY A 293 53.69 62.14 57.38
C GLY A 293 52.89 63.09 56.53
N ASN A 294 51.94 62.53 55.77
CA ASN A 294 51.08 63.32 54.90
C ASN A 294 49.98 64.06 55.67
N THR A 295 50.30 65.26 56.12
CA THR A 295 49.35 66.09 56.89
C THR A 295 47.92 66.37 56.37
N ALA A 296 47.81 66.88 55.16
CA ALA A 296 46.50 67.20 54.58
C ALA A 296 46.03 65.95 53.89
N ALA A 297 45.34 65.10 54.63
CA ALA A 297 44.86 63.85 54.06
C ALA A 297 43.80 63.25 54.95
N GLY A 298 42.81 62.61 54.34
CA GLY A 298 41.73 61.99 55.08
C GLY A 298 41.40 60.60 54.57
N CYS A 299 40.24 60.08 54.98
CA CYS A 299 39.82 58.74 54.55
C CYS A 299 38.48 58.77 53.83
N TYR A 300 38.25 59.84 53.06
CA TYR A 300 37.05 59.98 52.27
C TYR A 300 37.09 58.92 51.19
N GLY A 301 36.00 58.18 51.05
CA GLY A 301 35.94 57.12 50.04
C GLY A 301 36.49 55.78 50.48
N GLY A 302 36.78 55.66 51.78
CA GLY A 302 37.25 54.41 52.35
C GLY A 302 36.19 53.35 52.20
N THR A 303 36.57 52.18 51.68
CA THR A 303 35.65 51.09 51.47
C THR A 303 36.26 49.77 51.90
N PHE A 304 35.41 48.78 52.17
CA PHE A 304 35.84 47.44 52.51
C PHE A 304 35.91 46.60 51.26
N VAL A 305 36.90 45.72 51.20
CA VAL A 305 37.09 44.78 50.11
C VAL A 305 37.27 43.45 50.83
N LYS A 306 36.19 42.67 50.92
CA LYS A 306 36.20 41.43 51.68
C LYS A 306 37.01 40.37 50.98
N ILE A 307 37.75 39.57 51.74
CA ILE A 307 38.58 38.52 51.14
C ILE A 307 38.40 37.14 51.77
N ASP A 308 37.68 37.08 52.89
CA ASP A 308 37.44 35.84 53.61
C ASP A 308 36.48 36.08 54.75
N GLU A 309 36.02 35.01 55.43
CA GLU A 309 35.17 35.18 56.62
C GLU A 309 35.94 35.92 57.77
N ASN A 310 37.29 35.95 57.70
CA ASN A 310 38.08 36.58 58.74
C ASN A 310 38.96 37.72 58.26
N ARG A 311 39.12 37.92 56.96
CA ARG A 311 40.00 38.98 56.43
C ARG A 311 39.30 39.94 55.51
N ALA A 312 39.64 41.21 55.60
CA ALA A 312 39.11 42.24 54.72
C ALA A 312 40.06 43.40 54.64
N LEU A 313 40.05 44.11 53.53
CA LEU A 313 40.88 45.30 53.38
C LEU A 313 39.99 46.52 53.56
N PHE A 314 40.57 47.60 54.01
CA PHE A 314 39.89 48.88 54.08
C PHE A 314 40.81 49.82 53.32
N ILE A 315 40.39 50.22 52.12
CA ILE A 315 41.20 51.05 51.23
C ILE A 315 40.59 52.41 51.02
N TYR A 316 41.45 53.42 50.92
CA TYR A 316 41.09 54.80 50.61
C TYR A 316 42.29 55.51 49.98
N SER A 317 42.03 56.57 49.19
CA SER A 317 43.13 57.32 48.60
C SER A 317 43.35 58.63 49.33
N SER A 318 44.33 58.65 50.27
CA SER A 318 44.67 59.81 51.10
C SER A 318 45.00 61.03 50.26
N SER A 319 45.72 60.82 49.16
CA SER A 319 46.13 61.87 48.23
C SER A 319 46.18 61.32 46.79
N GLN A 320 46.40 62.22 45.80
CA GLN A 320 46.45 61.79 44.41
C GLN A 320 47.61 60.85 44.12
N GLY A 321 47.26 59.61 43.81
CA GLY A 321 48.18 58.54 43.49
C GLY A 321 48.45 57.58 44.64
N ILE A 322 48.21 58.02 45.88
CA ILE A 322 48.51 57.20 47.04
C ILE A 322 47.31 56.42 47.54
N TYR A 323 47.50 55.11 47.69
CA TYR A 323 46.44 54.22 48.14
C TYR A 323 46.84 53.63 49.46
N ASN A 324 46.04 53.88 50.48
CA ASN A 324 46.28 53.36 51.80
C ASN A 324 45.48 52.08 51.97
N ILE A 325 46.18 50.98 52.19
CA ILE A 325 45.55 49.68 52.33
C ILE A 325 45.70 49.13 53.73
N HIS A 326 44.59 48.99 54.44
CA HIS A 326 44.59 48.43 55.78
C HIS A 326 44.12 47.00 55.70
N THR A 327 45.01 46.07 55.96
CA THR A 327 44.68 44.65 55.92
C THR A 327 44.14 44.32 57.31
N ILE A 328 42.95 43.74 57.40
CA ILE A 328 42.32 43.44 58.68
C ILE A 328 42.00 41.98 58.89
N TYR A 329 42.31 41.45 60.05
CA TYR A 329 41.98 40.08 60.45
C TYR A 329 41.17 40.19 61.72
N TYR A 330 40.03 39.50 61.76
CA TYR A 330 39.17 39.52 62.94
C TYR A 330 38.59 38.15 63.19
N ALA A 331 38.64 37.72 64.44
CA ALA A 331 38.11 36.42 64.83
C ALA A 331 37.51 36.51 66.23
N ASN A 332 36.24 36.17 66.36
CA ASN A 332 35.53 36.31 67.63
C ASN A 332 35.32 35.00 68.41
N TYR A 333 35.95 33.91 67.98
CA TYR A 333 35.80 32.59 68.60
C TYR A 333 36.14 32.56 70.14
N ALA B 1 24.39 10.61 33.96
CA ALA B 1 24.79 11.20 32.67
C ALA B 1 23.60 11.37 31.70
N VAL B 2 23.61 12.44 30.90
CA VAL B 2 22.50 12.72 29.98
C VAL B 2 22.51 11.85 28.73
N THR B 3 21.36 11.81 28.02
CA THR B 3 21.18 11.15 26.74
C THR B 3 20.52 12.13 25.79
N LEU B 4 21.07 12.29 24.58
CA LEU B 4 20.53 13.21 23.59
C LEU B 4 20.05 12.38 22.39
N ASP B 5 18.73 12.40 22.12
CA ASP B 5 18.15 11.60 21.03
C ASP B 5 17.50 12.46 19.94
N GLU B 6 18.17 12.57 18.78
CA GLU B 6 17.66 13.39 17.69
C GLU B 6 16.79 12.65 16.69
N SER B 7 15.81 13.37 16.20
CA SER B 7 14.86 12.90 15.21
C SER B 7 14.49 14.05 14.27
N GLY B 8 13.89 13.73 13.14
CA GLY B 8 13.44 14.73 12.18
C GLY B 8 14.20 14.83 10.88
N GLY B 9 15.24 14.03 10.74
CA GLY B 9 16.04 14.07 9.53
C GLY B 9 15.44 13.39 8.32
N GLY B 10 16.29 13.06 7.36
CA GLY B 10 15.90 12.38 6.13
C GLY B 10 16.01 13.21 4.88
N LEU B 11 15.40 12.69 3.82
CA LEU B 11 15.38 13.34 2.52
C LEU B 11 14.44 14.53 2.58
N GLN B 12 14.91 15.68 2.12
CA GLN B 12 14.13 16.92 2.13
C GLN B 12 14.19 17.57 0.74
N THR B 13 13.12 18.28 0.35
CA THR B 13 13.15 18.97 -0.94
C THR B 13 13.79 20.35 -0.81
N PRO B 14 14.63 20.73 -1.80
CA PRO B 14 15.26 22.06 -1.77
C PRO B 14 14.21 23.17 -1.73
N GLY B 15 14.43 24.15 -0.87
CA GLY B 15 13.46 25.22 -0.66
C GLY B 15 12.52 24.94 0.49
N GLY B 16 12.40 23.66 0.88
CA GLY B 16 11.53 23.22 1.97
C GLY B 16 12.07 23.56 3.35
N ALA B 17 11.39 23.05 4.38
CA ALA B 17 11.78 23.30 5.76
C ALA B 17 12.08 22.02 6.49
N LEU B 18 12.96 22.13 7.45
CA LEU B 18 13.41 21.03 8.26
C LEU B 18 13.01 21.30 9.71
N SER B 19 12.58 20.27 10.41
CA SER B 19 12.24 20.39 11.81
C SER B 19 12.90 19.27 12.57
N LEU B 20 13.96 19.57 13.31
CA LEU B 20 14.68 18.58 14.09
C LEU B 20 14.25 18.67 15.52
N VAL B 21 14.23 17.53 16.19
CA VAL B 21 13.90 17.47 17.60
C VAL B 21 14.98 16.70 18.35
N CYS B 22 15.19 17.03 19.61
CA CYS B 22 16.19 16.34 20.41
C CYS B 22 15.59 16.09 21.77
N LYS B 23 15.20 14.84 22.08
CA LYS B 23 14.62 14.54 23.38
C LYS B 23 15.68 14.09 24.38
N GLY B 24 16.05 15.00 25.27
CA GLY B 24 17.02 14.79 26.33
C GLY B 24 16.50 13.92 27.45
N SER B 25 17.38 13.18 28.08
CA SER B 25 16.99 12.25 29.14
C SER B 25 18.07 12.29 30.20
N GLY B 26 17.68 12.07 31.45
CA GLY B 26 18.65 12.03 32.55
C GLY B 26 19.20 13.37 32.95
N PHE B 27 18.50 14.45 32.61
CA PHE B 27 18.94 15.79 32.96
C PHE B 27 18.53 16.15 34.37
N PHE B 28 19.30 17.03 34.99
CA PHE B 28 18.99 17.56 36.32
C PHE B 28 19.13 19.03 36.12
N SER B 29 18.00 19.74 36.08
CA SER B 29 17.91 21.15 35.79
C SER B 29 18.33 21.40 34.34
N PHE B 30 17.60 20.79 33.38
CA PHE B 30 17.85 20.97 31.95
C PHE B 30 17.85 22.47 31.58
N SER B 31 16.95 23.21 32.23
CA SER B 31 16.77 24.64 32.07
C SER B 31 18.04 25.45 32.25
N SER B 32 19.09 24.88 32.87
CA SER B 32 20.32 25.61 33.15
C SER B 32 21.53 25.23 32.30
N TYR B 33 21.34 24.53 31.17
CA TYR B 33 22.46 24.16 30.30
C TYR B 33 22.35 24.87 28.98
N THR B 34 23.47 25.29 28.39
CA THR B 34 23.39 25.85 27.04
C THR B 34 23.29 24.67 26.10
N MET B 35 22.32 24.68 25.22
CA MET B 35 22.14 23.61 24.26
C MET B 35 22.55 24.11 22.88
N GLN B 36 23.08 23.22 22.02
CA GLN B 36 23.55 23.61 20.69
C GLN B 36 23.21 22.61 19.57
N TRP B 37 23.28 23.06 18.32
CA TRP B 37 23.16 22.22 17.13
C TRP B 37 24.48 22.42 16.37
N VAL B 38 25.10 21.30 15.97
CA VAL B 38 26.33 21.28 15.18
C VAL B 38 26.07 20.38 13.99
N ARG B 39 26.50 20.76 12.79
CA ARG B 39 26.31 19.91 11.62
C ARG B 39 27.63 19.53 10.97
N GLN B 40 27.62 18.47 10.17
CA GLN B 40 28.82 18.04 9.49
C GLN B 40 28.49 17.58 8.10
N ALA B 41 28.85 18.39 7.08
CA ALA B 41 28.57 17.99 5.69
C ALA B 41 29.37 16.72 5.33
N PRO B 42 28.88 15.94 4.35
CA PRO B 42 29.57 14.71 3.98
C PRO B 42 31.03 14.94 3.55
N GLY B 43 31.93 14.34 4.32
CA GLY B 43 33.36 14.45 4.07
C GLY B 43 33.97 15.77 4.48
N LYS B 44 33.21 16.62 5.18
CA LYS B 44 33.72 17.90 5.66
C LYS B 44 33.90 17.86 7.19
N GLY B 45 34.33 18.97 7.77
CA GLY B 45 34.52 19.06 9.20
C GLY B 45 33.27 19.47 9.93
N LEU B 46 33.37 19.63 11.25
CA LEU B 46 32.23 20.05 12.05
C LEU B 46 32.01 21.54 11.83
N GLU B 47 30.74 21.97 11.94
CA GLU B 47 30.36 23.37 11.75
C GLU B 47 29.28 23.73 12.76
N TRP B 48 29.48 24.81 13.53
CA TRP B 48 28.48 25.25 14.50
C TRP B 48 27.25 25.82 13.81
N VAL B 49 26.06 25.45 14.29
CA VAL B 49 24.81 25.89 13.68
C VAL B 49 24.06 26.91 14.52
N ALA B 50 23.74 26.56 15.78
CA ALA B 50 22.98 27.46 16.65
C ALA B 50 23.22 27.11 18.12
N SER B 51 22.96 28.08 19.00
CA SER B 51 23.11 27.90 20.42
C SER B 51 21.93 28.57 21.13
N ILE B 52 21.54 28.03 22.28
CA ILE B 52 20.50 28.67 23.10
C ILE B 52 20.95 28.65 24.55
N SER B 53 21.15 29.83 25.16
CA SER B 53 21.62 29.91 26.54
C SER B 53 20.55 29.47 27.54
N SER B 54 20.92 29.35 28.83
CA SER B 54 19.94 28.97 29.85
C SER B 54 18.84 30.02 30.01
N GLY B 55 19.14 31.29 29.67
CA GLY B 55 18.20 32.40 29.71
C GLY B 55 17.54 32.70 28.37
N GLY B 56 17.60 31.78 27.42
CA GLY B 56 16.97 31.94 26.12
C GLY B 56 17.76 32.63 25.03
N GLY B 57 19.02 33.01 25.32
CA GLY B 57 19.89 33.69 24.36
C GLY B 57 20.28 32.87 23.14
N THR B 58 19.63 33.16 22.00
CA THR B 58 19.93 32.43 20.77
C THR B 58 20.96 33.11 19.88
N ASN B 59 21.80 32.34 19.23
CA ASN B 59 22.82 32.85 18.31
C ASN B 59 22.95 31.83 17.19
N TYR B 60 23.17 32.31 15.96
CA TYR B 60 23.24 31.41 14.81
C TYR B 60 24.47 31.61 13.97
N GLY B 61 24.97 30.52 13.42
CA GLY B 61 26.12 30.53 12.54
C GLY B 61 25.80 31.29 11.26
N ALA B 62 26.80 31.91 10.66
CA ALA B 62 26.63 32.72 9.46
C ALA B 62 25.87 32.02 8.33
N ALA B 63 26.11 30.71 8.14
CA ALA B 63 25.47 29.97 7.05
C ALA B 63 23.98 29.73 7.25
N VAL B 64 23.45 29.94 8.49
CA VAL B 64 22.02 29.71 8.72
C VAL B 64 21.26 30.92 9.25
N LYS B 65 21.93 32.08 9.61
CA LYS B 65 21.17 33.23 10.16
C LYS B 65 20.03 33.68 9.22
N GLY B 66 18.88 33.95 9.82
CA GLY B 66 17.72 34.36 9.03
C GLY B 66 16.86 33.22 8.49
N ARG B 67 17.38 31.99 8.59
CA ARG B 67 16.63 30.82 8.16
C ARG B 67 16.35 29.86 9.32
N ALA B 68 17.14 29.95 10.40
CA ALA B 68 17.02 29.03 11.51
C ALA B 68 16.43 29.60 12.77
N THR B 69 15.73 28.74 13.51
CA THR B 69 15.18 29.08 14.80
C THR B 69 15.44 27.94 15.74
N ILE B 70 16.24 28.19 16.79
CA ILE B 70 16.51 27.20 17.80
C ILE B 70 15.66 27.53 18.99
N SER B 71 15.02 26.52 19.56
CA SER B 71 14.14 26.72 20.72
C SER B 71 14.28 25.56 21.68
N ARG B 72 13.80 25.74 22.90
CA ARG B 72 13.86 24.69 23.90
C ARG B 72 12.61 24.68 24.74
N ASP B 73 12.26 23.50 25.24
CA ASP B 73 11.11 23.33 26.11
C ASP B 73 11.66 22.68 27.36
N ASN B 74 11.85 23.49 28.40
CA ASN B 74 12.50 23.03 29.61
C ASN B 74 11.73 21.98 30.36
N GLY B 75 10.41 22.03 30.29
CA GLY B 75 9.58 21.04 30.97
C GLY B 75 9.75 19.63 30.42
N GLN B 76 10.01 19.53 29.12
CA GLN B 76 10.18 18.24 28.48
C GLN B 76 11.60 17.91 28.09
N SER B 77 12.59 18.75 28.48
CA SER B 77 14.00 18.52 28.16
C SER B 77 14.22 18.36 26.66
N THR B 78 13.54 19.17 25.86
CA THR B 78 13.67 19.08 24.41
C THR B 78 14.26 20.33 23.84
N LEU B 79 15.00 20.15 22.76
CA LEU B 79 15.65 21.18 22.00
C LEU B 79 15.17 21.00 20.55
N ARG B 80 14.79 22.07 19.87
CA ARG B 80 14.31 21.97 18.48
C ARG B 80 15.09 22.88 17.54
N LEU B 81 15.24 22.47 16.30
CA LEU B 81 15.84 23.32 15.29
C LEU B 81 14.90 23.36 14.12
N GLN B 82 14.57 24.56 13.68
CA GLN B 82 13.73 24.74 12.52
C GLN B 82 14.62 25.44 11.49
N LEU B 83 14.74 24.89 10.29
CA LEU B 83 15.59 25.48 9.27
C LEU B 83 14.80 25.55 7.96
N ASN B 84 14.45 26.74 7.50
CA ASN B 84 13.66 26.86 6.28
C ASN B 84 14.52 27.20 5.06
N ASN B 85 13.90 27.26 3.85
CA ASN B 85 14.57 27.55 2.59
C ASN B 85 15.87 26.72 2.40
N LEU B 86 15.76 25.41 2.65
CA LEU B 86 16.86 24.45 2.56
C LEU B 86 17.59 24.49 1.23
N ARG B 87 18.91 24.33 1.28
CA ARG B 87 19.75 24.29 0.09
C ARG B 87 20.79 23.16 0.19
N ALA B 88 21.50 22.84 -0.90
CA ALA B 88 22.49 21.75 -0.89
C ALA B 88 23.55 21.84 0.22
N GLU B 89 23.97 23.07 0.60
CA GLU B 89 24.94 23.26 1.69
C GLU B 89 24.39 22.83 3.04
N ASP B 90 23.07 22.69 3.17
CA ASP B 90 22.46 22.21 4.39
C ASP B 90 22.48 20.69 4.52
N THR B 91 22.95 19.94 3.51
CA THR B 91 23.05 18.49 3.61
C THR B 91 24.17 18.13 4.58
N GLY B 92 23.91 17.15 5.43
CA GLY B 92 24.89 16.69 6.40
C GLY B 92 24.25 16.04 7.60
N THR B 93 25.05 15.68 8.61
CA THR B 93 24.51 15.10 9.83
C THR B 93 24.42 16.17 10.89
N TYR B 94 23.26 16.29 11.52
CA TYR B 94 23.05 17.30 12.54
C TYR B 94 23.08 16.65 13.90
N TYR B 95 23.89 17.20 14.82
CA TYR B 95 24.06 16.72 16.18
C TYR B 95 23.59 17.72 17.18
N CYS B 96 22.91 17.19 18.16
CA CYS B 96 22.42 17.85 19.34
C CYS B 96 23.65 17.88 20.25
N ALA B 97 23.94 18.99 20.90
CA ALA B 97 25.12 19.09 21.79
C ALA B 97 24.80 19.90 23.05
N LYS B 98 25.55 19.64 24.12
CA LYS B 98 25.29 20.29 25.40
C LYS B 98 26.58 20.76 26.02
N HIS B 99 26.58 21.92 26.66
CA HIS B 99 27.77 22.42 27.39
C HIS B 99 27.78 21.85 28.81
N GLY B 100 28.92 21.84 29.47
CA GLY B 100 29.00 21.38 30.86
C GLY B 100 28.13 22.20 31.82
N VAL B 101 27.96 21.72 33.06
CA VAL B 101 27.15 22.43 34.09
C VAL B 101 27.63 23.85 34.37
N ASN B 102 28.95 24.02 34.43
CA ASN B 102 29.54 25.32 34.70
C ASN B 102 29.42 26.25 33.50
N GLY B 103 29.11 25.68 32.34
CA GLY B 103 28.96 26.47 31.14
C GLY B 103 30.31 27.07 30.80
N CYS B 104 30.32 28.10 29.97
CA CYS B 104 31.59 28.75 29.61
C CYS B 104 31.43 30.24 29.31
N ASP B 105 32.48 30.84 28.77
CA ASP B 105 32.48 32.25 28.43
C ASP B 105 31.24 32.66 27.65
N TRP B 106 31.05 32.04 26.49
CA TRP B 106 29.94 32.38 25.63
C TRP B 106 29.10 31.16 25.29
N SER B 107 27.80 31.36 25.30
CA SER B 107 26.88 30.29 24.99
C SER B 107 27.08 29.73 23.63
N TYR B 108 27.60 30.53 22.73
CA TYR B 108 27.87 30.08 21.38
C TYR B 108 29.26 29.52 21.18
N SER B 109 30.04 29.42 22.26
CA SER B 109 31.38 28.86 22.17
C SER B 109 31.22 27.35 21.96
N VAL B 110 32.18 26.74 21.30
CA VAL B 110 32.11 25.31 21.02
C VAL B 110 33.26 24.54 21.65
N GLY B 111 33.84 25.10 22.71
CA GLY B 111 34.94 24.48 23.41
C GLY B 111 34.58 24.09 24.83
N CYS B 112 33.29 23.86 25.06
CA CYS B 112 32.81 23.49 26.39
C CYS B 112 31.84 22.33 26.29
N VAL B 113 31.51 21.93 25.06
CA VAL B 113 30.58 20.84 24.83
C VAL B 113 31.10 19.54 25.44
N ASP B 114 30.31 18.95 26.33
CA ASP B 114 30.71 17.70 26.97
C ASP B 114 29.78 16.53 26.64
N ALA B 115 28.76 16.73 25.79
CA ALA B 115 27.82 15.66 25.45
C ALA B 115 27.29 15.86 24.07
N TRP B 116 27.22 14.79 23.27
CA TRP B 116 26.70 14.85 21.90
C TRP B 116 25.58 13.85 21.72
N GLY B 117 24.71 14.12 20.77
CA GLY B 117 23.67 13.15 20.38
C GLY B 117 24.22 12.16 19.37
N HIS B 118 23.41 11.20 18.94
CA HIS B 118 23.86 10.22 17.93
C HIS B 118 23.91 10.80 16.51
N GLY B 119 23.18 11.88 16.28
CA GLY B 119 23.12 12.58 15.01
C GLY B 119 21.99 12.11 14.14
N THR B 120 21.52 12.98 13.24
CA THR B 120 20.50 12.62 12.26
C THR B 120 20.90 13.13 10.89
N GLU B 121 20.82 12.26 9.87
CA GLU B 121 21.23 12.61 8.53
C GLU B 121 20.18 13.46 7.86
N VAL B 122 20.57 14.57 7.24
CA VAL B 122 19.68 15.46 6.51
C VAL B 122 20.19 15.51 5.08
N ILE B 123 19.31 15.21 4.11
CA ILE B 123 19.70 15.19 2.71
C ILE B 123 18.80 16.10 1.91
N VAL B 124 19.29 17.27 1.54
CA VAL B 124 18.54 18.23 0.74
C VAL B 124 18.74 17.83 -0.71
N SER B 125 17.76 17.13 -1.28
CA SER B 125 17.87 16.63 -2.65
C SER B 125 16.53 16.48 -3.35
N SER B 126 16.51 16.80 -4.64
CA SER B 126 15.31 16.61 -5.45
C SER B 126 15.26 15.17 -6.07
N ALA B 127 16.34 14.39 -5.91
CA ALA B 127 16.39 13.00 -6.35
C ALA B 127 15.53 12.11 -5.42
N SER B 128 15.02 11.02 -5.97
CA SER B 128 14.15 10.10 -5.23
C SER B 128 14.92 8.91 -4.62
N THR B 129 14.36 8.29 -3.58
CA THR B 129 14.98 7.14 -2.91
C THR B 129 14.99 5.91 -3.83
N LYS B 130 16.10 5.15 -3.79
CA LYS B 130 16.30 3.92 -4.56
C LYS B 130 17.03 2.85 -3.73
N GLY B 131 16.46 1.66 -3.67
CA GLY B 131 17.06 0.52 -2.97
C GLY B 131 18.22 -0.08 -3.77
N PRO B 132 19.16 -0.75 -3.11
CA PRO B 132 20.34 -1.25 -3.83
C PRO B 132 20.18 -2.60 -4.49
N SER B 133 21.09 -2.88 -5.44
CA SER B 133 21.22 -4.15 -6.13
C SER B 133 22.40 -4.84 -5.43
N VAL B 134 22.24 -6.07 -4.97
CA VAL B 134 23.34 -6.77 -4.28
C VAL B 134 23.89 -7.89 -5.15
N PHE B 135 25.20 -7.81 -5.49
CA PHE B 135 25.86 -8.79 -6.35
C PHE B 135 26.95 -9.49 -5.59
N PRO B 136 27.11 -10.81 -5.73
CA PRO B 136 28.19 -11.49 -5.01
C PRO B 136 29.57 -11.20 -5.61
N LEU B 137 30.59 -11.30 -4.76
CA LEU B 137 32.00 -11.17 -5.10
C LEU B 137 32.55 -12.56 -4.72
N ALA B 138 32.38 -13.51 -5.64
CA ALA B 138 32.69 -14.92 -5.46
C ALA B 138 34.16 -15.17 -5.32
N PRO B 139 34.54 -16.03 -4.36
CA PRO B 139 35.96 -16.39 -4.22
C PRO B 139 36.35 -17.26 -5.41
N SER B 140 37.47 -16.91 -6.04
CA SER B 140 37.89 -17.60 -7.26
C SER B 140 39.13 -18.49 -7.05
N GLY B 146 45.08 -19.74 -1.58
CA GLY B 146 46.29 -20.35 -1.03
C GLY B 146 46.37 -20.26 0.49
N GLY B 147 45.38 -20.85 1.16
CA GLY B 147 45.24 -20.83 2.62
C GLY B 147 44.03 -20.02 3.00
N THR B 148 44.08 -18.70 2.72
CA THR B 148 42.97 -17.80 3.01
C THR B 148 42.32 -17.32 1.71
N ALA B 149 40.98 -17.28 1.69
CA ALA B 149 40.17 -16.83 0.57
C ALA B 149 39.43 -15.54 0.95
N ALA B 150 39.08 -14.74 -0.05
CA ALA B 150 38.32 -13.52 0.18
C ALA B 150 37.06 -13.55 -0.66
N LEU B 151 35.92 -13.24 -0.05
CA LEU B 151 34.63 -13.13 -0.70
C LEU B 151 33.93 -11.85 -0.23
N GLY B 152 32.86 -11.45 -0.89
CA GLY B 152 32.15 -10.24 -0.51
C GLY B 152 30.92 -10.01 -1.32
N CYS B 153 30.34 -8.80 -1.19
CA CYS B 153 29.21 -8.45 -2.02
C CYS B 153 29.21 -6.97 -2.30
N LEU B 154 28.88 -6.65 -3.54
CA LEU B 154 28.84 -5.31 -4.05
C LEU B 154 27.42 -4.82 -3.94
N VAL B 155 27.22 -3.78 -3.16
CA VAL B 155 25.95 -3.12 -2.90
C VAL B 155 25.94 -1.92 -3.85
N LYS B 156 25.18 -2.04 -4.93
CA LYS B 156 25.22 -1.09 -6.02
C LYS B 156 23.97 -0.23 -6.27
N ASP B 157 24.21 1.04 -6.66
CA ASP B 157 23.23 2.02 -7.08
C ASP B 157 22.05 2.26 -6.11
N TYR B 158 22.35 2.75 -4.91
CA TYR B 158 21.29 3.07 -3.95
C TYR B 158 21.30 4.55 -3.58
N PHE B 159 20.22 5.04 -3.01
CA PHE B 159 20.12 6.44 -2.59
C PHE B 159 18.96 6.62 -1.62
N PRO B 160 19.15 7.37 -0.54
CA PRO B 160 20.38 8.01 -0.09
C PRO B 160 21.12 7.08 0.89
N GLU B 161 22.18 7.60 1.51
CA GLU B 161 22.89 6.87 2.54
C GLU B 161 22.01 6.79 3.81
N PRO B 162 22.21 5.78 4.67
CA PRO B 162 23.23 4.74 4.63
C PRO B 162 22.64 3.35 4.34
N VAL B 163 23.55 2.42 4.11
CA VAL B 163 23.24 1.01 3.97
C VAL B 163 23.98 0.29 5.11
N THR B 164 23.45 -0.83 5.61
CA THR B 164 24.16 -1.60 6.64
C THR B 164 24.37 -2.99 6.16
N VAL B 165 25.60 -3.48 6.29
CA VAL B 165 25.93 -4.83 5.86
C VAL B 165 26.41 -5.68 7.03
N SER B 166 25.79 -6.84 7.19
CA SER B 166 26.22 -7.80 8.19
C SER B 166 26.51 -9.12 7.46
N TRP B 167 27.23 -10.04 8.09
CA TRP B 167 27.53 -11.32 7.46
C TRP B 167 27.01 -12.42 8.35
N ASN B 168 26.28 -13.39 7.78
CA ASN B 168 25.71 -14.51 8.54
C ASN B 168 24.86 -14.03 9.73
N SER B 169 24.06 -13.00 9.49
CA SER B 169 23.17 -12.38 10.48
C SER B 169 23.91 -11.88 11.73
N GLY B 170 25.15 -11.45 11.55
CA GLY B 170 25.97 -10.94 12.64
C GLY B 170 26.93 -11.94 13.25
N ALA B 171 26.77 -13.24 12.93
CA ALA B 171 27.63 -14.28 13.47
C ALA B 171 29.07 -14.22 12.94
N LEU B 172 29.28 -13.53 11.82
CA LEU B 172 30.61 -13.40 11.22
C LEU B 172 31.01 -11.94 11.27
N THR B 173 32.06 -11.63 12.03
CA THR B 173 32.53 -10.25 12.19
C THR B 173 34.03 -10.14 11.98
N SER B 174 34.79 -11.15 12.41
CA SER B 174 36.24 -11.09 12.25
C SER B 174 36.65 -11.17 10.79
N GLY B 175 37.53 -10.27 10.41
CA GLY B 175 38.03 -10.19 9.04
C GLY B 175 37.12 -9.49 8.07
N VAL B 176 36.04 -8.86 8.57
CA VAL B 176 35.09 -8.15 7.71
C VAL B 176 35.56 -6.74 7.45
N HIS B 177 35.48 -6.27 6.21
CA HIS B 177 35.82 -4.91 5.85
C HIS B 177 34.72 -4.34 5.01
N THR B 178 33.92 -3.43 5.55
CA THR B 178 32.88 -2.79 4.78
C THR B 178 33.46 -1.44 4.41
N PHE B 179 33.60 -1.19 3.13
CA PHE B 179 34.19 0.04 2.63
C PHE B 179 33.23 1.23 2.69
N PRO B 180 33.79 2.45 2.79
CA PRO B 180 32.93 3.64 2.76
C PRO B 180 32.25 3.74 1.39
N ALA B 181 30.98 4.16 1.36
CA ALA B 181 30.27 4.30 0.10
C ALA B 181 30.87 5.39 -0.77
N VAL B 182 30.75 5.25 -2.09
CA VAL B 182 31.23 6.27 -3.01
C VAL B 182 30.07 6.76 -3.84
N LEU B 183 30.00 8.07 -4.11
CA LEU B 183 28.95 8.66 -4.94
C LEU B 183 29.43 8.51 -6.37
N GLN B 184 28.68 7.81 -7.18
CA GLN B 184 29.03 7.61 -8.58
C GLN B 184 28.61 8.79 -9.47
N SER B 185 29.04 8.79 -10.75
CA SER B 185 28.65 9.82 -11.71
C SER B 185 27.10 9.87 -11.89
N SER B 186 26.43 8.73 -11.68
CA SER B 186 24.97 8.58 -11.78
C SER B 186 24.19 9.24 -10.63
N GLY B 187 24.88 9.70 -9.59
CA GLY B 187 24.21 10.27 -8.43
C GLY B 187 23.74 9.24 -7.42
N LEU B 188 24.15 7.98 -7.61
CA LEU B 188 23.79 6.88 -6.71
C LEU B 188 25.05 6.38 -6.00
N TYR B 189 24.89 5.73 -4.85
CA TYR B 189 26.02 5.21 -4.09
C TYR B 189 26.35 3.75 -4.38
N SER B 190 27.60 3.38 -4.17
CA SER B 190 28.07 2.02 -4.35
C SER B 190 29.05 1.71 -3.23
N LEU B 191 28.91 0.54 -2.64
CA LEU B 191 29.69 0.08 -1.50
C LEU B 191 30.04 -1.38 -1.69
N SER B 192 31.17 -1.82 -1.17
CA SER B 192 31.56 -3.22 -1.22
C SER B 192 31.86 -3.66 0.21
N SER B 193 31.48 -4.88 0.57
CA SER B 193 31.77 -5.42 1.89
C SER B 193 32.46 -6.75 1.67
N VAL B 194 33.68 -6.94 2.18
CA VAL B 194 34.42 -8.18 1.99
C VAL B 194 34.76 -8.88 3.30
N VAL B 195 35.06 -10.17 3.24
CA VAL B 195 35.44 -10.93 4.41
C VAL B 195 36.50 -11.97 4.00
N THR B 196 37.54 -12.10 4.79
CA THR B 196 38.59 -13.08 4.54
C THR B 196 38.29 -14.30 5.43
N VAL B 197 38.14 -15.47 4.81
CA VAL B 197 37.81 -16.74 5.47
C VAL B 197 38.81 -17.83 5.04
N PRO B 198 38.89 -19.00 5.72
CA PRO B 198 39.82 -20.05 5.25
C PRO B 198 39.30 -20.72 3.99
N SER B 199 40.18 -20.96 2.98
CA SER B 199 39.74 -21.60 1.71
C SER B 199 39.02 -22.94 1.96
N SER B 200 39.49 -23.67 3.00
CA SER B 200 38.95 -24.95 3.44
C SER B 200 37.47 -24.88 3.88
N SER B 201 37.05 -23.71 4.37
CA SER B 201 35.67 -23.52 4.81
C SER B 201 34.68 -23.27 3.68
N LEU B 202 35.15 -22.94 2.46
CA LEU B 202 34.28 -22.58 1.34
C LEU B 202 33.23 -23.63 0.94
N GLY B 203 33.47 -24.89 1.29
CA GLY B 203 32.52 -25.94 0.97
C GLY B 203 31.59 -26.28 2.11
N THR B 204 32.09 -26.14 3.35
CA THR B 204 31.34 -26.48 4.55
C THR B 204 30.54 -25.31 5.20
N GLN B 205 30.91 -24.04 4.95
CA GLN B 205 30.22 -22.91 5.58
C GLN B 205 29.50 -22.02 4.57
N THR B 206 28.21 -21.74 4.84
CA THR B 206 27.40 -20.88 4.00
C THR B 206 27.73 -19.42 4.31
N TYR B 207 27.99 -18.60 3.29
CA TYR B 207 28.28 -17.18 3.52
C TYR B 207 27.19 -16.34 2.91
N ILE B 208 26.53 -15.51 3.72
CA ILE B 208 25.43 -14.66 3.28
C ILE B 208 25.64 -13.23 3.74
N CYS B 209 25.50 -12.24 2.83
CA CYS B 209 25.58 -10.87 3.25
C CYS B 209 24.18 -10.30 3.41
N ASN B 210 23.92 -9.64 4.55
CA ASN B 210 22.61 -9.10 4.89
C ASN B 210 22.68 -7.61 4.69
N VAL B 211 22.08 -7.12 3.61
CA VAL B 211 22.10 -5.71 3.28
C VAL B 211 20.77 -5.07 3.67
N ASN B 212 20.84 -4.02 4.48
CA ASN B 212 19.64 -3.34 4.92
C ASN B 212 19.73 -1.86 4.51
N HIS B 213 18.72 -1.37 3.81
CA HIS B 213 18.64 0.02 3.38
C HIS B 213 17.33 0.57 3.89
N LYS B 214 17.35 1.19 5.08
CA LYS B 214 16.14 1.73 5.70
C LYS B 214 15.40 2.77 4.83
N PRO B 215 16.06 3.74 4.14
CA PRO B 215 15.28 4.72 3.34
C PRO B 215 14.31 4.14 2.34
N SER B 216 14.63 3.00 1.74
CA SER B 216 13.74 2.35 0.77
C SER B 216 13.02 1.12 1.32
N ASN B 217 13.20 0.80 2.62
CA ASN B 217 12.61 -0.36 3.28
C ASN B 217 12.96 -1.67 2.57
N THR B 218 14.20 -1.78 2.08
CA THR B 218 14.74 -2.92 1.35
C THR B 218 15.63 -3.75 2.25
N LYS B 219 15.53 -5.07 2.15
CA LYS B 219 16.38 -6.01 2.86
C LYS B 219 16.73 -7.11 1.87
N VAL B 220 18.03 -7.31 1.62
CA VAL B 220 18.48 -8.31 0.67
C VAL B 220 19.45 -9.23 1.38
N ASP B 221 19.22 -10.54 1.33
CA ASP B 221 20.17 -11.51 1.88
C ASP B 221 20.76 -12.23 0.68
N LYS B 222 22.05 -11.99 0.39
CA LYS B 222 22.66 -12.59 -0.79
C LYS B 222 23.67 -13.67 -0.44
N LYS B 223 23.41 -14.93 -0.85
CA LYS B 223 24.33 -16.03 -0.60
C LYS B 223 25.50 -15.92 -1.57
N VAL B 224 26.74 -15.97 -1.03
CA VAL B 224 27.94 -15.84 -1.81
C VAL B 224 28.61 -17.20 -1.88
N GLU B 225 28.59 -17.81 -3.05
CA GLU B 225 29.19 -19.13 -3.27
C GLU B 225 30.28 -19.05 -4.34
N PRO B 226 31.27 -19.98 -4.33
CA PRO B 226 32.29 -19.96 -5.40
C PRO B 226 31.69 -20.47 -6.72
N LYS B 227 32.10 -19.90 -7.88
CA LYS B 227 31.47 -20.28 -9.15
C LYS B 227 31.93 -21.65 -9.69
N ALA C 1 39.75 31.94 13.61
CA ALA C 1 40.01 30.84 12.68
C ALA C 1 40.93 29.81 13.35
N LEU C 2 40.39 28.63 13.69
CA LEU C 2 41.19 27.61 14.36
C LEU C 2 42.02 26.88 13.34
N THR C 3 43.32 26.86 13.57
CA THR C 3 44.24 26.17 12.69
C THR C 3 44.84 24.97 13.42
N GLN C 4 44.64 23.78 12.88
CA GLN C 4 45.25 22.59 13.44
C GLN C 4 45.89 21.76 12.32
N PRO C 5 46.97 21.01 12.63
CA PRO C 5 47.65 20.23 11.57
C PRO C 5 46.75 19.17 10.95
N SER C 6 46.91 18.86 9.66
CA SER C 6 46.06 17.87 9.02
C SER C 6 46.37 16.46 9.51
N SER C 7 47.61 16.19 9.88
CA SER C 7 48.03 14.87 10.32
C SER C 7 49.10 14.92 11.40
N VAL C 8 49.14 13.87 12.20
CA VAL C 8 50.10 13.66 13.27
C VAL C 8 50.34 12.14 13.37
N SER C 9 51.59 11.70 13.48
CA SER C 9 51.92 10.27 13.57
C SER C 9 52.68 9.95 14.83
N ALA C 10 52.41 8.79 15.43
CA ALA C 10 53.15 8.37 16.62
C ALA C 10 53.18 6.86 16.77
N ASN C 11 54.26 6.34 17.33
CA ASN C 11 54.38 4.92 17.61
C ASN C 11 53.61 4.64 18.89
N PRO C 12 53.06 3.42 19.04
CA PRO C 12 52.37 3.10 20.31
C PRO C 12 53.34 3.23 21.48
N GLY C 13 52.93 3.95 22.52
CA GLY C 13 53.80 4.19 23.67
C GLY C 13 54.28 5.62 23.73
N GLU C 14 54.47 6.25 22.56
CA GLU C 14 54.94 7.63 22.46
C GLU C 14 53.94 8.62 23.01
N THR C 15 54.40 9.83 23.36
CA THR C 15 53.47 10.86 23.78
C THR C 15 53.34 11.84 22.62
N VAL C 16 52.11 12.05 22.16
CA VAL C 16 51.86 12.93 21.04
C VAL C 16 51.12 14.19 21.47
N LYS C 17 51.39 15.31 20.78
CA LYS C 17 50.71 16.58 21.08
C LYS C 17 50.07 17.14 19.81
N ILE C 18 48.84 17.66 19.95
CA ILE C 18 48.13 18.26 18.84
C ILE C 18 47.79 19.67 19.26
N THR C 19 48.27 20.68 18.52
CA THR C 19 47.98 22.06 18.89
C THR C 19 46.99 22.70 17.95
N CYS C 20 46.19 23.57 18.48
CA CYS C 20 45.14 24.26 17.77
C CYS C 20 45.32 25.72 18.09
N SER C 21 45.60 26.57 17.10
CA SER C 21 45.80 27.99 17.37
C SER C 21 44.74 28.84 16.72
N GLY C 22 44.30 29.86 17.42
CA GLY C 22 43.29 30.76 16.90
C GLY C 22 42.14 31.00 17.83
N GLY C 23 41.22 31.85 17.40
CA GLY C 23 40.06 32.19 18.21
C GLY C 23 40.35 33.16 19.33
N SER C 24 39.31 33.85 19.78
CA SER C 24 39.37 34.81 20.88
C SER C 24 38.50 34.21 21.97
N SER C 25 38.99 33.15 22.62
CA SER C 25 38.21 32.47 23.64
C SER C 25 39.00 32.12 24.89
N SER C 26 38.28 31.90 26.00
CA SER C 26 38.87 31.47 27.25
C SER C 26 39.04 29.94 27.29
N TYR C 27 38.30 29.16 26.43
CA TYR C 27 38.29 27.70 26.47
C TYR C 27 38.37 27.02 25.13
N TYR C 28 39.12 25.91 25.10
CA TYR C 28 39.27 24.99 23.97
C TYR C 28 38.69 23.62 24.35
N GLY C 29 38.22 22.86 23.36
CA GLY C 29 37.65 21.55 23.57
C GLY C 29 38.13 20.61 22.48
N TRP C 30 38.32 19.34 22.81
CA TRP C 30 38.79 18.34 21.87
C TRP C 30 37.80 17.23 21.70
N TYR C 31 37.37 16.99 20.46
CA TYR C 31 36.35 16.01 20.12
C TYR C 31 36.95 15.03 19.17
N GLN C 32 36.76 13.74 19.43
CA GLN C 32 37.34 12.70 18.60
C GLN C 32 36.26 12.08 17.71
N GLN C 33 36.56 11.87 16.45
CA GLN C 33 35.64 11.20 15.53
C GLN C 33 36.39 10.02 14.89
N LYS C 34 35.95 8.77 15.17
CA LYS C 34 36.61 7.58 14.66
C LYS C 34 36.42 7.36 13.15
N SER C 35 35.20 7.44 12.68
CA SER C 35 34.91 7.31 11.26
C SER C 35 34.08 8.52 10.82
N PRO C 36 34.13 8.86 9.51
CA PRO C 36 33.33 10.02 9.02
C PRO C 36 31.84 9.96 9.34
N GLY C 37 31.32 8.76 9.59
CA GLY C 37 29.94 8.59 10.03
C GLY C 37 29.77 8.95 11.50
N SER C 38 30.55 8.27 12.38
CA SER C 38 30.59 8.36 13.85
C SER C 38 30.28 9.73 14.42
N ALA C 39 29.45 9.77 15.46
CA ALA C 39 29.18 11.01 16.18
C ALA C 39 30.43 11.36 16.98
N PRO C 40 30.75 12.65 17.14
CA PRO C 40 31.95 13.01 17.90
C PRO C 40 31.86 12.65 19.38
N VAL C 41 33.03 12.51 20.02
CA VAL C 41 33.12 12.16 21.42
C VAL C 41 34.01 13.19 22.09
N THR C 42 33.50 13.92 23.10
CA THR C 42 34.33 14.89 23.79
C THR C 42 35.42 14.17 24.59
N LEU C 43 36.67 14.48 24.33
CA LEU C 43 37.78 13.94 25.09
C LEU C 43 38.12 14.93 26.19
N ILE C 44 38.20 16.22 25.86
CA ILE C 44 38.52 17.31 26.78
C ILE C 44 37.60 18.48 26.47
N TYR C 45 37.14 19.19 27.47
CA TYR C 45 36.32 20.38 27.29
C TYR C 45 36.74 21.42 28.32
N ASN C 46 36.41 22.71 28.11
CA ASN C 46 36.81 23.77 29.05
C ASN C 46 38.31 23.72 29.39
N ASN C 47 39.15 23.54 28.35
CA ASN C 47 40.61 23.47 28.37
C ASN C 47 41.21 22.20 28.90
N GLN C 48 40.76 21.72 30.08
CA GLN C 48 41.36 20.55 30.71
C GLN C 48 40.40 19.56 31.25
N LYS C 49 39.10 19.90 31.38
CA LYS C 49 38.12 18.98 31.93
C LYS C 49 37.93 17.72 31.09
N ARG C 50 37.92 16.55 31.72
CA ARG C 50 37.80 15.29 31.00
C ARG C 50 36.51 14.54 31.36
N PRO C 51 35.59 14.34 30.40
CA PRO C 51 34.36 13.60 30.71
C PRO C 51 34.59 12.15 31.17
N SER C 52 33.62 11.53 31.85
CA SER C 52 33.80 10.17 32.36
C SER C 52 33.96 9.15 31.24
N ASP C 53 34.78 8.13 31.51
CA ASP C 53 35.14 7.04 30.60
C ASP C 53 36.13 7.47 29.50
N ILE C 54 36.81 8.61 29.69
CA ILE C 54 37.89 9.05 28.81
C ILE C 54 39.19 8.73 29.60
N PRO C 55 40.14 7.99 29.00
CA PRO C 55 41.36 7.59 29.71
C PRO C 55 42.16 8.76 30.21
N SER C 56 42.87 8.56 31.32
CA SER C 56 43.71 9.60 31.90
C SER C 56 44.88 10.00 31.00
N ARG C 57 45.21 9.18 29.96
CA ARG C 57 46.26 9.53 29.01
C ARG C 57 45.93 10.72 28.12
N PHE C 58 44.68 11.20 28.14
CA PHE C 58 44.28 12.39 27.41
C PHE C 58 44.34 13.61 28.34
N SER C 59 45.15 14.61 27.96
CA SER C 59 45.35 15.83 28.73
C SER C 59 45.03 17.06 27.89
N GLY C 60 44.56 18.11 28.55
CA GLY C 60 44.25 19.37 27.91
C GLY C 60 45.03 20.52 28.48
N SER C 61 45.38 21.46 27.63
CA SER C 61 46.14 22.64 28.04
C SER C 61 45.73 23.86 27.22
N LYS C 62 46.07 25.05 27.72
CA LYS C 62 45.84 26.28 26.99
C LYS C 62 46.94 27.26 27.32
N SER C 63 47.57 27.80 26.30
CA SER C 63 48.61 28.80 26.47
C SER C 63 48.29 29.93 25.48
N GLY C 64 47.67 31.01 25.97
CA GLY C 64 47.28 32.13 25.12
C GLY C 64 46.29 31.73 24.05
N SER C 65 46.51 32.14 22.80
CA SER C 65 45.61 31.78 21.70
C SER C 65 45.90 30.36 21.19
N THR C 66 46.36 29.47 22.08
CA THR C 66 46.70 28.11 21.66
C THR C 66 46.17 27.07 22.66
N GLY C 67 45.67 25.96 22.12
CA GLY C 67 45.16 24.85 22.91
C GLY C 67 45.88 23.57 22.53
N THR C 68 46.28 22.77 23.54
CA THR C 68 47.02 21.55 23.24
C THR C 68 46.43 20.28 23.82
N LEU C 69 46.22 19.28 22.98
CA LEU C 69 45.75 17.98 23.40
C LEU C 69 46.98 17.08 23.50
N THR C 70 47.16 16.43 24.62
CA THR C 70 48.32 15.58 24.83
C THR C 70 47.87 14.16 25.07
N ILE C 71 48.36 13.23 24.24
CA ILE C 71 48.06 11.81 24.43
C ILE C 71 49.34 11.14 24.93
N THR C 72 49.41 10.85 26.22
CA THR C 72 50.59 10.21 26.81
C THR C 72 50.51 8.70 26.74
N GLY C 73 51.28 8.11 25.86
CA GLY C 73 51.30 6.67 25.73
C GLY C 73 50.20 6.26 24.80
N VAL C 74 50.34 6.65 23.53
CA VAL C 74 49.45 6.38 22.41
C VAL C 74 49.18 4.87 22.26
N GLN C 75 47.97 4.50 21.85
CA GLN C 75 47.62 3.10 21.60
C GLN C 75 47.09 2.95 20.16
N ALA C 76 46.99 1.72 19.66
CA ALA C 76 46.47 1.50 18.30
C ALA C 76 45.04 2.03 18.14
N GLU C 77 44.22 2.00 19.21
CA GLU C 77 42.85 2.49 19.15
C GLU C 77 42.74 4.01 19.15
N ASP C 78 43.84 4.73 19.39
CA ASP C 78 43.84 6.19 19.37
C ASP C 78 43.85 6.79 17.97
N GLU C 79 43.90 5.95 16.93
CA GLU C 79 43.77 6.32 15.53
C GLU C 79 42.38 6.99 15.39
N ALA C 80 42.28 8.22 14.84
CA ALA C 80 40.98 8.92 14.70
C ALA C 80 41.23 10.37 14.18
N VAL C 81 40.15 11.16 13.93
CA VAL C 81 40.30 12.55 13.58
C VAL C 81 39.98 13.35 14.86
N TYR C 82 40.87 14.25 15.25
CA TYR C 82 40.72 15.05 16.43
C TYR C 82 40.32 16.46 16.05
N PHE C 83 39.16 16.91 16.48
CA PHE C 83 38.67 18.25 16.19
C PHE C 83 38.83 19.11 17.41
N CYS C 84 39.23 20.35 17.21
CA CYS C 84 39.37 21.32 18.26
C CYS C 84 38.24 22.33 18.11
N GLY C 85 37.70 22.80 19.21
CA GLY C 85 36.58 23.72 19.19
C GLY C 85 36.85 24.92 20.07
N SER C 86 36.34 26.07 19.67
CA SER C 86 36.54 27.29 20.44
C SER C 86 35.55 28.39 20.04
N ARG C 87 35.81 29.61 20.44
CA ARG C 87 34.94 30.73 20.19
C ARG C 87 35.68 31.84 19.45
N ASP C 88 34.94 32.58 18.65
CA ASP C 88 35.37 33.72 17.86
C ASP C 88 34.31 34.80 17.98
N ASN C 89 34.58 36.01 17.46
CA ASN C 89 33.52 37.03 17.44
C ASN C 89 32.39 36.66 16.44
N SER C 90 32.67 35.70 15.53
CA SER C 90 31.74 35.17 14.53
C SER C 90 30.93 33.97 15.03
N GLY C 91 31.01 33.60 16.31
CA GLY C 91 30.33 32.43 16.82
C GLY C 91 31.27 31.30 17.16
N GLY C 92 30.76 30.09 17.28
CA GLY C 92 31.55 28.92 17.62
C GLY C 92 32.34 28.44 16.43
N ILE C 93 33.63 28.20 16.62
CA ILE C 93 34.49 27.76 15.53
C ILE C 93 35.10 26.41 15.79
N PHE C 94 35.37 25.66 14.73
CA PHE C 94 35.99 24.35 14.82
C PHE C 94 37.25 24.33 13.94
N GLY C 95 38.16 23.42 14.28
CA GLY C 95 39.34 23.18 13.47
C GLY C 95 38.98 22.25 12.34
N ALA C 96 39.91 22.09 11.38
CA ALA C 96 39.67 21.22 10.23
C ALA C 96 39.79 19.72 10.56
N GLY C 97 40.44 19.39 11.68
CA GLY C 97 40.61 18.01 12.10
C GLY C 97 42.01 17.51 11.86
N THR C 98 42.62 16.88 12.87
CA THR C 98 43.95 16.31 12.79
C THR C 98 43.80 14.82 12.80
N THR C 99 44.38 14.13 11.83
CA THR C 99 44.29 12.69 11.76
C THR C 99 45.48 12.06 12.45
N LEU C 100 45.22 11.24 13.49
CA LEU C 100 46.29 10.54 14.18
C LEU C 100 46.55 9.21 13.48
N THR C 101 47.80 9.04 13.03
CA THR C 101 48.22 7.84 12.33
C THR C 101 49.11 7.03 13.24
N VAL C 102 48.69 5.83 13.66
CA VAL C 102 49.52 4.99 14.50
C VAL C 102 50.59 4.31 13.63
N LEU C 103 51.86 4.51 13.97
CA LEU C 103 52.95 3.91 13.20
C LEU C 103 53.12 2.42 13.53
N ARG C 104 53.45 1.60 12.54
CA ARG C 104 53.72 0.18 12.75
C ARG C 104 54.80 -0.32 11.74
N THR C 105 55.16 -1.61 11.78
CA THR C 105 56.12 -2.15 10.80
C THR C 105 55.40 -2.18 9.42
N VAL C 106 56.17 -2.24 8.33
CA VAL C 106 55.58 -2.34 6.99
C VAL C 106 54.76 -3.64 6.85
N ALA C 107 53.67 -3.62 6.07
CA ALA C 107 52.88 -4.81 5.81
C ALA C 107 52.49 -4.80 4.36
N ALA C 108 52.77 -5.88 3.63
CA ALA C 108 52.39 -5.97 2.23
C ALA C 108 50.91 -6.30 2.14
N PRO C 109 50.23 -5.78 1.09
CA PRO C 109 48.80 -6.07 0.95
C PRO C 109 48.56 -7.46 0.38
N SER C 110 47.38 -8.00 0.64
CA SER C 110 47.01 -9.31 0.10
C SER C 110 46.07 -8.97 -1.05
N VAL C 111 46.48 -9.20 -2.32
CA VAL C 111 45.68 -8.80 -3.47
C VAL C 111 44.67 -9.85 -3.93
N PHE C 112 43.43 -9.43 -4.21
CA PHE C 112 42.37 -10.33 -4.69
C PHE C 112 41.66 -9.67 -5.87
N ILE C 113 41.16 -10.47 -6.84
CA ILE C 113 40.46 -9.90 -7.98
C ILE C 113 39.14 -10.63 -8.20
N PHE C 114 38.05 -9.86 -8.35
CA PHE C 114 36.72 -10.41 -8.52
C PHE C 114 36.11 -10.09 -9.85
N PRO C 115 35.72 -11.11 -10.60
CA PRO C 115 35.05 -10.85 -11.89
C PRO C 115 33.59 -10.44 -11.66
N PRO C 116 32.98 -9.76 -12.67
CA PRO C 116 31.57 -9.37 -12.55
C PRO C 116 30.65 -10.56 -12.36
N SER C 117 29.65 -10.43 -11.48
CA SER C 117 28.70 -11.51 -11.25
C SER C 117 27.81 -11.66 -12.48
N ASP C 118 27.40 -12.89 -12.75
CA ASP C 118 26.53 -13.20 -13.89
C ASP C 118 25.18 -12.46 -13.81
N GLU C 119 24.66 -12.20 -12.59
CA GLU C 119 23.42 -11.46 -12.42
C GLU C 119 23.61 -10.01 -12.88
N GLN C 120 24.75 -9.42 -12.51
CA GLN C 120 25.07 -8.03 -12.87
C GLN C 120 25.23 -7.86 -14.35
N LEU C 121 25.81 -8.86 -15.02
CA LEU C 121 25.99 -8.82 -16.45
C LEU C 121 24.69 -8.68 -17.20
N LYS C 122 23.60 -9.26 -16.68
CA LYS C 122 22.29 -9.13 -17.33
C LYS C 122 21.84 -7.66 -17.43
N SER C 123 22.26 -6.81 -16.46
CA SER C 123 21.89 -5.39 -16.36
C SER C 123 22.67 -4.43 -17.29
N GLY C 124 23.56 -4.97 -18.10
CA GLY C 124 24.32 -4.15 -19.04
C GLY C 124 25.50 -3.40 -18.45
N THR C 125 26.00 -3.82 -17.26
CA THR C 125 27.17 -3.19 -16.64
C THR C 125 28.10 -4.24 -16.04
N ALA C 126 29.41 -3.98 -16.04
CA ALA C 126 30.37 -4.92 -15.48
C ALA C 126 31.25 -4.20 -14.48
N SER C 127 31.30 -4.70 -13.26
CA SER C 127 32.12 -4.10 -12.23
C SER C 127 33.15 -5.11 -11.80
N VAL C 128 34.43 -4.75 -11.94
CA VAL C 128 35.53 -5.63 -11.58
C VAL C 128 36.20 -5.07 -10.34
N VAL C 129 36.36 -5.86 -9.29
CA VAL C 129 36.91 -5.37 -8.03
C VAL C 129 38.29 -5.92 -7.71
N CYS C 130 39.18 -5.06 -7.22
CA CYS C 130 40.52 -5.44 -6.82
C CYS C 130 40.65 -5.09 -5.34
N LEU C 131 40.78 -6.10 -4.46
CA LEU C 131 40.88 -5.88 -3.03
C LEU C 131 42.36 -5.95 -2.57
N LEU C 132 42.72 -4.98 -1.72
CA LEU C 132 44.06 -4.89 -1.16
C LEU C 132 43.85 -5.05 0.33
N ASN C 133 44.21 -6.23 0.85
CA ASN C 133 43.98 -6.50 2.27
C ASN C 133 45.11 -6.34 3.29
N ASN C 134 44.76 -5.64 4.37
CA ASN C 134 45.58 -5.36 5.55
C ASN C 134 47.04 -4.92 5.39
N PHE C 135 47.25 -3.75 4.80
CA PHE C 135 48.60 -3.26 4.62
C PHE C 135 48.97 -1.97 5.33
N TYR C 136 50.24 -1.64 5.32
CA TYR C 136 50.75 -0.43 5.96
C TYR C 136 52.05 -0.07 5.25
N PRO C 137 52.29 1.19 4.84
CA PRO C 137 51.46 2.39 5.00
C PRO C 137 50.34 2.55 3.97
N ARG C 138 49.56 3.65 4.07
CA ARG C 138 48.39 3.93 3.24
C ARG C 138 48.71 4.07 1.73
N GLU C 139 49.89 4.58 1.39
CA GLU C 139 50.29 4.82 0.00
C GLU C 139 50.48 3.54 -0.81
N ALA C 140 49.52 3.23 -1.69
CA ALA C 140 49.49 2.06 -2.56
C ALA C 140 48.92 2.47 -3.90
N LYS C 141 49.50 2.00 -5.00
CA LYS C 141 49.04 2.34 -6.35
C LYS C 141 48.41 1.16 -7.05
N VAL C 142 47.14 1.27 -7.48
CA VAL C 142 46.50 0.19 -8.24
C VAL C 142 46.37 0.58 -9.70
N GLN C 143 46.93 -0.23 -10.60
CA GLN C 143 46.91 0.01 -12.02
C GLN C 143 46.03 -1.02 -12.67
N TRP C 144 44.95 -0.63 -13.34
CA TRP C 144 44.11 -1.60 -14.02
C TRP C 144 44.54 -1.73 -15.48
N LYS C 145 44.60 -2.96 -16.01
CA LYS C 145 44.99 -3.18 -17.40
C LYS C 145 44.04 -4.19 -18.01
N VAL C 146 43.41 -3.84 -19.12
CA VAL C 146 42.48 -4.74 -19.80
C VAL C 146 43.14 -5.12 -21.11
N ASP C 147 43.50 -6.41 -21.28
CA ASP C 147 44.21 -6.94 -22.47
C ASP C 147 45.55 -6.18 -22.69
N ASN C 148 46.22 -5.90 -21.56
CA ASN C 148 47.47 -5.15 -21.42
C ASN C 148 47.37 -3.71 -21.96
N ALA C 149 46.31 -2.99 -21.55
CA ALA C 149 46.13 -1.59 -21.91
C ALA C 149 45.82 -0.85 -20.62
N LEU C 150 46.64 0.14 -20.23
CA LEU C 150 46.42 0.86 -18.99
C LEU C 150 45.10 1.63 -18.96
N GLN C 151 44.18 1.26 -18.05
CA GLN C 151 42.89 1.92 -17.90
C GLN C 151 42.97 3.24 -17.16
N SER C 152 42.23 4.25 -17.63
CA SER C 152 42.28 5.56 -17.00
C SER C 152 40.93 6.23 -16.90
N GLY C 153 40.59 6.66 -15.69
CA GLY C 153 39.35 7.39 -15.45
C GLY C 153 38.09 6.57 -15.48
N ASN C 154 38.19 5.28 -15.21
CA ASN C 154 37.03 4.38 -15.13
C ASN C 154 37.06 3.51 -13.88
N SER C 155 37.80 3.92 -12.86
CA SER C 155 37.91 3.20 -11.61
C SER C 155 37.85 4.17 -10.42
N GLN C 156 37.30 3.70 -9.32
CA GLN C 156 37.19 4.48 -8.11
C GLN C 156 37.73 3.66 -6.96
N GLU C 157 38.46 4.30 -6.04
CA GLU C 157 39.01 3.62 -4.88
C GLU C 157 38.30 4.00 -3.58
N SER C 158 38.33 3.12 -2.59
CA SER C 158 37.73 3.36 -1.31
C SER C 158 38.63 2.77 -0.27
N VAL C 159 39.05 3.55 0.73
CA VAL C 159 39.96 3.04 1.75
C VAL C 159 39.28 3.00 3.09
N THR C 160 39.46 1.88 3.79
CA THR C 160 38.93 1.78 5.14
C THR C 160 39.84 2.62 6.08
N GLU C 161 39.30 3.00 7.25
CA GLU C 161 40.08 3.70 8.25
C GLU C 161 41.13 2.73 8.82
N GLN C 162 42.24 3.29 9.34
CA GLN C 162 43.31 2.48 9.92
C GLN C 162 42.78 1.63 11.08
N ASP C 163 43.09 0.33 11.08
CA ASP C 163 42.58 -0.60 12.08
C ASP C 163 42.90 -0.23 13.52
N SER C 164 41.91 -0.44 14.42
CA SER C 164 42.11 -0.15 15.84
C SER C 164 42.83 -1.24 16.61
N LYS C 165 43.11 -2.39 15.97
CA LYS C 165 43.82 -3.47 16.65
C LYS C 165 45.16 -3.66 16.01
N ASP C 166 45.23 -3.70 14.67
CA ASP C 166 46.50 -3.96 14.01
C ASP C 166 46.96 -2.84 13.07
N SER C 167 46.43 -1.65 13.22
CA SER C 167 46.84 -0.45 12.47
C SER C 167 47.05 -0.60 10.93
N THR C 168 46.29 -1.48 10.26
CA THR C 168 46.41 -1.71 8.82
C THR C 168 45.22 -1.18 8.04
N TYR C 169 45.45 -0.84 6.77
CA TYR C 169 44.45 -0.32 5.85
C TYR C 169 43.97 -1.42 4.91
N SER C 170 42.82 -1.23 4.28
CA SER C 170 42.29 -2.11 3.25
C SER C 170 41.68 -1.21 2.20
N LEU C 171 42.04 -1.41 0.96
CA LEU C 171 41.60 -0.57 -0.14
C LEU C 171 40.85 -1.43 -1.13
N SER C 172 39.91 -0.82 -1.85
CA SER C 172 39.17 -1.54 -2.89
C SER C 172 39.08 -0.69 -4.14
N SER C 173 39.59 -1.18 -5.26
CA SER C 173 39.50 -0.45 -6.52
C SER C 173 38.44 -1.13 -7.40
N THR C 174 37.39 -0.39 -7.80
CA THR C 174 36.35 -0.98 -8.65
C THR C 174 36.43 -0.36 -10.03
N LEU C 175 36.56 -1.19 -11.06
CA LEU C 175 36.62 -0.78 -12.46
C LEU C 175 35.24 -1.00 -13.11
N THR C 176 34.60 0.08 -13.61
CA THR C 176 33.29 -0.06 -14.21
C THR C 176 33.36 0.11 -15.71
N LEU C 177 32.95 -0.96 -16.41
CA LEU C 177 32.88 -1.04 -17.86
C LEU C 177 31.45 -1.33 -18.27
N SER C 178 31.09 -1.00 -19.51
CA SER C 178 29.78 -1.34 -20.02
C SER C 178 29.84 -2.84 -20.35
N LYS C 179 28.67 -3.48 -20.49
CA LYS C 179 28.63 -4.91 -20.83
C LYS C 179 29.23 -5.15 -22.21
N ALA C 180 29.07 -4.20 -23.16
CA ALA C 180 29.67 -4.32 -24.49
C ALA C 180 31.21 -4.30 -24.39
N ASP C 181 31.77 -3.37 -23.59
CA ASP C 181 33.21 -3.25 -23.36
C ASP C 181 33.79 -4.48 -22.68
N TYR C 182 33.09 -5.02 -21.68
CA TYR C 182 33.55 -6.20 -20.97
C TYR C 182 33.51 -7.46 -21.85
N GLU C 183 32.59 -7.50 -22.84
CA GLU C 183 32.43 -8.64 -23.74
C GLU C 183 33.47 -8.74 -24.88
N LYS C 184 34.12 -7.62 -25.23
CA LYS C 184 35.10 -7.63 -26.32
C LYS C 184 36.55 -7.81 -25.89
N HIS C 185 36.80 -7.99 -24.59
CA HIS C 185 38.15 -8.23 -24.12
C HIS C 185 38.29 -9.57 -23.41
N LYS C 186 39.54 -10.08 -23.30
CA LYS C 186 39.82 -11.36 -22.69
C LYS C 186 40.40 -11.27 -21.29
N VAL C 187 41.55 -10.60 -21.10
CA VAL C 187 42.22 -10.56 -19.80
C VAL C 187 42.01 -9.24 -19.04
N TYR C 188 41.76 -9.38 -17.74
CA TYR C 188 41.58 -8.23 -16.87
C TYR C 188 42.55 -8.38 -15.71
N ALA C 189 43.35 -7.35 -15.45
CA ALA C 189 44.33 -7.42 -14.37
C ALA C 189 44.47 -6.14 -13.59
N CYS C 190 44.77 -6.27 -12.31
CA CYS C 190 45.09 -5.12 -11.49
C CYS C 190 46.52 -5.31 -10.97
N GLU C 191 47.36 -4.30 -11.15
CA GLU C 191 48.75 -4.35 -10.74
C GLU C 191 48.95 -3.40 -9.56
N VAL C 192 49.25 -3.97 -8.39
CA VAL C 192 49.43 -3.25 -7.14
C VAL C 192 50.91 -2.90 -6.89
N THR C 193 51.17 -1.66 -6.51
CA THR C 193 52.51 -1.21 -6.20
C THR C 193 52.50 -0.66 -4.78
N HIS C 194 53.04 -1.44 -3.86
CA HIS C 194 53.12 -1.06 -2.47
C HIS C 194 54.58 -1.10 -1.99
N GLN C 195 54.88 -0.39 -0.91
CA GLN C 195 56.22 -0.32 -0.31
C GLN C 195 56.69 -1.69 0.23
N GLY C 196 55.75 -2.48 0.73
CA GLY C 196 55.98 -3.82 1.25
C GLY C 196 56.07 -4.92 0.21
N LEU C 197 55.89 -4.58 -1.06
CA LEU C 197 56.05 -5.53 -2.15
C LEU C 197 57.39 -5.27 -2.83
N SER C 198 58.26 -6.30 -2.92
CA SER C 198 59.57 -6.17 -3.57
C SER C 198 59.47 -5.83 -5.09
N SER C 199 58.35 -6.23 -5.71
CA SER C 199 58.02 -5.96 -7.10
C SER C 199 56.49 -5.91 -7.23
N PRO C 200 55.95 -5.13 -8.20
CA PRO C 200 54.49 -5.05 -8.34
C PRO C 200 53.80 -6.41 -8.52
N VAL C 201 52.71 -6.62 -7.77
CA VAL C 201 51.93 -7.84 -7.80
C VAL C 201 50.75 -7.68 -8.75
N THR C 202 50.60 -8.62 -9.68
CA THR C 202 49.48 -8.58 -10.62
C THR C 202 48.56 -9.76 -10.35
N LYS C 203 47.29 -9.50 -10.24
CA LYS C 203 46.27 -10.52 -10.07
C LYS C 203 45.35 -10.36 -11.27
N SER C 204 44.93 -11.45 -11.90
CA SER C 204 44.00 -11.35 -13.02
C SER C 204 43.12 -12.57 -13.24
N PHE C 205 42.19 -12.48 -14.19
CA PHE C 205 41.22 -13.50 -14.54
C PHE C 205 40.97 -13.41 -16.03
N ASN C 206 40.27 -14.40 -16.60
CA ASN C 206 40.05 -14.39 -18.03
C ASN C 206 38.67 -14.84 -18.50
N ARG C 207 37.87 -13.86 -18.94
CA ARG C 207 36.53 -14.14 -19.45
C ARG C 207 35.93 -12.85 -20.02
N GLY C 208 34.73 -12.97 -20.57
CA GLY C 208 34.05 -11.83 -21.14
C GLY C 208 35.01 -11.07 -22.04
N ARG D 3 77.81 10.39 44.40
CA ARG D 3 76.86 9.42 44.93
C ARG D 3 76.25 9.84 46.29
N HIS D 4 74.90 9.77 46.42
CA HIS D 4 74.15 10.13 47.63
C HIS D 4 73.44 8.93 48.19
N VAL D 5 74.03 8.28 49.20
CA VAL D 5 73.45 7.07 49.77
C VAL D 5 72.79 7.32 51.10
N PHE D 6 71.59 6.80 51.30
CA PHE D 6 70.85 6.91 52.55
C PHE D 6 70.41 5.52 52.94
N ILE D 7 70.84 5.01 54.08
CA ILE D 7 70.38 3.71 54.57
C ILE D 7 69.89 3.85 55.99
N ARG D 8 68.71 3.32 56.30
CA ARG D 8 68.14 3.45 57.64
C ARG D 8 67.41 2.18 58.02
N THR D 9 67.78 1.53 59.13
CA THR D 9 67.09 0.32 59.56
C THR D 9 66.66 0.38 61.01
N GLU D 10 65.54 -0.23 61.34
CA GLU D 10 65.08 -0.33 62.72
C GLU D 10 64.46 -1.68 62.99
N LEU D 11 64.52 -2.12 64.24
CA LEU D 11 63.98 -3.42 64.61
C LEU D 11 62.82 -3.33 65.55
N SER D 12 61.71 -3.90 65.11
CA SER D 12 60.47 -4.00 65.89
C SER D 12 60.13 -5.48 66.06
N PHE D 13 59.42 -5.81 67.13
CA PHE D 13 59.00 -7.17 67.39
C PHE D 13 57.49 -7.30 67.33
N ILE D 14 57.00 -8.48 66.94
CA ILE D 14 55.57 -8.74 66.92
C ILE D 14 55.31 -10.13 67.50
N LYS D 15 54.32 -10.26 68.38
CA LYS D 15 53.92 -11.53 68.97
C LYS D 15 52.61 -12.00 68.32
N ASN D 16 52.50 -13.31 68.05
CA ASN D 16 51.29 -13.88 67.48
C ASN D 16 50.68 -14.89 68.45
N ASN D 17 49.40 -14.73 68.73
CA ASN D 17 48.63 -15.64 69.58
C ASN D 17 48.28 -16.96 68.85
N VAL D 18 48.33 -16.96 67.51
CA VAL D 18 48.03 -18.10 66.67
C VAL D 18 49.32 -18.81 66.26
N PRO D 19 49.38 -20.15 66.47
CA PRO D 19 50.55 -20.90 66.02
C PRO D 19 50.48 -21.12 64.50
N CYS D 20 51.17 -20.25 63.76
CA CYS D 20 51.23 -20.23 62.31
C CYS D 20 52.07 -21.37 61.77
N ILE D 21 51.62 -22.02 60.71
CA ILE D 21 52.38 -23.07 60.05
C ILE D 21 53.19 -22.42 58.93
N ARG D 22 52.53 -21.62 58.09
CA ARG D 22 53.22 -20.92 57.00
C ARG D 22 52.71 -19.49 56.97
N ASP D 23 53.61 -18.51 57.10
CA ASP D 23 53.24 -17.11 57.09
C ASP D 23 53.23 -16.56 55.67
N MET D 24 52.43 -15.52 55.44
CA MET D 24 52.35 -14.89 54.14
C MET D 24 52.10 -13.43 54.37
N PHE D 25 53.08 -12.59 54.05
CA PHE D 25 52.98 -11.17 54.35
C PHE D 25 52.61 -10.31 53.20
N PHE D 26 51.80 -9.29 53.45
CA PHE D 26 51.46 -8.32 52.45
C PHE D 26 51.24 -6.96 53.04
N ILE D 27 51.55 -5.93 52.26
CA ILE D 27 51.36 -4.55 52.67
C ILE D 27 50.08 -4.07 52.03
N TYR D 28 49.18 -3.47 52.81
CA TYR D 28 47.97 -2.90 52.27
C TYR D 28 47.69 -1.58 52.94
N LYS D 29 47.70 -0.49 52.16
CA LYS D 29 47.51 0.86 52.69
C LYS D 29 48.53 1.19 53.76
N ARG D 30 49.81 0.85 53.45
CA ARG D 30 51.01 1.01 54.28
C ARG D 30 50.95 0.27 55.63
N GLU D 31 49.85 -0.46 55.91
CA GLU D 31 49.70 -1.32 57.07
C GLU D 31 50.21 -2.73 56.71
N LEU D 32 50.61 -3.52 57.71
CA LEU D 32 51.15 -4.86 57.47
C LEU D 32 50.13 -5.93 57.82
N TYR D 33 49.94 -6.87 56.90
CA TYR D 33 49.00 -7.95 57.06
C TYR D 33 49.65 -9.28 56.89
N ASN D 34 49.09 -10.28 57.50
CA ASN D 34 49.57 -11.64 57.40
C ASN D 34 48.41 -12.55 57.03
N ILE D 35 48.71 -13.64 56.35
CA ILE D 35 47.75 -14.69 56.05
C ILE D 35 48.32 -15.89 56.75
N CYS D 36 47.82 -16.13 57.95
CA CYS D 36 48.28 -17.19 58.80
C CYS D 36 47.57 -18.49 58.47
N LEU D 37 48.32 -19.58 58.38
CA LEU D 37 47.75 -20.89 58.18
C LEU D 37 47.92 -21.69 59.46
N ASP D 38 46.84 -21.96 60.15
CA ASP D 38 46.88 -22.78 61.35
C ASP D 38 46.32 -24.16 60.97
N ASP D 39 47.04 -25.22 61.33
CA ASP D 39 46.62 -26.58 60.99
C ASP D 39 47.23 -27.54 62.00
N LEU D 40 46.78 -27.45 63.25
CA LEU D 40 47.29 -28.32 64.30
C LEU D 40 46.72 -29.72 64.06
N LYS D 41 47.61 -30.69 63.91
CA LYS D 41 47.23 -32.04 63.56
C LYS D 41 46.88 -32.91 64.78
N GLY D 42 45.81 -32.53 65.45
CA GLY D 42 45.31 -33.24 66.63
C GLY D 42 43.81 -33.46 66.61
N GLU D 43 43.30 -34.17 67.62
CA GLU D 43 41.88 -34.49 67.73
C GLU D 43 40.98 -33.25 67.95
N GLU D 44 41.28 -32.43 68.98
CA GLU D 44 40.48 -31.24 69.29
C GLU D 44 40.78 -30.04 68.36
N ASP D 45 41.61 -30.23 67.32
CA ASP D 45 42.02 -29.18 66.40
C ASP D 45 41.27 -29.19 65.05
N GLU D 46 41.39 -28.11 64.28
CA GLU D 46 40.80 -27.92 62.95
C GLU D 46 41.57 -26.84 62.19
N THR D 47 41.45 -26.85 60.85
CA THR D 47 42.18 -25.90 60.01
C THR D 47 41.54 -24.51 59.98
N HIS D 48 42.39 -23.48 59.89
CA HIS D 48 42.00 -22.07 59.77
C HIS D 48 42.97 -21.33 58.87
N ILE D 49 42.48 -20.30 58.18
CA ILE D 49 43.28 -19.40 57.33
C ILE D 49 42.93 -17.99 57.79
N TYR D 50 43.66 -17.49 58.80
CA TYR D 50 43.37 -16.21 59.39
C TYR D 50 44.01 -15.05 58.66
N VAL D 51 43.27 -13.96 58.52
CA VAL D 51 43.81 -12.74 57.95
C VAL D 51 44.09 -11.85 59.15
N GLN D 52 45.36 -11.52 59.38
CA GLN D 52 45.79 -10.75 60.54
C GLN D 52 46.39 -9.40 60.15
N LYS D 53 46.49 -8.48 61.11
CA LYS D 53 47.05 -7.16 60.87
C LYS D 53 47.90 -6.74 62.04
N LYS D 54 49.13 -6.21 61.79
CA LYS D 54 49.97 -5.77 62.92
C LYS D 54 49.53 -4.39 63.38
N VAL D 55 49.04 -4.35 64.64
CA VAL D 55 48.55 -3.14 65.26
C VAL D 55 49.71 -2.34 65.90
N LYS D 56 50.33 -2.84 67.00
CA LYS D 56 51.47 -2.13 67.57
C LYS D 56 52.61 -3.12 67.72
N ASP D 57 52.45 -4.05 68.62
CA ASP D 57 53.41 -5.13 68.79
C ASP D 57 52.73 -6.49 68.74
N SER D 58 51.50 -6.58 68.19
CA SER D 58 50.77 -7.82 68.13
C SER D 58 49.99 -7.92 66.84
N TRP D 59 49.84 -9.16 66.33
CA TRP D 59 48.99 -9.40 65.18
C TRP D 59 47.55 -9.49 65.69
N ILE D 60 46.59 -9.03 64.88
CA ILE D 60 45.19 -9.06 65.26
C ILE D 60 44.42 -9.84 64.22
N THR D 61 43.81 -10.96 64.63
CA THR D 61 43.02 -11.76 63.71
C THR D 61 41.81 -10.97 63.28
N LEU D 62 41.65 -10.80 61.98
CA LEU D 62 40.54 -10.06 61.43
C LEU D 62 39.44 -10.99 60.98
N ASN D 63 39.78 -12.08 60.29
CA ASN D 63 38.76 -13.07 59.93
C ASN D 63 39.37 -14.41 59.48
N ASP D 64 38.50 -15.44 59.39
CA ASP D 64 38.88 -16.77 58.97
C ASP D 64 38.22 -17.05 57.62
N LEU D 65 39.04 -17.11 56.58
CA LEU D 65 38.54 -17.37 55.23
C LEU D 65 38.19 -18.84 55.02
N PHE D 66 38.87 -19.72 55.74
CA PHE D 66 38.65 -21.13 55.60
C PHE D 66 37.24 -21.55 55.99
N LYS D 67 36.68 -20.90 57.03
CA LYS D 67 35.33 -21.24 57.50
C LYS D 67 34.25 -20.97 56.46
N GLU D 68 34.50 -20.03 55.52
CA GLU D 68 33.60 -19.65 54.44
C GLU D 68 33.66 -20.56 53.21
N THR D 69 34.45 -21.64 53.26
CA THR D 69 34.65 -22.56 52.16
C THR D 69 34.31 -24.00 52.56
N ASP D 70 33.88 -24.80 51.57
CA ASP D 70 33.67 -26.23 51.83
C ASP D 70 34.93 -27.08 51.46
N LEU D 71 36.10 -26.42 51.41
CA LEU D 71 37.42 -26.95 51.13
C LEU D 71 37.90 -27.83 52.29
N THR D 72 38.84 -28.73 52.01
CA THR D 72 39.42 -29.58 53.05
C THR D 72 40.94 -29.67 52.79
N GLY D 73 41.68 -30.05 53.82
CA GLY D 73 43.13 -30.10 53.74
C GLY D 73 43.71 -28.71 53.64
N ARG D 74 44.91 -28.59 53.07
CA ARG D 74 45.57 -27.31 52.94
C ARG D 74 45.54 -26.85 51.50
N PRO D 75 44.85 -25.73 51.21
CA PRO D 75 44.80 -25.24 49.83
C PRO D 75 45.96 -24.34 49.50
N HIS D 76 46.22 -24.18 48.20
CA HIS D 76 47.20 -23.22 47.73
C HIS D 76 46.55 -21.85 47.93
N ILE D 77 47.35 -20.84 48.24
CA ILE D 77 46.84 -19.50 48.48
C ILE D 77 47.52 -18.50 47.58
N PHE D 78 46.75 -17.79 46.79
CA PHE D 78 47.30 -16.78 45.89
C PHE D 78 46.64 -15.46 46.24
N ALA D 79 47.39 -14.61 46.92
CA ALA D 79 46.87 -13.32 47.31
C ALA D 79 47.41 -12.26 46.36
N TYR D 80 46.57 -11.32 45.98
CA TYR D 80 46.94 -10.26 45.05
C TYR D 80 46.51 -8.95 45.61
N VAL D 81 47.45 -8.01 45.70
CA VAL D 81 47.13 -6.71 46.22
C VAL D 81 47.29 -5.62 45.20
N ASP D 82 46.17 -5.14 44.69
CA ASP D 82 46.15 -3.95 43.87
C ASP D 82 46.13 -2.74 44.84
N VAL D 83 46.10 -1.52 44.32
CA VAL D 83 46.12 -0.31 45.14
C VAL D 83 45.07 -0.31 46.27
N GLU D 84 43.76 -0.32 45.91
CA GLU D 84 42.71 -0.30 46.89
C GLU D 84 41.95 -1.61 46.99
N GLU D 85 42.36 -2.69 46.28
CA GLU D 85 41.65 -3.94 46.40
C GLU D 85 42.55 -5.11 46.67
N ILE D 86 42.06 -6.06 47.47
CA ILE D 86 42.73 -7.29 47.87
C ILE D 86 41.91 -8.45 47.34
N ILE D 87 42.54 -9.38 46.62
CA ILE D 87 41.86 -10.57 46.12
C ILE D 87 42.63 -11.78 46.60
N ILE D 88 41.96 -12.70 47.29
CA ILE D 88 42.63 -13.91 47.78
C ILE D 88 41.98 -15.14 47.19
N LEU D 89 42.79 -16.11 46.75
CA LEU D 89 42.27 -17.33 46.16
C LEU D 89 42.75 -18.56 46.90
N LEU D 90 41.81 -19.41 47.32
CA LEU D 90 42.13 -20.64 48.02
C LEU D 90 41.82 -21.78 47.06
N CYS D 91 42.87 -22.38 46.49
CA CYS D 91 42.73 -23.43 45.50
C CYS D 91 42.98 -24.80 46.06
N GLU D 92 42.13 -25.74 45.71
CA GLU D 92 42.19 -27.13 46.09
C GLU D 92 43.56 -27.72 45.84
N ASP D 93 44.23 -28.18 46.88
CA ASP D 93 45.55 -28.76 46.77
C ASP D 93 45.35 -30.25 46.68
N GLU D 94 45.02 -30.73 45.50
CA GLU D 94 44.75 -32.14 45.33
C GLU D 94 46.04 -32.90 45.21
N GLU D 95 45.93 -34.20 45.05
CA GLU D 95 47.09 -35.08 44.89
C GLU D 95 48.03 -34.61 43.81
N PHE D 96 49.29 -35.03 43.89
CA PHE D 96 50.27 -34.64 42.89
C PHE D 96 49.73 -34.93 41.48
N SER D 97 49.11 -36.11 41.32
CA SER D 97 48.49 -36.50 40.02
C SER D 97 46.99 -36.60 40.28
N ASN D 98 46.35 -35.47 40.62
CA ASN D 98 44.91 -35.39 40.99
C ASN D 98 43.94 -36.12 40.06
N ARG D 99 44.20 -36.15 38.75
CA ARG D 99 43.24 -36.76 37.77
C ARG D 99 41.91 -35.99 37.75
N LYS D 100 41.96 -34.66 37.84
CA LYS D 100 40.80 -33.78 37.74
C LYS D 100 41.15 -32.74 36.67
N LYS D 101 40.49 -32.84 35.52
CA LYS D 101 40.73 -31.94 34.39
C LYS D 101 40.70 -30.46 34.73
N ASP D 102 39.83 -30.04 35.61
CA ASP D 102 39.77 -28.64 35.98
C ASP D 102 40.07 -28.45 37.44
N MET D 103 40.20 -27.20 37.83
CA MET D 103 40.48 -26.89 39.20
C MET D 103 39.43 -26.01 39.81
N THR D 104 39.11 -26.28 41.07
CA THR D 104 38.13 -25.52 41.83
C THR D 104 38.86 -24.63 42.82
N CYS D 105 38.41 -23.37 42.94
CA CYS D 105 39.05 -22.41 43.83
C CYS D 105 37.99 -21.52 44.50
N HIS D 106 38.30 -20.88 45.62
CA HIS D 106 37.36 -19.98 46.29
C HIS D 106 37.96 -18.59 46.32
N ARG D 107 37.26 -17.61 45.80
CA ARG D 107 37.77 -16.25 45.70
C ARG D 107 37.18 -15.30 46.75
N PHE D 108 38.02 -14.47 47.36
CA PHE D 108 37.62 -13.47 48.36
C PHE D 108 38.03 -12.09 47.88
N TYR D 109 37.20 -11.08 48.11
CA TYR D 109 37.48 -9.74 47.67
C TYR D 109 37.24 -8.76 48.79
N SER D 110 38.14 -7.80 48.92
CA SER D 110 37.96 -6.73 49.87
C SER D 110 38.52 -5.43 49.31
N ASN D 111 37.90 -4.31 49.66
CA ASN D 111 38.43 -3.00 49.32
C ASN D 111 38.81 -2.17 50.58
N ASP D 112 38.89 -2.85 51.72
CA ASP D 112 39.26 -2.42 53.06
C ASP D 112 39.82 -3.70 53.72
N GLY D 113 40.89 -3.58 54.50
CA GLY D 113 41.47 -4.77 55.12
C GLY D 113 40.53 -5.63 55.98
N LYS D 114 39.31 -5.13 56.30
CA LYS D 114 38.36 -5.76 57.21
C LYS D 114 37.34 -6.74 56.60
N GLU D 115 36.50 -6.30 55.65
CA GLU D 115 35.39 -7.13 55.14
C GLU D 115 35.64 -7.83 53.81
N TYR D 116 35.72 -9.18 53.81
CA TYR D 116 35.94 -9.97 52.61
C TYR D 116 34.67 -10.62 52.13
N ASN D 117 34.35 -10.54 50.83
CA ASN D 117 33.16 -11.23 50.30
C ASN D 117 33.61 -12.35 49.39
N ASN D 118 32.95 -13.52 49.48
CA ASN D 118 33.42 -14.68 48.75
C ASN D 118 32.41 -15.38 47.90
N ALA D 119 32.92 -16.21 47.00
CA ALA D 119 32.17 -17.08 46.11
C ALA D 119 33.14 -18.04 45.46
N GLU D 120 32.67 -19.24 45.16
CA GLU D 120 33.47 -20.30 44.59
C GLU D 120 33.53 -20.20 43.07
N ILE D 121 34.72 -20.32 42.51
CA ILE D 121 34.93 -20.29 41.07
C ILE D 121 35.59 -21.59 40.58
N THR D 122 35.44 -21.87 39.28
CA THR D 122 36.05 -23.07 38.70
C THR D 122 36.76 -22.72 37.41
N ILE D 123 38.03 -23.15 37.28
CA ILE D 123 38.84 -22.95 36.07
C ILE D 123 38.81 -24.25 35.30
N SER D 124 37.95 -24.32 34.27
CA SER D 124 37.78 -25.53 33.48
C SER D 124 38.92 -25.78 32.52
N ASP D 125 39.35 -27.05 32.43
CA ASP D 125 40.44 -27.55 31.59
C ASP D 125 41.66 -26.66 31.74
N TYR D 126 41.96 -26.28 32.99
CA TYR D 126 43.04 -25.36 33.29
C TYR D 126 44.39 -25.88 32.79
N ILE D 127 45.22 -24.96 32.32
CA ILE D 127 46.53 -25.27 31.73
C ILE D 127 47.59 -25.85 32.64
N LEU D 128 47.43 -25.69 33.94
CA LEU D 128 48.44 -26.21 34.88
C LEU D 128 48.19 -27.63 35.36
N LYS D 129 47.69 -28.49 34.47
CA LYS D 129 47.48 -29.89 34.79
C LYS D 129 48.83 -30.63 34.95
N ASP D 130 49.06 -31.14 36.15
CA ASP D 130 50.28 -31.87 36.54
C ASP D 130 51.52 -30.94 36.71
N LYS D 131 51.27 -29.62 36.94
CA LYS D 131 52.32 -28.66 37.30
C LYS D 131 52.24 -28.51 38.82
N LEU D 132 53.39 -28.24 39.45
CA LEU D 132 53.44 -28.07 40.90
C LEU D 132 53.17 -26.60 41.25
N LEU D 133 52.25 -26.34 42.19
CA LEU D 133 51.95 -24.98 42.62
C LEU D 133 52.32 -24.76 44.08
N SER D 134 52.53 -23.50 44.47
CA SER D 134 52.82 -23.17 45.86
C SER D 134 52.24 -21.81 46.17
N SER D 135 51.77 -21.61 47.40
CA SER D 135 51.16 -20.37 47.84
C SER D 135 52.12 -19.18 47.78
N TYR D 136 51.60 -17.99 47.42
CA TYR D 136 52.37 -16.74 47.40
C TYR D 136 51.48 -15.51 47.28
N VAL D 137 52.05 -14.34 47.59
CA VAL D 137 51.42 -13.03 47.45
C VAL D 137 52.01 -12.37 46.20
N SER D 138 51.20 -11.64 45.44
CA SER D 138 51.67 -11.00 44.24
C SER D 138 50.91 -9.70 43.93
N LEU D 139 51.23 -9.04 42.83
CA LEU D 139 50.56 -7.83 42.41
C LEU D 139 50.28 -7.92 40.92
N PRO D 140 49.36 -7.10 40.38
CA PRO D 140 49.08 -7.17 38.93
C PRO D 140 50.29 -6.86 38.05
N LEU D 141 50.43 -7.57 36.93
CA LEU D 141 51.52 -7.36 35.99
C LEU D 141 50.95 -6.72 34.74
N LYS D 142 51.41 -5.50 34.40
CA LYS D 142 50.91 -4.86 33.19
C LYS D 142 51.63 -5.44 31.99
N ILE D 143 50.88 -5.94 31.01
CA ILE D 143 51.41 -6.50 29.78
C ILE D 143 50.61 -5.87 28.65
N GLU D 144 51.21 -4.89 27.97
CA GLU D 144 50.54 -4.21 26.87
C GLU D 144 49.25 -3.50 27.31
N ASN D 145 49.32 -2.68 28.37
CA ASN D 145 48.21 -1.85 28.85
C ASN D 145 46.99 -2.66 29.30
N ARG D 146 47.28 -3.80 29.92
CA ARG D 146 46.32 -4.71 30.51
C ARG D 146 46.97 -5.34 31.71
N GLU D 147 46.25 -5.40 32.82
CA GLU D 147 46.79 -5.93 34.06
C GLU D 147 46.36 -7.38 34.25
N TYR D 148 47.29 -8.23 34.65
CA TYR D 148 47.03 -9.63 34.85
C TYR D 148 47.48 -10.10 36.21
N PHE D 149 46.74 -11.04 36.79
CA PHE D 149 47.12 -11.75 38.00
C PHE D 149 47.65 -13.08 37.52
N LEU D 150 48.77 -13.57 38.08
CA LEU D 150 49.37 -14.79 37.57
C LEU D 150 49.34 -15.94 38.54
N ILE D 151 49.01 -17.13 38.06
CA ILE D 151 49.12 -18.35 38.83
C ILE D 151 50.13 -19.18 38.02
N CYS D 152 51.30 -19.42 38.61
CA CYS D 152 52.38 -20.09 37.94
C CYS D 152 52.75 -21.40 38.53
N GLY D 153 53.15 -22.32 37.67
CA GLY D 153 53.51 -23.67 38.05
C GLY D 153 54.77 -24.14 37.37
N VAL D 154 55.37 -25.16 37.96
CA VAL D 154 56.61 -25.69 37.46
C VAL D 154 56.55 -27.19 37.27
N SER D 155 57.37 -27.71 36.34
CA SER D 155 57.52 -29.14 36.07
C SER D 155 58.15 -29.72 37.31
N PRO D 156 57.46 -30.64 38.01
CA PRO D 156 58.03 -31.21 39.25
C PRO D 156 59.50 -31.65 39.09
N TYR D 157 59.76 -32.38 38.00
CA TYR D 157 61.08 -32.86 37.57
C TYR D 157 61.03 -33.11 36.06
N LYS D 158 62.20 -33.13 35.41
CA LYS D 158 62.25 -33.41 33.97
C LYS D 158 63.39 -34.34 33.65
N PHE D 159 63.12 -35.40 32.89
CA PHE D 159 64.16 -36.35 32.52
C PHE D 159 64.60 -36.17 31.06
N LYS D 160 63.67 -35.80 30.17
CA LYS D 160 64.01 -35.60 28.76
C LYS D 160 63.80 -34.15 28.30
N ASP D 161 64.81 -33.60 27.58
CA ASP D 161 64.77 -32.24 27.04
C ASP D 161 63.77 -32.09 25.87
N ASP D 162 62.62 -31.47 26.17
CA ASP D 162 61.57 -31.27 25.19
C ASP D 162 61.61 -29.86 24.55
N ASN D 163 61.36 -28.83 25.39
CA ASN D 163 61.28 -27.43 24.98
C ASN D 163 61.59 -26.52 26.18
N LYS D 164 62.05 -25.31 25.88
CA LYS D 164 62.31 -24.32 26.91
C LYS D 164 61.02 -23.62 27.41
N LYS D 165 59.95 -23.67 26.62
CA LYS D 165 58.68 -23.02 27.02
C LYS D 165 57.74 -23.86 27.88
N ASP D 166 57.92 -25.17 27.86
CA ASP D 166 57.10 -26.12 28.62
C ASP D 166 57.35 -26.25 30.14
N ASP D 167 58.54 -25.85 30.65
CA ASP D 167 58.96 -26.06 32.04
C ASP D 167 58.27 -25.17 33.06
N ILE D 168 58.23 -23.86 32.82
CA ILE D 168 57.48 -22.97 33.70
C ILE D 168 56.27 -22.50 32.91
N LEU D 169 55.12 -22.43 33.56
CA LEU D 169 53.90 -22.05 32.86
C LEU D 169 53.00 -21.22 33.74
N CYS D 170 52.39 -20.16 33.17
CA CYS D 170 51.49 -19.33 33.94
C CYS D 170 50.17 -19.21 33.28
N MET D 171 49.16 -19.29 34.08
CA MET D 171 47.74 -19.14 33.80
C MET D 171 47.43 -17.74 34.37
N ALA D 172 46.87 -16.83 33.55
CA ALA D 172 46.68 -15.46 33.98
C ALA D 172 45.28 -14.95 33.80
N SER D 173 44.92 -13.90 34.57
CA SER D 173 43.58 -13.36 34.55
C SER D 173 43.61 -11.85 34.48
N HIS D 174 42.79 -11.26 33.64
CA HIS D 174 42.69 -9.80 33.57
C HIS D 174 41.37 -9.24 34.06
N ASP D 175 40.51 -10.09 34.59
CA ASP D 175 39.21 -9.74 35.11
C ASP D 175 39.12 -9.98 36.62
N LYS D 176 40.19 -9.60 37.32
CA LYS D 176 40.32 -9.68 38.76
C LYS D 176 40.20 -11.08 39.33
N GLY D 177 40.63 -12.08 38.59
CA GLY D 177 40.62 -13.44 39.10
C GLY D 177 39.32 -14.18 38.97
N GLU D 178 38.39 -13.68 38.16
CA GLU D 178 37.15 -14.40 37.95
C GLU D 178 37.35 -15.51 36.92
N THR D 179 38.06 -15.20 35.84
CA THR D 179 38.38 -16.12 34.76
C THR D 179 39.90 -16.20 34.57
N TRP D 180 40.41 -17.43 34.37
CA TRP D 180 41.83 -17.63 34.15
C TRP D 180 42.10 -18.27 32.78
N GLY D 181 41.60 -17.64 31.74
CA GLY D 181 41.75 -18.16 30.39
C GLY D 181 43.01 -17.77 29.67
N THR D 182 43.74 -16.77 30.17
CA THR D 182 44.95 -16.30 29.51
C THR D 182 46.13 -17.22 29.81
N LYS D 183 47.00 -17.45 28.83
CA LYS D 183 48.18 -18.29 29.02
C LYS D 183 49.45 -17.48 28.73
N ILE D 184 50.32 -17.37 29.73
CA ILE D 184 51.60 -16.69 29.59
C ILE D 184 52.66 -17.75 29.42
N VAL D 185 53.43 -17.66 28.33
CA VAL D 185 54.50 -18.58 27.97
C VAL D 185 55.82 -18.13 28.54
N ILE D 186 56.52 -19.03 29.24
CA ILE D 186 57.81 -18.71 29.83
C ILE D 186 58.87 -19.62 29.22
N LYS D 187 59.75 -19.06 28.41
CA LYS D 187 60.84 -19.84 27.82
C LYS D 187 62.06 -19.72 28.71
N TYR D 188 62.29 -20.73 29.56
CA TYR D 188 63.46 -20.77 30.43
C TYR D 188 64.28 -21.95 29.94
N ASP D 189 65.28 -21.65 29.11
CA ASP D 189 66.18 -22.59 28.45
C ASP D 189 67.21 -23.24 29.35
N ASN D 190 67.61 -22.57 30.43
CA ASN D 190 68.61 -23.09 31.36
C ASN D 190 68.00 -24.08 32.39
N TYR D 191 66.78 -24.58 32.13
CA TYR D 191 66.14 -25.57 33.00
C TYR D 191 66.95 -26.86 32.89
N LYS D 192 67.30 -27.46 34.04
CA LYS D 192 68.13 -28.63 34.07
C LYS D 192 67.39 -29.94 34.33
N LEU D 193 67.79 -30.99 33.61
CA LEU D 193 67.23 -32.32 33.77
C LEU D 193 67.86 -32.96 35.02
N GLY D 194 67.07 -33.78 35.71
CA GLY D 194 67.55 -34.51 36.88
C GLY D 194 67.57 -33.73 38.17
N VAL D 195 66.71 -32.71 38.27
CA VAL D 195 66.59 -31.90 39.48
C VAL D 195 65.13 -31.51 39.70
N GLN D 196 64.74 -31.35 40.97
CA GLN D 196 63.37 -30.96 41.27
C GLN D 196 63.29 -29.52 41.70
N TYR D 197 62.44 -28.76 41.03
CA TYR D 197 62.19 -27.35 41.31
C TYR D 197 61.14 -27.29 42.39
N PHE D 198 61.29 -26.37 43.39
CA PHE D 198 60.44 -26.46 44.56
C PHE D 198 59.39 -25.35 44.87
N PHE D 199 59.75 -24.10 45.17
CA PHE D 199 58.76 -23.13 45.63
C PHE D 199 58.73 -21.96 44.71
N LEU D 200 58.34 -22.20 43.45
CA LEU D 200 58.32 -21.13 42.47
C LEU D 200 57.32 -20.04 42.84
N ARG D 201 57.74 -18.79 42.68
CA ARG D 201 56.89 -17.65 42.89
C ARG D 201 57.38 -16.50 42.04
N PRO D 202 56.47 -15.78 41.38
CA PRO D 202 56.90 -14.67 40.54
C PRO D 202 57.14 -13.42 41.34
N TYR D 203 58.25 -12.77 41.04
CA TYR D 203 58.57 -11.50 41.64
C TYR D 203 58.27 -10.46 40.54
N ILE D 204 57.30 -9.58 40.78
CA ILE D 204 56.89 -8.57 39.80
C ILE D 204 57.19 -7.18 40.30
N SER D 205 57.73 -6.33 39.44
CA SER D 205 58.03 -4.97 39.81
C SER D 205 57.94 -4.12 38.58
N LYS D 206 56.91 -3.24 38.54
CA LYS D 206 56.64 -2.29 37.46
C LYS D 206 56.83 -2.90 36.07
N ASN D 207 55.88 -3.76 35.64
CA ASN D 207 55.86 -4.43 34.33
C ASN D 207 56.97 -5.42 34.06
N ASP D 208 57.89 -5.61 35.01
CA ASP D 208 58.99 -6.54 34.80
C ASP D 208 58.69 -7.80 35.57
N LEU D 209 58.83 -8.93 34.91
CA LEU D 209 58.53 -10.23 35.51
C LEU D 209 59.81 -11.01 35.75
N SER D 210 59.89 -11.63 36.92
CA SER D 210 61.01 -12.45 37.34
C SER D 210 60.51 -13.61 38.20
N PHE D 211 61.36 -14.61 38.47
CA PHE D 211 60.95 -15.76 39.27
C PHE D 211 61.98 -16.12 40.27
N HIS D 212 61.52 -16.48 41.46
CA HIS D 212 62.36 -16.91 42.55
C HIS D 212 61.90 -18.32 42.89
N PHE D 213 62.82 -19.27 42.93
CA PHE D 213 62.47 -20.66 43.20
C PHE D 213 63.66 -21.45 43.76
N TYR D 214 63.43 -22.70 44.16
CA TYR D 214 64.49 -23.54 44.68
C TYR D 214 64.78 -24.70 43.75
N VAL D 215 66.01 -25.22 43.80
CA VAL D 215 66.42 -26.39 43.05
C VAL D 215 67.06 -27.39 44.04
N GLY D 216 66.62 -28.64 43.97
CA GLY D 216 67.05 -29.69 44.89
C GLY D 216 68.26 -30.49 44.45
N ASP D 217 69.45 -30.08 44.95
CA ASP D 217 70.78 -30.65 44.71
C ASP D 217 70.84 -32.17 44.77
N ASN D 218 71.69 -32.77 43.94
CA ASN D 218 71.84 -34.23 43.92
C ASN D 218 73.12 -34.73 44.61
N ILE D 219 74.04 -33.81 45.01
CA ILE D 219 75.26 -34.24 45.73
C ILE D 219 74.94 -34.17 47.23
N ASN D 220 74.43 -33.02 47.66
CA ASN D 220 73.91 -32.77 48.98
C ASN D 220 72.39 -32.80 48.80
N ASN D 221 71.62 -32.74 49.90
CA ASN D 221 70.17 -32.70 49.77
C ASN D 221 69.59 -31.30 50.08
N VAL D 222 70.46 -30.27 50.05
CA VAL D 222 70.09 -28.88 50.31
C VAL D 222 69.49 -28.24 49.08
N LYS D 223 68.39 -27.53 49.28
CA LYS D 223 67.74 -26.79 48.22
C LYS D 223 68.53 -25.50 48.02
N ASN D 224 68.51 -24.99 46.79
CA ASN D 224 69.25 -23.79 46.46
C ASN D 224 68.40 -22.78 45.76
N VAL D 225 68.46 -21.51 46.20
CA VAL D 225 67.70 -20.46 45.57
C VAL D 225 68.27 -20.15 44.18
N ASN D 226 67.36 -19.95 43.23
CA ASN D 226 67.64 -19.53 41.88
C ASN D 226 66.69 -18.38 41.56
N PHE D 227 67.19 -17.39 40.85
CA PHE D 227 66.38 -16.24 40.49
C PHE D 227 66.60 -15.95 39.01
N ILE D 228 65.51 -15.91 38.22
CA ILE D 228 65.64 -15.65 36.79
C ILE D 228 64.90 -14.38 36.42
N GLU D 229 65.48 -13.59 35.51
CA GLU D 229 64.87 -12.37 34.99
C GLU D 229 64.27 -12.67 33.63
N CYS D 230 63.12 -12.06 33.32
CA CYS D 230 62.47 -12.27 32.04
C CYS D 230 62.30 -10.98 31.29
N THR D 231 62.53 -11.03 30.00
CA THR D 231 62.28 -9.90 29.13
C THR D 231 61.06 -10.26 28.29
N HIS D 232 60.22 -9.27 28.02
CA HIS D 232 59.01 -9.46 27.24
C HIS D 232 59.33 -9.33 25.79
N GLU D 233 58.98 -10.35 25.01
CA GLU D 233 59.24 -10.29 23.58
C GLU D 233 57.93 -10.18 22.81
N LYS D 234 57.17 -11.29 22.70
CA LYS D 234 55.90 -11.22 22.01
C LYS D 234 54.76 -11.07 22.99
N ASP D 235 53.57 -10.84 22.45
CA ASP D 235 52.27 -10.62 23.07
C ASP D 235 52.11 -11.24 24.50
N LEU D 236 52.19 -12.57 24.68
CA LEU D 236 52.14 -13.17 26.02
C LEU D 236 53.33 -14.09 26.31
N GLU D 237 54.45 -13.90 25.59
CA GLU D 237 55.62 -14.74 25.70
C GLU D 237 56.77 -13.98 26.30
N PHE D 238 57.36 -14.55 27.36
CA PHE D 238 58.55 -13.99 28.02
C PHE D 238 59.73 -14.94 27.87
N VAL D 239 60.94 -14.38 27.82
CA VAL D 239 62.14 -15.20 27.73
C VAL D 239 62.99 -14.91 28.95
N CYS D 240 63.22 -15.93 29.78
CA CYS D 240 63.95 -15.76 31.02
C CYS D 240 65.39 -16.25 30.97
N SER D 241 66.18 -15.81 31.94
CA SER D 241 67.59 -16.15 32.05
C SER D 241 68.01 -16.03 33.50
N ASN D 242 68.85 -16.96 33.95
CA ASN D 242 69.32 -16.95 35.33
C ASN D 242 70.11 -15.69 35.67
N ARG D 243 69.94 -15.19 36.87
CA ARG D 243 70.68 -14.03 37.35
C ARG D 243 71.65 -14.53 38.42
N ASP D 244 72.96 -14.32 38.20
CA ASP D 244 73.98 -14.75 39.15
C ASP D 244 74.00 -13.85 40.39
N PHE D 245 73.68 -14.42 41.55
CA PHE D 245 73.82 -13.72 42.82
C PHE D 245 74.82 -14.42 43.75
N LEU D 246 75.57 -15.40 43.25
CA LEU D 246 76.50 -16.16 44.04
C LEU D 246 77.49 -15.30 44.79
N LYS D 247 77.75 -15.67 46.03
CA LYS D 247 78.64 -14.96 46.91
C LYS D 247 79.31 -16.01 47.76
N ASP D 248 80.64 -16.05 47.71
CA ASP D 248 81.41 -17.04 48.45
C ASP D 248 81.10 -17.05 49.95
N ASN D 249 81.04 -18.27 50.52
CA ASN D 249 80.80 -18.52 51.94
C ASN D 249 79.51 -17.92 52.49
N LYS D 250 78.54 -17.63 51.61
CA LYS D 250 77.24 -17.11 51.97
C LYS D 250 76.22 -17.81 51.07
N VAL D 251 75.05 -18.14 51.63
CA VAL D 251 74.00 -18.80 50.88
C VAL D 251 72.90 -17.82 50.49
N LEU D 252 72.53 -17.82 49.20
CA LEU D 252 71.51 -16.93 48.70
C LEU D 252 70.17 -17.21 49.34
N GLN D 253 69.50 -16.18 49.86
CA GLN D 253 68.24 -16.36 50.53
C GLN D 253 67.05 -15.69 49.80
N ASP D 254 66.77 -14.40 50.04
CA ASP D 254 65.67 -13.72 49.34
C ASP D 254 66.16 -12.60 48.44
N VAL D 255 65.35 -12.21 47.45
CA VAL D 255 65.64 -11.17 46.48
C VAL D 255 64.46 -10.21 46.35
N SER D 256 64.76 -8.93 46.31
CA SER D 256 63.77 -7.90 46.08
C SER D 256 64.45 -6.72 45.37
N THR D 257 63.72 -5.64 45.09
CA THR D 257 64.30 -4.48 44.43
C THR D 257 63.85 -3.22 45.11
N LEU D 258 64.73 -2.25 45.21
CA LEU D 258 64.45 -0.94 45.75
C LEU D 258 65.22 0.03 44.87
N ASN D 259 64.56 1.04 44.28
CA ASN D 259 65.25 2.06 43.45
C ASN D 259 65.62 1.49 42.06
N ASP D 260 64.99 0.39 41.61
CA ASP D 260 65.41 -0.25 40.35
C ASP D 260 66.83 -0.88 40.50
N GLU D 261 67.18 -1.31 41.71
CA GLU D 261 68.43 -1.98 42.06
C GLU D 261 68.05 -3.14 42.96
N TYR D 262 68.79 -4.25 42.87
CA TYR D 262 68.45 -5.42 43.69
C TYR D 262 68.88 -5.27 45.12
N ILE D 263 68.05 -5.77 46.01
CA ILE D 263 68.34 -5.89 47.43
C ILE D 263 68.30 -7.39 47.68
N VAL D 264 69.41 -7.95 48.16
CA VAL D 264 69.54 -9.39 48.31
C VAL D 264 69.93 -9.82 49.71
N SER D 265 69.26 -10.87 50.22
CA SER D 265 69.56 -11.40 51.54
C SER D 265 70.33 -12.70 51.46
N TYR D 266 71.23 -12.89 52.41
CA TYR D 266 72.08 -14.07 52.44
C TYR D 266 72.29 -14.54 53.85
N GLY D 267 72.45 -15.84 54.01
CA GLY D 267 72.78 -16.42 55.30
C GLY D 267 74.26 -16.71 55.35
N ASN D 268 74.87 -16.70 56.54
CA ASN D 268 76.30 -17.00 56.71
C ASN D 268 76.61 -18.45 56.22
N ASP D 269 75.67 -19.37 56.49
CA ASP D 269 75.64 -20.78 56.08
C ASP D 269 74.16 -21.25 56.03
N ASN D 270 73.92 -22.55 55.82
CA ASN D 270 72.57 -23.12 55.80
C ASN D 270 71.86 -23.15 57.18
N ASN D 271 72.54 -22.73 58.25
CA ASN D 271 71.94 -22.67 59.58
C ASN D 271 71.38 -21.28 59.93
N PHE D 272 71.79 -20.24 59.15
CA PHE D 272 71.30 -18.88 59.27
C PHE D 272 71.51 -18.28 60.62
N ALA D 273 72.70 -18.49 61.18
CA ALA D 273 73.11 -17.87 62.43
C ALA D 273 73.11 -16.32 62.26
N GLU D 274 73.46 -15.84 61.05
CA GLU D 274 73.50 -14.44 60.65
C GLU D 274 72.85 -14.28 59.27
N CYS D 275 72.48 -13.04 58.94
CA CYS D 275 71.96 -12.69 57.64
C CYS D 275 72.55 -11.38 57.20
N TYR D 276 73.03 -11.30 55.97
CA TYR D 276 73.59 -10.08 55.42
C TYR D 276 72.62 -9.56 54.37
N ILE D 277 72.47 -8.24 54.26
CA ILE D 277 71.62 -7.66 53.23
C ILE D 277 72.46 -6.78 52.35
N PHE D 278 72.45 -7.02 51.04
CA PHE D 278 73.25 -6.23 50.12
C PHE D 278 72.40 -5.38 49.23
N PHE D 279 72.76 -4.11 49.10
CA PHE D 279 72.05 -3.12 48.29
C PHE D 279 72.89 -2.88 47.06
N ASN D 280 72.36 -3.25 45.90
CA ASN D 280 73.04 -3.12 44.61
C ASN D 280 74.44 -3.76 44.62
N ASN D 281 74.62 -4.81 45.44
CA ASN D 281 75.91 -5.48 45.60
C ASN D 281 77.02 -4.50 45.99
N GLU D 282 76.67 -3.38 46.61
CA GLU D 282 77.63 -2.35 46.96
C GLU D 282 77.69 -2.07 48.43
N ASN D 283 76.54 -2.00 49.09
CA ASN D 283 76.51 -1.72 50.52
C ASN D 283 75.84 -2.86 51.25
N SER D 284 76.22 -3.11 52.50
CA SER D 284 75.64 -4.22 53.22
C SER D 284 75.40 -3.95 54.66
N ILE D 285 74.40 -4.60 55.20
CA ILE D 285 74.08 -4.51 56.61
C ILE D 285 74.04 -5.91 57.20
N LEU D 286 74.50 -6.04 58.45
CA LEU D 286 74.51 -7.34 59.11
C LEU D 286 73.36 -7.43 60.08
N ILE D 287 72.66 -8.56 60.05
CA ILE D 287 71.56 -8.86 60.94
C ILE D 287 71.95 -10.04 61.83
N LYS D 288 72.15 -9.74 63.10
CA LYS D 288 72.48 -10.70 64.15
C LYS D 288 71.21 -10.75 64.99
N PRO D 289 70.49 -11.86 64.90
CA PRO D 289 69.21 -12.01 65.63
C PRO D 289 69.33 -12.23 67.13
N GLU D 290 70.53 -12.13 67.69
CA GLU D 290 70.74 -12.34 69.14
C GLU D 290 69.97 -11.49 70.16
N LYS D 291 69.41 -10.35 69.74
CA LYS D 291 68.68 -9.45 70.64
C LYS D 291 67.80 -10.19 71.67
N ALA D 296 70.24 -19.58 70.12
CA ALA D 296 69.02 -20.34 69.83
C ALA D 296 68.20 -19.76 68.67
N ALA D 297 68.45 -18.48 68.31
CA ALA D 297 67.68 -17.84 67.24
C ALA D 297 68.49 -17.53 65.99
N GLY D 298 67.87 -17.78 64.84
CA GLY D 298 68.44 -17.54 63.52
C GLY D 298 67.51 -16.74 62.63
N CYS D 299 67.85 -16.62 61.35
CA CYS D 299 67.02 -15.91 60.40
C CYS D 299 66.59 -16.77 59.23
N TYR D 300 66.32 -18.05 59.50
CA TYR D 300 65.83 -19.00 58.52
C TYR D 300 64.41 -18.55 58.16
N GLY D 301 64.14 -18.45 56.87
CA GLY D 301 62.83 -18.00 56.41
C GLY D 301 62.65 -16.50 56.34
N GLY D 302 63.75 -15.75 56.46
CA GLY D 302 63.73 -14.30 56.33
C GLY D 302 63.32 -13.92 54.92
N THR D 303 62.39 -13.00 54.79
CA THR D 303 61.88 -12.58 53.50
C THR D 303 61.70 -11.06 53.46
N PHE D 304 61.69 -10.51 52.25
CA PHE D 304 61.41 -9.11 52.05
C PHE D 304 59.93 -8.93 51.78
N VAL D 305 59.39 -7.83 52.29
CA VAL D 305 58.00 -7.42 52.08
C VAL D 305 58.13 -5.97 51.64
N LYS D 306 58.00 -5.69 50.33
CA LYS D 306 58.20 -4.34 49.83
C LYS D 306 57.04 -3.41 50.19
N ILE D 307 57.37 -2.15 50.50
CA ILE D 307 56.39 -1.12 50.85
C ILE D 307 56.24 -0.14 49.71
N ASP D 308 57.35 0.30 49.15
CA ASP D 308 57.46 1.18 48.01
C ASP D 308 58.91 1.14 47.47
N GLU D 309 59.29 2.06 46.55
CA GLU D 309 60.63 2.02 45.97
C GLU D 309 61.74 2.44 46.92
N ASN D 310 61.45 2.84 48.15
CA ASN D 310 62.48 3.19 49.12
C ASN D 310 62.40 2.42 50.41
N ARG D 311 61.25 1.79 50.70
CA ARG D 311 61.08 1.07 51.96
C ARG D 311 60.72 -0.37 51.76
N ALA D 312 61.26 -1.22 52.61
CA ALA D 312 60.92 -2.64 52.60
C ALA D 312 61.16 -3.22 53.97
N LEU D 313 60.44 -4.26 54.32
CA LEU D 313 60.66 -4.96 55.59
C LEU D 313 61.41 -6.23 55.32
N PHE D 314 62.18 -6.69 56.28
CA PHE D 314 62.84 -7.97 56.22
C PHE D 314 62.39 -8.68 57.48
N ILE D 315 61.50 -9.66 57.34
CA ILE D 315 60.91 -10.29 58.49
C ILE D 315 61.21 -11.79 58.55
N TYR D 316 61.43 -12.31 59.75
CA TYR D 316 61.70 -13.73 60.02
C TYR D 316 61.21 -14.08 61.40
N SER D 317 60.88 -15.37 61.62
CA SER D 317 60.45 -15.81 62.93
C SER D 317 61.57 -16.58 63.60
N SER D 318 62.36 -15.87 64.43
CA SER D 318 63.51 -16.44 65.14
C SER D 318 63.10 -17.62 66.04
N SER D 319 61.93 -17.49 66.68
CA SER D 319 61.41 -18.49 67.57
C SER D 319 59.90 -18.69 67.34
N GLN D 320 59.29 -19.52 68.16
CA GLN D 320 57.88 -19.84 68.06
C GLN D 320 57.05 -18.69 68.61
N GLY D 321 56.35 -17.99 67.71
CA GLY D 321 55.50 -16.88 68.09
C GLY D 321 56.14 -15.51 67.98
N ILE D 322 57.48 -15.44 67.97
CA ILE D 322 58.17 -14.15 67.89
C ILE D 322 58.56 -13.85 66.45
N TYR D 323 58.18 -12.63 66.00
CA TYR D 323 58.42 -12.12 64.65
C TYR D 323 59.38 -10.95 64.74
N ASN D 324 60.54 -11.08 64.08
CA ASN D 324 61.52 -10.01 64.05
C ASN D 324 61.34 -9.23 62.75
N ILE D 325 61.03 -7.95 62.87
CA ILE D 325 60.79 -7.11 61.70
C ILE D 325 61.79 -5.98 61.57
N HIS D 326 62.53 -6.02 60.48
CA HIS D 326 63.52 -5.00 60.18
C HIS D 326 62.97 -4.07 59.15
N THR D 327 62.70 -2.83 59.53
CA THR D 327 62.21 -1.84 58.60
C THR D 327 63.41 -1.24 57.92
N ILE D 328 63.45 -1.21 56.60
CA ILE D 328 64.59 -0.72 55.84
C ILE D 328 64.24 0.43 54.91
N TYR D 329 65.06 1.47 54.91
CA TYR D 329 64.93 2.59 54.00
C TYR D 329 66.24 2.67 53.25
N TYR D 330 66.16 2.77 51.92
CA TYR D 330 67.34 2.86 51.10
C TYR D 330 67.11 3.83 49.95
N ALA D 331 68.05 4.73 49.70
CA ALA D 331 67.92 5.67 48.60
C ALA D 331 69.28 5.98 48.04
N ASN D 332 69.41 5.88 46.73
CA ASN D 332 70.66 6.16 46.07
C ASN D 332 70.39 7.25 45.03
N TYR D 333 71.06 8.42 45.13
CA TYR D 333 70.82 9.49 44.17
C TYR D 333 71.94 10.56 44.11
N ALA E 1 32.34 9.96 27.12
CA ALA E 1 31.33 9.04 27.67
C ALA E 1 30.71 8.08 26.60
N VAL E 2 30.36 6.86 27.05
CA VAL E 2 29.83 5.86 26.12
C VAL E 2 28.36 6.09 25.73
N THR E 3 27.90 5.32 24.77
CA THR E 3 26.53 5.35 24.34
C THR E 3 26.18 3.91 24.09
N LEU E 4 25.15 3.44 24.80
CA LEU E 4 24.69 2.06 24.66
C LEU E 4 23.35 2.12 23.95
N ASP E 5 23.24 1.43 22.82
CA ASP E 5 22.01 1.45 22.06
C ASP E 5 21.56 0.02 21.88
N GLU E 6 20.50 -0.35 22.57
CA GLU E 6 19.95 -1.69 22.50
C GLU E 6 18.96 -1.79 21.36
N SER E 7 18.69 -3.02 20.94
CA SER E 7 17.76 -3.29 19.85
C SER E 7 17.40 -4.76 19.79
N GLY E 8 16.40 -5.09 19.00
CA GLY E 8 15.98 -6.47 18.89
C GLY E 8 14.73 -6.84 19.67
N GLY E 9 14.01 -5.84 20.09
CA GLY E 9 12.79 -6.04 20.85
C GLY E 9 11.53 -6.20 20.01
N GLY E 10 10.39 -5.92 20.64
CA GLY E 10 9.09 -5.99 20.01
C GLY E 10 8.24 -7.18 20.41
N LEU E 11 7.26 -7.50 19.57
CA LEU E 11 6.37 -8.61 19.82
C LEU E 11 7.07 -9.91 19.48
N GLN E 12 7.01 -10.90 20.38
CA GLN E 12 7.62 -12.22 20.20
C GLN E 12 6.61 -13.31 20.57
N THR E 13 6.64 -14.45 19.87
CA THR E 13 5.69 -15.53 20.17
C THR E 13 6.17 -16.38 21.35
N PRO E 14 5.23 -16.77 22.24
CA PRO E 14 5.61 -17.61 23.39
C PRO E 14 6.22 -18.94 22.92
N GLY E 15 7.30 -19.33 23.56
CA GLY E 15 8.05 -20.51 23.15
C GLY E 15 9.17 -20.19 22.18
N GLY E 16 9.10 -19.02 21.53
CA GLY E 16 10.10 -18.57 20.56
C GLY E 16 11.39 -18.09 21.18
N ALA E 17 12.26 -17.50 20.37
CA ALA E 17 13.54 -16.99 20.83
C ALA E 17 13.68 -15.51 20.57
N LEU E 18 14.43 -14.85 21.42
CA LEU E 18 14.67 -13.43 21.38
C LEU E 18 16.15 -13.20 21.15
N SER E 19 16.47 -12.20 20.33
CA SER E 19 17.85 -11.87 20.05
C SER E 19 17.99 -10.35 20.19
N LEU E 20 18.59 -9.91 21.28
CA LEU E 20 18.82 -8.48 21.51
C LEU E 20 20.26 -8.15 21.15
N VAL E 21 20.48 -6.95 20.60
CA VAL E 21 21.83 -6.55 20.22
C VAL E 21 22.10 -5.10 20.63
N CYS E 22 23.11 -4.89 21.44
CA CYS E 22 23.46 -3.59 21.97
C CYS E 22 24.74 -3.07 21.32
N LYS E 23 24.64 -2.00 20.55
CA LYS E 23 25.78 -1.44 19.85
C LYS E 23 26.31 -0.24 20.64
N GLY E 24 27.52 -0.40 21.15
CA GLY E 24 28.20 0.60 21.94
C GLY E 24 28.97 1.58 21.10
N SER E 25 29.12 2.80 21.60
CA SER E 25 29.81 3.87 20.88
C SER E 25 30.61 4.67 21.89
N GLY E 26 31.73 5.21 21.47
CA GLY E 26 32.55 6.04 22.34
C GLY E 26 33.32 5.29 23.41
N PHE E 27 33.54 3.98 23.19
CA PHE E 27 34.26 3.18 24.13
C PHE E 27 35.76 3.33 23.92
N PHE E 28 36.54 3.14 24.97
CA PHE E 28 37.99 3.13 24.90
C PHE E 28 38.33 1.87 25.63
N SER E 29 38.74 0.85 24.88
CA SER E 29 39.01 -0.49 25.37
C SER E 29 37.73 -1.14 25.85
N PHE E 30 36.75 -1.31 24.94
CA PHE E 30 35.47 -1.98 25.24
C PHE E 30 35.71 -3.35 25.85
N SER E 31 36.73 -4.05 25.34
CA SER E 31 37.15 -5.36 25.77
C SER E 31 37.40 -5.50 27.26
N SER E 32 37.58 -4.38 27.97
CA SER E 32 37.89 -4.42 29.39
C SER E 32 36.77 -4.00 30.32
N TYR E 33 35.52 -3.94 29.87
CA TYR E 33 34.42 -3.55 30.75
C TYR E 33 33.49 -4.74 30.94
N THR E 34 32.90 -4.89 32.14
CA THR E 34 31.92 -5.93 32.34
C THR E 34 30.63 -5.36 31.75
N MET E 35 29.98 -6.10 30.88
CA MET E 35 28.72 -5.68 30.28
C MET E 35 27.58 -6.50 30.87
N GLN E 36 26.39 -5.93 30.99
CA GLN E 36 25.25 -6.62 31.60
C GLN E 36 23.91 -6.36 30.89
N TRP E 37 22.93 -7.21 31.17
CA TRP E 37 21.57 -7.03 30.72
C TRP E 37 20.71 -6.99 32.00
N VAL E 38 19.82 -6.00 32.09
CA VAL E 38 18.91 -5.82 33.21
C VAL E 38 17.52 -5.65 32.61
N ARG E 39 16.49 -6.30 33.19
CA ARG E 39 15.14 -6.14 32.66
C ARG E 39 14.19 -5.60 33.69
N GLN E 40 13.06 -5.05 33.24
CA GLN E 40 12.06 -4.54 34.16
C GLN E 40 10.67 -4.87 33.69
N ALA E 41 9.99 -5.81 34.37
CA ALA E 41 8.63 -6.19 34.02
C ALA E 41 7.67 -4.98 34.16
N PRO E 42 6.61 -4.88 33.34
CA PRO E 42 5.73 -3.70 33.42
C PRO E 42 5.17 -3.45 34.81
N GLY E 43 5.51 -2.30 35.37
CA GLY E 43 5.06 -1.91 36.71
C GLY E 43 5.81 -2.59 37.84
N LYS E 44 6.90 -3.31 37.55
CA LYS E 44 7.67 -3.99 38.58
C LYS E 44 9.04 -3.29 38.74
N GLY E 45 9.91 -3.82 39.59
CA GLY E 45 11.23 -3.24 39.78
C GLY E 45 12.25 -3.77 38.78
N LEU E 46 13.49 -3.33 38.93
CA LEU E 46 14.59 -3.80 38.08
C LEU E 46 14.98 -5.23 38.50
N GLU E 47 15.47 -6.02 37.55
CA GLU E 47 15.87 -7.40 37.77
C GLU E 47 17.12 -7.69 36.95
N TRP E 48 18.19 -8.21 37.57
CA TRP E 48 19.40 -8.58 36.84
C TRP E 48 19.19 -9.79 35.95
N VAL E 49 19.68 -9.74 34.71
CA VAL E 49 19.49 -10.83 33.76
C VAL E 49 20.77 -11.64 33.49
N ALA E 50 21.83 -10.98 33.04
CA ALA E 50 23.08 -11.67 32.73
C ALA E 50 24.26 -10.70 32.81
N SER E 51 25.47 -11.25 32.98
CA SER E 51 26.67 -10.44 33.05
C SER E 51 27.82 -11.15 32.32
N ILE E 52 28.66 -10.40 31.58
CA ILE E 52 29.82 -10.99 30.94
C ILE E 52 31.06 -10.21 31.32
N SER E 53 32.02 -10.86 31.99
CA SER E 53 33.24 -10.18 32.45
C SER E 53 34.18 -9.81 31.30
N SER E 54 35.25 -9.04 31.58
CA SER E 54 36.20 -8.69 30.52
C SER E 54 36.92 -9.91 29.94
N GLY E 55 37.02 -10.97 30.74
CA GLY E 55 37.62 -12.23 30.32
C GLY E 55 36.62 -13.28 29.84
N GLY E 56 35.40 -12.87 29.53
CA GLY E 56 34.39 -13.80 29.04
C GLY E 56 33.54 -14.53 30.07
N GLY E 57 33.75 -14.27 31.36
CA GLY E 57 32.99 -14.90 32.44
C GLY E 57 31.50 -14.57 32.48
N THR E 58 30.68 -15.53 32.04
CA THR E 58 29.24 -15.31 32.04
C THR E 58 28.52 -15.86 33.26
N ASN E 59 27.49 -15.17 33.71
CA ASN E 59 26.66 -15.55 34.84
C ASN E 59 25.23 -15.10 34.53
N TYR E 60 24.25 -15.92 34.95
CA TYR E 60 22.85 -15.60 34.64
C TYR E 60 21.95 -15.62 35.85
N GLY E 61 20.93 -14.76 35.83
CA GLY E 61 19.91 -14.68 36.87
C GLY E 61 19.10 -15.95 36.90
N ALA E 62 18.66 -16.36 38.09
CA ALA E 62 17.91 -17.60 38.24
C ALA E 62 16.71 -17.75 37.30
N ALA E 63 15.96 -16.64 37.07
CA ALA E 63 14.75 -16.64 36.21
C ALA E 63 15.02 -16.91 34.73
N VAL E 64 16.25 -16.71 34.29
CA VAL E 64 16.60 -16.83 32.88
C VAL E 64 17.67 -17.90 32.61
N LYS E 65 18.28 -18.45 33.67
CA LYS E 65 19.37 -19.43 33.57
C LYS E 65 18.90 -20.72 32.89
N GLY E 66 19.72 -21.18 31.97
CA GLY E 66 19.40 -22.36 31.18
C GLY E 66 18.79 -22.01 29.83
N ARG E 67 18.26 -20.77 29.69
CA ARG E 67 17.64 -20.31 28.45
C ARG E 67 18.37 -19.14 27.81
N ALA E 68 19.28 -18.50 28.54
CA ALA E 68 19.98 -17.32 28.05
C ALA E 68 21.44 -17.52 27.72
N THR E 69 21.92 -16.75 26.73
CA THR E 69 23.32 -16.73 26.36
C THR E 69 23.72 -15.29 26.11
N ILE E 70 24.69 -14.78 26.90
CA ILE E 70 25.24 -13.44 26.70
C ILE E 70 26.49 -13.63 25.95
N SER E 71 26.77 -12.74 25.03
CA SER E 71 28.01 -12.77 24.29
C SER E 71 28.42 -11.36 23.93
N ARG E 72 29.70 -11.18 23.59
CA ARG E 72 30.19 -9.88 23.19
C ARG E 72 31.16 -10.00 22.04
N ASP E 73 31.23 -8.96 21.23
CA ASP E 73 32.15 -8.90 20.11
C ASP E 73 32.97 -7.64 20.33
N ASN E 74 34.18 -7.81 20.85
CA ASN E 74 35.00 -6.69 21.25
C ASN E 74 35.42 -5.81 20.09
N GLY E 75 35.62 -6.39 18.91
CA GLY E 75 36.02 -5.63 17.72
C GLY E 75 34.98 -4.62 17.28
N GLN E 76 33.70 -4.96 17.49
CA GLN E 76 32.61 -4.10 17.09
C GLN E 76 31.88 -3.43 18.26
N SER E 77 32.38 -3.57 19.51
CA SER E 77 31.76 -2.97 20.69
C SER E 77 30.29 -3.35 20.84
N THR E 78 29.97 -4.62 20.56
CA THR E 78 28.59 -5.10 20.66
C THR E 78 28.43 -6.14 21.72
N LEU E 79 27.26 -6.14 22.34
CA LEU E 79 26.85 -7.07 23.39
C LEU E 79 25.54 -7.69 22.90
N ARG E 80 25.38 -9.00 23.01
CA ARG E 80 24.15 -9.67 22.56
C ARG E 80 23.52 -10.49 23.64
N LEU E 81 22.20 -10.59 23.63
CA LEU E 81 21.50 -11.47 24.54
C LEU E 81 20.61 -12.36 23.71
N GLN E 82 20.71 -13.67 23.91
CA GLN E 82 19.87 -14.62 23.24
C GLN E 82 19.04 -15.27 24.34
N LEU E 83 17.72 -15.29 24.19
CA LEU E 83 16.83 -15.86 25.20
C LEU E 83 15.76 -16.74 24.53
N ASN E 84 15.85 -18.07 24.72
CA ASN E 84 14.92 -18.98 24.09
C ASN E 84 13.83 -19.52 25.03
N ASN E 85 12.83 -20.21 24.46
CA ASN E 85 11.67 -20.73 25.16
C ASN E 85 10.97 -19.62 25.97
N LEU E 86 10.75 -18.46 25.33
CA LEU E 86 10.14 -17.27 25.90
C LEU E 86 8.81 -17.53 26.58
N ARG E 87 8.57 -16.85 27.69
CA ARG E 87 7.31 -16.97 28.41
C ARG E 87 6.83 -15.60 28.89
N ALA E 88 5.58 -15.48 29.37
CA ALA E 88 5.02 -14.20 29.81
C ALA E 88 5.88 -13.43 30.82
N GLU E 89 6.59 -14.12 31.72
CA GLU E 89 7.47 -13.48 32.71
C GLU E 89 8.69 -12.78 32.03
N ASP E 90 8.99 -13.13 30.78
CA ASP E 90 10.05 -12.48 30.02
C ASP E 90 9.60 -11.14 29.42
N THR E 91 8.33 -10.76 29.52
CA THR E 91 7.86 -9.47 29.01
C THR E 91 8.41 -8.36 29.90
N GLY E 92 8.86 -7.29 29.28
CA GLY E 92 9.41 -6.14 29.99
C GLY E 92 10.38 -5.35 29.15
N THR E 93 11.02 -4.34 29.74
CA THR E 93 12.01 -3.56 29.01
C THR E 93 13.38 -4.05 29.39
N TYR E 94 14.22 -4.31 28.38
CA TYR E 94 15.54 -4.83 28.59
C TYR E 94 16.53 -3.73 28.36
N TYR E 95 17.44 -3.51 29.32
CA TYR E 95 18.48 -2.50 29.26
C TYR E 95 19.84 -3.11 29.21
N CYS E 96 20.64 -2.52 28.37
CA CYS E 96 22.05 -2.78 28.19
C CYS E 96 22.69 -1.98 29.32
N ALA E 97 23.66 -2.55 30.04
CA ALA E 97 24.31 -1.82 31.13
C ALA E 97 25.80 -2.08 31.19
N LYS E 98 26.58 -1.13 31.72
CA LYS E 98 28.03 -1.25 31.75
C LYS E 98 28.55 -0.89 33.13
N HIS E 99 29.57 -1.59 33.60
CA HIS E 99 30.23 -1.26 34.86
C HIS E 99 31.31 -0.20 34.63
N GLY E 100 31.72 0.52 35.67
CA GLY E 100 32.79 1.51 35.56
C GLY E 100 34.11 0.89 35.14
N VAL E 101 35.08 1.70 34.77
CA VAL E 101 36.31 1.12 34.32
C VAL E 101 36.97 0.26 35.34
N ASN E 102 36.97 0.72 36.59
CA ASN E 102 37.59 -0.01 37.68
C ASN E 102 36.95 -1.37 37.93
N GLY E 103 35.77 -1.58 37.37
CA GLY E 103 35.05 -2.83 37.55
C GLY E 103 34.80 -2.90 39.03
N CYS E 104 34.32 -4.05 39.53
CA CYS E 104 34.03 -4.26 40.96
C CYS E 104 34.30 -5.68 41.54
N ASP E 105 33.65 -5.95 42.66
CA ASP E 105 33.83 -7.19 43.35
C ASP E 105 33.55 -8.39 42.51
N TRP E 106 32.35 -8.44 41.94
CA TRP E 106 31.96 -9.56 41.12
C TRP E 106 31.29 -9.07 39.87
N SER E 107 31.75 -9.51 38.71
CA SER E 107 31.24 -9.09 37.41
C SER E 107 29.70 -9.12 37.34
N TYR E 108 29.06 -9.95 38.18
CA TYR E 108 27.61 -10.03 38.24
C TYR E 108 27.00 -9.10 39.27
N SER E 109 27.80 -8.30 40.00
CA SER E 109 27.29 -7.31 40.95
C SER E 109 26.56 -6.25 40.14
N VAL E 110 25.60 -5.59 40.75
CA VAL E 110 24.82 -4.59 40.05
C VAL E 110 24.94 -3.24 40.73
N GLY E 111 25.91 -3.13 41.59
CA GLY E 111 26.13 -1.91 42.31
C GLY E 111 27.32 -1.16 41.80
N CYS E 112 27.66 -1.40 40.56
CA CYS E 112 28.78 -0.74 39.90
C CYS E 112 28.44 -0.27 38.48
N VAL E 113 27.20 -0.37 38.09
CA VAL E 113 26.85 0.03 36.76
C VAL E 113 26.82 1.53 36.70
N ASP E 114 27.43 2.10 35.69
CA ASP E 114 27.46 3.53 35.59
C ASP E 114 26.93 4.07 34.29
N ALA E 115 26.48 3.20 33.44
CA ALA E 115 25.92 3.59 32.16
C ALA E 115 24.82 2.63 31.76
N TRP E 116 23.70 3.17 31.29
CA TRP E 116 22.56 2.37 30.87
C TRP E 116 22.20 2.71 29.43
N GLY E 117 21.60 1.76 28.74
CA GLY E 117 21.07 2.01 27.41
C GLY E 117 19.69 2.66 27.51
N HIS E 118 19.08 2.97 26.36
CA HIS E 118 17.72 3.54 26.39
C HIS E 118 16.63 2.48 26.67
N GLY E 119 16.96 1.21 26.45
CA GLY E 119 16.06 0.11 26.67
C GLY E 119 15.32 -0.30 25.42
N THR E 120 14.85 -1.54 25.39
CA THR E 120 13.99 -2.03 24.31
C THR E 120 12.87 -2.83 24.91
N GLU E 121 11.63 -2.56 24.48
CA GLU E 121 10.47 -3.25 24.99
C GLU E 121 10.35 -4.63 24.36
N VAL E 122 10.14 -5.66 25.18
CA VAL E 122 9.96 -7.05 24.73
C VAL E 122 8.60 -7.48 25.19
N ILE E 123 7.76 -7.96 24.26
CA ILE E 123 6.41 -8.38 24.58
C ILE E 123 6.18 -9.79 24.12
N VAL E 124 6.19 -10.73 25.06
CA VAL E 124 5.95 -12.14 24.76
C VAL E 124 4.44 -12.32 24.75
N SER E 125 3.84 -12.36 23.55
CA SER E 125 2.40 -12.46 23.42
C SER E 125 1.98 -13.10 22.10
N SER E 126 0.93 -13.91 22.14
CA SER E 126 0.38 -14.49 20.91
C SER E 126 -0.65 -13.56 20.24
N ALA E 127 -1.05 -12.46 20.91
CA ALA E 127 -1.95 -11.45 20.37
C ALA E 127 -1.26 -10.64 19.25
N SER E 128 -2.05 -10.13 18.32
CA SER E 128 -1.54 -9.37 17.19
C SER E 128 -1.60 -7.84 17.43
N THR E 129 -0.76 -7.09 16.70
CA THR E 129 -0.69 -5.62 16.80
C THR E 129 -2.00 -4.98 16.27
N LYS E 130 -2.51 -3.88 16.92
CA LYS E 130 -3.83 -3.35 16.55
C LYS E 130 -3.96 -1.89 16.02
N GLY E 131 -3.32 -0.90 16.62
CA GLY E 131 -3.50 0.50 16.19
C GLY E 131 -4.67 1.12 16.92
N PRO E 132 -4.52 2.34 17.46
CA PRO E 132 -5.59 2.92 18.29
C PRO E 132 -6.68 3.70 17.59
N SER E 133 -7.80 3.87 18.30
CA SER E 133 -8.92 4.71 17.88
C SER E 133 -8.75 6.01 18.68
N VAL E 134 -8.77 7.17 18.02
CA VAL E 134 -8.60 8.44 18.75
C VAL E 134 -9.91 9.21 18.79
N PHE E 135 -10.41 9.50 20.01
CA PHE E 135 -11.67 10.22 20.19
C PHE E 135 -11.44 11.53 20.91
N PRO E 136 -12.08 12.62 20.50
CA PRO E 136 -11.86 13.90 21.22
C PRO E 136 -12.57 13.94 22.57
N LEU E 137 -12.02 14.75 23.46
CA LEU E 137 -12.57 15.01 24.77
C LEU E 137 -12.78 16.51 24.76
N ALA E 138 -13.94 16.91 24.22
CA ALA E 138 -14.33 18.28 23.99
C ALA E 138 -14.54 19.08 25.26
N PRO E 139 -14.10 20.35 25.28
CA PRO E 139 -14.33 21.19 26.48
C PRO E 139 -15.79 21.71 26.55
N SER E 140 -16.37 21.87 27.76
CA SER E 140 -17.78 22.31 27.85
C SER E 140 -18.08 23.18 29.07
N SER E 141 -19.33 23.74 29.10
CA SER E 141 -19.93 24.57 30.14
C SER E 141 -19.19 25.89 30.35
N LYS E 142 -18.75 26.52 29.24
CA LYS E 142 -18.06 27.82 29.22
C LYS E 142 -16.82 27.90 30.13
N GLY E 146 -16.06 29.70 33.42
CA GLY E 146 -14.77 29.74 34.13
C GLY E 146 -13.65 30.33 33.30
N GLY E 147 -12.48 30.54 33.93
CA GLY E 147 -11.31 31.12 33.29
C GLY E 147 -10.46 30.14 32.51
N THR E 148 -10.18 28.96 33.10
CA THR E 148 -9.39 27.94 32.41
C THR E 148 -10.27 26.75 32.03
N ALA E 149 -10.06 26.21 30.83
CA ALA E 149 -10.79 25.08 30.26
C ALA E 149 -9.88 23.88 30.07
N ALA E 150 -10.45 22.67 30.05
CA ALA E 150 -9.66 21.47 29.82
C ALA E 150 -10.21 20.70 28.64
N LEU E 151 -9.34 20.24 27.75
CA LEU E 151 -9.69 19.41 26.60
C LEU E 151 -8.68 18.27 26.47
N GLY E 152 -8.95 17.29 25.62
CA GLY E 152 -8.03 16.17 25.45
C GLY E 152 -8.45 15.19 24.39
N CYS E 153 -7.80 14.02 24.37
CA CYS E 153 -8.20 12.96 23.47
C CYS E 153 -7.91 11.60 24.07
N LEU E 154 -8.86 10.71 23.86
CA LEU E 154 -8.81 9.37 24.37
C LEU E 154 -8.28 8.48 23.27
N VAL E 155 -7.14 7.86 23.54
CA VAL E 155 -6.44 6.94 22.65
C VAL E 155 -6.84 5.55 23.13
N LYS E 156 -7.73 4.91 22.38
CA LYS E 156 -8.39 3.69 22.80
C LYS E 156 -8.07 2.42 22.03
N ASP E 157 -7.98 1.30 22.77
CA ASP E 157 -7.82 -0.07 22.29
C ASP E 157 -6.68 -0.31 21.31
N TYR E 158 -5.44 -0.12 21.77
CA TYR E 158 -4.27 -0.36 20.93
C TYR E 158 -3.38 -1.44 21.53
N PHE E 159 -2.49 -2.03 20.72
CA PHE E 159 -1.57 -3.07 21.20
C PHE E 159 -0.43 -3.21 20.22
N PRO E 160 0.81 -3.34 20.71
CA PRO E 160 1.25 -3.24 22.10
C PRO E 160 1.67 -1.81 22.42
N GLU E 161 2.24 -1.60 23.60
CA GLU E 161 2.77 -0.30 23.97
C GLU E 161 4.04 -0.03 23.15
N PRO E 162 4.44 1.24 22.93
CA PRO E 162 3.85 2.46 23.45
C PRO E 162 3.16 3.32 22.38
N VAL E 163 2.49 4.36 22.84
CA VAL E 163 1.87 5.36 22.00
C VAL E 163 2.44 6.73 22.43
N THR E 164 2.64 7.64 21.48
CA THR E 164 3.15 8.97 21.81
C THR E 164 2.13 10.00 21.42
N VAL E 165 1.86 10.94 22.33
CA VAL E 165 0.89 11.98 22.07
C VAL E 165 1.54 13.33 22.17
N SER E 166 1.36 14.12 21.13
CA SER E 166 1.84 15.49 21.03
C SER E 166 0.62 16.41 20.84
N TRP E 167 0.76 17.71 21.12
CA TRP E 167 -0.33 18.64 20.88
C TRP E 167 0.17 19.73 19.97
N ASN E 168 -0.57 20.01 18.89
CA ASN E 168 -0.18 21.03 17.90
C ASN E 168 1.23 20.81 17.36
N SER E 169 1.54 19.55 17.04
CA SER E 169 2.84 19.12 16.51
C SER E 169 4.02 19.53 17.39
N GLY E 170 3.79 19.55 18.70
CA GLY E 170 4.82 19.88 19.67
C GLY E 170 4.82 21.33 20.12
N ALA E 171 4.10 22.21 19.42
CA ALA E 171 4.03 23.64 19.78
C ALA E 171 3.29 23.88 21.11
N LEU E 172 2.50 22.92 21.58
CA LEU E 172 1.77 23.05 22.83
C LEU E 172 2.26 22.00 23.82
N THR E 173 2.93 22.44 24.91
CA THR E 173 3.48 21.53 25.90
C THR E 173 3.08 21.88 27.33
N SER E 174 2.97 23.18 27.63
CA SER E 174 2.61 23.61 28.98
C SER E 174 1.19 23.21 29.32
N GLY E 175 1.03 22.61 30.50
CA GLY E 175 -0.28 22.17 30.96
C GLY E 175 -0.75 20.85 30.39
N VAL E 176 0.12 20.13 29.66
CA VAL E 176 -0.25 18.85 29.07
C VAL E 176 -0.02 17.74 30.08
N HIS E 177 -0.96 16.81 30.18
CA HIS E 177 -0.82 15.64 31.04
C HIS E 177 -1.22 14.43 30.25
N THR E 178 -0.25 13.59 29.88
CA THR E 178 -0.56 12.35 29.20
C THR E 178 -0.49 11.27 30.26
N PHE E 179 -1.59 10.60 30.50
CA PHE E 179 -1.69 9.62 31.56
C PHE E 179 -1.01 8.30 31.21
N PRO E 180 -0.58 7.54 32.23
CA PRO E 180 -0.03 6.20 31.96
C PRO E 180 -1.10 5.31 31.37
N ALA E 181 -0.74 4.48 30.37
CA ALA E 181 -1.73 3.59 29.75
C ALA E 181 -2.22 2.54 30.76
N VAL E 182 -3.45 2.06 30.56
CA VAL E 182 -4.01 1.03 31.42
C VAL E 182 -4.38 -0.15 30.53
N LEU E 183 -4.10 -1.36 31.02
CA LEU E 183 -4.44 -2.55 30.29
C LEU E 183 -5.88 -2.89 30.68
N GLN E 184 -6.80 -2.88 29.69
CA GLN E 184 -8.18 -3.21 30.02
C GLN E 184 -8.45 -4.73 29.86
N SER E 185 -9.64 -5.17 30.31
CA SER E 185 -10.11 -6.56 30.30
C SER E 185 -9.97 -7.24 28.93
N SER E 186 -10.04 -6.43 27.85
CA SER E 186 -9.91 -6.87 26.47
C SER E 186 -8.47 -7.22 26.05
N GLY E 187 -7.50 -6.90 26.89
CA GLY E 187 -6.09 -7.15 26.54
C GLY E 187 -5.47 -6.04 25.72
N LEU E 188 -6.19 -4.92 25.54
CA LEU E 188 -5.74 -3.78 24.77
C LEU E 188 -5.49 -2.59 25.71
N TYR E 189 -4.68 -1.63 25.29
CA TYR E 189 -4.35 -0.47 26.12
C TYR E 189 -5.21 0.74 25.83
N SER E 190 -5.36 1.61 26.84
CA SER E 190 -6.15 2.82 26.71
C SER E 190 -5.50 3.91 27.51
N LEU E 191 -5.36 5.08 26.89
CA LEU E 191 -4.70 6.20 27.52
C LEU E 191 -5.40 7.51 27.14
N SER E 192 -5.36 8.49 28.03
CA SER E 192 -5.97 9.79 27.78
C SER E 192 -4.88 10.84 27.88
N SER E 193 -4.95 11.88 27.05
CA SER E 193 -3.98 12.98 27.10
C SER E 193 -4.80 14.25 27.17
N VAL E 194 -4.59 15.06 28.22
CA VAL E 194 -5.36 16.29 28.40
C VAL E 194 -4.48 17.54 28.44
N VAL E 195 -5.06 18.71 28.20
CA VAL E 195 -4.35 19.97 28.26
C VAL E 195 -5.29 21.05 28.80
N THR E 196 -4.79 21.86 29.74
CA THR E 196 -5.56 22.97 30.28
C THR E 196 -5.14 24.23 29.54
N VAL E 197 -6.10 24.90 28.91
CA VAL E 197 -5.91 26.11 28.12
C VAL E 197 -6.87 27.22 28.61
N PRO E 198 -6.65 28.52 28.29
CA PRO E 198 -7.63 29.54 28.73
C PRO E 198 -8.94 29.40 27.95
N SER E 199 -10.11 29.52 28.61
CA SER E 199 -11.41 29.37 27.93
C SER E 199 -11.55 30.31 26.73
N SER E 200 -10.96 31.51 26.84
CA SER E 200 -10.93 32.56 25.83
C SER E 200 -10.26 32.13 24.52
N SER E 201 -9.33 31.18 24.60
CA SER E 201 -8.62 30.71 23.43
C SER E 201 -9.41 29.67 22.62
N LEU E 202 -10.46 29.07 23.17
CA LEU E 202 -11.22 27.99 22.53
C LEU E 202 -11.80 28.32 21.15
N GLY E 203 -12.01 29.61 20.87
CA GLY E 203 -12.53 30.01 19.58
C GLY E 203 -11.47 30.41 18.58
N THR E 204 -10.38 30.99 19.09
CA THR E 204 -9.28 31.50 18.27
C THR E 204 -8.12 30.51 18.00
N GLN E 205 -7.94 29.47 18.83
CA GLN E 205 -6.83 28.53 18.66
C GLN E 205 -7.30 27.11 18.34
N THR E 206 -6.73 26.51 17.28
CA THR E 206 -7.03 25.16 16.87
C THR E 206 -6.24 24.19 17.76
N TYR E 207 -6.92 23.17 18.32
CA TYR E 207 -6.24 22.19 19.16
C TYR E 207 -6.29 20.84 18.50
N ILE E 208 -5.11 20.24 18.22
CA ILE E 208 -5.01 18.94 17.55
C ILE E 208 -4.10 18.01 18.34
N CYS E 209 -4.55 16.78 18.60
CA CYS E 209 -3.66 15.81 19.25
C CYS E 209 -3.06 14.89 18.19
N ASN E 210 -1.74 14.71 18.24
CA ASN E 210 -1.00 13.92 17.28
C ASN E 210 -0.62 12.62 17.95
N VAL E 211 -1.31 11.55 17.59
CA VAL E 211 -1.08 10.25 18.19
C VAL E 211 -0.26 9.40 17.25
N ASN E 212 0.89 8.90 17.74
CA ASN E 212 1.76 8.06 16.93
C ASN E 212 1.92 6.70 17.61
N HIS E 213 1.64 5.64 16.87
CA HIS E 213 1.78 4.28 17.36
C HIS E 213 2.67 3.56 16.38
N LYS E 214 3.98 3.54 16.66
CA LYS E 214 4.96 2.91 15.79
C LYS E 214 4.70 1.40 15.53
N PRO E 215 4.33 0.56 16.52
CA PRO E 215 4.09 -0.87 16.20
C PRO E 215 3.13 -1.17 15.04
N SER E 216 2.10 -0.34 14.86
CA SER E 216 1.15 -0.51 13.77
C SER E 216 1.36 0.47 12.60
N ASN E 217 2.39 1.35 12.68
CA ASN E 217 2.71 2.37 11.68
C ASN E 217 1.51 3.26 11.40
N THR E 218 0.72 3.58 12.43
CA THR E 218 -0.43 4.45 12.27
C THR E 218 -0.19 5.77 12.98
N LYS E 219 -0.69 6.84 12.37
CA LYS E 219 -0.57 8.21 12.86
C LYS E 219 -1.94 8.84 12.72
N VAL E 220 -2.48 9.37 13.81
CA VAL E 220 -3.80 9.99 13.80
C VAL E 220 -3.70 11.41 14.32
N ASP E 221 -4.19 12.39 13.56
CA ASP E 221 -4.20 13.78 14.02
C ASP E 221 -5.68 14.12 14.26
N LYS E 222 -6.08 14.28 15.52
CA LYS E 222 -7.48 14.52 15.84
C LYS E 222 -7.75 15.95 16.33
N LYS E 223 -8.54 16.72 15.58
CA LYS E 223 -8.89 18.09 15.97
C LYS E 223 -9.93 18.04 17.09
N VAL E 224 -9.67 18.76 18.19
CA VAL E 224 -10.54 18.79 19.36
C VAL E 224 -11.20 20.15 19.41
N GLU E 225 -12.48 20.22 19.13
CA GLU E 225 -13.25 21.46 19.16
C GLU E 225 -14.39 21.37 20.16
N PRO E 226 -14.89 22.50 20.68
CA PRO E 226 -16.02 22.41 21.64
C PRO E 226 -17.34 22.09 20.94
N ALA F 1 19.31 -10.17 49.92
CA ALA F 1 18.00 -9.55 49.75
C ALA F 1 18.09 -8.06 50.13
N LEU F 2 18.02 -7.16 49.14
CA LEU F 2 18.12 -5.73 49.44
C LEU F 2 16.79 -5.22 49.91
N THR F 3 16.78 -4.64 51.11
CA THR F 3 15.56 -4.08 51.70
C THR F 3 15.67 -2.56 51.72
N GLN F 4 14.66 -1.93 51.11
CA GLN F 4 14.57 -0.49 50.94
C GLN F 4 13.20 -0.02 51.37
N PRO F 5 13.08 1.18 52.00
CA PRO F 5 11.74 1.68 52.34
C PRO F 5 10.93 1.96 51.09
N SER F 6 9.63 1.74 51.13
CA SER F 6 8.78 1.97 49.95
C SER F 6 8.63 3.46 49.61
N SER F 7 8.67 4.31 50.63
CA SER F 7 8.52 5.74 50.44
C SER F 7 9.35 6.55 51.42
N VAL F 8 9.66 7.77 51.00
CA VAL F 8 10.40 8.75 51.78
C VAL F 8 9.88 10.13 51.36
N SER F 9 9.63 11.01 52.33
CA SER F 9 9.10 12.35 52.04
C SER F 9 10.00 13.41 52.62
N ALA F 10 10.16 14.53 51.89
CA ALA F 10 10.97 15.64 52.40
C ALA F 10 10.53 16.95 51.82
N ASN F 11 10.68 18.01 52.60
CA ASN F 11 10.37 19.37 52.15
C ASN F 11 11.55 19.85 51.33
N PRO F 12 11.34 20.72 50.33
CA PRO F 12 12.48 21.22 49.54
C PRO F 12 13.45 21.96 50.47
N GLY F 13 14.72 21.64 50.36
CA GLY F 13 15.75 22.23 51.21
C GLY F 13 16.26 21.26 52.26
N GLU F 14 15.39 20.33 52.72
CA GLU F 14 15.74 19.32 53.72
C GLU F 14 16.80 18.35 53.20
N THR F 15 17.50 17.66 54.12
CA THR F 15 18.45 16.64 53.72
C THR F 15 17.75 15.31 53.94
N VAL F 16 17.59 14.50 52.88
CA VAL F 16 16.93 13.22 52.99
C VAL F 16 17.89 12.06 52.84
N LYS F 17 17.64 10.94 53.54
CA LYS F 17 18.48 9.77 53.46
C LYS F 17 17.67 8.55 53.11
N ILE F 18 18.18 7.70 52.22
CA ILE F 18 17.51 6.48 51.85
C ILE F 18 18.50 5.36 52.13
N THR F 19 18.13 4.41 52.98
CA THR F 19 19.03 3.31 53.30
C THR F 19 18.57 2.01 52.68
N CYS F 20 19.54 1.20 52.30
CA CYS F 20 19.32 -0.06 51.63
C CYS F 20 20.14 -1.06 52.40
N SER F 21 19.50 -2.06 53.00
CA SER F 21 20.26 -3.06 53.76
C SER F 21 20.17 -4.44 53.13
N GLY F 22 21.27 -5.16 53.16
CA GLY F 22 21.31 -6.50 52.62
C GLY F 22 22.44 -6.76 51.66
N GLY F 23 22.52 -7.99 51.18
CA GLY F 23 23.55 -8.40 50.26
C GLY F 23 24.89 -8.64 50.93
N SER F 24 25.75 -9.41 50.24
CA SER F 24 27.10 -9.72 50.67
C SER F 24 27.98 -9.07 49.61
N SER F 25 28.13 -7.74 49.68
CA SER F 25 28.90 -7.03 48.66
C SER F 25 29.81 -5.96 49.23
N SER F 26 30.84 -5.59 48.47
CA SER F 26 31.73 -4.49 48.81
C SER F 26 31.16 -3.14 48.32
N TYR F 27 30.21 -3.14 47.35
CA TYR F 27 29.69 -1.93 46.72
C TYR F 27 28.17 -1.88 46.52
N TYR F 28 27.60 -0.70 46.74
CA TYR F 28 26.20 -0.38 46.50
C TYR F 28 26.13 0.71 45.41
N GLY F 29 25.00 0.75 44.74
CA GLY F 29 24.77 1.73 43.69
C GLY F 29 23.36 2.24 43.77
N TRP F 30 23.14 3.49 43.35
CA TRP F 30 21.83 4.10 43.37
C TRP F 30 21.42 4.58 42.01
N TYR F 31 20.27 4.11 41.54
CA TYR F 31 19.76 4.39 40.20
C TYR F 31 18.45 5.05 40.35
N GLN F 32 18.22 6.14 39.63
CA GLN F 32 16.97 6.86 39.70
C GLN F 32 16.12 6.60 38.49
N GLN F 33 14.83 6.35 38.67
CA GLN F 33 13.90 6.18 37.56
C GLN F 33 12.74 7.17 37.77
N LYS F 34 12.59 8.14 36.85
CA LYS F 34 11.55 9.17 36.98
C LYS F 34 10.14 8.64 36.73
N SER F 35 9.96 7.93 35.63
CA SER F 35 8.67 7.34 35.28
C SER F 35 8.87 5.83 35.02
N PRO F 36 7.80 5.03 35.20
CA PRO F 36 7.92 3.58 34.95
C PRO F 36 8.44 3.21 33.56
N GLY F 37 8.31 4.11 32.59
CA GLY F 37 8.88 3.88 31.27
C GLY F 37 10.39 4.13 31.25
N SER F 38 10.80 5.35 31.72
CA SER F 38 12.16 5.92 31.79
C SER F 38 13.25 4.92 32.05
N ALA F 39 14.34 5.01 31.30
CA ALA F 39 15.52 4.18 31.56
C ALA F 39 16.17 4.71 32.86
N PRO F 40 16.76 3.84 33.67
CA PRO F 40 17.38 4.31 34.92
C PRO F 40 18.57 5.21 34.68
N VAL F 41 18.92 5.99 35.70
CA VAL F 41 20.06 6.89 35.64
C VAL F 41 20.90 6.64 36.88
N THR F 42 22.17 6.25 36.71
CA THR F 42 23.04 6.04 37.87
C THR F 42 23.33 7.37 38.55
N LEU F 43 22.99 7.49 39.82
CA LEU F 43 23.30 8.68 40.60
C LEU F 43 24.63 8.43 41.31
N ILE F 44 24.80 7.27 41.92
CA ILE F 44 26.03 6.87 42.59
C ILE F 44 26.30 5.40 42.26
N TYR F 45 27.55 5.03 42.11
CA TYR F 45 27.97 3.67 41.87
C TYR F 45 29.23 3.40 42.69
N ASN F 46 29.58 2.13 42.92
CA ASN F 46 30.77 1.81 43.72
C ASN F 46 30.81 2.56 45.07
N ASN F 47 29.67 2.59 45.77
CA ASN F 47 29.42 3.22 47.08
C ASN F 47 29.35 4.72 47.10
N GLN F 48 30.29 5.42 46.45
CA GLN F 48 30.33 6.87 46.51
C GLN F 48 30.58 7.55 45.20
N LYS F 49 31.02 6.83 44.15
CA LYS F 49 31.36 7.43 42.86
C LYS F 49 30.18 8.06 42.18
N ARG F 50 30.33 9.28 41.70
CA ARG F 50 29.23 9.98 41.06
C ARG F 50 29.49 10.26 39.59
N PRO F 51 28.68 9.69 38.68
CA PRO F 51 28.89 9.95 37.24
C PRO F 51 28.74 11.43 36.86
N SER F 52 29.24 11.83 35.67
CA SER F 52 29.15 13.23 35.27
C SER F 52 27.72 13.65 35.01
N ASP F 53 27.43 14.93 35.30
CA ASP F 53 26.11 15.57 35.21
C ASP F 53 25.14 15.15 36.32
N ILE F 54 25.66 14.59 37.41
CA ILE F 54 24.87 14.27 38.60
C ILE F 54 25.25 15.35 39.64
N PRO F 55 24.23 16.05 40.21
CA PRO F 55 24.54 17.13 41.16
C PRO F 55 25.31 16.69 42.38
N SER F 56 26.15 17.59 42.92
CA SER F 56 26.94 17.29 44.11
C SER F 56 26.07 17.05 45.36
N ARG F 57 24.76 17.42 45.33
CA ARG F 57 23.86 17.15 46.45
C ARG F 57 23.55 15.66 46.65
N PHE F 58 23.95 14.79 45.71
CA PHE F 58 23.81 13.36 45.86
C PHE F 58 25.11 12.78 46.43
N SER F 59 25.00 12.13 47.60
CA SER F 59 26.12 11.52 48.31
C SER F 59 25.84 10.01 48.53
N GLY F 60 26.91 9.23 48.56
CA GLY F 60 26.81 7.81 48.78
C GLY F 60 27.66 7.40 49.95
N SER F 61 27.21 6.37 50.63
CA SER F 61 27.90 5.87 51.81
C SER F 61 27.68 4.35 51.96
N LYS F 62 28.54 3.71 52.75
CA LYS F 62 28.38 2.31 53.05
C LYS F 62 28.87 2.04 54.47
N SER F 63 28.05 1.42 55.28
CA SER F 63 28.42 1.04 56.63
C SER F 63 28.01 -0.42 56.80
N GLY F 64 28.96 -1.35 56.66
CA GLY F 64 28.66 -2.77 56.77
C GLY F 64 27.67 -3.24 55.71
N SER F 65 26.66 -4.00 56.11
CA SER F 65 25.65 -4.50 55.16
C SER F 65 24.59 -3.44 54.84
N THR F 66 24.96 -2.16 54.87
CA THR F 66 24.01 -1.11 54.57
C THR F 66 24.65 0.00 53.70
N GLY F 67 23.85 0.53 52.80
CA GLY F 67 24.23 1.57 51.88
C GLY F 67 23.29 2.75 52.01
N THR F 68 23.82 3.97 52.02
CA THR F 68 22.97 5.14 52.19
C THR F 68 23.14 6.21 51.13
N LEU F 69 22.02 6.60 50.51
CA LEU F 69 21.99 7.68 49.54
C LEU F 69 21.52 8.92 50.28
N THR F 70 22.28 10.01 50.18
CA THR F 70 21.96 11.24 50.89
C THR F 70 21.71 12.35 49.90
N ILE F 71 20.55 12.96 49.94
CA ILE F 71 20.23 14.09 49.08
C ILE F 71 20.22 15.34 49.97
N THR F 72 21.29 16.13 49.90
CA THR F 72 21.40 17.35 50.70
C THR F 72 20.78 18.54 50.00
N GLY F 73 19.63 18.97 50.49
CA GLY F 73 18.93 20.09 49.91
C GLY F 73 18.12 19.62 48.73
N VAL F 74 17.10 18.79 48.99
CA VAL F 74 16.24 18.26 47.94
C VAL F 74 15.54 19.38 47.15
N GLN F 75 15.10 19.05 45.96
CA GLN F 75 14.40 19.97 45.09
C GLN F 75 13.13 19.31 44.56
N ALA F 76 12.22 20.09 43.95
CA ALA F 76 11.00 19.51 43.41
C ALA F 76 11.26 18.45 42.35
N GLU F 77 12.34 18.61 41.58
CA GLU F 77 12.70 17.66 40.52
C GLU F 77 13.30 16.35 41.04
N ASP F 78 13.62 16.28 42.35
CA ASP F 78 14.16 15.05 42.94
C ASP F 78 13.10 13.99 43.20
N GLU F 79 11.83 14.27 42.91
CA GLU F 79 10.72 13.34 42.95
C GLU F 79 11.07 12.19 41.97
N ALA F 80 11.05 10.90 42.39
CA ALA F 80 11.40 9.77 41.51
C ALA F 80 11.43 8.45 42.33
N VAL F 81 11.67 7.27 41.69
CA VAL F 81 11.87 6.03 42.40
C VAL F 81 13.37 5.78 42.42
N TYR F 82 13.91 5.54 43.60
CA TYR F 82 15.32 5.30 43.78
C TYR F 82 15.56 3.84 44.00
N PHE F 83 16.32 3.19 43.14
CA PHE F 83 16.63 1.79 43.26
C PHE F 83 18.05 1.64 43.76
N CYS F 84 18.25 0.68 44.64
CA CYS F 84 19.56 0.38 45.17
C CYS F 84 20.00 -0.96 44.56
N GLY F 85 21.26 -1.06 44.21
CA GLY F 85 21.78 -2.26 43.57
C GLY F 85 23.00 -2.78 44.27
N SER F 86 23.14 -4.10 44.34
CA SER F 86 24.29 -4.71 45.00
C SER F 86 24.51 -6.15 44.51
N ARG F 87 25.40 -6.91 45.16
CA ARG F 87 25.57 -8.31 44.82
C ARG F 87 25.16 -9.19 46.02
N ASP F 88 24.92 -10.45 45.73
CA ASP F 88 24.56 -11.56 46.60
C ASP F 88 25.24 -12.81 46.06
N ASN F 89 25.17 -13.92 46.81
CA ASN F 89 25.69 -15.18 46.27
C ASN F 89 24.80 -15.70 45.11
N SER F 90 23.59 -15.15 44.96
CA SER F 90 22.63 -15.46 43.90
C SER F 90 22.80 -14.57 42.66
N GLY F 91 23.83 -13.73 42.59
CA GLY F 91 23.99 -12.79 41.49
C GLY F 91 23.71 -11.35 41.89
N GLY F 92 23.44 -10.50 40.91
CA GLY F 92 23.16 -9.10 41.15
C GLY F 92 21.77 -8.92 41.68
N ILE F 93 21.64 -8.16 42.78
CA ILE F 93 20.33 -7.94 43.40
C ILE F 93 19.94 -6.48 43.39
N PHE F 94 18.64 -6.22 43.34
CA PHE F 94 18.12 -4.86 43.37
C PHE F 94 17.11 -4.71 44.51
N GLY F 95 16.92 -3.48 44.94
CA GLY F 95 15.89 -3.17 45.92
C GLY F 95 14.54 -3.04 45.24
N ALA F 96 13.48 -2.94 46.03
CA ALA F 96 12.14 -2.78 45.48
C ALA F 96 11.87 -1.34 44.95
N GLY F 97 12.66 -0.36 45.39
CA GLY F 97 12.50 1.02 44.98
C GLY F 97 11.88 1.88 46.08
N THR F 98 12.47 3.03 46.32
CA THR F 98 11.97 4.00 47.30
C THR F 98 11.43 5.17 46.54
N THR F 99 10.19 5.56 46.79
CA THR F 99 9.60 6.70 46.12
C THR F 99 9.80 7.97 46.92
N LEU F 100 10.46 8.96 46.33
CA LEU F 100 10.65 10.24 47.00
C LEU F 100 9.47 11.16 46.70
N THR F 101 8.80 11.59 47.77
CA THR F 101 7.63 12.47 47.67
C THR F 101 8.03 13.86 48.17
N VAL F 102 8.02 14.86 47.28
CA VAL F 102 8.35 16.21 47.69
C VAL F 102 7.14 16.84 48.39
N LEU F 103 7.33 17.28 49.64
CA LEU F 103 6.25 17.87 50.42
C LEU F 103 5.94 19.29 49.98
N ARG F 104 4.66 19.62 50.05
CA ARG F 104 4.08 20.84 49.54
C ARG F 104 2.83 21.25 50.35
N THR F 105 2.28 22.44 50.06
CA THR F 105 1.05 22.89 50.69
C THR F 105 -0.11 22.08 50.11
N VAL F 106 -1.19 21.91 50.88
CA VAL F 106 -2.38 21.22 50.38
C VAL F 106 -2.99 22.03 49.20
N ALA F 107 -3.48 21.33 48.19
CA ALA F 107 -4.13 21.97 47.06
C ALA F 107 -5.29 21.13 46.63
N ALA F 108 -6.41 21.77 46.41
CA ALA F 108 -7.61 21.09 45.98
C ALA F 108 -7.54 20.76 44.46
N PRO F 109 -8.20 19.67 44.03
CA PRO F 109 -8.14 19.29 42.61
C PRO F 109 -9.15 20.07 41.75
N SER F 110 -8.78 20.39 40.50
CA SER F 110 -9.69 21.07 39.59
C SER F 110 -10.45 19.97 38.84
N VAL F 111 -11.73 19.77 39.15
CA VAL F 111 -12.50 18.67 38.57
C VAL F 111 -13.17 19.01 37.22
N PHE F 112 -13.07 18.10 36.25
CA PHE F 112 -13.69 18.27 34.93
C PHE F 112 -14.41 16.97 34.54
N ILE F 113 -15.49 17.06 33.75
CA ILE F 113 -16.21 15.85 33.31
C ILE F 113 -16.46 15.88 31.80
N PHE F 114 -16.16 14.78 31.12
CA PHE F 114 -16.28 14.70 29.68
C PHE F 114 -17.24 13.64 29.22
N PRO F 115 -18.26 14.04 28.46
CA PRO F 115 -19.20 13.04 27.91
C PRO F 115 -18.60 12.28 26.72
N PRO F 116 -19.14 11.09 26.36
CA PRO F 116 -18.59 10.36 25.21
C PRO F 116 -18.76 11.10 23.89
N SER F 117 -17.77 10.98 23.02
CA SER F 117 -17.82 11.63 21.72
C SER F 117 -18.82 10.92 20.80
N ASP F 118 -19.45 11.67 19.89
CA ASP F 118 -20.40 11.10 18.94
C ASP F 118 -19.78 10.02 18.06
N GLU F 119 -18.49 10.16 17.72
CA GLU F 119 -17.80 9.16 16.90
C GLU F 119 -17.64 7.85 17.69
N GLN F 120 -17.32 7.97 18.99
CA GLN F 120 -17.16 6.82 19.88
C GLN F 120 -18.46 6.04 20.05
N LEU F 121 -19.59 6.76 20.09
CA LEU F 121 -20.90 6.15 20.20
C LEU F 121 -21.23 5.24 19.00
N LYS F 122 -20.68 5.56 17.81
CA LYS F 122 -20.85 4.75 16.59
C LYS F 122 -20.14 3.38 16.65
N SER F 123 -19.32 3.14 17.68
CA SER F 123 -18.64 1.85 17.86
C SER F 123 -19.34 0.93 18.90
N GLY F 124 -20.46 1.37 19.49
CA GLY F 124 -21.17 0.58 20.48
C GLY F 124 -20.60 0.64 21.89
N THR F 125 -19.79 1.67 22.20
CA THR F 125 -19.20 1.83 23.53
C THR F 125 -19.20 3.29 23.97
N ALA F 126 -19.33 3.52 25.27
CA ALA F 126 -19.31 4.85 25.84
C ALA F 126 -18.28 4.94 26.94
N SER F 127 -17.45 5.98 26.92
CA SER F 127 -16.44 6.21 27.93
C SER F 127 -16.62 7.61 28.49
N VAL F 128 -16.81 7.70 29.80
CA VAL F 128 -17.00 9.00 30.46
C VAL F 128 -15.76 9.29 31.30
N VAL F 129 -15.15 10.46 31.13
CA VAL F 129 -13.90 10.78 31.83
C VAL F 129 -14.07 11.86 32.89
N CYS F 130 -13.45 11.66 34.05
CA CYS F 130 -13.46 12.64 35.14
C CYS F 130 -11.99 13.00 35.40
N LEU F 131 -11.61 14.26 35.14
CA LEU F 131 -10.23 14.71 35.32
C LEU F 131 -10.08 15.49 36.63
N LEU F 132 -9.01 15.17 37.35
CA LEU F 132 -8.70 15.82 38.61
C LEU F 132 -7.37 16.47 38.33
N ASN F 133 -7.34 17.79 38.36
CA ASN F 133 -6.10 18.47 38.01
C ASN F 133 -5.30 19.18 39.11
N ASN F 134 -3.98 19.02 39.00
CA ASN F 134 -3.01 19.65 39.90
C ASN F 134 -3.35 19.81 41.38
N PHE F 135 -3.34 18.70 42.11
CA PHE F 135 -3.58 18.74 43.56
C PHE F 135 -2.48 18.11 44.43
N TYR F 136 -2.74 18.06 45.73
CA TYR F 136 -1.82 17.50 46.74
C TYR F 136 -2.54 17.37 48.11
N PRO F 137 -2.46 16.21 48.83
CA PRO F 137 -1.70 14.99 48.54
C PRO F 137 -2.36 14.02 47.57
N ARG F 138 -1.67 12.92 47.23
CA ARG F 138 -2.12 11.92 46.27
C ARG F 138 -3.50 11.29 46.58
N GLU F 139 -3.80 11.05 47.86
CA GLU F 139 -5.06 10.43 48.32
C GLU F 139 -6.32 11.21 47.96
N ALA F 140 -7.04 10.74 46.93
CA ALA F 140 -8.28 11.35 46.44
C ALA F 140 -9.22 10.22 46.05
N LYS F 141 -10.50 10.33 46.41
CA LYS F 141 -11.47 9.29 46.07
C LYS F 141 -12.51 9.79 45.06
N VAL F 142 -12.62 9.12 43.90
CA VAL F 142 -13.61 9.50 42.89
C VAL F 142 -14.77 8.49 42.88
N GLN F 143 -16.00 8.94 43.17
CA GLN F 143 -17.16 8.06 43.16
C GLN F 143 -17.98 8.42 41.95
N TRP F 144 -18.28 7.46 41.09
CA TRP F 144 -19.13 7.70 39.94
C TRP F 144 -20.58 7.36 40.29
N LYS F 145 -21.53 8.18 39.87
CA LYS F 145 -22.94 7.94 40.14
C LYS F 145 -23.73 8.16 38.87
N VAL F 146 -24.46 7.14 38.43
CA VAL F 146 -25.30 7.21 37.23
C VAL F 146 -26.77 7.16 37.68
N ASP F 147 -27.47 8.32 37.65
CA ASP F 147 -28.85 8.45 38.12
C ASP F 147 -28.93 8.21 39.64
N ASN F 148 -27.93 8.74 40.36
CA ASN F 148 -27.72 8.69 41.80
C ASN F 148 -27.29 7.34 42.36
N ALA F 149 -27.21 6.28 41.54
CA ALA F 149 -26.75 4.98 42.03
C ALA F 149 -25.21 4.90 41.90
N LEU F 150 -24.51 4.51 42.98
CA LEU F 150 -23.06 4.40 43.02
C LEU F 150 -22.50 3.28 42.13
N GLN F 151 -21.66 3.65 41.16
CA GLN F 151 -21.05 2.70 40.23
C GLN F 151 -19.87 1.96 40.83
N SER F 152 -19.77 0.67 40.55
CA SER F 152 -18.70 -0.16 41.10
C SER F 152 -18.18 -1.19 40.12
N GLY F 153 -16.86 -1.21 39.96
CA GLY F 153 -16.19 -2.19 39.10
C GLY F 153 -16.31 -1.94 37.61
N ASN F 154 -16.54 -0.69 37.23
CA ASN F 154 -16.61 -0.32 35.81
C ASN F 154 -15.80 0.94 35.48
N SER F 155 -14.86 1.31 36.36
CA SER F 155 -14.03 2.48 36.17
C SER F 155 -12.59 2.17 36.54
N GLN F 156 -11.66 2.77 35.80
CA GLN F 156 -10.25 2.62 36.08
C GLN F 156 -9.60 3.99 36.20
N GLU F 157 -8.63 4.12 37.11
CA GLU F 157 -7.94 5.37 37.33
C GLU F 157 -6.51 5.33 36.81
N SER F 158 -5.96 6.50 36.50
CA SER F 158 -4.58 6.64 36.03
C SER F 158 -4.04 7.89 36.67
N VAL F 159 -2.93 7.79 37.40
CA VAL F 159 -2.36 8.96 38.07
C VAL F 159 -1.05 9.31 37.43
N THR F 160 -0.85 10.59 37.17
CA THR F 160 0.44 11.05 36.67
C THR F 160 1.43 11.05 37.86
N GLU F 161 2.73 11.00 37.54
CA GLU F 161 3.76 11.09 38.57
C GLU F 161 3.73 12.54 39.15
N GLN F 162 4.21 12.73 40.36
CA GLN F 162 4.26 14.05 41.00
C GLN F 162 5.06 15.05 40.14
N ASP F 163 4.52 16.24 39.88
CA ASP F 163 5.18 17.21 39.00
C ASP F 163 6.57 17.63 39.45
N SER F 164 7.48 17.77 38.49
CA SER F 164 8.85 18.20 38.77
C SER F 164 8.99 19.70 38.99
N LYS F 165 7.93 20.49 38.77
CA LYS F 165 7.99 21.92 38.92
C LYS F 165 7.14 22.36 40.11
N ASP F 166 5.87 21.90 40.18
CA ASP F 166 5.00 22.33 41.27
C ASP F 166 4.60 21.22 42.24
N SER F 167 5.15 20.01 42.12
CA SER F 167 4.89 18.89 43.02
C SER F 167 3.42 18.45 43.18
N THR F 168 2.63 18.49 42.10
CA THR F 168 1.22 18.09 42.16
C THR F 168 0.79 16.91 41.28
N TYR F 169 -0.12 16.10 41.81
CA TYR F 169 -0.67 14.93 41.12
C TYR F 169 -1.80 15.31 40.15
N SER F 170 -2.30 14.34 39.38
CA SER F 170 -3.41 14.51 38.44
C SER F 170 -3.98 13.13 38.19
N LEU F 171 -5.27 12.94 38.46
CA LEU F 171 -5.91 11.65 38.32
C LEU F 171 -6.97 11.71 37.25
N SER F 172 -7.08 10.66 36.44
CA SER F 172 -8.14 10.57 35.45
C SER F 172 -8.94 9.29 35.69
N SER F 173 -10.25 9.40 35.95
CA SER F 173 -11.10 8.23 36.15
C SER F 173 -11.97 8.04 34.92
N THR F 174 -11.88 6.88 34.26
CA THR F 174 -12.69 6.64 33.07
C THR F 174 -13.71 5.57 33.37
N LEU F 175 -14.99 5.87 33.17
CA LEU F 175 -16.10 4.95 33.38
C LEU F 175 -16.53 4.37 32.03
N THR F 176 -16.47 3.04 31.88
CA THR F 176 -16.87 2.42 30.61
C THR F 176 -18.15 1.62 30.73
N LEU F 177 -19.09 1.86 29.81
CA LEU F 177 -20.36 1.15 29.70
C LEU F 177 -20.72 0.93 28.21
N SER F 178 -21.60 -0.05 27.92
CA SER F 178 -22.04 -0.31 26.54
C SER F 178 -22.92 0.84 26.03
N LYS F 179 -23.02 1.00 24.70
CA LYS F 179 -23.82 2.08 24.09
C LYS F 179 -25.29 2.02 24.50
N ALA F 180 -25.86 0.81 24.55
CA ALA F 180 -27.27 0.63 24.92
C ALA F 180 -27.54 1.05 26.37
N ASP F 181 -26.73 0.58 27.33
CA ASP F 181 -26.94 0.95 28.73
C ASP F 181 -26.46 2.36 29.05
N TYR F 182 -25.69 3.02 28.16
CA TYR F 182 -25.28 4.41 28.39
C TYR F 182 -26.51 5.29 28.20
N GLU F 183 -27.24 5.12 27.09
CA GLU F 183 -28.39 5.98 26.85
C GLU F 183 -29.66 5.60 27.66
N LYS F 184 -29.56 4.54 28.47
CA LYS F 184 -30.59 4.08 29.41
C LYS F 184 -30.68 5.04 30.63
N HIS F 185 -29.67 5.92 30.84
CA HIS F 185 -29.63 6.79 31.99
C HIS F 185 -29.41 8.27 31.60
N LYS F 186 -29.88 9.20 32.43
CA LYS F 186 -29.77 10.63 32.11
C LYS F 186 -28.63 11.36 32.85
N VAL F 187 -28.63 11.34 34.20
CA VAL F 187 -27.65 12.01 35.05
C VAL F 187 -26.33 11.24 35.19
N TYR F 188 -25.19 11.88 34.84
CA TYR F 188 -23.86 11.27 34.93
C TYR F 188 -22.93 12.14 35.77
N ALA F 189 -22.55 11.69 36.98
CA ALA F 189 -21.73 12.52 37.85
C ALA F 189 -20.55 11.82 38.47
N CYS F 190 -19.46 12.57 38.71
CA CYS F 190 -18.33 12.05 39.46
C CYS F 190 -18.17 12.95 40.69
N GLU F 191 -18.09 12.32 41.86
CA GLU F 191 -17.97 13.04 43.12
C GLU F 191 -16.58 12.81 43.70
N VAL F 192 -15.80 13.88 43.79
CA VAL F 192 -14.43 13.87 44.26
C VAL F 192 -14.34 14.19 45.75
N THR F 193 -13.58 13.39 46.48
CA THR F 193 -13.38 13.60 47.91
C THR F 193 -11.88 13.72 48.15
N HIS F 194 -11.43 14.96 48.36
CA HIS F 194 -10.03 15.25 48.60
C HIS F 194 -9.86 16.00 49.93
N GLN F 195 -8.65 15.98 50.49
CA GLN F 195 -8.31 16.64 51.74
C GLN F 195 -8.44 18.18 51.64
N GLY F 196 -8.13 18.72 50.47
CA GLY F 196 -8.21 20.15 50.17
C GLY F 196 -9.60 20.66 49.84
N LEU F 197 -10.60 19.77 49.80
CA LEU F 197 -11.99 20.15 49.57
C LEU F 197 -12.73 20.10 50.90
N SER F 198 -13.35 21.22 51.31
CA SER F 198 -14.12 21.26 52.57
C SER F 198 -15.35 20.35 52.55
N SER F 199 -15.87 20.07 51.35
CA SER F 199 -16.99 19.17 51.10
C SER F 199 -16.84 18.55 49.71
N PRO F 200 -17.31 17.30 49.50
CA PRO F 200 -17.13 16.67 48.18
C PRO F 200 -17.67 17.48 47.00
N VAL F 201 -16.86 17.59 45.94
CA VAL F 201 -17.20 18.32 44.72
C VAL F 201 -17.79 17.38 43.69
N THR F 202 -18.97 17.72 43.16
CA THR F 202 -19.60 16.90 42.15
C THR F 202 -19.65 17.67 40.84
N LYS F 203 -19.23 17.03 39.77
CA LYS F 203 -19.30 17.59 38.43
C LYS F 203 -20.18 16.65 37.65
N SER F 204 -21.20 17.17 36.97
CA SER F 204 -22.13 16.31 36.24
C SER F 204 -22.57 16.89 34.90
N PHE F 205 -23.18 16.02 34.07
CA PHE F 205 -23.69 16.36 32.76
C PHE F 205 -24.77 15.36 32.38
N ASN F 206 -25.95 15.86 31.95
CA ASN F 206 -27.03 14.98 31.54
C ASN F 206 -27.40 15.17 30.07
N ARG F 207 -27.34 14.08 29.28
CA ARG F 207 -27.71 14.00 27.86
C ARG F 207 -27.58 12.57 27.36
N ARG G 3 -59.40 33.02 -78.62
CA ARG G 3 -60.01 32.36 -79.77
C ARG G 3 -60.57 30.94 -79.40
N HIS G 4 -59.68 29.99 -79.04
CA HIS G 4 -59.99 28.60 -78.68
C HIS G 4 -60.59 28.38 -77.27
N VAL G 5 -61.89 28.06 -77.17
CA VAL G 5 -62.55 27.83 -75.90
C VAL G 5 -62.95 26.40 -75.72
N PHE G 6 -62.68 25.84 -74.55
CA PHE G 6 -63.12 24.50 -74.21
C PHE G 6 -63.70 24.48 -72.82
N ILE G 7 -64.96 24.06 -72.70
CA ILE G 7 -65.69 23.97 -71.42
C ILE G 7 -66.27 22.59 -71.23
N ARG G 8 -66.17 22.05 -70.02
CA ARG G 8 -66.68 20.73 -69.73
C ARG G 8 -67.14 20.64 -68.31
N THR G 9 -68.36 20.13 -68.07
CA THR G 9 -68.83 19.96 -66.69
C THR G 9 -69.49 18.61 -66.48
N GLU G 10 -69.32 18.03 -65.28
CA GLU G 10 -69.98 16.79 -64.93
C GLU G 10 -70.44 16.81 -63.48
N LEU G 11 -71.46 16.02 -63.16
CA LEU G 11 -72.01 16.00 -61.83
C LEU G 11 -71.84 14.68 -61.11
N SER G 12 -71.20 14.74 -59.94
CA SER G 12 -70.98 13.62 -59.06
C SER G 12 -71.61 13.95 -57.70
N PHE G 13 -71.99 12.93 -56.94
CA PHE G 13 -72.58 13.13 -55.62
C PHE G 13 -71.70 12.53 -54.51
N ILE G 14 -71.83 13.04 -53.27
CA ILE G 14 -71.11 12.48 -52.11
C ILE G 14 -72.04 12.50 -50.90
N LYS G 15 -72.12 11.39 -50.14
CA LYS G 15 -72.90 11.32 -48.91
C LYS G 15 -71.98 11.42 -47.68
N ASN G 16 -72.39 12.19 -46.66
CA ASN G 16 -71.64 12.38 -45.41
C ASN G 16 -72.44 11.78 -44.20
N ASN G 17 -71.79 10.94 -43.40
CA ASN G 17 -72.40 10.36 -42.20
C ASN G 17 -72.37 11.33 -40.98
N VAL G 18 -71.54 12.37 -41.05
CA VAL G 18 -71.39 13.37 -40.00
C VAL G 18 -72.24 14.59 -40.27
N PRO G 19 -73.04 15.03 -39.28
CA PRO G 19 -73.83 16.26 -39.44
C PRO G 19 -72.92 17.47 -39.34
N CYS G 20 -72.45 17.97 -40.49
CA CYS G 20 -71.55 19.09 -40.63
C CYS G 20 -72.29 20.38 -40.38
N ILE G 21 -71.76 21.23 -39.53
CA ILE G 21 -72.39 22.52 -39.30
C ILE G 21 -71.76 23.55 -40.28
N ARG G 22 -70.48 23.39 -40.63
CA ARG G 22 -69.82 24.25 -41.59
C ARG G 22 -68.75 23.43 -42.30
N ASP G 23 -68.78 23.46 -43.62
CA ASP G 23 -67.84 22.71 -44.43
C ASP G 23 -66.67 23.58 -44.84
N MET G 24 -65.53 22.94 -45.10
CA MET G 24 -64.32 23.63 -45.54
C MET G 24 -63.58 22.70 -46.47
N PHE G 25 -63.52 23.03 -47.75
CA PHE G 25 -62.95 22.13 -48.75
C PHE G 25 -61.57 22.49 -49.18
N PHE G 26 -60.74 21.47 -49.41
CA PHE G 26 -59.42 21.68 -49.94
C PHE G 26 -58.98 20.51 -50.78
N ILE G 27 -58.15 20.80 -51.77
CA ILE G 27 -57.60 19.77 -52.64
C ILE G 27 -56.18 19.50 -52.18
N TYR G 28 -55.85 18.22 -52.01
CA TYR G 28 -54.52 17.83 -51.63
C TYR G 28 -54.11 16.62 -52.41
N LYS G 29 -53.05 16.76 -53.24
CA LYS G 29 -52.54 15.73 -54.13
C LYS G 29 -53.64 15.23 -55.05
N ARG G 30 -54.39 16.19 -55.61
CA ARG G 30 -55.51 15.99 -56.50
C ARG G 30 -56.69 15.23 -55.86
N GLU G 31 -56.62 14.91 -54.55
CA GLU G 31 -57.74 14.32 -53.83
C GLU G 31 -58.57 15.40 -53.13
N LEU G 32 -59.84 15.12 -52.82
CA LEU G 32 -60.71 16.11 -52.17
C LEU G 32 -60.87 15.87 -50.66
N TYR G 33 -60.64 16.90 -49.87
CA TYR G 33 -60.71 16.80 -48.43
C TYR G 33 -61.66 17.83 -47.88
N ASN G 34 -62.26 17.51 -46.73
CA ASN G 34 -63.18 18.40 -46.04
C ASN G 34 -62.77 18.53 -44.58
N ILE G 35 -62.98 19.72 -44.02
CA ILE G 35 -62.76 19.95 -42.60
C ILE G 35 -64.13 20.20 -42.06
N CYS G 36 -64.73 19.15 -41.54
CA CYS G 36 -66.08 19.15 -41.05
C CYS G 36 -66.12 19.64 -39.63
N LEU G 37 -67.05 20.55 -39.32
CA LEU G 37 -67.23 21.02 -37.97
C LEU G 37 -68.51 20.43 -37.42
N ASP G 38 -68.35 19.48 -36.53
CA ASP G 38 -69.46 18.78 -35.92
C ASP G 38 -69.65 19.32 -34.50
N ASP G 39 -70.29 20.49 -34.39
CA ASP G 39 -70.60 21.09 -33.09
C ASP G 39 -72.12 21.02 -32.82
N LEU G 40 -72.56 20.06 -31.99
CA LEU G 40 -73.98 19.94 -31.68
C LEU G 40 -74.35 20.82 -30.46
N LYS G 41 -75.39 21.64 -30.60
CA LYS G 41 -75.82 22.55 -29.54
C LYS G 41 -76.34 21.83 -28.28
N GLY G 42 -76.97 20.66 -28.46
CA GLY G 42 -77.48 19.86 -27.35
C GLY G 42 -76.39 19.34 -26.44
N GLU G 43 -76.72 18.31 -25.62
CA GLU G 43 -75.71 17.75 -24.72
C GLU G 43 -75.53 16.21 -24.86
N GLU G 44 -74.52 15.66 -24.12
CA GLU G 44 -74.01 14.28 -24.13
C GLU G 44 -72.96 14.08 -25.27
N ASP G 45 -72.96 15.01 -26.25
CA ASP G 45 -72.07 15.13 -27.42
C ASP G 45 -71.01 16.26 -27.17
N GLU G 46 -69.97 16.30 -28.00
CA GLU G 46 -68.94 17.32 -27.87
C GLU G 46 -68.58 17.93 -29.23
N THR G 47 -67.70 18.94 -29.24
CA THR G 47 -67.27 19.59 -30.48
C THR G 47 -66.24 18.69 -31.17
N HIS G 48 -66.41 18.54 -32.48
CA HIS G 48 -65.47 17.76 -33.28
C HIS G 48 -65.07 18.55 -34.50
N ILE G 49 -63.83 18.37 -34.92
CA ILE G 49 -63.33 18.98 -36.13
C ILE G 49 -62.71 17.85 -36.93
N TYR G 50 -63.53 17.18 -37.75
CA TYR G 50 -63.09 16.01 -38.51
C TYR G 50 -62.42 16.35 -39.81
N VAL G 51 -61.33 15.65 -40.12
CA VAL G 51 -60.68 15.80 -41.41
C VAL G 51 -61.16 14.61 -42.21
N GLN G 52 -61.88 14.86 -43.30
CA GLN G 52 -62.47 13.83 -44.14
C GLN G 52 -61.91 13.84 -45.54
N LYS G 53 -62.09 12.73 -46.27
CA LYS G 53 -61.59 12.62 -47.62
C LYS G 53 -62.61 11.91 -48.48
N LYS G 54 -62.86 12.42 -49.69
CA LYS G 54 -63.78 11.77 -50.61
C LYS G 54 -63.09 10.57 -51.19
N VAL G 55 -63.64 9.40 -50.88
CA VAL G 55 -63.14 8.13 -51.40
C VAL G 55 -64.27 7.51 -52.20
N LYS G 56 -64.43 7.95 -53.44
CA LYS G 56 -65.46 7.45 -54.35
C LYS G 56 -66.95 7.53 -53.92
N ASP G 57 -67.42 8.77 -53.76
CA ASP G 57 -68.81 9.10 -53.41
C ASP G 57 -69.24 8.97 -51.95
N SER G 58 -68.29 9.06 -51.03
CA SER G 58 -68.58 8.98 -49.61
C SER G 58 -67.40 9.54 -48.83
N TRP G 59 -67.67 10.52 -47.97
CA TRP G 59 -66.59 11.13 -47.18
C TRP G 59 -66.13 10.10 -46.15
N ILE G 60 -64.84 10.10 -45.84
CA ILE G 60 -64.26 9.18 -44.87
C ILE G 60 -63.54 9.96 -43.80
N THR G 61 -64.01 9.87 -42.57
CA THR G 61 -63.38 10.56 -41.46
C THR G 61 -61.99 9.98 -41.24
N LEU G 62 -60.98 10.85 -41.29
CA LEU G 62 -59.61 10.44 -41.11
C LEU G 62 -59.16 10.69 -39.70
N ASN G 63 -59.48 11.87 -39.13
CA ASN G 63 -59.16 12.12 -37.73
C ASN G 63 -59.91 13.33 -37.15
N ASP G 64 -59.86 13.47 -35.82
CA ASP G 64 -60.51 14.54 -35.09
C ASP G 64 -59.42 15.39 -34.48
N LEU G 65 -59.25 16.61 -35.00
CA LEU G 65 -58.23 17.52 -34.50
C LEU G 65 -58.60 18.16 -33.18
N PHE G 66 -59.89 18.30 -32.90
CA PHE G 66 -60.34 18.89 -31.65
C PHE G 66 -59.97 18.05 -30.42
N LYS G 67 -59.91 16.73 -30.58
CA LYS G 67 -59.55 15.80 -29.53
C LYS G 67 -58.15 16.09 -28.94
N GLU G 68 -57.17 16.35 -29.79
CA GLU G 68 -55.79 16.60 -29.36
C GLU G 68 -55.54 17.98 -28.77
N THR G 69 -56.56 18.82 -28.65
CA THR G 69 -56.39 20.16 -28.12
C THR G 69 -57.04 20.34 -26.77
N ASP G 70 -56.47 21.21 -25.94
CA ASP G 70 -57.08 21.57 -24.66
C ASP G 70 -57.76 22.93 -24.93
N LEU G 71 -58.75 22.92 -25.85
CA LEU G 71 -59.42 24.08 -26.40
C LEU G 71 -60.89 24.08 -26.09
N THR G 72 -61.44 25.26 -25.75
CA THR G 72 -62.86 25.37 -25.45
C THR G 72 -63.68 25.94 -26.64
N GLY G 73 -64.99 25.77 -26.59
CA GLY G 73 -65.92 26.30 -27.59
C GLY G 73 -65.60 26.05 -29.05
N ARG G 74 -65.95 27.02 -29.90
CA ARG G 74 -65.78 26.94 -31.35
C ARG G 74 -64.55 27.74 -31.83
N PRO G 75 -63.46 27.11 -32.35
CA PRO G 75 -62.32 27.91 -32.78
C PRO G 75 -62.35 28.31 -34.23
N HIS G 76 -61.60 29.36 -34.56
CA HIS G 76 -61.41 29.76 -35.95
C HIS G 76 -60.47 28.72 -36.55
N ILE G 77 -60.62 28.42 -37.83
CA ILE G 77 -59.81 27.42 -38.50
C ILE G 77 -59.15 27.99 -39.72
N PHE G 78 -57.82 27.94 -39.77
CA PHE G 78 -57.07 28.44 -40.91
C PHE G 78 -56.25 27.30 -41.47
N ALA G 79 -56.66 26.76 -42.64
CA ALA G 79 -56.02 25.63 -43.30
C ALA G 79 -55.19 26.14 -44.46
N TYR G 80 -53.91 25.75 -44.54
CA TYR G 80 -53.00 26.19 -45.60
C TYR G 80 -52.46 25.01 -46.30
N VAL G 81 -52.64 24.95 -47.62
CA VAL G 81 -52.15 23.83 -48.39
C VAL G 81 -51.06 24.23 -49.34
N ASP G 82 -49.84 23.91 -48.95
CA ASP G 82 -48.70 24.04 -49.83
C ASP G 82 -48.70 22.74 -50.70
N VAL G 83 -47.75 22.61 -51.63
CA VAL G 83 -47.69 21.48 -52.52
C VAL G 83 -47.78 20.10 -51.80
N GLU G 84 -46.84 19.85 -50.93
CA GLU G 84 -46.70 18.59 -50.24
C GLU G 84 -47.18 18.66 -48.79
N GLU G 85 -47.32 19.88 -48.20
CA GLU G 85 -47.65 19.97 -46.80
C GLU G 85 -48.94 20.70 -46.50
N ILE G 86 -49.62 20.27 -45.44
CA ILE G 86 -50.90 20.81 -44.98
C ILE G 86 -50.66 21.32 -43.56
N ILE G 87 -51.01 22.58 -43.30
CA ILE G 87 -50.88 23.16 -41.96
C ILE G 87 -52.24 23.68 -41.53
N ILE G 88 -52.79 23.17 -40.42
CA ILE G 88 -54.10 23.62 -39.95
C ILE G 88 -53.95 24.30 -38.58
N LEU G 89 -54.62 25.44 -38.40
CA LEU G 89 -54.55 26.19 -37.15
C LEU G 89 -55.93 26.36 -36.53
N LEU G 90 -56.07 25.97 -35.26
CA LEU G 90 -57.30 26.10 -34.52
C LEU G 90 -57.09 27.19 -33.51
N CYS G 91 -57.63 28.39 -33.76
CA CYS G 91 -57.45 29.53 -32.88
C CYS G 91 -58.65 29.78 -32.00
N GLU G 92 -58.44 29.98 -30.68
CA GLU G 92 -59.52 30.26 -29.74
C GLU G 92 -60.33 31.51 -30.11
N ASP G 93 -61.67 31.42 -30.00
CA ASP G 93 -62.53 32.57 -30.30
C ASP G 93 -62.67 33.42 -29.05
N GLU G 94 -61.77 34.40 -28.90
CA GLU G 94 -61.80 35.33 -27.76
C GLU G 94 -61.26 36.72 -28.17
N LYS G 100 -57.56 38.19 -24.15
CA LYS G 100 -56.38 38.98 -23.79
C LYS G 100 -55.67 39.56 -25.05
N LYS G 101 -54.56 40.30 -24.85
CA LYS G 101 -53.77 40.92 -25.91
C LYS G 101 -52.94 39.94 -26.74
N ASP G 102 -52.83 38.67 -26.31
CA ASP G 102 -52.17 37.64 -27.13
C ASP G 102 -53.12 36.49 -27.42
N MET G 103 -52.94 35.86 -28.59
CA MET G 103 -53.80 34.78 -29.06
C MET G 103 -53.15 33.42 -28.95
N THR G 104 -53.87 32.45 -28.40
CA THR G 104 -53.40 31.08 -28.32
C THR G 104 -54.03 30.30 -29.49
N CYS G 105 -53.25 29.43 -30.13
CA CYS G 105 -53.72 28.66 -31.26
C CYS G 105 -53.10 27.27 -31.22
N HIS G 106 -53.68 26.32 -31.94
CA HIS G 106 -53.17 24.97 -32.02
C HIS G 106 -52.76 24.69 -33.44
N ARG G 107 -51.50 24.26 -33.67
CA ARG G 107 -50.97 24.02 -35.00
C ARG G 107 -50.78 22.53 -35.31
N PHE G 108 -51.38 22.06 -36.43
CA PHE G 108 -51.31 20.68 -36.91
C PHE G 108 -50.53 20.69 -38.24
N TYR G 109 -49.71 19.66 -38.44
CA TYR G 109 -48.93 19.57 -39.66
C TYR G 109 -49.03 18.19 -40.21
N SER G 110 -49.15 18.09 -41.52
CA SER G 110 -49.10 16.80 -42.19
C SER G 110 -48.39 16.92 -43.53
N ASN G 111 -47.68 15.87 -43.94
CA ASN G 111 -47.11 15.81 -45.27
C ASN G 111 -47.76 14.65 -46.10
N ASP G 112 -48.89 14.14 -45.65
CA ASP G 112 -49.75 13.17 -46.28
C ASP G 112 -51.19 13.54 -45.84
N GLY G 113 -52.19 12.87 -46.41
CA GLY G 113 -53.56 13.17 -46.02
C GLY G 113 -53.96 12.64 -44.65
N LYS G 114 -53.17 11.69 -44.11
CA LYS G 114 -53.49 10.85 -42.98
C LYS G 114 -52.98 11.28 -41.58
N GLU G 115 -51.67 11.43 -41.39
CA GLU G 115 -51.10 11.69 -40.06
C GLU G 115 -50.77 13.15 -39.73
N TYR G 116 -51.48 13.74 -38.78
CA TYR G 116 -51.26 15.14 -38.38
C TYR G 116 -50.55 15.18 -37.03
N ASN G 117 -49.50 16.00 -36.92
CA ASN G 117 -48.80 16.15 -35.64
C ASN G 117 -49.03 17.54 -35.10
N ASN G 118 -49.28 17.66 -33.79
CA ASN G 118 -49.66 18.94 -33.24
C ASN G 118 -48.86 19.41 -32.07
N ALA G 119 -48.97 20.70 -31.82
CA ALA G 119 -48.39 21.43 -30.70
C ALA G 119 -49.10 22.80 -30.65
N GLU G 120 -49.29 23.30 -29.46
CA GLU G 120 -49.99 24.55 -29.18
C GLU G 120 -49.02 25.74 -29.23
N ILE G 121 -49.32 26.72 -30.06
CA ILE G 121 -48.49 27.91 -30.20
C ILE G 121 -49.19 29.14 -29.66
N THR G 122 -48.42 30.19 -29.36
CA THR G 122 -48.98 31.43 -28.86
C THR G 122 -48.40 32.63 -29.60
N ILE G 123 -49.27 33.51 -30.09
CA ILE G 123 -48.87 34.73 -30.79
C ILE G 123 -49.01 35.86 -29.80
N SER G 124 -47.91 36.28 -29.18
CA SER G 124 -47.92 37.33 -28.17
C SER G 124 -48.06 38.71 -28.78
N ASP G 125 -48.92 39.53 -28.14
CA ASP G 125 -49.25 40.90 -28.52
C ASP G 125 -49.61 40.96 -30.00
N TYR G 126 -50.42 39.98 -30.43
CA TYR G 126 -50.77 39.85 -31.82
C TYR G 126 -51.52 41.06 -32.34
N ILE G 127 -51.27 41.36 -33.61
CA ILE G 127 -51.73 42.55 -34.28
C ILE G 127 -53.24 42.61 -34.47
N LEU G 128 -53.92 41.45 -34.52
CA LEU G 128 -55.36 41.43 -34.72
C LEU G 128 -56.16 41.47 -33.43
N LYS G 129 -55.63 42.13 -32.39
CA LYS G 129 -56.24 42.23 -31.07
C LYS G 129 -57.74 42.58 -31.12
N ASP G 130 -58.05 43.61 -31.90
CA ASP G 130 -59.38 44.21 -32.02
C ASP G 130 -60.04 43.89 -33.36
N LYS G 131 -59.72 42.73 -33.96
CA LYS G 131 -60.28 42.38 -35.26
C LYS G 131 -61.16 41.15 -35.18
N LEU G 132 -62.12 41.07 -36.08
CA LEU G 132 -63.01 39.93 -36.18
C LEU G 132 -62.42 38.95 -37.19
N LEU G 133 -62.37 37.66 -36.85
CA LEU G 133 -61.81 36.65 -37.77
C LEU G 133 -62.85 35.63 -38.20
N SER G 134 -62.58 34.91 -39.29
CA SER G 134 -63.46 33.83 -39.73
C SER G 134 -62.64 32.73 -40.38
N SER G 135 -63.05 31.48 -40.19
CA SER G 135 -62.35 30.32 -40.72
C SER G 135 -62.27 30.30 -42.26
N TYR G 136 -61.16 29.80 -42.82
CA TYR G 136 -60.96 29.65 -44.25
C TYR G 136 -59.74 28.78 -44.61
N VAL G 137 -59.69 28.32 -45.87
CA VAL G 137 -58.60 27.57 -46.48
C VAL G 137 -57.82 28.54 -47.37
N SER G 138 -56.50 28.43 -47.41
CA SER G 138 -55.67 29.31 -48.20
C SER G 138 -54.37 28.64 -48.62
N LEU G 139 -53.53 29.35 -49.36
CA LEU G 139 -52.25 28.83 -49.85
C LEU G 139 -51.20 29.92 -49.65
N PRO G 140 -49.92 29.57 -49.65
CA PRO G 140 -48.88 30.59 -49.43
C PRO G 140 -48.88 31.71 -50.49
N LEU G 141 -48.59 32.94 -50.06
CA LEU G 141 -48.53 34.11 -50.93
C LEU G 141 -47.08 34.53 -51.05
N LYS G 142 -46.52 34.52 -52.25
CA LYS G 142 -45.16 34.93 -52.38
C LYS G 142 -45.14 36.37 -52.64
N ILE G 143 -44.51 37.11 -51.76
CA ILE G 143 -44.46 38.56 -51.89
C ILE G 143 -43.20 39.06 -52.60
N GLU G 144 -42.05 38.91 -51.95
CA GLU G 144 -40.81 39.35 -52.55
C GLU G 144 -39.94 38.18 -52.97
N ASN G 145 -39.50 37.42 -51.99
CA ASN G 145 -38.67 36.27 -52.25
C ASN G 145 -39.08 35.23 -51.23
N ARG G 146 -40.18 35.51 -50.54
CA ARG G 146 -40.61 34.55 -49.54
C ARG G 146 -42.08 34.35 -49.54
N GLU G 147 -42.47 33.23 -48.96
CA GLU G 147 -43.84 32.76 -48.92
C GLU G 147 -44.44 33.02 -47.55
N TYR G 148 -45.67 33.52 -47.52
CA TYR G 148 -46.35 33.83 -46.27
C TYR G 148 -47.71 33.19 -46.21
N PHE G 149 -48.10 32.80 -45.00
CA PHE G 149 -49.45 32.33 -44.70
C PHE G 149 -50.12 33.53 -44.06
N LEU G 150 -51.39 33.81 -44.42
CA LEU G 150 -52.05 35.01 -43.91
C LEU G 150 -53.20 34.72 -43.02
N ILE G 151 -53.31 35.45 -41.93
CA ILE G 151 -54.47 35.42 -41.05
C ILE G 151 -54.96 36.86 -41.10
N CYS G 152 -56.16 37.05 -41.67
CA CYS G 152 -56.72 38.36 -41.90
C CYS G 152 -57.98 38.63 -41.12
N GLY G 153 -58.12 39.87 -40.70
CA GLY G 153 -59.25 40.29 -39.89
C GLY G 153 -59.82 41.60 -40.32
N VAL G 154 -61.00 41.89 -39.78
CA VAL G 154 -61.82 43.04 -40.11
C VAL G 154 -62.24 43.83 -38.86
N SER G 155 -62.50 45.15 -39.04
CA SER G 155 -62.98 46.04 -38.00
C SER G 155 -64.38 45.61 -37.52
N PRO G 156 -64.55 45.53 -36.18
CA PRO G 156 -65.83 45.04 -35.64
C PRO G 156 -67.02 46.00 -35.63
N TYR G 157 -66.99 47.15 -36.37
CA TYR G 157 -68.14 48.09 -36.43
C TYR G 157 -68.12 49.04 -37.68
N LYS G 158 -69.30 49.59 -38.02
CA LYS G 158 -69.55 50.49 -39.14
C LYS G 158 -68.78 51.84 -39.04
N ASP G 166 -57.96 51.45 -39.86
CA ASP G 166 -57.91 50.75 -41.16
C ASP G 166 -58.64 49.40 -41.12
N ASP G 167 -59.69 49.29 -41.93
CA ASP G 167 -60.64 48.18 -41.99
C ASP G 167 -60.05 46.78 -42.09
N ILE G 168 -59.14 46.50 -43.04
CA ILE G 168 -58.61 45.13 -43.18
C ILE G 168 -57.17 45.03 -42.74
N LEU G 169 -56.82 43.97 -42.01
CA LEU G 169 -55.46 43.81 -41.52
C LEU G 169 -55.04 42.37 -41.52
N CYS G 170 -53.80 42.10 -41.93
CA CYS G 170 -53.31 40.72 -41.96
C CYS G 170 -52.05 40.57 -41.19
N MET G 171 -52.00 39.55 -40.34
CA MET G 171 -50.75 39.14 -39.73
C MET G 171 -50.33 37.91 -40.53
N ALA G 172 -49.04 37.83 -40.81
CA ALA G 172 -48.53 36.81 -41.70
C ALA G 172 -47.31 36.08 -41.16
N SER G 173 -47.10 34.85 -41.66
CA SER G 173 -46.02 33.96 -41.23
C SER G 173 -45.24 33.41 -42.39
N HIS G 174 -43.92 33.58 -42.35
CA HIS G 174 -43.05 33.02 -43.39
C HIS G 174 -42.22 31.82 -42.85
N ASP G 175 -42.58 31.27 -41.69
CA ASP G 175 -41.94 30.13 -41.09
C ASP G 175 -42.96 29.00 -40.82
N LYS G 176 -43.84 28.79 -41.80
CA LYS G 176 -44.85 27.77 -41.81
C LYS G 176 -45.85 27.85 -40.66
N GLY G 177 -46.15 29.04 -40.18
CA GLY G 177 -47.15 29.20 -39.14
C GLY G 177 -46.66 29.00 -37.73
N GLU G 178 -45.34 28.98 -37.52
CA GLU G 178 -44.84 28.88 -36.16
C GLU G 178 -44.88 30.21 -35.48
N THR G 179 -44.43 31.26 -36.16
CA THR G 179 -44.50 32.62 -35.65
C THR G 179 -45.31 33.49 -36.59
N TRP G 180 -46.00 34.49 -36.06
CA TRP G 180 -46.82 35.39 -36.88
C TRP G 180 -46.46 36.84 -36.60
N GLY G 181 -45.20 37.17 -36.77
CA GLY G 181 -44.71 38.51 -36.49
C GLY G 181 -44.87 39.49 -37.62
N THR G 182 -45.08 39.00 -38.85
CA THR G 182 -45.16 39.87 -40.01
C THR G 182 -46.49 40.56 -40.11
N LYS G 183 -46.51 41.83 -40.51
CA LYS G 183 -47.75 42.59 -40.66
C LYS G 183 -47.94 43.07 -42.09
N ILE G 184 -49.02 42.65 -42.73
CA ILE G 184 -49.35 43.06 -44.09
C ILE G 184 -50.42 44.13 -43.97
N VAL G 185 -50.15 45.31 -44.56
CA VAL G 185 -51.04 46.46 -44.54
C VAL G 185 -51.96 46.43 -45.75
N ILE G 186 -53.27 46.59 -45.53
CA ILE G 186 -54.23 46.59 -46.63
C ILE G 186 -54.96 47.94 -46.66
N LYS G 187 -54.67 48.75 -47.68
CA LYS G 187 -55.33 50.03 -47.81
C LYS G 187 -56.53 49.86 -48.73
N TYR G 188 -57.72 49.71 -48.13
CA TYR G 188 -58.95 49.60 -48.88
C TYR G 188 -59.75 50.85 -48.67
N ASP G 189 -59.79 51.65 -49.72
CA ASP G 189 -60.49 52.92 -49.85
C ASP G 189 -61.78 52.62 -50.63
N ASN G 190 -62.93 52.63 -49.96
CA ASN G 190 -64.23 52.43 -50.64
C ASN G 190 -65.21 53.54 -50.25
N TYR G 191 -66.45 53.52 -50.76
CA TYR G 191 -67.45 54.50 -50.37
C TYR G 191 -68.09 53.99 -49.07
N LYS G 192 -67.21 53.69 -48.07
CA LYS G 192 -67.47 53.08 -46.75
C LYS G 192 -68.23 54.03 -45.88
N LEU G 193 -69.52 54.13 -46.13
CA LEU G 193 -70.38 54.99 -45.36
C LEU G 193 -70.70 54.19 -44.10
N GLY G 194 -69.65 53.74 -43.42
CA GLY G 194 -69.77 52.93 -42.22
C GLY G 194 -70.47 51.58 -42.19
N VAL G 195 -69.98 50.63 -42.97
CA VAL G 195 -70.55 49.29 -43.01
C VAL G 195 -69.52 48.26 -42.52
N GLN G 196 -70.00 47.23 -41.85
CA GLN G 196 -69.12 46.19 -41.33
C GLN G 196 -68.97 44.99 -42.27
N TYR G 197 -67.74 44.50 -42.42
CA TYR G 197 -67.45 43.34 -43.28
C TYR G 197 -67.61 42.02 -42.54
N PHE G 198 -68.08 41.00 -43.27
CA PHE G 198 -68.31 39.68 -42.70
C PHE G 198 -67.68 38.63 -43.55
N PHE G 199 -67.25 37.55 -42.94
CA PHE G 199 -66.68 36.41 -43.63
C PHE G 199 -65.59 36.76 -44.63
N LEU G 200 -64.69 37.66 -44.21
CA LEU G 200 -63.55 38.01 -45.04
C LEU G 200 -62.62 36.82 -45.18
N ARG G 201 -62.15 36.60 -46.39
CA ARG G 201 -61.20 35.55 -46.70
C ARG G 201 -60.37 35.96 -47.90
N PRO G 202 -59.06 35.75 -47.84
CA PRO G 202 -58.21 36.14 -48.96
C PRO G 202 -58.23 35.10 -50.06
N TYR G 203 -58.36 35.57 -51.30
CA TYR G 203 -58.27 34.72 -52.45
C TYR G 203 -56.89 35.00 -53.05
N ILE G 204 -56.02 33.99 -53.07
CA ILE G 204 -54.65 34.12 -53.58
C ILE G 204 -54.44 33.26 -54.81
N SER G 205 -53.78 33.83 -55.81
CA SER G 205 -53.47 33.10 -57.03
C SER G 205 -52.25 33.70 -57.70
N LYS G 206 -51.17 32.90 -57.83
CA LYS G 206 -49.92 33.32 -58.48
C LYS G 206 -49.36 34.61 -57.87
N ASN G 207 -49.12 34.61 -56.53
CA ASN G 207 -48.59 35.76 -55.78
C ASN G 207 -49.40 37.10 -55.96
N ASP G 208 -50.68 37.01 -56.39
CA ASP G 208 -51.62 38.11 -56.49
C ASP G 208 -52.62 37.92 -55.36
N LEU G 209 -52.86 38.98 -54.59
CA LEU G 209 -53.74 38.94 -53.43
C LEU G 209 -55.05 39.66 -53.70
N SER G 210 -56.15 39.05 -53.27
CA SER G 210 -57.49 39.60 -53.40
C SER G 210 -58.32 39.18 -52.18
N PHE G 211 -59.50 39.80 -51.99
CA PHE G 211 -60.35 39.45 -50.85
C PHE G 211 -61.78 39.28 -51.25
N HIS G 212 -62.43 38.29 -50.65
CA HIS G 212 -63.83 38.03 -50.87
C HIS G 212 -64.48 38.14 -49.50
N PHE G 213 -65.53 38.95 -49.40
CA PHE G 213 -66.20 39.16 -48.10
C PHE G 213 -67.65 39.63 -48.29
N TYR G 214 -68.40 39.77 -47.20
CA TYR G 214 -69.77 40.23 -47.25
C TYR G 214 -69.94 41.60 -46.62
N VAL G 215 -70.95 42.35 -47.07
CA VAL G 215 -71.23 43.70 -46.55
C VAL G 215 -72.73 43.81 -46.21
N GLY G 216 -73.04 44.32 -45.00
CA GLY G 216 -74.39 44.48 -44.48
C GLY G 216 -75.11 45.79 -44.77
N ASN G 220 -75.91 39.32 -38.54
CA ASN G 220 -76.47 40.56 -39.08
C ASN G 220 -77.80 40.32 -39.80
N ASN G 221 -77.91 40.88 -41.00
CA ASN G 221 -79.15 40.74 -41.82
C ASN G 221 -79.13 40.16 -43.26
N VAL G 222 -78.88 41.03 -44.23
CA VAL G 222 -78.84 40.61 -45.64
C VAL G 222 -77.55 41.11 -46.24
N LYS G 223 -76.52 40.27 -46.22
CA LYS G 223 -75.26 40.64 -46.75
C LYS G 223 -75.16 40.50 -48.24
N ASN G 224 -74.16 41.18 -48.77
CA ASN G 224 -73.80 41.28 -50.18
C ASN G 224 -72.34 40.90 -50.39
N VAL G 225 -72.03 40.04 -51.38
CA VAL G 225 -70.66 39.71 -51.68
C VAL G 225 -69.94 40.90 -52.31
N ASN G 226 -68.72 41.12 -51.87
CA ASN G 226 -67.82 42.10 -52.41
C ASN G 226 -66.50 41.42 -52.64
N PHE G 227 -65.83 41.79 -53.74
CA PHE G 227 -64.55 41.21 -54.08
C PHE G 227 -63.62 42.33 -54.47
N ILE G 228 -62.48 42.44 -53.80
CA ILE G 228 -61.52 43.49 -54.09
C ILE G 228 -60.19 42.91 -54.54
N GLU G 229 -59.55 43.53 -55.53
CA GLU G 229 -58.25 43.17 -56.06
C GLU G 229 -57.20 44.07 -55.44
N CYS G 230 -56.02 43.54 -55.12
CA CYS G 230 -54.95 44.32 -54.54
C CYS G 230 -53.73 44.28 -55.38
N THR G 231 -53.09 45.44 -55.52
CA THR G 231 -51.80 45.54 -56.18
C THR G 231 -50.76 45.82 -55.10
N HIS G 232 -49.57 45.27 -55.33
CA HIS G 232 -48.46 45.42 -54.39
C HIS G 232 -47.77 46.75 -54.62
N GLU G 233 -47.75 47.58 -53.60
CA GLU G 233 -47.12 48.89 -53.71
C GLU G 233 -45.65 49.00 -53.29
N LYS G 234 -45.42 49.01 -51.97
CA LYS G 234 -44.07 49.15 -51.45
C LYS G 234 -43.35 47.84 -51.18
N ASP G 235 -43.71 47.22 -50.06
CA ASP G 235 -43.12 45.96 -49.62
C ASP G 235 -44.15 45.04 -48.96
N LEU G 236 -44.75 45.49 -47.86
CA LEU G 236 -45.72 44.69 -47.15
C LEU G 236 -47.04 45.44 -47.16
N GLU G 237 -47.13 46.42 -48.04
CA GLU G 237 -48.34 47.23 -48.16
C GLU G 237 -49.02 47.05 -49.52
N PHE G 238 -50.28 46.62 -49.47
CA PHE G 238 -51.07 46.39 -50.68
C PHE G 238 -52.23 47.40 -50.74
N VAL G 239 -52.55 47.83 -51.95
CA VAL G 239 -53.63 48.79 -52.15
C VAL G 239 -54.73 48.11 -52.94
N CYS G 240 -55.89 47.98 -52.33
CA CYS G 240 -56.99 47.26 -52.95
C CYS G 240 -58.05 48.17 -53.56
N SER G 241 -58.89 47.59 -54.41
CA SER G 241 -59.96 48.29 -55.09
C SER G 241 -61.05 47.29 -55.45
N ASN G 242 -62.30 47.72 -55.31
CA ASN G 242 -63.43 46.87 -55.62
C ASN G 242 -63.46 46.45 -57.07
N ARG G 243 -63.87 45.20 -57.32
CA ARG G 243 -64.01 44.68 -58.66
C ARG G 243 -65.49 44.52 -58.92
N ASP G 244 -65.99 45.19 -59.96
CA ASP G 244 -67.39 45.13 -60.32
C ASP G 244 -67.76 43.81 -60.97
N PHE G 245 -68.57 43.01 -60.28
CA PHE G 245 -69.13 41.79 -60.85
C PHE G 245 -70.64 41.85 -60.95
N LEU G 246 -71.26 43.03 -60.71
CA LEU G 246 -72.68 43.19 -60.71
C LEU G 246 -73.32 42.74 -62.01
N LYS G 247 -74.45 42.05 -61.87
CA LYS G 247 -75.19 41.50 -62.97
C LYS G 247 -76.66 41.61 -62.62
N ASP G 248 -77.45 42.26 -63.48
CA ASP G 248 -78.87 42.49 -63.24
C ASP G 248 -79.62 41.21 -62.93
N ASN G 249 -80.52 41.27 -61.92
CA ASN G 249 -81.39 40.19 -61.47
C ASN G 249 -80.69 38.88 -61.11
N LYS G 250 -79.41 38.98 -60.76
CA LYS G 250 -78.60 37.86 -60.31
C LYS G 250 -77.75 38.36 -59.14
N VAL G 251 -77.62 37.53 -58.10
CA VAL G 251 -76.85 37.90 -56.93
C VAL G 251 -75.48 37.26 -56.96
N LEU G 252 -74.43 38.06 -56.77
CA LEU G 252 -73.06 37.57 -56.78
C LEU G 252 -72.85 36.57 -55.64
N GLN G 253 -72.29 35.41 -55.96
CA GLN G 253 -72.07 34.37 -54.99
C GLN G 253 -70.57 34.08 -54.73
N ASP G 254 -69.91 33.22 -55.53
CA ASP G 254 -68.49 32.95 -55.31
C ASP G 254 -67.63 33.39 -56.48
N VAL G 255 -66.34 33.59 -56.25
CA VAL G 255 -65.37 34.05 -57.23
C VAL G 255 -64.11 33.20 -57.16
N SER G 256 -63.61 32.81 -58.31
CA SER G 256 -62.36 32.09 -58.43
C SER G 256 -61.70 32.46 -59.77
N THR G 257 -60.52 31.92 -60.07
CA THR G 257 -59.86 32.18 -61.34
C THR G 257 -59.40 30.88 -61.97
N LEU G 258 -59.48 30.80 -63.27
CA LEU G 258 -59.00 29.68 -64.04
C LEU G 258 -58.43 30.28 -65.30
N ASN G 259 -57.19 29.91 -65.66
CA ASN G 259 -56.61 30.37 -66.91
C ASN G 259 -56.29 31.90 -66.84
N ASP G 260 -56.00 32.48 -65.64
CA ASP G 260 -55.75 33.92 -65.47
C ASP G 260 -57.00 34.79 -65.78
N GLU G 261 -58.20 34.19 -65.67
CA GLU G 261 -59.49 34.83 -65.94
C GLU G 261 -60.43 34.45 -64.81
N TYR G 262 -61.39 35.32 -64.47
CA TYR G 262 -62.32 35.05 -63.39
C TYR G 262 -63.38 34.08 -63.76
N ILE G 263 -63.73 33.22 -62.83
CA ILE G 263 -64.88 32.34 -62.92
C ILE G 263 -65.78 32.75 -61.78
N VAL G 264 -67.02 33.14 -62.09
CA VAL G 264 -67.92 33.70 -61.09
C VAL G 264 -69.25 32.98 -61.00
N SER G 265 -69.71 32.65 -59.78
CA SER G 265 -71.01 32.03 -59.62
C SER G 265 -72.03 33.04 -59.16
N TYR G 266 -73.26 32.86 -59.59
CA TYR G 266 -74.37 33.75 -59.26
C TYR G 266 -75.60 32.94 -58.94
N GLY G 267 -76.46 33.46 -58.10
CA GLY G 267 -77.76 32.87 -57.87
C GLY G 267 -78.78 33.64 -58.67
N ASN G 268 -79.94 33.02 -59.01
CA ASN G 268 -81.04 33.72 -59.73
C ASN G 268 -81.47 34.92 -58.86
N ASP G 269 -81.62 34.66 -57.55
CA ASP G 269 -81.74 35.66 -56.52
C ASP G 269 -81.36 35.04 -55.16
N ASN G 270 -81.74 35.66 -54.04
CA ASN G 270 -81.34 35.24 -52.71
C ASN G 270 -81.88 33.86 -52.27
N ASN G 271 -82.78 33.27 -53.09
CA ASN G 271 -83.41 31.96 -52.92
C ASN G 271 -82.47 30.82 -53.40
N PHE G 272 -81.60 31.12 -54.38
CA PHE G 272 -80.68 30.20 -55.01
C PHE G 272 -81.38 28.99 -55.58
N ALA G 273 -82.53 29.23 -56.23
CA ALA G 273 -83.26 28.20 -56.96
C ALA G 273 -82.37 27.68 -58.11
N GLU G 274 -81.59 28.58 -58.73
CA GLU G 274 -80.65 28.31 -59.79
C GLU G 274 -79.33 29.03 -59.57
N CYS G 275 -78.26 28.54 -60.20
CA CYS G 275 -76.95 29.15 -60.13
C CYS G 275 -76.37 29.20 -61.51
N TYR G 276 -75.85 30.35 -61.91
CA TYR G 276 -75.20 30.53 -63.20
C TYR G 276 -73.69 30.65 -62.97
N ILE G 277 -72.87 30.10 -63.85
CA ILE G 277 -71.42 30.22 -63.74
C ILE G 277 -70.91 30.95 -64.96
N PHE G 278 -70.19 32.04 -64.77
CA PHE G 278 -69.67 32.82 -65.88
C PHE G 278 -68.17 32.73 -65.95
N PHE G 279 -67.64 32.48 -67.15
CA PHE G 279 -66.22 32.36 -67.42
C PHE G 279 -65.79 33.60 -68.13
N ASN G 280 -64.94 34.39 -67.51
CA ASN G 280 -64.44 35.66 -68.04
C ASN G 280 -65.58 36.59 -68.47
N ASN G 281 -66.74 36.48 -67.80
CA ASN G 281 -67.91 37.27 -68.15
C ASN G 281 -68.30 37.13 -69.62
N GLU G 282 -67.94 36.00 -70.25
CA GLU G 282 -68.18 35.79 -71.66
C GLU G 282 -69.02 34.55 -71.92
N ASN G 283 -68.74 33.46 -71.21
CA ASN G 283 -69.48 32.22 -71.42
C ASN G 283 -70.15 31.81 -70.12
N SER G 284 -71.30 31.15 -70.18
CA SER G 284 -72.00 30.76 -68.97
C SER G 284 -72.65 29.43 -69.03
N ILE G 285 -72.77 28.80 -67.88
CA ILE G 285 -73.46 27.52 -67.74
C ILE G 285 -74.52 27.65 -66.66
N LEU G 286 -75.64 26.96 -66.82
CA LEU G 286 -76.72 26.99 -65.84
C LEU G 286 -76.71 25.73 -65.01
N ILE G 287 -76.82 25.88 -63.69
CA ILE G 287 -76.89 24.80 -62.74
C ILE G 287 -78.27 24.82 -62.09
N LYS G 288 -79.13 23.84 -62.40
CA LYS G 288 -80.45 23.77 -61.79
C LYS G 288 -80.45 22.55 -60.90
N PRO G 289 -80.17 22.71 -59.60
CA PRO G 289 -80.12 21.54 -58.71
C PRO G 289 -81.47 20.85 -58.55
N GLU G 290 -81.73 19.83 -59.39
CA GLU G 290 -82.99 19.10 -59.43
C GLU G 290 -82.74 17.59 -59.49
N ALA G 297 -84.65 21.68 -53.60
CA ALA G 297 -83.23 21.96 -53.31
C ALA G 297 -82.65 23.16 -54.08
N GLY G 298 -81.72 23.86 -53.46
CA GLY G 298 -81.07 25.01 -54.07
C GLY G 298 -79.56 24.91 -54.09
N CYS G 299 -78.88 26.01 -54.41
CA CYS G 299 -77.42 26.04 -54.43
C CYS G 299 -76.85 27.09 -53.50
N TYR G 300 -77.52 27.29 -52.35
CA TYR G 300 -77.05 28.21 -51.33
C TYR G 300 -75.77 27.63 -50.75
N GLY G 301 -74.73 28.45 -50.65
CA GLY G 301 -73.46 27.99 -50.13
C GLY G 301 -72.55 27.34 -51.15
N GLY G 302 -72.91 27.42 -52.42
CA GLY G 302 -72.09 26.90 -53.50
C GLY G 302 -70.78 27.64 -53.54
N THR G 303 -69.68 26.90 -53.58
CA THR G 303 -68.34 27.48 -53.61
C THR G 303 -67.45 26.76 -54.59
N PHE G 304 -66.41 27.45 -55.04
CA PHE G 304 -65.40 26.87 -55.91
C PHE G 304 -64.27 26.30 -55.07
N VAL G 305 -63.72 25.18 -55.55
CA VAL G 305 -62.58 24.50 -54.94
C VAL G 305 -61.64 24.29 -56.10
N LYS G 306 -60.59 25.10 -56.23
CA LYS G 306 -59.70 25.01 -57.38
C LYS G 306 -58.78 23.79 -57.33
N ILE G 307 -58.54 23.15 -58.48
CA ILE G 307 -57.68 21.98 -58.59
C ILE G 307 -56.34 22.35 -59.25
N ASP G 308 -56.39 23.00 -60.41
CA ASP G 308 -55.25 23.50 -61.17
C ASP G 308 -55.69 24.70 -62.05
N GLU G 309 -54.85 25.20 -62.99
CA GLU G 309 -55.26 26.36 -63.80
C GLU G 309 -56.42 26.08 -64.79
N ASN G 310 -56.89 24.82 -64.87
CA ASN G 310 -57.96 24.45 -65.78
C ASN G 310 -59.10 23.73 -65.15
N ARG G 311 -58.93 23.17 -63.96
CA ARG G 311 -59.96 22.37 -63.33
C ARG G 311 -60.37 22.94 -61.99
N ALA G 312 -61.68 22.94 -61.71
CA ALA G 312 -62.19 23.41 -60.41
C ALA G 312 -63.51 22.74 -60.14
N LEU G 313 -63.84 22.56 -58.87
CA LEU G 313 -65.14 22.00 -58.49
C LEU G 313 -66.04 23.12 -58.02
N PHE G 314 -67.34 22.94 -58.17
CA PHE G 314 -68.34 23.84 -57.65
C PHE G 314 -69.23 22.96 -56.80
N ILE G 315 -69.10 23.05 -55.46
CA ILE G 315 -69.81 22.20 -54.50
C ILE G 315 -70.83 22.98 -53.70
N TYR G 316 -71.95 22.33 -53.38
CA TYR G 316 -73.00 22.87 -52.54
C TYR G 316 -73.71 21.70 -51.94
N SER G 317 -74.16 21.82 -50.70
CA SER G 317 -74.83 20.73 -50.01
C SER G 317 -76.31 21.02 -50.03
N SER G 318 -77.09 20.17 -50.68
CA SER G 318 -78.53 20.44 -50.74
C SER G 318 -79.43 20.07 -49.55
N SER G 319 -79.37 18.82 -49.12
CA SER G 319 -80.19 18.35 -48.00
C SER G 319 -79.24 17.96 -46.91
N GLN G 320 -79.67 17.06 -46.03
CA GLN G 320 -78.81 16.62 -44.93
C GLN G 320 -77.74 15.66 -45.46
N GLY G 321 -76.48 16.11 -45.47
CA GLY G 321 -75.39 15.28 -45.95
C GLY G 321 -75.28 14.96 -47.43
N ILE G 322 -76.12 15.55 -48.30
CA ILE G 322 -75.99 15.27 -49.75
C ILE G 322 -75.17 16.39 -50.41
N TYR G 323 -74.04 16.03 -51.01
CA TYR G 323 -73.12 17.00 -51.61
C TYR G 323 -73.16 16.90 -53.11
N ASN G 324 -73.48 18.00 -53.78
CA ASN G 324 -73.51 18.08 -55.23
C ASN G 324 -72.18 18.64 -55.70
N ILE G 325 -71.44 17.84 -56.46
CA ILE G 325 -70.11 18.25 -56.90
C ILE G 325 -70.07 18.39 -58.45
N HIS G 326 -69.88 19.61 -58.91
CA HIS G 326 -69.78 19.89 -60.32
C HIS G 326 -68.32 20.03 -60.67
N THR G 327 -67.81 19.11 -61.45
CA THR G 327 -66.41 19.14 -61.89
C THR G 327 -66.39 20.01 -63.14
N ILE G 328 -65.53 21.02 -63.16
CA ILE G 328 -65.45 21.96 -64.27
C ILE G 328 -64.08 22.01 -64.92
N TYR G 329 -64.04 22.00 -66.24
CA TYR G 329 -62.81 22.16 -67.00
C TYR G 329 -63.01 23.36 -67.91
N TYR G 330 -62.07 24.28 -67.91
CA TYR G 330 -62.16 25.46 -68.76
C TYR G 330 -60.78 25.82 -69.29
N ALA G 331 -60.69 26.09 -70.59
CA ALA G 331 -59.44 26.46 -71.21
C ALA G 331 -59.68 27.43 -72.32
N ASN G 332 -58.92 28.51 -72.33
CA ASN G 332 -59.06 29.55 -73.33
C ASN G 332 -57.67 29.80 -73.92
N TYR G 333 -57.54 29.68 -75.24
CA TYR G 333 -56.25 29.90 -75.89
C TYR G 333 -56.42 30.56 -77.27
N ALA H 1 -23.21 24.48 -51.61
CA ALA H 1 -23.23 23.96 -50.23
C ALA H 1 -22.69 24.93 -49.18
N VAL H 2 -23.35 24.97 -48.02
CA VAL H 2 -22.96 25.88 -46.94
C VAL H 2 -21.74 25.38 -46.15
N THR H 3 -21.13 26.29 -45.38
CA THR H 3 -20.03 26.01 -44.46
C THR H 3 -20.40 26.60 -43.12
N LEU H 4 -20.31 25.81 -42.06
CA LEU H 4 -20.65 26.27 -40.72
C LEU H 4 -19.37 26.22 -39.88
N ASP H 5 -18.89 27.40 -39.43
CA ASP H 5 -17.65 27.50 -38.66
C ASP H 5 -17.87 28.03 -37.24
N GLU H 6 -17.80 27.13 -36.24
CA GLU H 6 -18.05 27.53 -34.86
C GLU H 6 -16.83 27.95 -34.11
N SER H 7 -17.01 28.95 -33.28
CA SER H 7 -15.99 29.55 -32.42
C SER H 7 -16.58 29.90 -31.05
N GLY H 8 -15.72 30.12 -30.07
CA GLY H 8 -16.17 30.49 -28.74
C GLY H 8 -16.05 29.43 -27.67
N GLY H 9 -15.57 28.25 -28.04
CA GLY H 9 -15.42 27.16 -27.06
C GLY H 9 -14.20 27.28 -26.16
N GLY H 10 -13.80 26.13 -25.64
CA GLY H 10 -12.64 26.02 -24.77
C GLY H 10 -12.97 25.86 -23.31
N LEU H 11 -12.01 26.19 -22.47
CA LEU H 11 -12.17 26.09 -21.03
C LEU H 11 -12.98 27.27 -20.53
N GLN H 12 -14.00 26.99 -19.71
CA GLN H 12 -14.90 28.01 -19.13
C GLN H 12 -15.05 27.74 -17.63
N THR H 13 -15.17 28.78 -16.81
CA THR H 13 -15.30 28.59 -15.36
C THR H 13 -16.74 28.28 -14.96
N PRO H 14 -16.94 27.34 -14.01
CA PRO H 14 -18.31 27.01 -13.59
C PRO H 14 -19.03 28.24 -13.04
N GLY H 15 -20.27 28.44 -13.44
CA GLY H 15 -21.03 29.63 -13.05
C GLY H 15 -20.91 30.75 -14.06
N GLY H 16 -19.89 30.70 -14.91
CA GLY H 16 -19.65 31.70 -15.94
C GLY H 16 -20.59 31.59 -17.13
N ALA H 17 -20.31 32.36 -18.18
CA ALA H 17 -21.15 32.39 -19.37
C ALA H 17 -20.37 32.00 -20.59
N LEU H 18 -21.06 31.41 -21.51
CA LEU H 18 -20.50 30.92 -22.75
C LEU H 18 -21.13 31.68 -23.90
N SER H 19 -20.31 32.04 -24.90
CA SER H 19 -20.80 32.73 -26.07
C SER H 19 -20.22 32.03 -27.28
N LEU H 20 -21.06 31.26 -27.96
CA LEU H 20 -20.64 30.56 -29.16
C LEU H 20 -21.08 31.34 -30.36
N VAL H 21 -20.26 31.31 -31.40
CA VAL H 21 -20.59 31.98 -32.65
C VAL H 21 -20.48 30.96 -33.79
N CYS H 22 -21.29 31.10 -34.80
CA CYS H 22 -21.22 30.21 -35.94
C CYS H 22 -21.26 31.02 -37.18
N LYS H 23 -20.09 31.20 -37.82
CA LYS H 23 -20.08 31.93 -39.07
C LYS H 23 -20.40 31.04 -40.27
N GLY H 24 -21.53 31.35 -40.88
CA GLY H 24 -21.99 30.63 -42.06
C GLY H 24 -21.42 31.23 -43.33
N SER H 25 -21.20 30.39 -44.31
CA SER H 25 -20.63 30.79 -45.57
C SER H 25 -21.32 30.02 -46.69
N GLY H 26 -21.42 30.62 -47.86
CA GLY H 26 -22.05 29.96 -49.00
C GLY H 26 -23.55 29.84 -48.89
N PHE H 27 -24.18 30.69 -48.06
CA PHE H 27 -25.63 30.67 -47.91
C PHE H 27 -26.28 31.50 -48.98
N PHE H 28 -27.51 31.11 -49.35
CA PHE H 28 -28.33 31.84 -50.28
C PHE H 28 -29.65 31.95 -49.57
N SER H 29 -29.94 33.15 -49.08
CA SER H 29 -31.08 33.48 -48.24
C SER H 29 -30.94 32.79 -46.91
N PHE H 30 -29.87 33.12 -46.17
CA PHE H 30 -29.65 32.57 -44.83
C PHE H 30 -30.86 32.81 -43.93
N SER H 31 -31.49 33.98 -44.09
CA SER H 31 -32.67 34.41 -43.37
C SER H 31 -33.83 33.43 -43.40
N SER H 32 -33.81 32.48 -44.35
CA SER H 32 -34.92 31.55 -44.51
C SER H 32 -34.64 30.11 -44.07
N TYR H 33 -33.58 29.87 -43.29
CA TYR H 33 -33.29 28.52 -42.82
C TYR H 33 -33.45 28.43 -41.33
N THR H 34 -33.96 27.30 -40.81
CA THR H 34 -34.00 27.12 -39.37
C THR H 34 -32.59 26.74 -38.98
N MET H 35 -32.02 27.43 -38.01
CA MET H 35 -30.69 27.13 -37.52
C MET H 35 -30.81 26.51 -36.13
N GLN H 36 -29.89 25.61 -35.77
CA GLN H 36 -29.93 24.93 -34.48
C GLN H 36 -28.56 24.76 -33.82
N TRP H 37 -28.57 24.47 -32.52
CA TRP H 37 -27.37 24.09 -31.76
C TRP H 37 -27.68 22.70 -31.17
N VAL H 38 -26.74 21.79 -31.34
CA VAL H 38 -26.83 20.42 -30.82
C VAL H 38 -25.54 20.16 -30.05
N ARG H 39 -25.61 19.51 -28.88
CA ARG H 39 -24.39 19.23 -28.12
C ARG H 39 -24.23 17.73 -27.88
N GLN H 40 -23.01 17.31 -27.56
CA GLN H 40 -22.75 15.92 -27.27
C GLN H 40 -21.78 15.78 -26.12
N ALA H 41 -22.28 15.29 -24.99
CA ALA H 41 -21.52 15.08 -23.77
C ALA H 41 -20.48 14.00 -23.96
N PRO H 42 -19.30 14.11 -23.29
CA PRO H 42 -18.30 13.04 -23.43
C PRO H 42 -18.86 11.71 -22.94
N GLY H 43 -18.86 10.72 -23.83
CA GLY H 43 -19.42 9.40 -23.55
C GLY H 43 -20.93 9.34 -23.62
N LYS H 44 -21.55 10.33 -24.28
CA LYS H 44 -22.99 10.38 -24.42
C LYS H 44 -23.38 10.63 -25.89
N GLY H 45 -24.65 10.46 -26.18
CA GLY H 45 -25.20 10.66 -27.52
C GLY H 45 -25.47 12.13 -27.83
N LEU H 46 -26.07 12.40 -28.98
CA LEU H 46 -26.41 13.77 -29.36
C LEU H 46 -27.61 14.26 -28.54
N GLU H 47 -27.66 15.56 -28.26
CA GLU H 47 -28.72 16.18 -27.46
C GLU H 47 -29.05 17.54 -28.07
N TRP H 48 -30.33 17.79 -28.35
CA TRP H 48 -30.75 19.07 -28.92
C TRP H 48 -30.64 20.21 -27.86
N VAL H 49 -30.12 21.36 -28.30
CA VAL H 49 -29.94 22.50 -27.40
C VAL H 49 -30.93 23.65 -27.66
N ALA H 50 -30.96 24.20 -28.89
CA ALA H 50 -31.84 25.31 -29.20
C ALA H 50 -32.16 25.30 -30.68
N SER H 51 -33.24 25.98 -31.09
CA SER H 51 -33.58 26.13 -32.49
C SER H 51 -34.03 27.58 -32.71
N ILE H 52 -33.88 28.13 -33.92
CA ILE H 52 -34.40 29.45 -34.25
C ILE H 52 -35.00 29.39 -35.63
N SER H 53 -36.33 29.55 -35.76
CA SER H 53 -37.05 29.51 -37.05
C SER H 53 -36.67 30.69 -37.96
N SER H 54 -37.06 30.63 -39.25
CA SER H 54 -36.76 31.75 -40.17
C SER H 54 -37.43 33.08 -39.72
N GLY H 55 -38.50 32.98 -38.94
CA GLY H 55 -39.18 34.15 -38.40
C GLY H 55 -38.81 34.49 -36.97
N GLY H 56 -37.70 33.99 -36.49
CA GLY H 56 -37.25 34.28 -35.13
C GLY H 56 -37.76 33.41 -33.98
N GLY H 57 -38.58 32.40 -34.27
CA GLY H 57 -39.11 31.49 -33.26
C GLY H 57 -38.09 30.62 -32.55
N THR H 58 -37.77 31.00 -31.29
CA THR H 58 -36.80 30.25 -30.51
C THR H 58 -37.41 29.22 -29.61
N ASN H 59 -36.74 28.09 -29.43
CA ASN H 59 -37.15 27.01 -28.55
C ASN H 59 -35.91 26.40 -27.95
N TYR H 60 -35.98 25.98 -26.68
CA TYR H 60 -34.80 25.45 -26.01
C TYR H 60 -35.05 24.11 -25.36
N GLY H 61 -34.01 23.28 -25.37
CA GLY H 61 -34.06 21.98 -24.73
C GLY H 61 -34.20 22.12 -23.23
N ALA H 62 -34.83 21.13 -22.60
CA ALA H 62 -35.11 21.17 -21.17
C ALA H 62 -33.90 21.46 -20.29
N ALA H 63 -32.72 20.91 -20.66
CA ALA H 63 -31.50 21.08 -19.87
C ALA H 63 -30.91 22.48 -19.93
N VAL H 64 -31.36 23.34 -20.85
CA VAL H 64 -30.82 24.70 -20.95
C VAL H 64 -31.88 25.80 -20.82
N LYS H 65 -33.22 25.52 -20.82
CA LYS H 65 -34.21 26.63 -20.77
C LYS H 65 -33.98 27.54 -19.56
N GLY H 66 -34.09 28.85 -19.79
CA GLY H 66 -33.86 29.80 -18.71
C GLY H 66 -32.43 30.23 -18.57
N ARG H 67 -31.51 29.53 -19.23
CA ARG H 67 -30.09 29.88 -19.20
C ARG H 67 -29.56 30.22 -20.61
N ALA H 68 -30.26 29.81 -21.65
CA ALA H 68 -29.78 29.99 -23.01
C ALA H 68 -30.54 31.01 -23.80
N THR H 69 -29.83 31.65 -24.74
CA THR H 69 -30.41 32.56 -25.71
C THR H 69 -29.80 32.26 -27.06
N ILE H 70 -30.61 31.84 -28.02
CA ILE H 70 -30.14 31.61 -29.37
C ILE H 70 -30.59 32.80 -30.20
N SER H 71 -29.71 33.32 -31.02
CA SER H 71 -30.00 34.48 -31.85
C SER H 71 -29.32 34.35 -33.18
N ARG H 72 -29.73 35.15 -34.14
CA ARG H 72 -29.15 35.12 -35.46
C ARG H 72 -29.05 36.52 -36.02
N ASP H 73 -28.06 36.74 -36.86
CA ASP H 73 -27.89 37.99 -37.55
C ASP H 73 -27.90 37.65 -39.03
N ASN H 74 -29.02 37.88 -39.68
CA ASN H 74 -29.21 37.48 -41.06
C ASN H 74 -28.30 38.18 -42.06
N GLY H 75 -27.97 39.44 -41.78
CA GLY H 75 -27.09 40.20 -42.66
C GLY H 75 -25.70 39.64 -42.73
N GLN H 76 -25.22 39.04 -41.61
CA GLN H 76 -23.89 38.45 -41.53
C GLN H 76 -23.85 36.94 -41.52
N SER H 77 -25.00 36.26 -41.70
CA SER H 77 -25.08 34.80 -41.73
C SER H 77 -24.49 34.17 -40.48
N THR H 78 -24.75 34.79 -39.32
CA THR H 78 -24.21 34.29 -38.06
C THR H 78 -25.30 33.84 -37.14
N LEU H 79 -25.00 32.83 -36.36
CA LEU H 79 -25.90 32.22 -35.38
C LEU H 79 -25.12 32.24 -34.10
N ARG H 80 -25.74 32.64 -33.00
CA ARG H 80 -25.05 32.73 -31.70
C ARG H 80 -25.78 31.94 -30.65
N LEU H 81 -25.03 31.39 -29.71
CA LEU H 81 -25.63 30.75 -28.56
C LEU H 81 -25.00 31.37 -27.33
N GLN H 82 -25.83 31.86 -26.42
CA GLN H 82 -25.36 32.41 -25.18
C GLN H 82 -25.88 31.47 -24.10
N LEU H 83 -25.02 30.97 -23.22
CA LEU H 83 -25.45 30.04 -22.18
C LEU H 83 -24.84 30.53 -20.85
N ASN H 84 -25.70 30.96 -19.92
CA ASN H 84 -25.27 31.50 -18.63
C ASN H 84 -25.28 30.46 -17.50
N ASN H 85 -24.59 30.74 -16.36
CA ASN H 85 -24.58 29.86 -15.21
C ASN H 85 -24.18 28.43 -15.56
N LEU H 86 -23.06 28.30 -16.28
CA LEU H 86 -22.48 27.04 -16.73
C LEU H 86 -22.26 26.04 -15.62
N ARG H 87 -22.51 24.78 -15.91
CA ARG H 87 -22.28 23.70 -14.95
C ARG H 87 -21.60 22.51 -15.61
N ALA H 88 -21.09 21.54 -14.85
CA ALA H 88 -20.39 20.38 -15.43
C ALA H 88 -21.17 19.63 -16.51
N GLU H 89 -22.48 19.59 -16.40
CA GLU H 89 -23.34 18.94 -17.36
C GLU H 89 -23.32 19.63 -18.73
N ASP H 90 -22.92 20.92 -18.79
CA ASP H 90 -22.76 21.67 -20.03
C ASP H 90 -21.47 21.35 -20.77
N THR H 91 -20.56 20.52 -20.21
CA THR H 91 -19.34 20.13 -20.91
C THR H 91 -19.72 19.20 -22.08
N GLY H 92 -19.10 19.43 -23.23
CA GLY H 92 -19.35 18.63 -24.41
C GLY H 92 -18.99 19.37 -25.68
N THR H 93 -19.25 18.76 -26.86
CA THR H 93 -19.00 19.43 -28.12
C THR H 93 -20.28 20.01 -28.64
N TYR H 94 -20.25 21.29 -29.01
CA TYR H 94 -21.43 21.99 -29.49
C TYR H 94 -21.31 22.16 -31.00
N TYR H 95 -22.36 21.75 -31.74
CA TYR H 95 -22.42 21.83 -33.18
C TYR H 95 -23.48 22.75 -33.62
N CYS H 96 -23.14 23.51 -34.60
CA CYS H 96 -23.98 24.41 -35.35
C CYS H 96 -24.68 23.49 -36.35
N ALA H 97 -25.97 23.65 -36.57
CA ALA H 97 -26.70 22.78 -37.52
C ALA H 97 -27.74 23.54 -38.30
N LYS H 98 -28.07 23.06 -39.49
CA LYS H 98 -29.01 23.75 -40.37
C LYS H 98 -30.02 22.78 -40.93
N HIS H 99 -31.29 23.18 -41.05
CA HIS H 99 -32.32 22.35 -41.67
C HIS H 99 -32.30 22.58 -43.19
N GLY H 100 -32.86 21.66 -43.98
CA GLY H 100 -32.93 21.82 -45.43
C GLY H 100 -33.74 23.04 -45.84
N VAL H 101 -33.66 23.46 -47.12
CA VAL H 101 -34.41 24.63 -47.62
C VAL H 101 -35.88 24.51 -47.40
N ASN H 102 -36.42 23.29 -47.55
CA ASN H 102 -37.85 23.10 -47.41
C ASN H 102 -38.34 23.00 -45.94
N GLY H 103 -37.47 23.30 -44.99
CA GLY H 103 -37.73 23.25 -43.55
C GLY H 103 -38.33 21.92 -43.13
N CYS H 104 -39.34 21.98 -42.27
CA CYS H 104 -40.11 20.79 -41.90
C CYS H 104 -41.18 21.05 -40.84
N ASP H 105 -41.78 19.97 -40.24
CA ASP H 105 -42.88 20.05 -39.30
C ASP H 105 -42.65 21.08 -38.22
N TRP H 106 -41.59 20.98 -37.46
CA TRP H 106 -41.35 21.96 -36.40
C TRP H 106 -39.92 22.42 -36.47
N SER H 107 -39.68 23.73 -36.32
CA SER H 107 -38.35 24.30 -36.34
C SER H 107 -37.43 23.66 -35.30
N TYR H 108 -38.00 23.09 -34.23
CA TYR H 108 -37.22 22.40 -33.21
C TYR H 108 -37.06 20.92 -33.46
N SER H 109 -37.61 20.37 -34.58
CA SER H 109 -37.43 18.97 -34.96
C SER H 109 -35.97 18.81 -35.32
N VAL H 110 -35.46 17.63 -35.05
CA VAL H 110 -34.07 17.36 -35.34
C VAL H 110 -33.96 16.20 -36.39
N GLY H 111 -35.03 15.98 -37.16
CA GLY H 111 -35.07 14.99 -38.22
C GLY H 111 -35.03 15.61 -39.61
N CYS H 112 -34.56 16.87 -39.69
CA CYS H 112 -34.48 17.66 -40.92
C CYS H 112 -33.13 18.34 -41.12
N VAL H 113 -32.14 18.01 -40.30
CA VAL H 113 -30.83 18.63 -40.41
C VAL H 113 -30.02 18.07 -41.56
N ASP H 114 -29.61 18.93 -42.51
CA ASP H 114 -28.83 18.46 -43.63
C ASP H 114 -27.39 19.00 -43.66
N ALA H 115 -26.98 19.80 -42.66
CA ALA H 115 -25.62 20.36 -42.61
C ALA H 115 -25.18 20.57 -41.19
N TRP H 116 -23.96 20.18 -40.88
CA TRP H 116 -23.44 20.33 -39.52
C TRP H 116 -22.13 21.16 -39.57
N GLY H 117 -21.80 21.81 -38.46
CA GLY H 117 -20.51 22.48 -38.33
C GLY H 117 -19.46 21.46 -37.89
N HIS H 118 -18.20 21.91 -37.76
CA HIS H 118 -17.13 21.02 -37.29
C HIS H 118 -17.23 20.73 -35.76
N GLY H 119 -17.89 21.61 -35.04
CA GLY H 119 -18.07 21.51 -33.59
C GLY H 119 -17.02 22.27 -32.82
N THR H 120 -17.35 22.67 -31.61
CA THR H 120 -16.39 23.29 -30.70
C THR H 120 -16.51 22.65 -29.37
N GLU H 121 -15.37 22.26 -28.78
CA GLU H 121 -15.35 21.62 -27.48
C GLU H 121 -15.54 22.68 -26.40
N VAL H 122 -16.44 22.43 -25.45
CA VAL H 122 -16.71 23.32 -24.33
C VAL H 122 -16.40 22.51 -23.08
N ILE H 123 -15.53 23.04 -22.22
CA ILE H 123 -15.14 22.35 -21.01
C ILE H 123 -15.37 23.23 -19.83
N VAL H 124 -16.44 22.97 -19.08
CA VAL H 124 -16.77 23.72 -17.86
C VAL H 124 -15.95 23.12 -16.75
N SER H 125 -14.83 23.76 -16.42
CA SER H 125 -13.91 23.21 -15.41
C SER H 125 -13.13 24.30 -14.70
N SER H 126 -12.91 24.10 -13.41
CA SER H 126 -12.08 25.00 -12.63
C SER H 126 -10.57 24.58 -12.72
N ALA H 127 -10.26 23.40 -13.30
CA ALA H 127 -8.89 22.93 -13.50
C ALA H 127 -8.20 23.75 -14.60
N SER H 128 -6.86 23.86 -14.54
CA SER H 128 -6.12 24.63 -15.53
C SER H 128 -5.51 23.76 -16.63
N THR H 129 -5.21 24.39 -17.79
CA THR H 129 -4.63 23.71 -18.95
C THR H 129 -3.18 23.27 -18.65
N LYS H 130 -2.83 22.05 -19.13
CA LYS H 130 -1.52 21.43 -18.96
C LYS H 130 -1.11 20.67 -20.24
N GLY H 131 0.09 20.97 -20.75
CA GLY H 131 0.66 20.30 -21.91
C GLY H 131 1.16 18.91 -21.56
N PRO H 132 1.22 18.01 -22.55
CA PRO H 132 1.61 16.62 -22.25
C PRO H 132 3.10 16.33 -22.20
N SER H 133 3.45 15.22 -21.54
CA SER H 133 4.81 14.68 -21.48
C SER H 133 4.81 13.56 -22.50
N VAL H 134 5.78 13.52 -23.41
CA VAL H 134 5.83 12.46 -24.43
C VAL H 134 6.97 11.49 -24.16
N PHE H 135 6.64 10.21 -23.96
CA PHE H 135 7.62 9.17 -23.66
C PHE H 135 7.65 8.11 -24.74
N PRO H 136 8.83 7.63 -25.16
CA PRO H 136 8.86 6.59 -26.19
C PRO H 136 8.41 5.21 -25.69
N LEU H 137 7.89 4.41 -26.60
CA LEU H 137 7.49 3.03 -26.41
C LEU H 137 8.41 2.29 -27.37
N ALA H 138 9.65 2.02 -26.91
CA ALA H 138 10.73 1.42 -27.68
C ALA H 138 10.46 0.00 -28.09
N PRO H 139 10.82 -0.37 -29.34
CA PRO H 139 10.61 -1.76 -29.78
C PRO H 139 11.64 -2.75 -29.26
N SER H 140 11.26 -4.03 -29.24
CA SER H 140 12.06 -5.16 -28.75
C SER H 140 12.92 -5.91 -29.81
N SER H 141 14.05 -6.46 -29.34
CA SER H 141 15.00 -7.22 -30.14
C SER H 141 14.46 -8.60 -30.53
N LYS H 142 14.59 -8.91 -31.86
CA LYS H 142 14.19 -10.12 -32.61
C LYS H 142 14.25 -11.43 -31.79
N GLY H 146 10.62 -11.66 -34.98
CA GLY H 146 11.72 -11.41 -35.89
C GLY H 146 11.30 -11.04 -37.31
N GLY H 147 10.04 -10.54 -37.44
CA GLY H 147 9.40 -10.16 -38.71
C GLY H 147 8.83 -8.76 -38.64
N THR H 148 7.76 -8.57 -37.86
CA THR H 148 7.20 -7.22 -37.67
C THR H 148 7.39 -6.76 -36.23
N ALA H 149 7.73 -5.50 -36.04
CA ALA H 149 7.97 -4.87 -34.74
C ALA H 149 6.95 -3.79 -34.46
N ALA H 150 6.70 -3.49 -33.19
CA ALA H 150 5.78 -2.41 -32.82
C ALA H 150 6.49 -1.40 -31.94
N LEU H 151 6.29 -0.13 -32.22
CA LEU H 151 6.82 0.99 -31.44
C LEU H 151 5.73 2.04 -31.27
N GLY H 152 5.95 3.03 -30.41
CA GLY H 152 4.97 4.07 -30.20
C GLY H 152 5.40 5.14 -29.24
N CYS H 153 4.46 5.97 -28.79
CA CYS H 153 4.78 6.95 -27.79
C CYS H 153 3.58 7.25 -26.93
N LEU H 154 3.84 7.37 -25.65
CA LEU H 154 2.86 7.61 -24.62
C LEU H 154 2.80 9.10 -24.37
N VAL H 155 1.65 9.67 -24.64
CA VAL H 155 1.33 11.10 -24.45
C VAL H 155 0.62 11.16 -23.08
N LYS H 156 1.34 11.62 -22.07
CA LYS H 156 0.90 11.55 -20.68
C LYS H 156 0.60 12.88 -19.98
N ASP H 157 -0.45 12.84 -19.14
CA ASP H 157 -0.90 13.91 -18.24
C ASP H 157 -1.12 15.27 -18.88
N TYR H 158 -2.09 15.37 -19.79
CA TYR H 158 -2.43 16.63 -20.42
C TYR H 158 -3.90 17.01 -20.14
N PHE H 159 -4.23 18.29 -20.32
CA PHE H 159 -5.59 18.77 -20.08
C PHE H 159 -5.77 20.11 -20.77
N PRO H 160 -6.89 20.36 -21.44
CA PRO H 160 -7.98 19.44 -21.73
C PRO H 160 -7.75 18.74 -23.08
N GLU H 161 -8.75 17.99 -23.53
CA GLU H 161 -8.67 17.36 -24.84
C GLU H 161 -8.80 18.45 -25.93
N PRO H 162 -8.28 18.20 -27.16
CA PRO H 162 -7.67 16.99 -27.66
C PRO H 162 -6.16 17.15 -27.95
N VAL H 163 -5.51 16.02 -28.29
CA VAL H 163 -4.11 15.96 -28.69
C VAL H 163 -4.08 15.25 -30.07
N THR H 164 -3.16 15.68 -30.95
CA THR H 164 -3.04 15.04 -32.26
C THR H 164 -1.67 14.44 -32.41
N VAL H 165 -1.59 13.22 -32.93
CA VAL H 165 -0.33 12.55 -33.11
C VAL H 165 -0.14 12.15 -34.57
N SER H 166 1.01 12.50 -35.13
CA SER H 166 1.38 12.08 -36.49
C SER H 166 2.74 11.34 -36.38
N TRP H 167 3.13 10.58 -37.41
CA TRP H 167 4.40 9.88 -37.37
C TRP H 167 5.23 10.31 -38.56
N ASN H 168 6.50 10.66 -38.36
CA ASN H 168 7.38 11.12 -39.43
C ASN H 168 6.78 12.28 -40.22
N SER H 169 6.18 13.24 -39.51
CA SER H 169 5.56 14.43 -40.06
C SER H 169 4.48 14.11 -41.09
N GLY H 170 3.77 13.00 -40.89
CA GLY H 170 2.70 12.57 -41.76
C GLY H 170 3.09 11.57 -42.83
N ALA H 171 4.39 11.38 -43.05
CA ALA H 171 4.86 10.42 -44.06
C ALA H 171 4.57 8.97 -43.70
N LEU H 172 4.28 8.67 -42.43
CA LEU H 172 3.99 7.31 -41.99
C LEU H 172 2.57 7.28 -41.50
N THR H 173 1.70 6.53 -42.18
CA THR H 173 0.29 6.44 -41.80
C THR H 173 -0.18 4.98 -41.70
N SER H 174 0.33 4.12 -42.59
CA SER H 174 -0.08 2.72 -42.58
C SER H 174 0.41 2.00 -41.33
N GLY H 175 -0.53 1.30 -40.69
CA GLY H 175 -0.25 0.55 -39.48
C GLY H 175 -0.25 1.38 -38.22
N VAL H 176 -0.66 2.66 -38.31
CA VAL H 176 -0.69 3.54 -37.14
C VAL H 176 -2.01 3.39 -36.40
N HIS H 177 -1.96 3.31 -35.06
CA HIS H 177 -3.14 3.23 -34.23
C HIS H 177 -3.01 4.22 -33.11
N THR H 178 -3.78 5.32 -33.16
CA THR H 178 -3.76 6.27 -32.07
C THR H 178 -4.99 5.98 -31.24
N PHE H 179 -4.79 5.61 -29.99
CA PHE H 179 -5.89 5.21 -29.13
C PHE H 179 -6.70 6.38 -28.58
N PRO H 180 -7.99 6.14 -28.25
CA PRO H 180 -8.79 7.20 -27.63
C PRO H 180 -8.19 7.59 -26.27
N ALA H 181 -8.21 8.86 -25.92
CA ALA H 181 -7.64 9.29 -24.63
C ALA H 181 -8.45 8.75 -23.46
N VAL H 182 -7.79 8.53 -22.32
CA VAL H 182 -8.49 8.07 -21.12
C VAL H 182 -8.27 9.08 -20.03
N LEU H 183 -9.30 9.34 -19.25
CA LEU H 183 -9.20 10.25 -18.15
C LEU H 183 -8.68 9.46 -16.96
N GLN H 184 -7.50 9.80 -16.50
CA GLN H 184 -6.85 9.14 -15.39
C GLN H 184 -7.39 9.64 -14.05
N SER H 185 -7.07 8.92 -12.95
CA SER H 185 -7.44 9.22 -11.55
C SER H 185 -7.02 10.65 -11.13
N SER H 186 -5.93 11.16 -11.75
CA SER H 186 -5.40 12.49 -11.51
C SER H 186 -6.20 13.63 -12.16
N GLY H 187 -7.19 13.31 -12.98
CA GLY H 187 -7.96 14.31 -13.70
C GLY H 187 -7.32 14.79 -15.00
N LEU H 188 -6.22 14.14 -15.40
CA LEU H 188 -5.51 14.46 -16.62
C LEU H 188 -5.66 13.30 -17.63
N TYR H 189 -5.50 13.60 -18.90
CA TYR H 189 -5.64 12.61 -19.94
C TYR H 189 -4.34 11.92 -20.32
N SER H 190 -4.45 10.67 -20.82
CA SER H 190 -3.33 9.87 -21.27
C SER H 190 -3.74 9.15 -22.53
N LEU H 191 -2.88 9.18 -23.51
CA LEU H 191 -3.11 8.58 -24.81
C LEU H 191 -1.84 7.85 -25.27
N SER H 192 -1.99 6.78 -26.05
CA SER H 192 -0.83 6.09 -26.64
C SER H 192 -1.05 6.03 -28.14
N SER H 193 0.02 6.17 -28.93
CA SER H 193 -0.07 6.06 -30.38
C SER H 193 0.99 5.05 -30.79
N VAL H 194 0.60 3.97 -31.47
CA VAL H 194 1.55 2.93 -31.86
C VAL H 194 1.61 2.75 -33.39
N VAL H 195 2.67 2.12 -33.89
CA VAL H 195 2.82 1.82 -35.30
C VAL H 195 3.57 0.49 -35.45
N THR H 196 3.10 -0.37 -36.35
CA THR H 196 3.75 -1.64 -36.63
C THR H 196 4.59 -1.44 -37.88
N VAL H 197 5.90 -1.69 -37.79
CA VAL H 197 6.86 -1.54 -38.87
C VAL H 197 7.67 -2.83 -39.05
N PRO H 198 8.37 -3.07 -40.18
CA PRO H 198 9.18 -4.29 -40.28
C PRO H 198 10.40 -4.22 -39.35
N SER H 199 10.72 -5.31 -38.62
CA SER H 199 11.85 -5.37 -37.70
C SER H 199 13.14 -4.88 -38.33
N SER H 200 13.33 -5.26 -39.61
CA SER H 200 14.48 -4.96 -40.46
C SER H 200 14.71 -3.46 -40.65
N SER H 201 13.65 -2.67 -40.56
CA SER H 201 13.74 -1.23 -40.75
C SER H 201 14.26 -0.50 -39.51
N LEU H 202 14.21 -1.13 -38.32
CA LEU H 202 14.55 -0.47 -37.05
C LEU H 202 15.93 0.16 -36.98
N GLY H 203 16.85 -0.29 -37.82
CA GLY H 203 18.19 0.31 -37.84
C GLY H 203 18.34 1.39 -38.90
N THR H 204 17.66 1.21 -40.03
CA THR H 204 17.74 2.10 -41.18
C THR H 204 16.70 3.26 -41.22
N GLN H 205 15.57 3.16 -40.50
CA GLN H 205 14.55 4.20 -40.55
C GLN H 205 14.33 4.89 -39.21
N THR H 206 14.37 6.23 -39.21
CA THR H 206 14.16 7.04 -38.02
C THR H 206 12.63 7.13 -37.78
N TYR H 207 12.18 6.88 -36.54
CA TYR H 207 10.77 6.99 -36.22
C TYR H 207 10.56 8.10 -35.21
N ILE H 208 9.75 9.10 -35.56
CA ILE H 208 9.48 10.25 -34.71
C ILE H 208 7.98 10.47 -34.56
N CYS H 209 7.47 10.64 -33.32
CA CYS H 209 6.06 10.97 -33.16
C CYS H 209 5.90 12.46 -32.91
N ASN H 210 4.99 13.09 -33.66
CA ASN H 210 4.76 14.53 -33.61
C ASN H 210 3.47 14.76 -32.84
N VAL H 211 3.58 15.22 -31.59
CA VAL H 211 2.44 15.46 -30.74
C VAL H 211 2.10 16.93 -30.71
N ASN H 212 0.85 17.27 -31.00
CA ASN H 212 0.40 18.64 -30.96
C ASN H 212 -0.79 18.78 -29.98
N HIS H 213 -0.70 19.72 -29.04
CA HIS H 213 -1.75 20.00 -28.07
C HIS H 213 -2.06 21.49 -28.17
N LYS H 214 -3.06 21.84 -28.98
CA LYS H 214 -3.45 23.23 -29.18
C LYS H 214 -3.81 24.00 -27.89
N PRO H 215 -4.60 23.44 -26.93
CA PRO H 215 -4.92 24.23 -25.71
C PRO H 215 -3.76 24.82 -24.94
N SER H 216 -2.61 24.14 -24.93
CA SER H 216 -1.43 24.64 -24.23
C SER H 216 -0.35 25.18 -25.17
N ASN H 217 -0.61 25.20 -26.50
CA ASN H 217 0.34 25.63 -27.52
C ASN H 217 1.69 24.89 -27.41
N THR H 218 1.61 23.57 -27.18
CA THR H 218 2.74 22.67 -27.04
C THR H 218 2.87 21.83 -28.31
N LYS H 219 4.12 21.61 -28.76
CA LYS H 219 4.44 20.73 -29.86
C LYS H 219 5.68 19.97 -29.44
N VAL H 220 5.61 18.62 -29.43
CA VAL H 220 6.72 17.78 -29.03
C VAL H 220 7.01 16.78 -30.13
N ASP H 221 8.27 16.67 -30.57
CA ASP H 221 8.67 15.67 -31.55
C ASP H 221 9.56 14.69 -30.82
N LYS H 222 9.10 13.44 -30.60
CA LYS H 222 9.89 12.47 -29.86
C LYS H 222 10.43 11.37 -30.76
N LYS H 223 11.77 11.23 -30.83
CA LYS H 223 12.38 10.16 -31.61
C LYS H 223 12.30 8.85 -30.82
N VAL H 224 11.79 7.80 -31.46
CA VAL H 224 11.61 6.49 -30.84
C VAL H 224 12.66 5.54 -31.42
N GLU H 225 13.64 5.18 -30.60
CA GLU H 225 14.70 4.25 -31.02
C GLU H 225 14.71 3.02 -30.12
N PRO H 226 15.23 1.87 -30.63
CA PRO H 226 15.26 0.67 -29.76
C PRO H 226 16.31 0.81 -28.68
N LYS H 227 16.02 0.20 -27.53
CA LYS H 227 16.85 0.35 -26.35
C LYS H 227 18.29 -0.25 -26.44
N SER H 228 19.29 0.65 -26.21
CA SER H 228 20.75 0.44 -26.17
C SER H 228 21.30 -0.44 -27.31
N ALA I 1 -39.83 9.82 -27.30
CA ALA I 1 -38.60 9.10 -26.93
C ALA I 1 -38.19 8.15 -28.07
N LEU I 2 -37.09 8.48 -28.77
CA LEU I 2 -36.65 7.66 -29.89
C LEU I 2 -35.92 6.47 -29.37
N THR I 3 -36.38 5.27 -29.74
CA THR I 3 -35.77 4.03 -29.33
C THR I 3 -35.08 3.39 -30.54
N GLN I 4 -33.79 3.14 -30.38
CA GLN I 4 -32.93 2.58 -31.39
C GLN I 4 -32.14 1.42 -30.79
N PRO I 5 -31.91 0.32 -31.53
CA PRO I 5 -31.07 -0.76 -30.98
C PRO I 5 -29.65 -0.28 -30.72
N SER I 6 -28.99 -0.79 -29.67
CA SER I 6 -27.64 -0.35 -29.35
C SER I 6 -26.62 -0.86 -30.37
N SER I 7 -26.88 -2.04 -30.97
CA SER I 7 -25.97 -2.62 -31.95
C SER I 7 -26.69 -3.35 -33.06
N VAL I 8 -26.02 -3.43 -34.21
CA VAL I 8 -26.48 -4.12 -35.40
C VAL I 8 -25.24 -4.66 -36.11
N SER I 9 -25.26 -5.93 -36.51
CA SER I 9 -24.12 -6.57 -37.17
C SER I 9 -24.49 -7.08 -38.54
N ALA I 10 -23.58 -6.96 -39.51
CA ALA I 10 -23.83 -7.47 -40.85
C ALA I 10 -22.54 -7.81 -41.56
N ASN I 11 -22.59 -8.81 -42.41
CA ASN I 11 -21.45 -9.20 -43.21
C ASN I 11 -21.37 -8.24 -44.38
N PRO I 12 -20.16 -7.97 -44.93
CA PRO I 12 -20.08 -7.08 -46.10
C PRO I 12 -20.87 -7.69 -47.26
N GLY I 13 -21.72 -6.88 -47.89
CA GLY I 13 -22.57 -7.35 -48.98
C GLY I 13 -24.02 -7.46 -48.55
N GLU I 14 -24.25 -7.77 -47.27
CA GLU I 14 -25.60 -7.90 -46.71
C GLU I 14 -26.37 -6.58 -46.70
N THR I 15 -27.69 -6.66 -46.62
CA THR I 15 -28.53 -5.48 -46.50
C THR I 15 -28.92 -5.38 -45.03
N VAL I 16 -28.59 -4.27 -44.38
CA VAL I 16 -28.92 -4.10 -42.98
C VAL I 16 -29.97 -3.03 -42.79
N LYS I 17 -30.84 -3.21 -41.78
CA LYS I 17 -31.87 -2.23 -41.48
C LYS I 17 -31.76 -1.78 -40.02
N ILE I 18 -31.87 -0.47 -39.80
CA ILE I 18 -31.84 0.08 -38.46
C ILE I 18 -33.15 0.82 -38.29
N THR I 19 -33.93 0.42 -37.29
CA THR I 19 -35.22 1.04 -37.07
C THR I 19 -35.20 1.88 -35.81
N CYS I 20 -35.90 2.99 -35.88
CA CYS I 20 -35.98 3.98 -34.82
C CYS I 20 -37.43 4.20 -34.57
N SER I 21 -37.94 3.90 -33.38
CA SER I 21 -39.37 4.09 -33.09
C SER I 21 -39.60 5.14 -32.03
N GLY I 22 -40.63 5.94 -32.22
CA GLY I 22 -40.96 6.98 -31.25
C GLY I 22 -41.15 8.35 -31.85
N GLY I 23 -41.49 9.30 -31.00
CA GLY I 23 -41.71 10.67 -31.42
C GLY I 23 -43.03 10.88 -32.13
N SER I 24 -43.50 12.13 -32.12
CA SER I 24 -44.74 12.53 -32.76
C SER I 24 -44.30 13.49 -33.88
N SER I 25 -43.71 12.96 -34.94
CA SER I 25 -43.20 13.80 -36.00
C SER I 25 -43.53 13.29 -37.40
N SER I 26 -43.48 14.20 -38.38
CA SER I 26 -43.70 13.87 -39.77
C SER I 26 -42.41 13.36 -40.42
N TYR I 27 -41.19 13.68 -39.84
CA TYR I 27 -39.88 13.36 -40.43
C TYR I 27 -38.85 12.78 -39.47
N TYR I 28 -38.07 11.82 -39.98
CA TYR I 28 -36.93 11.23 -39.30
C TYR I 28 -35.67 11.56 -40.10
N GLY I 29 -34.55 11.54 -39.45
CA GLY I 29 -33.26 11.81 -40.08
C GLY I 29 -32.23 10.85 -39.54
N TRP I 30 -31.24 10.52 -40.34
CA TRP I 30 -30.17 9.61 -39.94
C TRP I 30 -28.84 10.25 -40.09
N TYR I 31 -28.08 10.30 -39.01
CA TYR I 31 -26.78 10.96 -38.95
C TYR I 31 -25.76 9.93 -38.54
N GLN I 32 -24.64 9.90 -39.22
CA GLN I 32 -23.59 8.93 -38.93
C GLN I 32 -22.46 9.61 -38.22
N GLN I 33 -21.92 8.99 -37.18
CA GLN I 33 -20.75 9.51 -36.48
C GLN I 33 -19.71 8.39 -36.43
N LYS I 34 -18.56 8.58 -37.09
CA LYS I 34 -17.54 7.55 -37.15
C LYS I 34 -16.80 7.36 -35.81
N SER I 35 -16.36 8.46 -35.21
CA SER I 35 -15.67 8.43 -33.93
C SER I 35 -16.38 9.38 -32.96
N PRO I 36 -16.31 9.10 -31.65
CA PRO I 36 -16.95 10.02 -30.68
C PRO I 36 -16.46 11.47 -30.75
N GLY I 37 -15.24 11.65 -31.23
CA GLY I 37 -14.65 12.97 -31.39
C GLY I 37 -14.62 13.34 -32.87
N SER I 38 -15.82 13.62 -33.45
CA SER I 38 -15.97 13.97 -34.86
C SER I 38 -17.43 14.34 -35.10
N ALA I 39 -17.67 15.30 -36.00
CA ALA I 39 -18.98 15.84 -36.31
C ALA I 39 -19.84 14.86 -37.06
N PRO I 40 -21.16 14.85 -36.78
CA PRO I 40 -22.05 13.94 -37.48
C PRO I 40 -22.16 14.25 -38.98
N VAL I 41 -22.61 13.28 -39.75
CA VAL I 41 -22.78 13.43 -41.17
C VAL I 41 -24.20 13.00 -41.50
N THR I 42 -25.02 13.89 -42.07
CA THR I 42 -26.38 13.50 -42.42
C THR I 42 -26.34 12.49 -43.58
N LEU I 43 -26.92 11.31 -43.40
CA LEU I 43 -27.01 10.33 -44.46
C LEU I 43 -28.36 10.51 -45.11
N ILE I 44 -29.43 10.62 -44.31
CA ILE I 44 -30.79 10.84 -44.80
C ILE I 44 -31.45 11.89 -43.91
N TYR I 45 -32.26 12.76 -44.49
CA TYR I 45 -33.01 13.74 -43.73
C TYR I 45 -34.41 13.83 -44.31
N ASN I 46 -35.39 14.40 -43.57
CA ASN I 46 -36.77 14.47 -44.06
C ASN I 46 -37.31 13.13 -44.61
N ASN I 47 -37.04 12.05 -43.85
CA ASN I 47 -37.43 10.65 -44.08
C ASN I 47 -36.67 9.93 -45.17
N GLN I 48 -36.53 10.55 -46.36
CA GLN I 48 -35.90 9.87 -47.49
C GLN I 48 -34.84 10.67 -48.19
N LYS I 49 -34.80 12.01 -48.01
CA LYS I 49 -33.86 12.89 -48.72
C LYS I 49 -32.41 12.56 -48.45
N ARG I 50 -31.59 12.46 -49.49
CA ARG I 50 -30.19 12.10 -49.33
C ARG I 50 -29.26 13.23 -49.75
N PRO I 51 -28.47 13.79 -48.83
CA PRO I 51 -27.54 14.86 -49.21
C PRO I 51 -26.48 14.43 -50.26
N SER I 52 -25.82 15.41 -50.90
CA SER I 52 -24.83 15.09 -51.91
C SER I 52 -23.61 14.40 -51.31
N ASP I 53 -23.01 13.49 -52.09
CA ASP I 53 -21.85 12.66 -51.71
C ASP I 53 -22.19 11.53 -50.74
N ILE I 54 -23.48 11.18 -50.58
CA ILE I 54 -23.91 10.04 -49.78
C ILE I 54 -24.28 8.95 -50.80
N PRO I 55 -23.70 7.73 -50.65
CA PRO I 55 -23.97 6.64 -51.60
C PRO I 55 -25.44 6.27 -51.69
N SER I 56 -25.86 5.83 -52.88
CA SER I 56 -27.22 5.41 -53.11
C SER I 56 -27.61 4.17 -52.29
N ARG I 57 -26.63 3.43 -51.71
CA ARG I 57 -26.94 2.27 -50.86
C ARG I 57 -27.60 2.66 -49.54
N PHE I 58 -27.67 3.96 -49.20
CA PHE I 58 -28.35 4.43 -48.00
C PHE I 58 -29.76 4.87 -48.39
N SER I 59 -30.78 4.24 -47.79
CA SER I 59 -32.20 4.50 -48.08
C SER I 59 -32.94 4.86 -46.80
N GLY I 60 -33.92 5.75 -46.93
CA GLY I 60 -34.74 6.19 -45.81
C GLY I 60 -36.22 5.87 -45.99
N SER I 61 -36.87 5.49 -44.90
CA SER I 61 -38.28 5.13 -44.91
C SER I 61 -38.99 5.60 -43.62
N LYS I 62 -40.30 5.68 -43.68
CA LYS I 62 -41.10 6.02 -42.51
C LYS I 62 -42.43 5.31 -42.60
N SER I 63 -42.76 4.57 -41.55
CA SER I 63 -44.04 3.88 -41.45
C SER I 63 -44.63 4.20 -40.09
N GLY I 64 -45.56 5.15 -40.02
CA GLY I 64 -46.14 5.56 -38.75
C GLY I 64 -45.13 6.12 -37.79
N SER I 65 -45.13 5.66 -36.53
CA SER I 65 -44.16 6.14 -35.53
C SER I 65 -42.80 5.42 -35.64
N THR I 66 -42.45 5.01 -36.86
CA THR I 66 -41.24 4.26 -37.13
C THR I 66 -40.46 4.89 -38.30
N GLY I 67 -39.14 4.88 -38.20
CA GLY I 67 -38.24 5.34 -39.25
C GLY I 67 -37.20 4.28 -39.51
N THR I 68 -36.92 3.96 -40.79
CA THR I 68 -35.96 2.91 -41.08
C THR I 68 -34.85 3.33 -42.02
N LEU I 69 -33.61 3.18 -41.56
CA LEU I 69 -32.46 3.42 -42.40
C LEU I 69 -32.07 2.05 -42.99
N THR I 70 -31.88 1.98 -44.32
CA THR I 70 -31.54 0.72 -44.96
C THR I 70 -30.20 0.87 -45.67
N ILE I 71 -29.23 0.03 -45.33
CA ILE I 71 -27.94 0.03 -46.02
C ILE I 71 -27.88 -1.21 -46.89
N THR I 72 -28.07 -1.05 -48.19
CA THR I 72 -28.05 -2.16 -49.12
C THR I 72 -26.65 -2.46 -49.61
N GLY I 73 -26.09 -3.57 -49.18
CA GLY I 73 -24.76 -3.97 -49.61
C GLY I 73 -23.71 -3.27 -48.79
N VAL I 74 -23.70 -3.56 -47.48
CA VAL I 74 -22.80 -3.05 -46.44
C VAL I 74 -21.31 -3.19 -46.84
N GLN I 75 -20.49 -2.22 -46.50
CA GLN I 75 -19.06 -2.25 -46.75
C GLN I 75 -18.30 -2.13 -45.43
N ALA I 76 -16.97 -2.44 -45.41
CA ALA I 76 -16.18 -2.31 -44.19
C ALA I 76 -16.17 -0.90 -43.65
N GLU I 77 -16.25 0.13 -44.54
CA GLU I 77 -16.24 1.53 -44.11
C GLU I 77 -17.55 2.00 -43.49
N ASP I 78 -18.63 1.20 -43.62
CA ASP I 78 -19.93 1.54 -43.04
C ASP I 78 -19.99 1.34 -41.54
N GLU I 79 -18.90 0.84 -40.89
CA GLU I 79 -18.75 0.69 -39.46
C GLU I 79 -18.90 2.13 -38.88
N ALA I 80 -19.80 2.38 -37.91
CA ALA I 80 -20.00 3.71 -37.32
C ALA I 80 -21.20 3.70 -36.32
N VAL I 81 -21.49 4.82 -35.63
CA VAL I 81 -22.67 4.92 -34.80
C VAL I 81 -23.71 5.70 -35.63
N TYR I 82 -24.90 5.16 -35.76
CA TYR I 82 -25.97 5.76 -36.51
C TYR I 82 -26.98 6.37 -35.56
N PHE I 83 -27.19 7.66 -35.64
CA PHE I 83 -28.14 8.36 -34.80
C PHE I 83 -29.37 8.69 -35.59
N CYS I 84 -30.52 8.54 -34.98
CA CYS I 84 -31.79 8.85 -35.59
C CYS I 84 -32.31 10.14 -34.92
N GLY I 85 -32.87 11.06 -35.69
CA GLY I 85 -33.35 12.32 -35.16
C GLY I 85 -34.78 12.56 -35.52
N SER I 86 -35.56 13.16 -34.63
CA SER I 86 -36.98 13.43 -34.90
C SER I 86 -37.52 14.54 -33.98
N ARG I 87 -38.83 14.71 -33.94
CA ARG I 87 -39.47 15.71 -33.11
C ARG I 87 -40.47 15.06 -32.13
N ASP I 88 -40.65 15.72 -31.00
CA ASP I 88 -41.52 15.36 -29.91
C ASP I 88 -42.19 16.66 -29.44
N ASN I 89 -43.18 16.56 -28.55
CA ASN I 89 -43.76 17.76 -27.97
C ASN I 89 -42.75 18.47 -27.01
N SER I 90 -41.68 17.77 -26.62
CA SER I 90 -40.60 18.29 -25.79
C SER I 90 -39.43 18.90 -26.61
N GLY I 91 -39.60 19.06 -27.92
CA GLY I 91 -38.52 19.58 -28.75
C GLY I 91 -37.91 18.52 -29.64
N GLY I 92 -36.71 18.79 -30.15
CA GLY I 92 -36.00 17.86 -31.02
C GLY I 92 -35.42 16.72 -30.24
N ILE I 93 -35.65 15.49 -30.69
CA ILE I 93 -35.17 14.31 -29.97
C ILE I 93 -34.23 13.48 -30.79
N PHE I 94 -33.30 12.80 -30.14
CA PHE I 94 -32.34 11.93 -30.82
C PHE I 94 -32.40 10.53 -30.21
N GLY I 95 -31.95 9.56 -30.98
CA GLY I 95 -31.82 8.20 -30.49
C GLY I 95 -30.51 8.07 -29.73
N ALA I 96 -30.33 6.93 -29.02
CA ALA I 96 -29.10 6.70 -28.28
C ALA I 96 -27.91 6.33 -29.20
N GLY I 97 -28.17 5.90 -30.43
CA GLY I 97 -27.15 5.52 -31.40
C GLY I 97 -27.06 4.02 -31.57
N THR I 98 -27.01 3.56 -32.82
CA THR I 98 -26.87 2.14 -33.13
C THR I 98 -25.50 1.95 -33.67
N THR I 99 -24.73 1.01 -33.12
CA THR I 99 -23.38 0.75 -33.62
C THR I 99 -23.40 -0.33 -34.67
N LEU I 100 -22.92 -0.02 -35.88
CA LEU I 100 -22.83 -1.03 -36.93
C LEU I 100 -21.50 -1.75 -36.84
N THR I 101 -21.57 -3.08 -36.64
CA THR I 101 -20.38 -3.91 -36.50
C THR I 101 -20.24 -4.75 -37.76
N VAL I 102 -19.17 -4.53 -38.55
CA VAL I 102 -18.97 -5.31 -39.75
C VAL I 102 -18.40 -6.69 -39.34
N LEU I 103 -19.11 -7.77 -39.71
CA LEU I 103 -18.69 -9.13 -39.36
C LEU I 103 -17.53 -9.60 -40.23
N ARG I 104 -16.69 -10.43 -39.64
CA ARG I 104 -15.44 -10.83 -40.22
C ARG I 104 -15.00 -12.24 -39.73
N THR I 105 -13.93 -12.78 -40.32
CA THR I 105 -13.35 -14.05 -39.84
C THR I 105 -12.64 -13.75 -38.50
N VAL I 106 -12.47 -14.76 -37.62
CA VAL I 106 -11.76 -14.54 -36.34
C VAL I 106 -10.30 -14.21 -36.63
N ALA I 107 -9.70 -13.30 -35.82
CA ALA I 107 -8.32 -12.87 -35.94
C ALA I 107 -7.72 -12.81 -34.56
N ALA I 108 -6.62 -13.53 -34.33
CA ALA I 108 -5.94 -13.47 -33.05
C ALA I 108 -5.15 -12.16 -32.95
N PRO I 109 -5.01 -11.62 -31.73
CA PRO I 109 -4.28 -10.36 -31.58
C PRO I 109 -2.78 -10.60 -31.60
N SER I 110 -2.02 -9.56 -31.93
CA SER I 110 -0.57 -9.64 -31.90
C SER I 110 -0.17 -8.87 -30.62
N VAL I 111 0.32 -9.56 -29.60
CA VAL I 111 0.62 -8.94 -28.31
C VAL I 111 2.02 -8.34 -28.21
N PHE I 112 2.12 -7.12 -27.67
CA PHE I 112 3.42 -6.46 -27.47
C PHE I 112 3.48 -5.88 -26.05
N ILE I 113 4.67 -5.79 -25.45
CA ILE I 113 4.80 -5.24 -24.12
C ILE I 113 5.92 -4.22 -24.08
N PHE I 114 5.63 -3.04 -23.51
CA PHE I 114 6.59 -1.96 -23.45
C PHE I 114 6.97 -1.58 -22.05
N PRO I 115 8.25 -1.66 -21.71
CA PRO I 115 8.68 -1.22 -20.37
C PRO I 115 8.70 0.31 -20.29
N PRO I 116 8.64 0.85 -19.04
CA PRO I 116 8.70 2.31 -18.86
C PRO I 116 9.98 2.91 -19.42
N SER I 117 9.85 4.04 -20.15
CA SER I 117 11.01 4.70 -20.71
C SER I 117 11.87 5.30 -19.61
N ASP I 118 13.18 5.34 -19.83
CA ASP I 118 14.10 5.91 -18.85
C ASP I 118 13.83 7.36 -18.56
N GLU I 119 13.30 8.13 -19.55
CA GLU I 119 12.96 9.54 -19.33
C GLU I 119 11.80 9.64 -18.33
N GLN I 120 10.79 8.77 -18.49
CA GLN I 120 9.63 8.73 -17.62
C GLN I 120 9.99 8.35 -16.20
N LEU I 121 10.92 7.43 -16.04
CA LEU I 121 11.35 7.01 -14.71
C LEU I 121 11.93 8.15 -13.91
N LYS I 122 12.58 9.14 -14.56
CA LYS I 122 13.09 10.30 -13.82
C LYS I 122 11.97 11.10 -13.13
N SER I 123 10.73 11.08 -13.68
CA SER I 123 9.57 11.80 -13.16
C SER I 123 8.87 11.14 -11.93
N GLY I 124 9.37 9.99 -11.48
CA GLY I 124 8.76 9.31 -10.34
C GLY I 124 7.54 8.45 -10.64
N THR I 125 7.33 8.09 -11.92
CA THR I 125 6.21 7.24 -12.30
C THR I 125 6.61 6.21 -13.35
N ALA I 126 5.98 5.03 -13.33
CA ALA I 126 6.25 4.02 -14.32
C ALA I 126 4.96 3.62 -15.00
N SER I 127 4.95 3.58 -16.33
CA SER I 127 3.78 3.16 -17.09
C SER I 127 4.20 2.03 -17.98
N VAL I 128 3.54 0.88 -17.83
CA VAL I 128 3.84 -0.30 -18.64
C VAL I 128 2.68 -0.52 -19.62
N VAL I 129 2.97 -0.66 -20.91
CA VAL I 129 1.91 -0.78 -21.91
C VAL I 129 1.85 -2.16 -22.54
N CYS I 130 0.66 -2.69 -22.73
CA CYS I 130 0.45 -3.97 -23.37
C CYS I 130 -0.43 -3.69 -24.61
N LEU I 131 0.11 -3.86 -25.82
CA LEU I 131 -0.63 -3.61 -27.05
C LEU I 131 -1.19 -4.92 -27.64
N LEU I 132 -2.45 -4.92 -28.08
CA LEU I 132 -3.15 -6.06 -28.67
C LEU I 132 -3.46 -5.65 -30.10
N ASN I 133 -2.70 -6.13 -31.09
CA ASN I 133 -2.89 -5.65 -32.44
C ASN I 133 -3.78 -6.47 -33.34
N ASN I 134 -4.62 -5.71 -34.05
CA ASN I 134 -5.51 -6.15 -35.11
C ASN I 134 -6.20 -7.48 -34.86
N PHE I 135 -7.25 -7.45 -34.00
CA PHE I 135 -7.98 -8.67 -33.65
C PHE I 135 -9.48 -8.55 -33.86
N TYR I 136 -10.16 -9.68 -33.98
CA TYR I 136 -11.59 -9.73 -34.14
C TYR I 136 -12.08 -10.99 -33.50
N PRO I 137 -13.15 -10.92 -32.70
CA PRO I 137 -13.90 -9.67 -32.47
C PRO I 137 -13.35 -8.76 -31.35
N ARG I 138 -14.25 -8.11 -30.61
CA ARG I 138 -13.84 -7.19 -29.53
C ARG I 138 -13.50 -7.87 -28.20
N GLU I 139 -14.16 -8.98 -27.88
CA GLU I 139 -13.91 -9.67 -26.61
C GLU I 139 -12.48 -10.13 -26.47
N ALA I 140 -11.76 -9.45 -25.56
CA ALA I 140 -10.38 -9.76 -25.22
C ALA I 140 -10.11 -9.35 -23.79
N LYS I 141 -9.49 -10.21 -23.01
CA LYS I 141 -9.19 -9.94 -21.60
C LYS I 141 -7.69 -9.82 -21.40
N VAL I 142 -7.23 -8.70 -20.80
CA VAL I 142 -5.80 -8.52 -20.47
C VAL I 142 -5.59 -8.61 -18.94
N GLN I 143 -4.80 -9.59 -18.46
CA GLN I 143 -4.57 -9.77 -17.05
C GLN I 143 -3.09 -9.46 -16.73
N TRP I 144 -2.79 -8.40 -15.92
CA TRP I 144 -1.41 -8.00 -15.60
C TRP I 144 -0.87 -8.75 -14.37
N LYS I 145 0.39 -9.18 -14.42
CA LYS I 145 1.01 -9.86 -13.29
C LYS I 145 2.40 -9.30 -13.04
N VAL I 146 2.67 -8.85 -11.81
CA VAL I 146 4.00 -8.32 -11.46
C VAL I 146 4.65 -9.24 -10.43
N ASP I 147 5.65 -10.01 -10.87
CA ASP I 147 6.33 -11.05 -10.08
C ASP I 147 5.33 -12.16 -9.73
N ASN I 148 4.51 -12.53 -10.74
CA ASN I 148 3.46 -13.54 -10.69
C ASN I 148 2.22 -13.16 -9.89
N ALA I 149 2.21 -11.97 -9.26
CA ALA I 149 1.07 -11.48 -8.48
C ALA I 149 0.09 -10.74 -9.37
N LEU I 150 -1.18 -11.15 -9.36
CA LEU I 150 -2.22 -10.54 -10.20
C LEU I 150 -2.55 -9.10 -9.81
N GLN I 151 -2.34 -8.15 -10.73
CA GLN I 151 -2.60 -6.72 -10.51
C GLN I 151 -4.07 -6.36 -10.64
N SER I 152 -4.53 -5.49 -9.76
CA SER I 152 -5.95 -5.11 -9.74
C SER I 152 -6.18 -3.65 -9.44
N GLY I 153 -6.92 -2.99 -10.32
CA GLY I 153 -7.30 -1.60 -10.13
C GLY I 153 -6.20 -0.59 -10.33
N ASN I 154 -5.22 -0.93 -11.14
CA ASN I 154 -4.13 -0.01 -11.48
C ASN I 154 -3.86 0.03 -12.99
N SER I 155 -4.81 -0.43 -13.81
CA SER I 155 -4.67 -0.44 -15.26
C SER I 155 -5.94 0.04 -15.94
N GLN I 156 -5.76 0.70 -17.09
CA GLN I 156 -6.86 1.25 -17.86
C GLN I 156 -6.71 0.80 -19.30
N GLU I 157 -7.83 0.51 -19.98
CA GLU I 157 -7.79 0.07 -21.38
C GLU I 157 -8.35 1.12 -22.33
N SER I 158 -7.97 1.05 -23.59
CA SER I 158 -8.45 1.96 -24.62
C SER I 158 -8.59 1.15 -25.87
N VAL I 159 -9.77 1.12 -26.48
CA VAL I 159 -9.98 0.34 -27.70
C VAL I 159 -10.24 1.27 -28.84
N THR I 160 -9.55 1.04 -29.96
CA THR I 160 -9.79 1.83 -31.13
C THR I 160 -11.14 1.39 -31.75
N GLU I 161 -11.69 2.24 -32.62
CA GLU I 161 -12.91 1.92 -33.36
C GLU I 161 -12.54 0.80 -34.37
N GLN I 162 -13.51 -0.02 -34.78
CA GLN I 162 -13.30 -1.09 -35.75
C GLN I 162 -12.75 -0.54 -37.07
N ASP I 163 -11.68 -1.12 -37.62
CA ASP I 163 -11.04 -0.60 -38.81
C ASP I 163 -11.93 -0.48 -40.03
N SER I 164 -11.78 0.61 -40.77
CA SER I 164 -12.57 0.83 -41.99
C SER I 164 -12.06 0.05 -43.18
N LYS I 165 -10.91 -0.62 -43.07
CA LYS I 165 -10.33 -1.36 -44.19
C LYS I 165 -10.40 -2.86 -43.93
N ASP I 166 -9.93 -3.30 -42.73
CA ASP I 166 -9.92 -4.72 -42.43
C ASP I 166 -10.85 -5.14 -41.28
N SER I 167 -11.66 -4.24 -40.75
CA SER I 167 -12.64 -4.55 -39.70
C SER I 167 -12.08 -5.16 -38.40
N THR I 168 -10.85 -4.83 -38.03
CA THR I 168 -10.28 -5.34 -36.79
C THR I 168 -10.33 -4.29 -35.66
N TYR I 169 -9.89 -4.64 -34.47
CA TYR I 169 -9.78 -3.76 -33.32
C TYR I 169 -8.31 -3.77 -32.85
N SER I 170 -7.93 -2.76 -32.07
CA SER I 170 -6.62 -2.69 -31.45
C SER I 170 -6.87 -2.16 -30.06
N LEU I 171 -6.34 -2.83 -29.05
CA LEU I 171 -6.55 -2.44 -27.67
C LEU I 171 -5.24 -2.12 -27.03
N SER I 172 -5.22 -1.21 -26.04
CA SER I 172 -4.00 -0.91 -25.31
C SER I 172 -4.29 -0.92 -23.80
N SER I 173 -3.59 -1.75 -23.01
CA SER I 173 -3.76 -1.76 -21.55
C SER I 173 -2.54 -1.11 -20.91
N THR I 174 -2.73 -0.03 -20.14
CA THR I 174 -1.59 0.64 -19.50
C THR I 174 -1.65 0.45 -18.01
N LEU I 175 -0.58 -0.09 -17.42
CA LEU I 175 -0.46 -0.31 -15.98
C LEU I 175 0.38 0.80 -15.36
N THR I 176 -0.18 1.56 -14.41
CA THR I 176 0.56 2.66 -13.80
C THR I 176 0.94 2.34 -12.38
N LEU I 177 2.26 2.37 -12.12
CA LEU I 177 2.87 2.14 -10.81
C LEU I 177 3.73 3.34 -10.44
N SER I 178 3.99 3.52 -9.14
CA SER I 178 4.93 4.56 -8.71
C SER I 178 6.36 4.06 -9.09
N LYS I 179 7.32 4.98 -9.24
CA LYS I 179 8.70 4.63 -9.57
C LYS I 179 9.28 3.70 -8.51
N ALA I 180 8.96 3.98 -7.22
CA ALA I 180 9.43 3.18 -6.09
C ALA I 180 8.90 1.74 -6.17
N ASP I 181 7.61 1.56 -6.47
CA ASP I 181 7.01 0.22 -6.56
C ASP I 181 7.56 -0.58 -7.74
N TYR I 182 7.84 0.13 -8.84
CA TYR I 182 8.34 -0.45 -10.06
C TYR I 182 9.70 -1.08 -9.83
N GLU I 183 10.57 -0.39 -9.07
CA GLU I 183 11.91 -0.86 -8.76
C GLU I 183 11.95 -2.02 -7.75
N LYS I 184 10.88 -2.19 -6.96
CA LYS I 184 10.74 -3.24 -5.96
C LYS I 184 10.54 -4.61 -6.58
N HIS I 185 10.07 -4.67 -7.86
CA HIS I 185 9.73 -5.91 -8.57
C HIS I 185 10.53 -6.14 -9.86
N LYS I 186 10.60 -7.40 -10.33
CA LYS I 186 11.44 -7.81 -11.45
C LYS I 186 10.74 -8.17 -12.79
N VAL I 187 9.78 -9.13 -12.77
CA VAL I 187 9.08 -9.64 -13.94
C VAL I 187 7.75 -8.96 -14.13
N TYR I 188 7.51 -8.39 -15.30
CA TYR I 188 6.28 -7.67 -15.64
C TYR I 188 5.61 -8.37 -16.80
N ALA I 189 4.42 -8.94 -16.63
CA ALA I 189 3.77 -9.67 -17.71
C ALA I 189 2.31 -9.32 -17.91
N CYS I 190 1.85 -9.37 -19.16
CA CYS I 190 0.45 -9.21 -19.46
C CYS I 190 0.00 -10.47 -20.17
N GLU I 191 -1.09 -11.05 -19.69
CA GLU I 191 -1.62 -12.29 -20.25
C GLU I 191 -2.94 -12.00 -20.97
N VAL I 192 -2.95 -12.19 -22.28
CA VAL I 192 -4.08 -11.93 -23.16
C VAL I 192 -4.94 -13.16 -23.38
N THR I 193 -6.26 -13.01 -23.26
CA THR I 193 -7.19 -14.11 -23.48
C THR I 193 -8.15 -13.71 -24.56
N HIS I 194 -7.95 -14.23 -25.76
CA HIS I 194 -8.81 -13.93 -26.89
C HIS I 194 -9.37 -15.23 -27.47
N GLN I 195 -10.48 -15.13 -28.20
CA GLN I 195 -11.17 -16.26 -28.85
C GLN I 195 -10.29 -16.95 -29.91
N GLY I 196 -9.49 -16.14 -30.62
CA GLY I 196 -8.56 -16.58 -31.66
C GLY I 196 -7.26 -17.17 -31.16
N LEU I 197 -7.03 -17.17 -29.84
CA LEU I 197 -5.83 -17.75 -29.24
C LEU I 197 -6.20 -19.11 -28.65
N SER I 198 -5.50 -20.17 -29.06
CA SER I 198 -5.76 -21.53 -28.56
C SER I 198 -5.54 -21.68 -27.03
N SER I 199 -4.66 -20.82 -26.48
CA SER I 199 -4.33 -20.72 -25.07
C SER I 199 -3.85 -19.30 -24.78
N PRO I 200 -4.10 -18.77 -23.56
CA PRO I 200 -3.65 -17.38 -23.26
C PRO I 200 -2.18 -17.10 -23.57
N VAL I 201 -1.92 -15.99 -24.24
CA VAL I 201 -0.58 -15.55 -24.62
C VAL I 201 -0.01 -14.61 -23.58
N THR I 202 1.18 -14.90 -23.09
CA THR I 202 1.84 -14.03 -22.11
C THR I 202 3.07 -13.40 -22.73
N LYS I 203 3.19 -12.09 -22.61
CA LYS I 203 4.33 -11.34 -23.07
C LYS I 203 4.91 -10.68 -21.83
N SER I 204 6.23 -10.84 -21.59
CA SER I 204 6.84 -10.31 -20.37
C SER I 204 8.22 -9.73 -20.57
N PHE I 205 8.76 -9.17 -19.50
CA PHE I 205 10.09 -8.63 -19.46
C PHE I 205 10.59 -8.58 -18.02
N ASN I 206 11.91 -8.55 -17.88
CA ASN I 206 12.60 -8.33 -16.60
C ASN I 206 13.23 -6.92 -16.74
N ARG I 207 13.42 -6.14 -15.64
CA ARG I 207 14.01 -4.80 -15.81
C ARG I 207 15.57 -4.69 -16.14
N GLY I 208 16.09 -5.50 -17.08
CA GLY I 208 17.48 -5.44 -17.50
C GLY I 208 17.64 -5.64 -19.00
N ARG J 3 -57.39 -80.24 -37.62
CA ARG J 3 -56.14 -79.64 -38.10
C ARG J 3 -56.31 -78.66 -39.26
N HIS J 4 -56.21 -77.37 -38.96
CA HIS J 4 -56.31 -76.34 -39.98
C HIS J 4 -54.94 -76.13 -40.62
N VAL J 5 -54.88 -76.01 -41.94
CA VAL J 5 -53.65 -75.71 -42.66
C VAL J 5 -53.96 -74.65 -43.70
N PHE J 6 -53.16 -73.58 -43.74
CA PHE J 6 -53.35 -72.53 -44.71
C PHE J 6 -52.01 -72.27 -45.37
N ILE J 7 -51.94 -72.41 -46.68
CA ILE J 7 -50.71 -72.16 -47.42
C ILE J 7 -51.03 -71.23 -48.58
N ARG J 8 -50.23 -70.18 -48.76
CA ARG J 8 -50.46 -69.22 -49.81
C ARG J 8 -49.15 -68.77 -50.39
N THR J 9 -48.93 -68.94 -51.71
CA THR J 9 -47.71 -68.42 -52.34
C THR J 9 -48.01 -67.56 -53.54
N GLU J 10 -47.17 -66.56 -53.79
CA GLU J 10 -47.28 -65.74 -54.99
C GLU J 10 -45.92 -65.41 -55.54
N LEU J 11 -45.84 -65.17 -56.85
CA LEU J 11 -44.58 -64.87 -57.50
C LEU J 11 -44.50 -63.47 -58.06
N SER J 12 -43.52 -62.73 -57.62
CA SER J 12 -43.25 -61.38 -58.07
C SER J 12 -41.81 -61.37 -58.62
N PHE J 13 -41.53 -60.43 -59.52
CA PHE J 13 -40.18 -60.30 -60.07
C PHE J 13 -39.53 -58.96 -59.68
N ILE J 14 -38.20 -58.93 -59.64
CA ILE J 14 -37.46 -57.70 -59.38
C ILE J 14 -36.25 -57.63 -60.30
N LYS J 15 -36.03 -56.50 -60.97
CA LYS J 15 -34.85 -56.30 -61.81
C LYS J 15 -33.83 -55.42 -61.10
N ASN J 16 -32.56 -55.72 -61.27
CA ASN J 16 -31.49 -54.93 -60.67
C ASN J 16 -30.62 -54.32 -61.77
N ASN J 17 -30.37 -53.02 -61.69
CA ASN J 17 -29.48 -52.34 -62.63
C ASN J 17 -27.98 -52.60 -62.28
N VAL J 18 -27.69 -53.08 -61.06
CA VAL J 18 -26.34 -53.37 -60.59
C VAL J 18 -26.03 -54.85 -60.71
N PRO J 19 -24.90 -55.19 -61.35
CA PRO J 19 -24.52 -56.61 -61.45
C PRO J 19 -23.93 -57.05 -60.13
N CYS J 20 -24.76 -57.69 -59.33
CA CYS J 20 -24.46 -58.21 -58.00
C CYS J 20 -23.59 -59.45 -58.08
N ILE J 21 -22.58 -59.53 -57.22
CA ILE J 21 -21.71 -60.71 -57.15
C ILE J 21 -22.30 -61.62 -56.09
N ARG J 22 -22.62 -61.06 -54.91
CA ARG J 22 -23.21 -61.82 -53.81
C ARG J 22 -24.37 -60.98 -53.24
N ASP J 23 -25.56 -61.55 -53.15
CA ASP J 23 -26.71 -60.85 -52.60
C ASP J 23 -26.86 -61.13 -51.13
N MET J 24 -27.47 -60.19 -50.40
CA MET J 24 -27.71 -60.35 -48.98
C MET J 24 -29.02 -59.68 -48.65
N PHE J 25 -30.03 -60.46 -48.28
CA PHE J 25 -31.36 -59.93 -48.08
C PHE J 25 -31.75 -59.73 -46.65
N PHE J 26 -32.47 -58.65 -46.38
CA PHE J 26 -33.00 -58.39 -45.06
C PHE J 26 -34.31 -57.66 -45.11
N ILE J 27 -35.16 -57.93 -44.13
CA ILE J 27 -36.44 -57.26 -44.02
C ILE J 27 -36.30 -56.17 -42.96
N TYR J 28 -36.74 -54.96 -43.30
CA TYR J 28 -36.68 -53.86 -42.35
C TYR J 28 -37.96 -53.05 -42.46
N LYS J 29 -38.74 -53.04 -41.36
CA LYS J 29 -40.03 -52.39 -41.28
C LYS J 29 -40.97 -52.92 -42.34
N ARG J 30 -40.99 -54.25 -42.47
CA ARG J 30 -41.77 -55.04 -43.43
C ARG J 30 -41.56 -54.62 -44.89
N GLU J 31 -40.36 -54.12 -45.19
CA GLU J 31 -39.91 -53.78 -46.53
C GLU J 31 -38.67 -54.62 -46.83
N LEU J 32 -38.34 -54.79 -48.13
CA LEU J 32 -37.24 -55.66 -48.51
C LEU J 32 -36.00 -54.89 -48.94
N TYR J 33 -34.87 -55.25 -48.35
CA TYR J 33 -33.61 -54.61 -48.65
C TYR J 33 -32.57 -55.61 -49.07
N ASN J 34 -31.62 -55.15 -49.87
CA ASN J 34 -30.52 -55.97 -50.36
C ASN J 34 -29.20 -55.28 -50.12
N ILE J 35 -28.16 -56.04 -49.79
CA ILE J 35 -26.82 -55.52 -49.67
C ILE J 35 -26.09 -56.14 -50.83
N CYS J 36 -25.98 -55.37 -51.89
CA CYS J 36 -25.39 -55.81 -53.13
C CYS J 36 -23.90 -55.62 -53.11
N LEU J 37 -23.15 -56.63 -53.53
CA LEU J 37 -21.70 -56.52 -53.64
C LEU J 37 -21.34 -56.46 -55.11
N ASP J 38 -20.90 -55.29 -55.53
CA ASP J 38 -20.51 -55.03 -56.90
C ASP J 38 -18.96 -55.16 -57.04
N ASP J 39 -18.40 -56.37 -56.79
CA ASP J 39 -16.95 -56.64 -56.94
C ASP J 39 -16.78 -57.68 -58.05
N LEU J 40 -16.78 -57.19 -59.29
CA LEU J 40 -16.73 -57.97 -60.53
C LEU J 40 -15.39 -58.78 -60.76
N LYS J 41 -14.36 -58.53 -59.91
CA LYS J 41 -13.05 -59.21 -59.86
C LYS J 41 -12.22 -59.21 -61.18
N GLY J 42 -11.84 -58.03 -61.66
CA GLY J 42 -11.03 -57.86 -62.86
C GLY J 42 -9.91 -56.85 -62.66
N GLU J 43 -9.14 -56.54 -63.72
CA GLU J 43 -8.01 -55.61 -63.61
C GLU J 43 -8.40 -54.15 -63.24
N GLU J 44 -9.37 -53.54 -63.94
CA GLU J 44 -9.78 -52.16 -63.62
C GLU J 44 -11.05 -52.10 -62.75
N ASP J 45 -11.84 -53.20 -62.74
CA ASP J 45 -13.09 -53.35 -62.01
C ASP J 45 -13.00 -52.86 -60.57
N GLU J 46 -13.79 -51.83 -60.28
CA GLU J 46 -13.89 -51.21 -58.96
C GLU J 46 -14.84 -52.03 -58.05
N THR J 47 -14.90 -51.68 -56.75
CA THR J 47 -15.75 -52.36 -55.79
C THR J 47 -16.75 -51.38 -55.19
N HIS J 48 -17.96 -51.87 -54.89
CA HIS J 48 -19.05 -51.13 -54.25
C HIS J 48 -19.85 -52.07 -53.38
N ILE J 49 -20.45 -51.54 -52.32
CA ILE J 49 -21.32 -52.30 -51.45
C ILE J 49 -22.60 -51.47 -51.31
N TYR J 50 -23.55 -51.69 -52.24
CA TYR J 50 -24.76 -50.89 -52.29
C TYR J 50 -25.84 -51.38 -51.38
N VAL J 51 -26.54 -50.46 -50.72
CA VAL J 51 -27.71 -50.81 -49.91
C VAL J 51 -28.89 -50.47 -50.78
N GLN J 52 -29.68 -51.47 -51.16
CA GLN J 52 -30.81 -51.31 -52.05
C GLN J 52 -32.12 -51.65 -51.39
N LYS J 53 -33.23 -51.19 -51.99
CA LYS J 53 -34.55 -51.44 -51.43
C LYS J 53 -35.51 -51.73 -52.56
N LYS J 54 -36.36 -52.75 -52.40
CA LYS J 54 -37.37 -53.04 -53.40
C LYS J 54 -38.49 -52.04 -53.26
N VAL J 55 -38.64 -51.16 -54.26
CA VAL J 55 -39.79 -50.30 -54.42
C VAL J 55 -40.40 -50.83 -55.72
N LYS J 56 -41.65 -51.26 -55.66
CA LYS J 56 -42.38 -51.85 -56.80
C LYS J 56 -41.54 -53.03 -57.43
N ASP J 57 -41.32 -53.08 -58.76
CA ASP J 57 -40.62 -54.19 -59.40
C ASP J 57 -39.12 -53.95 -59.63
N SER J 58 -38.52 -53.02 -58.89
CA SER J 58 -37.10 -52.72 -59.08
C SER J 58 -36.38 -52.44 -57.80
N TRP J 59 -35.10 -52.79 -57.71
CA TRP J 59 -34.26 -52.43 -56.58
C TRP J 59 -33.82 -50.99 -56.77
N ILE J 60 -33.70 -50.25 -55.67
CA ILE J 60 -33.29 -48.85 -55.70
C ILE J 60 -32.07 -48.68 -54.84
N THR J 61 -30.95 -48.29 -55.46
CA THR J 61 -29.72 -48.06 -54.71
C THR J 61 -29.91 -46.87 -53.80
N LEU J 62 -29.70 -47.09 -52.51
CA LEU J 62 -29.87 -46.04 -51.52
C LEU J 62 -28.54 -45.42 -51.17
N ASN J 63 -27.49 -46.23 -50.99
CA ASN J 63 -26.15 -45.68 -50.76
C ASN J 63 -25.05 -46.72 -50.94
N ASP J 64 -23.78 -46.24 -51.00
CA ASP J 64 -22.60 -47.07 -51.16
C ASP J 64 -21.79 -46.95 -49.88
N LEU J 65 -21.76 -48.03 -49.12
CA LEU J 65 -21.02 -48.08 -47.86
C LEU J 65 -19.53 -48.21 -48.08
N PHE J 66 -19.13 -48.84 -49.17
CA PHE J 66 -17.72 -49.02 -49.48
C PHE J 66 -16.98 -47.69 -49.69
N LYS J 67 -17.65 -46.72 -50.29
CA LYS J 67 -17.10 -45.39 -50.55
C LYS J 67 -16.58 -44.72 -49.28
N GLU J 68 -17.33 -44.83 -48.18
CA GLU J 68 -16.95 -44.20 -46.91
C GLU J 68 -15.85 -44.93 -46.15
N THR J 69 -15.23 -45.96 -46.74
CA THR J 69 -14.20 -46.71 -46.04
C THR J 69 -12.86 -46.77 -46.80
N ASP J 70 -11.76 -46.87 -46.05
CA ASP J 70 -10.45 -47.03 -46.65
C ASP J 70 -10.04 -48.52 -46.73
N LEU J 71 -11.04 -49.43 -46.79
CA LEU J 71 -10.87 -50.86 -46.90
C LEU J 71 -10.42 -51.29 -48.28
N THR J 72 -9.64 -52.37 -48.36
CA THR J 72 -9.14 -52.88 -49.64
C THR J 72 -9.79 -54.24 -49.97
N GLY J 73 -10.04 -54.45 -51.25
CA GLY J 73 -10.58 -55.71 -51.73
C GLY J 73 -11.98 -56.05 -51.25
N ARG J 74 -12.20 -57.33 -50.90
CA ARG J 74 -13.52 -57.78 -50.50
C ARG J 74 -13.64 -58.07 -48.99
N PRO J 75 -14.48 -57.29 -48.29
CA PRO J 75 -14.65 -57.54 -46.86
C PRO J 75 -15.80 -58.47 -46.52
N HIS J 76 -15.73 -59.07 -45.35
CA HIS J 76 -16.84 -59.83 -44.81
C HIS J 76 -17.91 -58.81 -44.39
N ILE J 77 -19.18 -59.19 -44.49
CA ILE J 77 -20.27 -58.29 -44.15
C ILE J 77 -21.18 -58.92 -43.15
N PHE J 78 -21.37 -58.28 -42.01
CA PHE J 78 -22.26 -58.78 -40.99
C PHE J 78 -23.31 -57.73 -40.71
N ALA J 79 -24.53 -57.98 -41.17
CA ALA J 79 -25.65 -57.06 -40.96
C ALA J 79 -26.52 -57.58 -39.84
N TYR J 80 -26.97 -56.69 -38.98
CA TYR J 80 -27.81 -57.05 -37.86
C TYR J 80 -29.01 -56.16 -37.85
N VAL J 81 -30.21 -56.77 -37.86
CA VAL J 81 -31.43 -55.99 -37.86
C VAL J 81 -32.22 -56.18 -36.60
N ASP J 82 -32.14 -55.19 -35.73
CA ASP J 82 -33.00 -55.13 -34.57
C ASP J 82 -34.33 -54.48 -35.07
N VAL J 83 -35.31 -54.30 -34.20
CA VAL J 83 -36.61 -53.75 -34.57
C VAL J 83 -36.52 -52.42 -35.39
N GLU J 84 -35.99 -51.36 -34.80
CA GLU J 84 -35.86 -50.08 -35.47
C GLU J 84 -34.47 -49.80 -35.95
N GLU J 85 -33.43 -50.57 -35.52
CA GLU J 85 -32.08 -50.21 -35.93
C GLU J 85 -31.38 -51.26 -36.75
N ILE J 86 -30.55 -50.81 -37.70
CA ILE J 86 -29.77 -51.61 -38.62
C ILE J 86 -28.30 -51.30 -38.36
N ILE J 87 -27.50 -52.31 -38.10
CA ILE J 87 -26.07 -52.16 -37.88
C ILE J 87 -25.33 -53.03 -38.91
N ILE J 88 -24.47 -52.43 -39.76
CA ILE J 88 -23.73 -53.21 -40.75
C ILE J 88 -22.23 -53.11 -40.50
N LEU J 89 -21.51 -54.23 -40.60
CA LEU J 89 -20.08 -54.25 -40.36
C LEU J 89 -19.32 -54.77 -41.55
N LEU J 90 -18.32 -54.01 -42.02
CA LEU J 90 -17.49 -54.42 -43.14
C LEU J 90 -16.12 -54.76 -42.58
N CYS J 91 -15.81 -56.06 -42.46
CA CYS J 91 -14.54 -56.50 -41.86
C CYS J 91 -13.53 -56.92 -42.89
N GLU J 92 -12.29 -56.42 -42.80
CA GLU J 92 -11.26 -56.81 -43.78
C GLU J 92 -10.96 -58.31 -43.70
N ASP J 93 -10.81 -58.93 -44.85
CA ASP J 93 -10.49 -60.35 -44.91
C ASP J 93 -8.98 -60.45 -44.65
N GLU J 94 -8.57 -61.08 -43.52
CA GLU J 94 -7.17 -61.30 -43.09
C GLU J 94 -6.45 -60.00 -42.66
N LYS J 100 -2.52 -61.55 -38.86
CA LYS J 100 -3.05 -60.45 -38.06
C LYS J 100 -3.50 -60.91 -36.66
N LYS J 101 -3.18 -60.12 -35.65
CA LYS J 101 -3.56 -60.40 -34.27
C LYS J 101 -4.87 -59.62 -33.85
N ASP J 102 -5.08 -58.46 -34.46
CA ASP J 102 -6.24 -57.60 -34.30
C ASP J 102 -6.99 -57.55 -35.64
N MET J 103 -8.32 -57.43 -35.60
CA MET J 103 -9.11 -57.27 -36.82
C MET J 103 -9.74 -55.86 -36.90
N THR J 104 -9.56 -55.19 -38.04
CA THR J 104 -10.14 -53.87 -38.27
C THR J 104 -11.47 -54.03 -39.01
N CYS J 105 -12.49 -53.27 -38.65
CA CYS J 105 -13.80 -53.35 -39.27
C CYS J 105 -14.40 -51.92 -39.38
N HIS J 106 -15.34 -51.67 -40.30
CA HIS J 106 -16.00 -50.36 -40.42
C HIS J 106 -17.48 -50.58 -40.09
N ARG J 107 -18.02 -49.82 -39.13
CA ARG J 107 -19.40 -49.99 -38.67
C ARG J 107 -20.33 -48.87 -39.15
N PHE J 108 -21.54 -49.24 -39.59
CA PHE J 108 -22.58 -48.31 -40.08
C PHE J 108 -23.83 -48.49 -39.26
N TYR J 109 -24.52 -47.40 -38.96
CA TYR J 109 -25.73 -47.46 -38.17
C TYR J 109 -26.81 -46.67 -38.82
N SER J 110 -28.02 -47.21 -38.80
CA SER J 110 -29.19 -46.47 -39.25
C SER J 110 -30.41 -46.83 -38.41
N ASN J 111 -31.30 -45.87 -38.23
CA ASN J 111 -32.59 -46.13 -37.58
C ASN J 111 -33.76 -45.83 -38.55
N ASP J 112 -33.48 -45.71 -39.86
CA ASP J 112 -34.50 -45.41 -40.83
C ASP J 112 -34.32 -46.11 -42.19
N GLY J 113 -33.18 -46.75 -42.42
CA GLY J 113 -32.95 -47.44 -43.68
C GLY J 113 -32.42 -46.56 -44.80
N LYS J 114 -32.68 -45.25 -44.73
CA LYS J 114 -32.10 -44.29 -45.69
C LYS J 114 -30.69 -43.80 -45.28
N GLU J 115 -30.55 -43.18 -44.09
CA GLU J 115 -29.30 -42.54 -43.65
C GLU J 115 -28.42 -43.37 -42.72
N TYR J 116 -27.23 -43.77 -43.20
CA TYR J 116 -26.29 -44.56 -42.41
C TYR J 116 -25.13 -43.71 -41.91
N ASN J 117 -24.77 -43.80 -40.62
CA ASN J 117 -23.63 -43.04 -40.10
C ASN J 117 -22.50 -44.02 -39.76
N ASN J 118 -21.25 -43.68 -40.10
CA ASN J 118 -20.17 -44.62 -39.95
C ASN J 118 -18.96 -44.13 -39.21
N ALA J 119 -18.14 -45.08 -38.78
CA ALA J 119 -16.87 -44.91 -38.12
C ALA J 119 -16.15 -46.25 -38.09
N GLU J 120 -14.85 -46.23 -38.12
CA GLU J 120 -14.03 -47.43 -38.12
C GLU J 120 -13.79 -47.93 -36.71
N ILE J 121 -13.94 -49.24 -36.49
CA ILE J 121 -13.69 -49.86 -35.20
C ILE J 121 -12.59 -50.94 -35.28
N THR J 122 -11.97 -51.29 -34.14
CA THR J 122 -10.93 -52.31 -34.13
C THR J 122 -11.16 -53.28 -32.99
N ILE J 123 -11.12 -54.59 -33.29
CA ILE J 123 -11.26 -55.65 -32.29
C ILE J 123 -9.87 -56.16 -31.99
N SER J 124 -9.27 -55.69 -30.89
CA SER J 124 -7.90 -56.06 -30.52
C SER J 124 -7.83 -57.42 -29.91
N ASP J 125 -6.79 -58.19 -30.30
CA ASP J 125 -6.52 -59.57 -29.84
C ASP J 125 -7.78 -60.41 -29.99
N TYR J 126 -8.39 -60.30 -31.17
CA TYR J 126 -9.67 -60.89 -31.44
C TYR J 126 -9.67 -62.42 -31.44
N ILE J 127 -10.70 -62.93 -30.80
CA ILE J 127 -11.03 -64.33 -30.53
C ILE J 127 -10.97 -65.21 -31.78
N LEU J 128 -11.44 -64.69 -32.90
CA LEU J 128 -11.51 -65.44 -34.15
C LEU J 128 -10.20 -65.48 -34.95
N LYS J 129 -9.04 -65.51 -34.26
CA LYS J 129 -7.76 -65.63 -34.95
C LYS J 129 -7.71 -67.05 -35.54
N ASP J 130 -7.29 -67.17 -36.80
CA ASP J 130 -7.21 -68.44 -37.53
C ASP J 130 -8.58 -69.07 -37.86
N LYS J 131 -9.69 -68.33 -37.70
CA LYS J 131 -11.01 -68.89 -38.03
C LYS J 131 -11.47 -68.34 -39.37
N LEU J 132 -12.19 -69.15 -40.15
CA LEU J 132 -12.72 -68.72 -41.44
C LEU J 132 -14.07 -68.04 -41.24
N LEU J 133 -14.29 -66.85 -41.84
CA LEU J 133 -15.57 -66.16 -41.72
C LEU J 133 -16.28 -66.03 -43.06
N SER J 134 -17.59 -65.78 -43.02
CA SER J 134 -18.36 -65.54 -44.24
C SER J 134 -19.47 -64.55 -43.95
N SER J 135 -19.78 -63.69 -44.91
CA SER J 135 -20.81 -62.67 -44.77
C SER J 135 -22.22 -63.25 -44.51
N TYR J 136 -23.02 -62.57 -43.69
CA TYR J 136 -24.40 -62.96 -43.40
C TYR J 136 -25.19 -61.85 -42.68
N VAL J 137 -26.53 -61.98 -42.70
CA VAL J 137 -27.47 -61.12 -42.00
C VAL J 137 -27.95 -61.89 -40.76
N SER J 138 -28.13 -61.20 -39.64
CA SER J 138 -28.57 -61.82 -38.41
C SER J 138 -29.37 -60.86 -37.51
N LEU J 139 -29.83 -61.33 -36.37
CA LEU J 139 -30.59 -60.55 -35.43
C LEU J 139 -30.04 -60.81 -34.02
N PRO J 140 -30.31 -59.92 -33.06
CA PRO J 140 -29.77 -60.13 -31.71
C PRO J 140 -30.25 -61.43 -31.06
N LEU J 141 -29.36 -62.08 -30.29
CA LEU J 141 -29.69 -63.32 -29.57
C LEU J 141 -29.73 -63.02 -28.08
N LYS J 142 -30.87 -63.20 -27.43
CA LYS J 142 -30.95 -62.96 -25.99
C LYS J 142 -30.37 -64.13 -25.22
N ILE J 143 -29.40 -63.86 -24.36
CA ILE J 143 -28.74 -64.86 -23.54
C ILE J 143 -28.69 -64.34 -22.12
N GLU J 144 -29.39 -65.02 -21.19
CA GLU J 144 -29.53 -64.61 -19.78
C GLU J 144 -30.42 -63.34 -19.85
N ASN J 145 -29.88 -62.15 -19.57
CA ASN J 145 -30.66 -60.94 -19.76
C ASN J 145 -29.86 -59.94 -20.55
N ARG J 146 -29.34 -60.40 -21.69
CA ARG J 146 -28.51 -59.57 -22.56
C ARG J 146 -28.76 -59.93 -24.00
N GLU J 147 -28.76 -58.94 -24.91
CA GLU J 147 -28.85 -59.20 -26.34
C GLU J 147 -27.44 -59.13 -26.92
N TYR J 148 -27.11 -60.08 -27.77
CA TYR J 148 -25.79 -60.15 -28.38
C TYR J 148 -25.89 -60.25 -29.89
N PHE J 149 -24.94 -59.63 -30.58
CA PHE J 149 -24.73 -59.78 -32.01
C PHE J 149 -23.59 -60.78 -32.12
N LEU J 150 -23.69 -61.75 -33.04
CA LEU J 150 -22.67 -62.79 -33.13
C LEU J 150 -21.91 -62.75 -34.39
N ILE J 151 -20.59 -62.91 -34.30
CA ILE J 151 -19.71 -63.09 -35.43
C ILE J 151 -19.12 -64.46 -35.19
N CYS J 152 -19.44 -65.41 -36.08
CA CYS J 152 -19.04 -66.79 -35.92
C CYS J 152 -18.12 -67.26 -37.00
N GLY J 153 -17.19 -68.10 -36.57
CA GLY J 153 -16.17 -68.62 -37.45
C GLY J 153 -15.98 -70.11 -37.28
N VAL J 154 -15.35 -70.70 -38.28
CA VAL J 154 -15.15 -72.12 -38.27
C VAL J 154 -13.68 -72.46 -38.52
N SER J 155 -13.23 -73.54 -37.92
CA SER J 155 -11.85 -73.99 -37.99
C SER J 155 -11.44 -74.52 -39.37
N PRO J 156 -10.19 -74.25 -39.77
CA PRO J 156 -9.69 -74.76 -41.05
C PRO J 156 -9.10 -76.19 -40.88
N LYS J 164 -9.65 -81.39 -29.79
CA LYS J 164 -10.80 -81.77 -30.59
C LYS J 164 -12.05 -80.85 -30.37
N LYS J 165 -11.89 -79.78 -29.57
CA LYS J 165 -12.96 -78.84 -29.25
C LYS J 165 -12.83 -77.51 -30.01
N ASP J 166 -13.92 -76.71 -30.01
CA ASP J 166 -14.03 -75.37 -30.59
C ASP J 166 -13.77 -75.32 -32.09
N ASP J 167 -14.52 -76.13 -32.84
CA ASP J 167 -14.48 -76.11 -34.30
C ASP J 167 -15.22 -74.83 -34.69
N ILE J 168 -16.42 -74.60 -34.11
CA ILE J 168 -17.21 -73.40 -34.29
C ILE J 168 -16.98 -72.51 -33.08
N LEU J 169 -16.76 -71.23 -33.32
CA LEU J 169 -16.50 -70.28 -32.27
C LEU J 169 -17.17 -68.96 -32.59
N CYS J 170 -17.78 -68.31 -31.59
CA CYS J 170 -18.40 -67.03 -31.82
C CYS J 170 -17.89 -65.99 -30.89
N MET J 171 -17.53 -64.84 -31.44
CA MET J 171 -17.25 -63.66 -30.64
C MET J 171 -18.54 -62.83 -30.72
N ALA J 172 -18.93 -62.25 -29.60
CA ALA J 172 -20.20 -61.59 -29.51
C ALA J 172 -20.10 -60.22 -28.87
N SER J 173 -21.10 -59.38 -29.18
CA SER J 173 -21.17 -58.00 -28.73
C SER J 173 -22.52 -57.72 -28.15
N HIS J 174 -22.53 -57.15 -26.96
CA HIS J 174 -23.76 -56.72 -26.31
C HIS J 174 -23.88 -55.20 -26.25
N ASP J 175 -23.03 -54.46 -27.00
CA ASP J 175 -23.03 -53.00 -27.07
C ASP J 175 -23.17 -52.51 -28.50
N LYS J 176 -24.09 -53.16 -29.22
CA LYS J 176 -24.44 -52.83 -30.60
C LYS J 176 -23.27 -52.88 -31.58
N GLY J 177 -22.31 -53.77 -31.35
CA GLY J 177 -21.22 -53.95 -32.27
C GLY J 177 -20.06 -52.99 -32.11
N GLU J 178 -20.00 -52.26 -31.01
CA GLU J 178 -18.88 -51.39 -30.78
C GLU J 178 -17.66 -52.17 -30.29
N THR J 179 -17.89 -53.07 -29.33
CA THR J 179 -16.82 -53.93 -28.82
C THR J 179 -17.25 -55.38 -28.98
N TRP J 180 -16.29 -56.27 -29.19
CA TRP J 180 -16.57 -57.69 -29.37
C TRP J 180 -15.74 -58.52 -28.40
N GLY J 181 -15.87 -58.25 -27.12
CA GLY J 181 -15.10 -58.94 -26.10
C GLY J 181 -15.71 -60.24 -25.60
N THR J 182 -16.99 -60.48 -25.87
CA THR J 182 -17.67 -61.66 -25.36
C THR J 182 -17.34 -62.88 -26.19
N LYS J 183 -17.19 -64.04 -25.56
CA LYS J 183 -16.91 -65.29 -26.27
C LYS J 183 -18.01 -66.33 -26.01
N ILE J 184 -18.67 -66.77 -27.07
CA ILE J 184 -19.71 -67.80 -26.97
C ILE J 184 -19.09 -69.10 -27.41
N VAL J 185 -19.19 -70.12 -26.53
CA VAL J 185 -18.65 -71.45 -26.74
C VAL J 185 -19.68 -72.36 -27.40
N ILE J 186 -19.28 -73.02 -28.49
CA ILE J 186 -20.17 -73.94 -29.19
C ILE J 186 -19.57 -75.33 -29.17
N LYS J 187 -20.19 -76.24 -28.42
CA LYS J 187 -19.72 -77.60 -28.36
C LYS J 187 -20.50 -78.43 -29.39
N TYR J 188 -19.89 -78.67 -30.54
CA TYR J 188 -20.49 -79.50 -31.57
C TYR J 188 -19.59 -80.69 -31.76
N ASP J 189 -20.10 -81.89 -31.45
CA ASP J 189 -19.31 -83.11 -31.62
C ASP J 189 -19.83 -84.01 -32.71
N ASN J 190 -19.56 -83.68 -33.99
CA ASN J 190 -20.06 -84.49 -35.11
C ASN J 190 -19.46 -85.90 -35.11
N TYR J 191 -20.25 -86.89 -35.53
CA TYR J 191 -19.78 -88.27 -35.50
C TYR J 191 -18.53 -88.49 -36.39
N LYS J 192 -18.65 -88.33 -37.74
CA LYS J 192 -17.57 -88.53 -38.71
C LYS J 192 -16.38 -87.51 -38.64
N LEU J 193 -15.17 -87.97 -39.06
CA LEU J 193 -13.96 -87.13 -39.11
C LEU J 193 -13.46 -86.98 -40.57
N GLY J 194 -12.66 -85.93 -40.80
CA GLY J 194 -12.13 -85.61 -42.13
C GLY J 194 -13.11 -84.76 -42.91
N VAL J 195 -13.75 -83.82 -42.21
CA VAL J 195 -14.80 -82.96 -42.73
C VAL J 195 -14.46 -81.50 -42.44
N GLN J 196 -14.71 -80.62 -43.41
CA GLN J 196 -14.48 -79.19 -43.21
C GLN J 196 -15.75 -78.38 -43.43
N TYR J 197 -16.07 -77.48 -42.49
CA TYR J 197 -17.27 -76.64 -42.62
C TYR J 197 -16.94 -75.36 -43.45
N PHE J 198 -17.89 -74.89 -44.32
CA PHE J 198 -17.54 -73.81 -45.25
C PHE J 198 -18.30 -72.45 -45.16
N PHE J 199 -19.63 -72.38 -45.27
CA PHE J 199 -20.29 -71.06 -45.24
C PHE J 199 -21.17 -70.99 -44.02
N LEU J 200 -20.52 -71.07 -42.86
CA LEU J 200 -21.25 -71.08 -41.61
C LEU J 200 -21.98 -69.77 -41.37
N ARG J 201 -23.22 -69.88 -40.90
CA ARG J 201 -24.02 -68.74 -40.54
C ARG J 201 -25.03 -69.16 -39.49
N PRO J 202 -25.19 -68.35 -38.44
CA PRO J 202 -26.15 -68.71 -37.39
C PRO J 202 -27.58 -68.35 -37.78
N TYR J 203 -28.48 -69.29 -37.54
CA TYR J 203 -29.89 -69.07 -37.72
C TYR J 203 -30.48 -68.89 -36.32
N ILE J 204 -31.00 -67.70 -36.04
CA ILE J 204 -31.54 -67.35 -34.74
C ILE J 204 -33.04 -67.11 -34.83
N SER J 205 -33.78 -67.66 -33.89
CA SER J 205 -35.23 -67.52 -33.85
C SER J 205 -35.72 -67.68 -32.44
N LYS J 206 -36.36 -66.63 -31.89
CA LYS J 206 -36.94 -66.66 -30.56
C LYS J 206 -35.94 -67.11 -29.49
N ASN J 207 -34.77 -66.47 -29.49
CA ASN J 207 -33.70 -66.72 -28.54
C ASN J 207 -33.23 -68.18 -28.48
N ASP J 208 -33.35 -68.87 -29.61
CA ASP J 208 -32.84 -70.21 -29.87
C ASP J 208 -31.79 -70.06 -30.95
N LEU J 209 -30.63 -70.69 -30.73
CA LEU J 209 -29.50 -70.59 -31.66
C LEU J 209 -29.30 -71.89 -32.42
N SER J 210 -29.07 -71.77 -33.73
CA SER J 210 -28.81 -72.88 -34.63
C SER J 210 -27.80 -72.46 -35.69
N PHE J 211 -27.25 -73.41 -36.45
CA PHE J 211 -26.28 -73.08 -37.48
C PHE J 211 -26.55 -73.80 -38.76
N HIS J 212 -26.35 -73.09 -39.86
CA HIS J 212 -26.49 -73.65 -41.20
C HIS J 212 -25.12 -73.49 -41.86
N PHE J 213 -24.58 -74.58 -42.39
CA PHE J 213 -23.26 -74.55 -43.01
C PHE J 213 -23.08 -75.67 -44.03
N TYR J 214 -21.95 -75.68 -44.75
CA TYR J 214 -21.67 -76.71 -45.73
C TYR J 214 -20.53 -77.59 -45.25
N VAL J 215 -20.62 -78.85 -45.58
CA VAL J 215 -19.64 -79.86 -45.22
C VAL J 215 -18.91 -80.31 -46.49
N GLY J 216 -17.57 -80.27 -46.40
CA GLY J 216 -16.62 -80.65 -47.43
C GLY J 216 -15.89 -81.96 -47.15
N ASP J 217 -16.65 -83.04 -47.18
CA ASP J 217 -16.26 -84.42 -46.93
C ASP J 217 -15.06 -84.92 -47.76
N ASN J 218 -14.32 -85.90 -47.21
CA ASN J 218 -13.22 -86.50 -47.94
C ASN J 218 -13.74 -87.47 -49.03
N ILE J 219 -15.03 -87.73 -49.09
CA ILE J 219 -15.58 -88.64 -50.10
C ILE J 219 -15.69 -88.01 -51.50
N ASN J 220 -16.36 -86.86 -51.59
CA ASN J 220 -16.58 -86.15 -52.85
C ASN J 220 -16.36 -84.64 -52.67
N ASN J 221 -15.99 -83.95 -53.77
CA ASN J 221 -15.73 -82.50 -53.80
C ASN J 221 -16.98 -81.67 -53.48
N VAL J 222 -18.19 -82.23 -53.78
CA VAL J 222 -19.46 -81.55 -53.55
C VAL J 222 -19.70 -81.20 -52.05
N LYS J 223 -20.05 -79.94 -51.82
CA LYS J 223 -20.37 -79.47 -50.49
C LYS J 223 -21.84 -79.79 -50.19
N ASN J 224 -22.11 -80.15 -48.94
CA ASN J 224 -23.44 -80.59 -48.49
C ASN J 224 -23.94 -79.76 -47.34
N VAL J 225 -25.20 -79.35 -47.36
CA VAL J 225 -25.76 -78.57 -46.26
C VAL J 225 -25.90 -79.42 -45.01
N ASN J 226 -25.57 -78.82 -43.87
CA ASN J 226 -25.75 -79.38 -42.55
C ASN J 226 -26.39 -78.31 -41.70
N PHE J 227 -27.30 -78.72 -40.83
CA PHE J 227 -27.99 -77.79 -39.94
C PHE J 227 -28.00 -78.37 -38.53
N ILE J 228 -27.47 -77.61 -37.54
CA ILE J 228 -27.41 -78.10 -36.17
C ILE J 228 -28.21 -77.21 -35.24
N GLU J 229 -28.91 -77.81 -34.28
CA GLU J 229 -29.69 -77.10 -33.27
C GLU J 229 -28.87 -77.05 -31.98
N CYS J 230 -28.94 -75.93 -31.24
CA CYS J 230 -28.20 -75.80 -29.99
C CYS J 230 -29.09 -75.52 -28.84
N THR J 231 -28.81 -76.15 -27.72
CA THR J 231 -29.52 -75.89 -26.48
C THR J 231 -28.54 -75.16 -25.56
N HIS J 232 -29.06 -74.23 -24.78
CA HIS J 232 -28.25 -73.43 -23.87
C HIS J 232 -28.11 -74.16 -22.55
N GLU J 233 -26.86 -74.37 -22.08
CA GLU J 233 -26.66 -75.05 -20.80
C GLU J 233 -25.97 -74.19 -19.73
N LYS J 234 -24.74 -73.76 -19.93
CA LYS J 234 -24.13 -72.90 -18.93
C LYS J 234 -24.26 -71.45 -19.40
N ASP J 235 -23.51 -70.57 -18.75
CA ASP J 235 -23.45 -69.14 -19.09
C ASP J 235 -23.49 -68.68 -20.56
N LEU J 236 -22.50 -69.10 -21.33
CA LEU J 236 -22.34 -68.68 -22.69
C LEU J 236 -21.84 -69.86 -23.44
N GLU J 237 -22.29 -71.00 -22.99
CA GLU J 237 -21.89 -72.26 -23.59
C GLU J 237 -23.10 -73.00 -24.09
N PHE J 238 -23.14 -73.23 -25.41
CA PHE J 238 -24.23 -73.94 -26.06
C PHE J 238 -23.75 -75.31 -26.49
N VAL J 239 -24.67 -76.28 -26.49
CA VAL J 239 -24.33 -77.63 -26.96
C VAL J 239 -25.22 -77.95 -28.15
N CYS J 240 -24.60 -78.17 -29.31
CA CYS J 240 -25.33 -78.39 -30.54
C CYS J 240 -25.40 -79.85 -30.96
N SER J 241 -26.32 -80.16 -31.87
CA SER J 241 -26.54 -81.49 -32.38
C SER J 241 -27.14 -81.40 -33.79
N ASN J 242 -26.70 -82.29 -34.68
CA ASN J 242 -27.17 -82.28 -36.05
C ASN J 242 -28.65 -82.57 -36.14
N ARG J 243 -29.35 -81.90 -37.06
CA ARG J 243 -30.74 -82.13 -37.30
C ARG J 243 -30.87 -82.82 -38.65
N ASP J 244 -31.46 -84.01 -38.67
CA ASP J 244 -31.62 -84.77 -39.91
C ASP J 244 -32.73 -84.20 -40.78
N PHE J 245 -32.36 -83.70 -41.96
CA PHE J 245 -33.34 -83.27 -42.96
C PHE J 245 -33.24 -84.07 -44.25
N LEU J 246 -32.46 -85.17 -44.25
CA LEU J 246 -32.25 -85.97 -45.43
C LEU J 246 -33.51 -86.43 -46.10
N LYS J 247 -33.51 -86.40 -47.42
CA LYS J 247 -34.64 -86.77 -48.24
C LYS J 247 -34.08 -87.38 -49.50
N ASP J 248 -34.47 -88.62 -49.80
CA ASP J 248 -33.97 -89.34 -50.96
C ASP J 248 -34.20 -88.57 -52.26
N ASN J 249 -33.21 -88.63 -53.16
CA ASN J 249 -33.24 -88.03 -54.49
C ASN J 249 -33.50 -86.52 -54.50
N LYS J 250 -33.22 -85.85 -53.39
CA LYS J 250 -33.36 -84.41 -53.26
C LYS J 250 -32.19 -83.93 -52.42
N VAL J 251 -31.61 -82.78 -52.79
CA VAL J 251 -30.49 -82.21 -52.06
C VAL J 251 -30.95 -81.09 -51.13
N LEU J 252 -30.56 -81.15 -49.86
CA LEU J 252 -30.96 -80.14 -48.88
C LEU J 252 -30.37 -78.78 -49.26
N GLN J 253 -31.22 -77.75 -49.26
CA GLN J 253 -30.79 -76.42 -49.66
C GLN J 253 -30.85 -75.40 -48.52
N ASP J 254 -31.99 -74.73 -48.26
CA ASP J 254 -32.06 -73.78 -47.16
C ASP J 254 -33.04 -74.21 -46.09
N VAL J 255 -32.89 -73.68 -44.87
CA VAL J 255 -33.72 -73.98 -43.71
C VAL J 255 -34.16 -72.70 -43.01
N SER J 256 -35.43 -72.66 -42.64
CA SER J 256 -36.00 -71.56 -41.88
C SER J 256 -37.14 -72.12 -41.00
N THR J 257 -37.84 -71.27 -40.25
CA THR J 257 -38.91 -71.71 -39.37
C THR J 257 -40.07 -70.77 -39.49
N LEU J 258 -41.27 -71.33 -39.44
CA LEU J 258 -42.51 -70.57 -39.47
C LEU J 258 -43.49 -71.32 -38.59
N ASN J 259 -44.16 -70.65 -37.64
CA ASN J 259 -45.16 -71.32 -36.79
C ASN J 259 -44.48 -72.36 -35.87
N ASP J 260 -43.23 -72.09 -35.39
CA ASP J 260 -42.44 -73.00 -34.55
C ASP J 260 -42.22 -74.40 -35.21
N GLU J 261 -42.22 -74.43 -36.54
CA GLU J 261 -42.03 -75.62 -37.36
C GLU J 261 -41.06 -75.27 -38.46
N TYR J 262 -40.26 -76.25 -38.91
CA TYR J 262 -39.28 -75.98 -39.95
C TYR J 262 -39.89 -75.88 -41.31
N ILE J 263 -39.35 -74.97 -42.11
CA ILE J 263 -39.65 -74.84 -43.52
C ILE J 263 -38.34 -75.09 -44.22
N VAL J 264 -38.31 -76.10 -45.08
CA VAL J 264 -37.07 -76.53 -45.72
C VAL J 264 -37.11 -76.56 -47.23
N SER J 265 -36.05 -76.06 -47.87
CA SER J 265 -35.98 -76.06 -49.32
C SER J 265 -35.04 -77.13 -49.82
N TYR J 266 -35.39 -77.73 -50.95
CA TYR J 266 -34.61 -78.80 -51.55
C TYR J 266 -34.51 -78.60 -53.05
N GLY J 267 -33.44 -79.07 -53.63
CA GLY J 267 -33.30 -79.09 -55.07
C GLY J 267 -33.52 -80.51 -55.55
N ASN J 268 -33.99 -80.68 -56.79
CA ASN J 268 -34.18 -82.01 -57.37
C ASN J 268 -32.84 -82.77 -57.38
N ASP J 269 -31.78 -82.06 -57.78
CA ASP J 269 -30.40 -82.52 -57.81
C ASP J 269 -29.48 -81.28 -57.61
N ASN J 270 -28.16 -81.44 -57.78
CA ASN J 270 -27.19 -80.34 -57.64
C ASN J 270 -27.28 -79.27 -58.76
N ASN J 271 -28.11 -79.49 -59.78
CA ASN J 271 -28.35 -78.54 -60.87
C ASN J 271 -29.38 -77.49 -60.45
N PHE J 272 -30.37 -77.90 -59.62
CA PHE J 272 -31.47 -77.06 -59.15
C PHE J 272 -32.42 -76.70 -60.26
N ALA J 273 -32.75 -77.70 -61.10
CA ALA J 273 -33.74 -77.53 -62.15
C ALA J 273 -35.10 -77.21 -61.51
N GLU J 274 -35.39 -77.82 -60.35
CA GLU J 274 -36.59 -77.62 -59.55
C GLU J 274 -36.23 -77.45 -58.08
N CYS J 275 -37.13 -76.84 -57.32
CA CYS J 275 -36.96 -76.68 -55.89
C CYS J 275 -38.26 -77.03 -55.21
N TYR J 276 -38.21 -77.86 -54.17
CA TYR J 276 -39.38 -78.24 -53.41
C TYR J 276 -39.30 -77.56 -52.05
N ILE J 277 -40.44 -77.11 -51.51
CA ILE J 277 -40.45 -76.50 -50.19
C ILE J 277 -41.33 -77.34 -49.30
N PHE J 278 -40.80 -77.81 -48.18
CA PHE J 278 -41.55 -78.63 -47.25
C PHE J 278 -41.85 -77.91 -45.97
N PHE J 279 -43.10 -77.98 -45.52
CA PHE J 279 -43.59 -77.35 -44.31
C PHE J 279 -43.78 -78.44 -43.29
N ASN J 280 -42.98 -78.43 -42.23
CA ASN J 280 -43.01 -79.42 -41.16
C ASN J 280 -42.89 -80.85 -41.69
N ASN J 281 -42.18 -81.01 -42.82
CA ASN J 281 -42.04 -82.31 -43.47
C ASN J 281 -43.40 -82.98 -43.76
N GLU J 282 -44.46 -82.17 -43.91
CA GLU J 282 -45.79 -82.71 -44.10
C GLU J 282 -46.44 -82.23 -45.40
N ASN J 283 -46.26 -80.96 -45.72
CA ASN J 283 -46.85 -80.40 -46.94
C ASN J 283 -45.76 -79.83 -47.81
N SER J 284 -45.96 -79.84 -49.13
CA SER J 284 -44.92 -79.35 -50.01
C SER J 284 -45.43 -78.61 -51.20
N ILE J 285 -44.62 -77.69 -51.68
CA ILE J 285 -44.92 -76.93 -52.88
C ILE J 285 -43.75 -77.08 -53.85
N LEU J 286 -44.05 -77.12 -55.14
CA LEU J 286 -43.03 -77.25 -56.16
C LEU J 286 -42.79 -75.91 -56.83
N ILE J 287 -41.52 -75.54 -56.99
CA ILE J 287 -41.11 -74.32 -57.66
C ILE J 287 -40.34 -74.72 -58.91
N LYS J 288 -40.93 -74.53 -60.10
CA LYS J 288 -40.29 -74.84 -61.37
C LYS J 288 -39.94 -73.52 -62.05
N PRO J 289 -38.70 -73.05 -61.91
CA PRO J 289 -38.33 -71.71 -62.39
C PRO J 289 -38.54 -71.32 -63.87
N GLU J 290 -39.00 -72.21 -64.77
CA GLU J 290 -39.27 -71.85 -66.17
C GLU J 290 -40.67 -71.17 -66.29
N LYS J 291 -40.93 -70.25 -65.34
CA LYS J 291 -42.12 -69.42 -65.15
C LYS J 291 -41.78 -68.00 -65.60
N TYR J 292 -41.23 -67.92 -66.83
CA TYR J 292 -40.70 -66.74 -67.51
C TYR J 292 -40.08 -67.28 -68.85
N GLY J 293 -39.49 -66.40 -69.66
CA GLY J 293 -38.80 -66.82 -70.87
C GLY J 293 -37.40 -67.26 -70.50
N ASN J 294 -37.32 -68.27 -69.61
CA ASN J 294 -36.08 -68.79 -69.03
C ASN J 294 -35.73 -70.22 -69.49
N THR J 295 -34.58 -70.36 -70.17
CA THR J 295 -34.03 -71.62 -70.67
C THR J 295 -33.05 -72.23 -69.64
N ALA J 296 -32.14 -71.40 -69.06
CA ALA J 296 -31.21 -71.83 -68.01
C ALA J 296 -31.82 -71.48 -66.63
N ALA J 297 -33.13 -71.73 -66.50
CA ALA J 297 -33.95 -71.45 -65.32
C ALA J 297 -33.66 -72.42 -64.20
N GLY J 298 -32.96 -71.96 -63.18
CA GLY J 298 -32.70 -72.78 -62.01
C GLY J 298 -32.97 -72.03 -60.73
N CYS J 299 -32.89 -72.72 -59.59
CA CYS J 299 -33.08 -72.07 -58.31
C CYS J 299 -31.86 -72.23 -57.40
N TYR J 300 -30.66 -72.21 -58.01
CA TYR J 300 -29.41 -72.29 -57.26
C TYR J 300 -29.29 -71.00 -56.47
N GLY J 301 -28.97 -71.12 -55.19
CA GLY J 301 -28.86 -69.95 -54.34
C GLY J 301 -30.17 -69.46 -53.76
N GLY J 302 -31.23 -70.24 -53.89
CA GLY J 302 -32.53 -69.93 -53.30
C GLY J 302 -32.41 -69.91 -51.80
N THR J 303 -32.90 -68.86 -51.19
CA THR J 303 -32.82 -68.68 -49.74
C THR J 303 -34.12 -68.15 -49.18
N PHE J 304 -34.35 -68.37 -47.90
CA PHE J 304 -35.49 -67.83 -47.21
C PHE J 304 -35.11 -66.50 -46.58
N VAL J 305 -36.05 -65.57 -46.57
CA VAL J 305 -35.91 -64.26 -45.94
C VAL J 305 -37.16 -64.15 -45.09
N LYS J 306 -37.05 -64.37 -43.76
CA LYS J 306 -38.23 -64.36 -42.90
C LYS J 306 -38.79 -62.98 -42.67
N ILE J 307 -40.12 -62.87 -42.63
CA ILE J 307 -40.84 -61.61 -42.40
C ILE J 307 -41.39 -61.60 -40.97
N ASP J 308 -42.04 -62.71 -40.59
CA ASP J 308 -42.59 -62.96 -39.27
C ASP J 308 -42.91 -64.46 -39.14
N GLU J 309 -43.64 -64.89 -38.08
CA GLU J 309 -43.89 -66.31 -37.87
C GLU J 309 -44.88 -66.96 -38.87
N ASN J 310 -45.47 -66.17 -39.77
CA ASN J 310 -46.36 -66.72 -40.79
C ASN J 310 -45.93 -66.42 -42.21
N ARG J 311 -45.05 -65.44 -42.42
CA ARG J 311 -44.66 -65.04 -43.75
C ARG J 311 -43.17 -65.12 -43.96
N ALA J 312 -42.76 -65.54 -45.14
CA ALA J 312 -41.35 -65.58 -45.51
C ALA J 312 -41.24 -65.52 -47.02
N LEU J 313 -40.14 -65.00 -47.53
CA LEU J 313 -39.87 -64.98 -48.95
C LEU J 313 -38.89 -66.07 -49.30
N PHE J 314 -38.95 -66.59 -50.52
CA PHE J 314 -37.97 -67.53 -51.02
C PHE J 314 -37.47 -66.89 -52.30
N ILE J 315 -36.25 -66.36 -52.26
CA ILE J 315 -35.69 -65.66 -53.41
C ILE J 315 -34.52 -66.41 -54.03
N TYR J 316 -34.34 -66.24 -55.33
CA TYR J 316 -33.23 -66.78 -56.11
C TYR J 316 -33.11 -65.98 -57.40
N SER J 317 -31.90 -65.95 -57.97
CA SER J 317 -31.70 -65.24 -59.23
C SER J 317 -31.62 -66.23 -60.39
N SER J 318 -32.75 -66.42 -61.10
CA SER J 318 -32.92 -67.33 -62.24
C SER J 318 -32.00 -67.04 -63.43
N SER J 319 -31.64 -65.77 -63.59
CA SER J 319 -30.73 -65.29 -64.61
C SER J 319 -30.10 -63.98 -64.11
N GLN J 320 -29.08 -63.49 -64.84
CA GLN J 320 -28.39 -62.27 -64.43
C GLN J 320 -29.29 -61.06 -64.52
N GLY J 321 -29.55 -60.48 -63.35
CA GLY J 321 -30.40 -59.31 -63.19
C GLY J 321 -31.79 -59.62 -62.70
N ILE J 322 -32.28 -60.84 -62.96
CA ILE J 322 -33.65 -61.21 -62.60
C ILE J 322 -33.74 -61.91 -61.25
N TYR J 323 -34.60 -61.37 -60.39
CA TYR J 323 -34.82 -61.91 -59.07
C TYR J 323 -36.22 -62.44 -58.97
N ASN J 324 -36.32 -63.72 -58.66
CA ASN J 324 -37.60 -64.38 -58.50
C ASN J 324 -37.94 -64.40 -57.02
N ILE J 325 -39.06 -63.75 -56.68
CA ILE J 325 -39.49 -63.63 -55.29
C ILE J 325 -40.78 -64.39 -55.05
N HIS J 326 -40.69 -65.44 -54.24
CA HIS J 326 -41.86 -66.22 -53.86
C HIS J 326 -42.28 -65.80 -52.47
N THR J 327 -43.42 -65.16 -52.36
CA THR J 327 -43.96 -64.72 -51.08
C THR J 327 -44.73 -65.91 -50.52
N ILE J 328 -44.43 -66.34 -49.30
CA ILE J 328 -45.06 -67.51 -48.69
C ILE J 328 -45.79 -67.21 -47.40
N TYR J 329 -46.99 -67.72 -47.24
CA TYR J 329 -47.76 -67.61 -46.02
C TYR J 329 -48.10 -69.02 -45.60
N TYR J 330 -47.85 -69.35 -44.33
CA TYR J 330 -48.13 -70.67 -43.81
C TYR J 330 -48.65 -70.58 -42.38
N ALA J 331 -49.73 -71.31 -42.10
CA ALA J 331 -50.33 -71.31 -40.77
C ALA J 331 -51.02 -72.61 -40.43
N ASN J 332 -51.23 -72.87 -39.06
CA ASN J 332 -52.02 -74.01 -38.47
C ASN J 332 -53.15 -73.60 -37.43
N TYR J 333 -54.15 -72.75 -37.81
CA TYR J 333 -55.18 -72.25 -36.87
C TYR J 333 -56.59 -72.84 -37.06
N ALA K 1 -35.88 -44.49 -11.22
CA ALA K 1 -34.95 -43.48 -11.74
C ALA K 1 -33.60 -43.47 -11.03
N VAL K 2 -32.53 -43.31 -11.80
CA VAL K 2 -31.18 -43.33 -11.26
C VAL K 2 -30.81 -42.01 -10.58
N THR K 3 -29.75 -42.06 -9.75
CA THR K 3 -29.13 -40.92 -9.10
C THR K 3 -27.64 -40.97 -9.39
N LEU K 4 -27.08 -39.87 -9.86
CA LEU K 4 -25.66 -39.80 -10.17
C LEU K 4 -25.02 -38.82 -9.20
N ASP K 5 -24.11 -39.31 -8.33
CA ASP K 5 -23.47 -38.49 -7.29
C ASP K 5 -21.99 -38.36 -7.47
N GLU K 6 -21.54 -37.20 -7.96
CA GLU K 6 -20.11 -36.99 -8.22
C GLU K 6 -19.35 -36.39 -7.05
N SER K 7 -18.12 -36.85 -6.93
CA SER K 7 -17.17 -36.44 -5.90
C SER K 7 -15.76 -36.38 -6.50
N GLY K 8 -14.83 -35.73 -5.80
CA GLY K 8 -13.46 -35.66 -6.24
C GLY K 8 -12.99 -34.33 -6.79
N GLY K 9 -13.90 -33.35 -6.83
CA GLY K 9 -13.57 -32.03 -7.34
C GLY K 9 -12.78 -31.16 -6.36
N GLY K 10 -12.87 -29.86 -6.58
CA GLY K 10 -12.22 -28.87 -5.75
C GLY K 10 -10.98 -28.28 -6.35
N LEU K 11 -10.12 -27.75 -5.49
CA LEU K 11 -8.89 -27.12 -5.91
C LEU K 11 -7.86 -28.19 -6.24
N GLN K 12 -7.20 -28.06 -7.41
CA GLN K 12 -6.16 -28.98 -7.85
C GLN K 12 -4.95 -28.19 -8.36
N THR K 13 -3.73 -28.70 -8.15
CA THR K 13 -2.55 -27.97 -8.59
C THR K 13 -2.26 -28.21 -10.08
N PRO K 14 -1.86 -27.16 -10.82
CA PRO K 14 -1.55 -27.33 -12.24
C PRO K 14 -0.44 -28.34 -12.44
N GLY K 15 -0.62 -29.22 -13.41
CA GLY K 15 0.32 -30.31 -13.64
C GLY K 15 -0.03 -31.58 -12.89
N GLY K 16 -0.87 -31.46 -11.86
CA GLY K 16 -1.31 -32.60 -11.06
C GLY K 16 -2.34 -33.48 -11.76
N ALA K 17 -2.91 -34.41 -11.00
CA ALA K 17 -3.91 -35.31 -11.53
C ALA K 17 -5.22 -35.15 -10.76
N LEU K 18 -6.29 -35.40 -11.45
CA LEU K 18 -7.64 -35.30 -10.95
C LEU K 18 -8.25 -36.69 -10.94
N SER K 19 -9.01 -37.00 -9.88
CA SER K 19 -9.67 -38.29 -9.79
C SER K 19 -11.11 -38.05 -9.39
N LEU K 20 -12.04 -38.16 -10.35
CA LEU K 20 -13.45 -37.97 -10.08
C LEU K 20 -14.12 -39.29 -9.93
N VAL K 21 -15.12 -39.36 -9.07
CA VAL K 21 -15.90 -40.57 -8.86
C VAL K 21 -17.39 -40.25 -9.00
N CYS K 22 -18.18 -41.18 -9.50
CA CYS K 22 -19.61 -40.98 -9.63
C CYS K 22 -20.30 -42.21 -9.10
N LYS K 23 -20.90 -42.11 -7.91
CA LYS K 23 -21.58 -43.25 -7.31
C LYS K 23 -23.07 -43.28 -7.67
N GLY K 24 -23.38 -44.13 -8.63
CA GLY K 24 -24.74 -44.32 -9.11
C GLY K 24 -25.61 -45.06 -8.11
N SER K 25 -26.89 -44.73 -8.13
CA SER K 25 -27.85 -45.31 -7.24
C SER K 25 -29.13 -45.56 -7.99
N GLY K 26 -29.85 -46.60 -7.61
CA GLY K 26 -31.11 -46.92 -8.26
C GLY K 26 -30.97 -47.48 -9.66
N PHE K 27 -29.80 -48.04 -9.98
CA PHE K 27 -29.59 -48.66 -11.28
C PHE K 27 -30.09 -50.09 -11.26
N PHE K 28 -30.52 -50.55 -12.44
CA PHE K 28 -30.94 -51.91 -12.67
C PHE K 28 -30.18 -52.28 -13.91
N SER K 29 -29.19 -53.13 -13.72
CA SER K 29 -28.25 -53.56 -14.74
C SER K 29 -27.40 -52.37 -15.16
N PHE K 30 -26.65 -51.77 -14.20
CA PHE K 30 -25.74 -50.67 -14.47
C PHE K 30 -24.75 -51.04 -15.59
N SER K 31 -24.31 -52.30 -15.58
CA SER K 31 -23.39 -52.88 -16.55
C SER K 31 -23.81 -52.70 -17.99
N SER K 32 -25.08 -52.37 -18.25
CA SER K 32 -25.57 -52.25 -19.61
C SER K 32 -25.86 -50.83 -20.09
N TYR K 33 -25.35 -49.81 -19.43
CA TYR K 33 -25.59 -48.44 -19.86
C TYR K 33 -24.30 -47.80 -20.30
N THR K 34 -24.33 -46.95 -21.34
CA THR K 34 -23.12 -46.21 -21.70
C THR K 34 -23.06 -45.05 -20.71
N MET K 35 -21.95 -44.89 -20.03
CA MET K 35 -21.74 -43.80 -19.10
C MET K 35 -20.80 -42.76 -19.69
N GLN K 36 -20.95 -41.48 -19.34
CA GLN K 36 -20.14 -40.41 -19.91
C GLN K 36 -19.73 -39.34 -18.90
N TRP K 37 -18.72 -38.53 -19.26
CA TRP K 37 -18.32 -37.37 -18.51
C TRP K 37 -18.44 -36.18 -19.47
N VAL K 38 -19.07 -35.09 -19.01
CA VAL K 38 -19.24 -33.85 -19.76
C VAL K 38 -18.75 -32.72 -18.86
N ARG K 39 -18.03 -31.74 -19.40
CA ARG K 39 -17.58 -30.61 -18.59
C ARG K 39 -18.08 -29.28 -19.14
N GLN K 40 -18.06 -28.24 -18.30
CA GLN K 40 -18.45 -26.92 -18.73
C GLN K 40 -17.57 -25.86 -18.11
N ALA K 41 -16.70 -25.24 -18.94
CA ALA K 41 -15.78 -24.20 -18.50
C ALA K 41 -16.56 -22.97 -18.05
N PRO K 42 -16.02 -22.19 -17.08
CA PRO K 42 -16.78 -21.03 -16.58
C PRO K 42 -17.19 -20.05 -17.66
N GLY K 43 -18.51 -19.87 -17.80
CA GLY K 43 -19.08 -19.00 -18.81
C GLY K 43 -19.03 -19.53 -20.23
N LYS K 44 -18.75 -20.82 -20.39
CA LYS K 44 -18.73 -21.45 -21.70
C LYS K 44 -19.91 -22.46 -21.80
N GLY K 45 -20.01 -23.14 -22.93
CA GLY K 45 -21.03 -24.16 -23.14
C GLY K 45 -20.55 -25.53 -22.70
N LEU K 46 -21.39 -26.53 -22.94
CA LEU K 46 -21.07 -27.89 -22.55
C LEU K 46 -20.03 -28.46 -23.50
N GLU K 47 -19.22 -29.40 -23.03
CA GLU K 47 -18.17 -30.04 -23.84
C GLU K 47 -18.06 -31.51 -23.45
N TRP K 48 -18.13 -32.42 -24.42
CA TRP K 48 -18.00 -33.85 -24.15
C TRP K 48 -16.55 -34.20 -23.75
N VAL K 49 -16.40 -35.02 -22.71
CA VAL K 49 -15.08 -35.40 -22.20
C VAL K 49 -14.70 -36.86 -22.52
N ALA K 50 -15.52 -37.83 -22.10
CA ALA K 50 -15.22 -39.23 -22.31
C ALA K 50 -16.49 -40.08 -22.29
N SER K 51 -16.44 -41.27 -22.88
CA SER K 51 -17.57 -42.19 -22.88
C SER K 51 -17.06 -43.61 -22.64
N ILE K 52 -17.87 -44.47 -22.01
CA ILE K 52 -17.51 -45.87 -21.84
C ILE K 52 -18.72 -46.74 -22.15
N SER K 53 -18.64 -47.59 -23.19
CA SER K 53 -19.76 -48.42 -23.58
C SER K 53 -20.04 -49.55 -22.59
N SER K 54 -21.17 -50.28 -22.77
CA SER K 54 -21.49 -51.38 -21.85
C SER K 54 -20.46 -52.51 -21.92
N GLY K 55 -19.75 -52.63 -23.05
CA GLY K 55 -18.69 -53.60 -23.21
C GLY K 55 -17.29 -53.06 -23.00
N GLY K 56 -17.16 -51.92 -22.33
CA GLY K 56 -15.86 -51.31 -22.06
C GLY K 56 -15.25 -50.38 -23.08
N GLY K 57 -15.93 -50.13 -24.20
CA GLY K 57 -15.44 -49.24 -25.26
C GLY K 57 -15.28 -47.77 -24.88
N THR K 58 -14.03 -47.34 -24.65
CA THR K 58 -13.76 -45.97 -24.26
C THR K 58 -13.41 -45.05 -25.41
N ASN K 59 -13.81 -43.79 -25.35
CA ASN K 59 -13.50 -42.78 -26.36
C ASN K 59 -13.36 -41.45 -25.64
N TYR K 60 -12.42 -40.60 -26.10
CA TYR K 60 -12.18 -39.33 -25.43
C TYR K 60 -12.22 -38.12 -26.34
N GLY K 61 -12.67 -37.00 -25.81
CA GLY K 61 -12.72 -35.74 -26.53
C GLY K 61 -11.33 -35.23 -26.84
N ALA K 62 -11.19 -34.49 -27.92
CA ALA K 62 -9.89 -34.00 -28.37
C ALA K 62 -9.07 -33.25 -27.32
N ALA K 63 -9.72 -32.45 -26.48
CA ALA K 63 -9.02 -31.67 -25.45
C ALA K 63 -8.45 -32.49 -24.32
N VAL K 64 -8.85 -33.77 -24.18
CA VAL K 64 -8.34 -34.61 -23.10
C VAL K 64 -7.65 -35.91 -23.57
N LYS K 65 -7.70 -36.31 -24.87
CA LYS K 65 -7.07 -37.59 -25.29
C LYS K 65 -5.60 -37.68 -24.86
N GLY K 66 -5.21 -38.84 -24.35
CA GLY K 66 -3.84 -39.04 -23.90
C GLY K 66 -3.59 -38.62 -22.47
N ARG K 67 -4.55 -37.92 -21.86
CA ARG K 67 -4.44 -37.50 -20.47
C ARG K 67 -5.54 -38.13 -19.60
N ALA K 68 -6.64 -38.55 -20.21
CA ALA K 68 -7.79 -39.07 -19.47
C ALA K 68 -7.97 -40.57 -19.56
N THR K 69 -8.51 -41.14 -18.47
CA THR K 69 -8.86 -42.54 -18.42
C THR K 69 -10.23 -42.64 -17.77
N ILE K 70 -11.21 -43.14 -18.52
CA ILE K 70 -12.53 -43.36 -17.98
C ILE K 70 -12.67 -44.84 -17.70
N SER K 71 -13.21 -45.17 -16.54
CA SER K 71 -13.37 -46.56 -16.14
C SER K 71 -14.66 -46.73 -15.36
N ARG K 72 -15.13 -47.96 -15.22
CA ARG K 72 -16.34 -48.23 -14.50
C ARG K 72 -16.21 -49.50 -13.70
N ASP K 73 -16.91 -49.57 -12.60
CA ASP K 73 -16.93 -50.74 -11.75
C ASP K 73 -18.39 -51.14 -11.66
N ASN K 74 -18.76 -52.16 -12.43
CA ASN K 74 -20.14 -52.55 -12.53
C ASN K 74 -20.74 -53.08 -11.24
N GLY K 75 -19.92 -53.74 -10.42
CA GLY K 75 -20.38 -54.28 -9.15
C GLY K 75 -20.83 -53.22 -8.19
N GLN K 76 -20.18 -52.04 -8.23
CA GLN K 76 -20.50 -50.94 -7.34
C GLN K 76 -21.21 -49.77 -8.00
N SER K 77 -21.61 -49.91 -9.29
CA SER K 77 -22.32 -48.83 -10.02
C SER K 77 -21.54 -47.50 -9.98
N THR K 78 -20.22 -47.58 -10.14
CA THR K 78 -19.38 -46.40 -10.11
C THR K 78 -18.73 -46.17 -11.46
N LEU K 79 -18.54 -44.91 -11.79
CA LEU K 79 -17.88 -44.44 -12.98
C LEU K 79 -16.75 -43.53 -12.48
N ARG K 80 -15.54 -43.64 -13.02
CA ARG K 80 -14.42 -42.82 -12.59
C ARG K 80 -13.78 -42.11 -13.75
N LEU K 81 -13.25 -40.92 -13.50
CA LEU K 81 -12.49 -40.19 -14.51
C LEU K 81 -11.18 -39.82 -13.87
N GLN K 82 -10.10 -40.16 -14.55
CA GLN K 82 -8.77 -39.80 -14.11
C GLN K 82 -8.23 -38.86 -15.17
N LEU K 83 -7.76 -37.68 -14.81
CA LEU K 83 -7.27 -36.72 -15.77
C LEU K 83 -5.92 -36.20 -15.30
N ASN K 84 -4.86 -36.50 -16.03
CA ASN K 84 -3.51 -36.12 -15.63
C ASN K 84 -2.99 -34.86 -16.33
N ASN K 85 -1.90 -34.28 -15.83
CA ASN K 85 -1.32 -33.08 -16.44
C ASN K 85 -2.35 -31.96 -16.57
N LEU K 86 -3.00 -31.65 -15.47
CA LEU K 86 -4.02 -30.60 -15.41
C LEU K 86 -3.54 -29.22 -15.82
N ARG K 87 -4.37 -28.49 -16.53
CA ARG K 87 -4.06 -27.14 -16.96
C ARG K 87 -5.25 -26.23 -16.78
N ALA K 88 -5.07 -24.90 -16.88
CA ALA K 88 -6.17 -23.95 -16.66
C ALA K 88 -7.42 -24.21 -17.51
N GLU K 89 -7.27 -24.73 -18.74
CA GLU K 89 -8.45 -25.03 -19.56
C GLU K 89 -9.26 -26.23 -19.04
N ASP K 90 -8.72 -27.00 -18.08
CA ASP K 90 -9.44 -28.08 -17.41
C ASP K 90 -10.35 -27.57 -16.27
N THR K 91 -10.29 -26.27 -15.92
CA THR K 91 -11.17 -25.71 -14.89
C THR K 91 -12.59 -25.69 -15.42
N GLY K 92 -13.54 -26.08 -14.59
CA GLY K 92 -14.96 -26.10 -14.95
C GLY K 92 -15.75 -27.09 -14.12
N THR K 93 -17.04 -27.26 -14.44
CA THR K 93 -17.85 -28.24 -13.71
C THR K 93 -17.95 -29.50 -14.51
N TYR K 94 -17.69 -30.63 -13.87
CA TYR K 94 -17.71 -31.92 -14.52
C TYR K 94 -18.96 -32.66 -14.10
N TYR K 95 -19.73 -33.16 -15.09
CA TYR K 95 -20.95 -33.90 -14.88
C TYR K 95 -20.83 -35.31 -15.35
N CYS K 96 -21.35 -36.18 -14.55
CA CYS K 96 -21.53 -37.59 -14.79
C CYS K 96 -22.81 -37.63 -15.65
N ALA K 97 -22.84 -38.47 -16.69
CA ALA K 97 -24.02 -38.56 -17.55
C ALA K 97 -24.30 -39.99 -17.99
N LYS K 98 -25.54 -40.31 -18.28
CA LYS K 98 -25.92 -41.66 -18.66
C LYS K 98 -26.82 -41.64 -19.88
N HIS K 99 -26.65 -42.60 -20.81
CA HIS K 99 -27.52 -42.74 -21.97
C HIS K 99 -28.76 -43.57 -21.59
N GLY K 100 -29.84 -43.47 -22.35
CA GLY K 100 -31.03 -44.29 -22.09
C GLY K 100 -30.74 -45.79 -22.17
N VAL K 101 -31.67 -46.65 -21.68
CA VAL K 101 -31.53 -48.10 -21.74
C VAL K 101 -31.31 -48.60 -23.13
N ASN K 102 -31.94 -48.01 -24.12
CA ASN K 102 -31.76 -48.50 -25.46
C ASN K 102 -30.55 -47.93 -26.10
N GLY K 103 -29.80 -47.19 -25.32
CA GLY K 103 -28.57 -46.58 -25.79
C GLY K 103 -28.78 -45.97 -27.16
N CYS K 104 -27.70 -45.86 -27.93
CA CYS K 104 -27.82 -45.29 -29.27
C CYS K 104 -26.73 -45.73 -30.27
N ASP K 105 -26.60 -44.96 -31.34
CA ASP K 105 -25.66 -45.25 -32.41
C ASP K 105 -24.20 -45.38 -31.97
N TRP K 106 -23.66 -44.32 -31.39
CA TRP K 106 -22.28 -44.31 -30.94
C TRP K 106 -22.14 -44.01 -29.46
N SER K 107 -21.50 -44.91 -28.75
CA SER K 107 -21.34 -44.79 -27.31
C SER K 107 -20.84 -43.40 -26.93
N TYR K 108 -20.27 -42.71 -27.91
CA TYR K 108 -19.75 -41.37 -27.68
C TYR K 108 -20.68 -40.27 -28.16
N SER K 109 -21.86 -40.61 -28.63
CA SER K 109 -22.81 -39.60 -29.10
C SER K 109 -23.40 -38.99 -27.87
N VAL K 110 -23.78 -37.73 -27.96
CA VAL K 110 -24.23 -37.01 -26.82
C VAL K 110 -25.67 -36.58 -27.04
N GLY K 111 -26.33 -37.22 -27.98
CA GLY K 111 -27.69 -36.90 -28.30
C GLY K 111 -28.68 -37.92 -27.82
N CYS K 112 -28.19 -38.87 -27.06
CA CYS K 112 -29.03 -39.94 -26.52
C CYS K 112 -29.05 -40.02 -24.99
N VAL K 113 -28.48 -39.02 -24.31
CA VAL K 113 -28.38 -38.92 -22.85
C VAL K 113 -29.65 -38.53 -22.11
N ASP K 114 -29.97 -39.15 -20.99
CA ASP K 114 -31.20 -38.82 -20.30
C ASP K 114 -31.08 -38.55 -18.83
N ALA K 115 -29.92 -38.71 -18.26
CA ALA K 115 -29.71 -38.47 -16.83
C ALA K 115 -28.39 -37.80 -16.60
N TRP K 116 -28.37 -36.78 -15.74
CA TRP K 116 -27.16 -36.05 -15.42
C TRP K 116 -26.91 -36.07 -13.91
N GLY K 117 -25.65 -35.94 -13.52
CA GLY K 117 -25.32 -35.81 -12.11
C GLY K 117 -25.47 -34.37 -11.67
N HIS K 118 -25.23 -34.07 -10.38
CA HIS K 118 -25.31 -32.69 -9.91
C HIS K 118 -24.11 -31.84 -10.36
N GLY K 119 -23.01 -32.48 -10.66
CA GLY K 119 -21.79 -31.84 -11.09
C GLY K 119 -20.83 -31.58 -9.95
N THR K 120 -19.54 -31.50 -10.26
CA THR K 120 -18.53 -31.11 -9.29
C THR K 120 -17.64 -30.07 -9.88
N GLU K 121 -17.38 -29.01 -9.14
CA GLU K 121 -16.52 -27.94 -9.62
C GLU K 121 -15.06 -28.36 -9.50
N VAL K 122 -14.28 -28.16 -10.56
CA VAL K 122 -12.86 -28.46 -10.61
C VAL K 122 -12.16 -27.16 -10.88
N ILE K 123 -11.21 -26.79 -10.01
CA ILE K 123 -10.47 -25.54 -10.15
C ILE K 123 -8.99 -25.81 -10.18
N VAL K 124 -8.40 -25.76 -11.37
CA VAL K 124 -6.96 -25.95 -11.58
C VAL K 124 -6.31 -24.60 -11.28
N SER K 125 -5.77 -24.46 -10.06
CA SER K 125 -5.18 -23.20 -9.64
C SER K 125 -4.09 -23.39 -8.60
N SER K 126 -3.04 -22.59 -8.71
CA SER K 126 -1.97 -22.60 -7.72
C SER K 126 -2.28 -21.67 -6.51
N ALA K 127 -3.34 -20.83 -6.61
CA ALA K 127 -3.80 -19.94 -5.55
C ALA K 127 -4.41 -20.76 -4.41
N SER K 128 -4.32 -20.23 -3.18
CA SER K 128 -4.86 -20.92 -2.01
C SER K 128 -6.27 -20.45 -1.64
N THR K 129 -7.00 -21.27 -0.86
CA THR K 129 -8.35 -20.97 -0.42
C THR K 129 -8.35 -19.75 0.56
N LYS K 130 -9.36 -18.86 0.39
CA LYS K 130 -9.56 -17.64 1.18
C LYS K 130 -11.05 -17.41 1.47
N GLY K 131 -11.40 -17.24 2.74
CA GLY K 131 -12.76 -16.95 3.17
C GLY K 131 -13.15 -15.51 2.87
N PRO K 132 -14.45 -15.23 2.74
CA PRO K 132 -14.86 -13.88 2.36
C PRO K 132 -14.99 -12.87 3.48
N SER K 133 -14.96 -11.59 3.11
CA SER K 133 -15.20 -10.46 4.00
C SER K 133 -16.66 -10.07 3.72
N VAL K 134 -17.51 -9.94 4.76
CA VAL K 134 -18.91 -9.59 4.54
C VAL K 134 -19.18 -8.16 5.02
N PHE K 135 -19.64 -7.29 4.11
CA PHE K 135 -19.90 -5.89 4.42
C PHE K 135 -21.37 -5.58 4.20
N PRO K 136 -22.00 -4.80 5.08
CA PRO K 136 -23.42 -4.46 4.85
C PRO K 136 -23.63 -3.43 3.75
N LEU K 137 -24.80 -3.49 3.13
CA LEU K 137 -25.26 -2.57 2.10
C LEU K 137 -26.51 -1.96 2.76
N ALA K 138 -26.28 -0.94 3.61
CA ALA K 138 -27.29 -0.28 4.42
C ALA K 138 -28.31 0.49 3.61
N PRO K 139 -29.60 0.41 3.99
CA PRO K 139 -30.63 1.16 3.25
C PRO K 139 -30.69 2.65 3.58
N SER K 140 -31.19 3.45 2.60
CA SER K 140 -31.32 4.91 2.60
C SER K 140 -32.64 5.48 3.19
N SER K 141 -32.70 6.84 3.37
CA SER K 141 -33.81 7.65 3.86
C SER K 141 -35.11 7.47 3.05
N LYS K 142 -36.26 7.79 3.66
CA LYS K 142 -37.56 7.59 3.00
C LYS K 142 -37.76 8.52 1.77
N GLY K 146 -38.89 5.57 -1.77
CA GLY K 146 -40.28 5.93 -1.48
C GLY K 146 -40.96 5.06 -0.44
N GLY K 147 -41.60 3.99 -0.92
CA GLY K 147 -42.32 3.00 -0.09
C GLY K 147 -41.54 1.71 0.15
N THR K 148 -40.77 1.27 -0.86
CA THR K 148 -39.95 0.07 -0.72
C THR K 148 -38.47 0.44 -0.65
N ALA K 149 -37.73 -0.21 0.25
CA ALA K 149 -36.31 0.01 0.50
C ALA K 149 -35.52 -1.21 0.08
N ALA K 150 -34.24 -1.00 -0.25
CA ALA K 150 -33.37 -2.10 -0.61
C ALA K 150 -32.15 -2.11 0.30
N LEU K 151 -31.81 -3.30 0.78
CA LEU K 151 -30.62 -3.53 1.60
C LEU K 151 -29.93 -4.81 1.11
N GLY K 152 -28.72 -5.08 1.58
CA GLY K 152 -28.00 -6.25 1.16
C GLY K 152 -26.67 -6.41 1.83
N CYS K 153 -25.84 -7.32 1.31
CA CYS K 153 -24.49 -7.47 1.81
C CYS K 153 -23.55 -7.92 0.72
N LEU K 154 -22.37 -7.32 0.74
CA LEU K 154 -21.34 -7.55 -0.20
C LEU K 154 -20.39 -8.59 0.38
N VAL K 155 -20.30 -9.72 -0.30
CA VAL K 155 -19.45 -10.85 0.04
C VAL K 155 -18.21 -10.69 -0.84
N LYS K 156 -17.12 -10.23 -0.24
CA LYS K 156 -15.92 -9.81 -0.96
C LYS K 156 -14.65 -10.65 -0.77
N ASP K 157 -13.91 -10.81 -1.88
CA ASP K 157 -12.60 -11.43 -1.98
C ASP K 157 -12.48 -12.83 -1.39
N TYR K 158 -13.21 -13.79 -1.96
CA TYR K 158 -13.13 -15.17 -1.52
C TYR K 158 -12.64 -16.07 -2.65
N PHE K 159 -12.15 -17.27 -2.30
CA PHE K 159 -11.68 -18.22 -3.28
C PHE K 159 -11.63 -19.61 -2.68
N PRO K 160 -12.05 -20.65 -3.39
CA PRO K 160 -12.71 -20.63 -4.69
C PRO K 160 -14.24 -20.58 -4.53
N GLU K 161 -14.97 -20.72 -5.63
CA GLU K 161 -16.42 -20.79 -5.58
C GLU K 161 -16.82 -22.16 -4.98
N PRO K 162 -18.02 -22.26 -4.39
CA PRO K 162 -19.08 -21.26 -4.30
C PRO K 162 -19.30 -20.73 -2.88
N VAL K 163 -20.11 -19.68 -2.80
CA VAL K 163 -20.57 -19.07 -1.57
C VAL K 163 -22.13 -19.10 -1.57
N THR K 164 -22.75 -19.34 -0.40
CA THR K 164 -24.21 -19.39 -0.32
C THR K 164 -24.71 -18.32 0.63
N VAL K 165 -25.75 -17.60 0.22
CA VAL K 165 -26.31 -16.52 1.03
C VAL K 165 -27.78 -16.77 1.31
N SER K 166 -28.16 -16.68 2.57
CA SER K 166 -29.56 -16.79 2.99
C SER K 166 -29.90 -15.52 3.80
N TRP K 167 -31.18 -15.19 3.97
CA TRP K 167 -31.54 -14.01 4.76
C TRP K 167 -32.43 -14.43 5.90
N ASN K 168 -32.13 -13.97 7.12
CA ASN K 168 -32.89 -14.35 8.30
C ASN K 168 -33.02 -15.87 8.47
N SER K 169 -31.90 -16.58 8.26
CA SER K 169 -31.79 -18.03 8.34
C SER K 169 -32.80 -18.77 7.47
N GLY K 170 -33.12 -18.18 6.32
CA GLY K 170 -34.04 -18.76 5.36
C GLY K 170 -35.47 -18.28 5.46
N ALA K 171 -35.83 -17.59 6.55
CA ALA K 171 -37.19 -17.07 6.73
C ALA K 171 -37.54 -15.96 5.75
N LEU K 172 -36.55 -15.33 5.12
CA LEU K 172 -36.81 -14.26 4.15
C LEU K 172 -36.31 -14.73 2.79
N THR K 173 -37.24 -14.88 1.84
CA THR K 173 -36.89 -15.36 0.49
C THR K 173 -37.46 -14.47 -0.60
N SER K 174 -38.68 -13.95 -0.39
CA SER K 174 -39.31 -13.09 -1.38
C SER K 174 -38.57 -11.77 -1.54
N GLY K 175 -38.32 -11.41 -2.79
CA GLY K 175 -37.60 -10.19 -3.14
C GLY K 175 -36.09 -10.28 -2.99
N VAL K 176 -35.54 -11.49 -2.74
CA VAL K 176 -34.10 -11.67 -2.61
C VAL K 176 -33.48 -11.87 -3.97
N HIS K 177 -32.35 -11.23 -4.23
CA HIS K 177 -31.62 -11.40 -5.46
C HIS K 177 -30.16 -11.58 -5.11
N THR K 178 -29.64 -12.81 -5.26
CA THR K 178 -28.23 -13.05 -5.02
C THR K 178 -27.62 -13.10 -6.40
N PHE K 179 -26.70 -12.19 -6.66
CA PHE K 179 -26.08 -12.06 -7.98
C PHE K 179 -25.03 -13.12 -8.25
N PRO K 180 -24.81 -13.46 -9.53
CA PRO K 180 -23.74 -14.40 -9.86
C PRO K 180 -22.40 -13.83 -9.44
N ALA K 181 -21.48 -14.66 -8.90
CA ALA K 181 -20.17 -14.14 -8.49
C ALA K 181 -19.37 -13.66 -9.66
N VAL K 182 -18.51 -12.67 -9.45
CA VAL K 182 -17.64 -12.17 -10.52
C VAL K 182 -16.21 -12.38 -10.12
N LEU K 183 -15.39 -12.80 -11.07
CA LEU K 183 -13.98 -13.00 -10.83
C LEU K 183 -13.31 -11.65 -11.02
N GLN K 184 -12.69 -11.15 -9.96
CA GLN K 184 -12.06 -9.85 -10.01
C GLN K 184 -10.65 -9.89 -10.60
N SER K 185 -10.08 -8.69 -10.88
CA SER K 185 -8.72 -8.51 -11.37
C SER K 185 -7.69 -9.23 -10.45
N SER K 186 -8.00 -9.30 -9.13
CA SER K 186 -7.21 -9.93 -8.09
C SER K 186 -7.23 -11.46 -8.09
N GLY K 187 -8.06 -12.08 -8.92
CA GLY K 187 -8.19 -13.52 -8.93
C GLY K 187 -9.13 -14.06 -7.84
N LEU K 188 -9.83 -13.16 -7.13
CA LEU K 188 -10.77 -13.54 -6.07
C LEU K 188 -12.17 -13.20 -6.49
N TYR K 189 -13.15 -13.84 -5.88
CA TYR K 189 -14.54 -13.63 -6.24
C TYR K 189 -15.26 -12.61 -5.36
N SER K 190 -16.28 -11.95 -5.91
CA SER K 190 -17.11 -10.98 -5.21
C SER K 190 -18.52 -11.17 -5.64
N LEU K 191 -19.41 -11.23 -4.65
CA LEU K 191 -20.83 -11.46 -4.82
C LEU K 191 -21.63 -10.46 -3.99
N SER K 192 -22.77 -10.00 -4.48
CA SER K 192 -23.67 -9.14 -3.69
C SER K 192 -25.02 -9.85 -3.59
N SER K 193 -25.67 -9.75 -2.44
CA SER K 193 -27.00 -10.33 -2.26
C SER K 193 -27.88 -9.23 -1.72
N VAL K 194 -28.98 -8.90 -2.40
CA VAL K 194 -29.86 -7.82 -1.98
C VAL K 194 -31.28 -8.30 -1.73
N VAL K 195 -32.06 -7.52 -0.97
CA VAL K 195 -33.45 -7.84 -0.69
C VAL K 195 -34.24 -6.53 -0.62
N THR K 196 -35.40 -6.50 -1.26
CA THR K 196 -36.26 -5.35 -1.24
C THR K 196 -37.34 -5.63 -0.19
N VAL K 197 -37.42 -4.74 0.82
CA VAL K 197 -38.38 -4.81 1.92
C VAL K 197 -39.13 -3.50 2.09
N PRO K 198 -40.29 -3.43 2.77
CA PRO K 198 -40.99 -2.13 2.92
C PRO K 198 -40.21 -1.19 3.82
N SER K 199 -40.07 0.11 3.46
CA SER K 199 -39.30 1.07 4.28
C SER K 199 -39.75 1.10 5.74
N SER K 200 -41.06 0.93 5.95
CA SER K 200 -41.72 0.90 7.25
C SER K 200 -41.22 -0.23 8.17
N SER K 201 -40.73 -1.33 7.57
CA SER K 201 -40.24 -2.46 8.35
C SER K 201 -38.80 -2.30 8.85
N LEU K 202 -38.06 -1.31 8.34
CA LEU K 202 -36.64 -1.13 8.68
C LEU K 202 -36.34 -0.89 10.16
N GLY K 203 -37.33 -0.44 10.91
CA GLY K 203 -37.16 -0.21 12.33
C GLY K 203 -37.63 -1.37 13.19
N THR K 204 -38.66 -2.08 12.72
CA THR K 204 -39.27 -3.20 13.44
C THR K 204 -38.69 -4.61 13.12
N GLN K 205 -38.04 -4.81 11.95
CA GLN K 205 -37.54 -6.14 11.59
C GLN K 205 -36.01 -6.16 11.47
N THR K 206 -35.37 -7.15 12.11
CA THR K 206 -33.92 -7.32 12.05
C THR K 206 -33.57 -8.02 10.73
N TYR K 207 -32.59 -7.50 9.97
CA TYR K 207 -32.19 -8.15 8.73
C TYR K 207 -30.77 -8.64 8.85
N ILE K 208 -30.56 -9.95 8.67
CA ILE K 208 -29.24 -10.58 8.78
C ILE K 208 -28.96 -11.43 7.55
N CYS K 209 -27.77 -11.27 6.94
CA CYS K 209 -27.41 -12.16 5.84
C CYS K 209 -26.48 -13.25 6.35
N ASN K 210 -26.75 -14.49 5.98
CA ASN K 210 -26.01 -15.65 6.43
C ASN K 210 -25.16 -16.14 5.28
N VAL K 211 -23.86 -15.88 5.35
CA VAL K 211 -22.94 -16.24 4.28
C VAL K 211 -22.16 -17.48 4.66
N ASN K 212 -22.21 -18.50 3.80
CA ASN K 212 -21.51 -19.74 4.05
C ASN K 212 -20.52 -20.03 2.90
N HIS K 213 -19.26 -20.26 3.23
CA HIS K 213 -18.21 -20.60 2.27
C HIS K 213 -17.58 -21.88 2.73
N LYS K 214 -18.09 -23.01 2.24
CA LYS K 214 -17.59 -24.32 2.62
C LYS K 214 -16.08 -24.55 2.36
N PRO K 215 -15.46 -24.13 1.22
CA PRO K 215 -14.02 -24.37 1.03
C PRO K 215 -13.11 -23.89 2.16
N SER K 216 -13.45 -22.78 2.81
CA SER K 216 -12.65 -22.25 3.92
C SER K 216 -13.28 -22.50 5.29
N ASN K 217 -14.43 -23.20 5.36
CA ASN K 217 -15.17 -23.45 6.59
C ASN K 217 -15.48 -22.15 7.35
N THR K 218 -15.87 -21.11 6.60
CA THR K 218 -16.23 -19.79 7.11
C THR K 218 -17.75 -19.65 7.12
N LYS K 219 -18.30 -19.06 8.18
CA LYS K 219 -19.72 -18.76 8.29
C LYS K 219 -19.82 -17.37 8.92
N VAL K 220 -20.43 -16.43 8.23
CA VAL K 220 -20.54 -15.06 8.71
C VAL K 220 -22.00 -14.65 8.72
N ASP K 221 -22.50 -14.16 9.86
CA ASP K 221 -23.87 -13.66 9.94
C ASP K 221 -23.74 -12.15 10.15
N LYS K 222 -24.11 -11.37 9.14
CA LYS K 222 -23.95 -9.91 9.20
C LYS K 222 -25.27 -9.18 9.31
N LYS K 223 -25.48 -8.47 10.43
CA LYS K 223 -26.70 -7.68 10.63
C LYS K 223 -26.61 -6.40 9.78
N VAL K 224 -27.69 -6.07 9.09
CA VAL K 224 -27.68 -4.85 8.32
C VAL K 224 -28.56 -3.83 9.01
N GLU K 225 -27.94 -2.96 9.78
CA GLU K 225 -28.62 -1.91 10.50
C GLU K 225 -28.30 -0.65 9.75
N PRO K 226 -29.22 0.28 9.70
CA PRO K 226 -28.94 1.54 9.02
C PRO K 226 -28.52 2.57 10.02
N LYS K 227 -27.35 3.15 9.88
CA LYS K 227 -26.97 4.13 10.88
C LYS K 227 -27.37 5.48 10.34
N SER K 228 -27.41 6.43 11.26
CA SER K 228 -27.73 7.83 11.01
C SER K 228 -27.09 8.39 9.76
N ALA L 1 -20.21 -30.26 -36.68
CA ALA L 1 -20.33 -28.97 -35.97
C ALA L 1 -21.80 -28.60 -35.79
N LEU L 2 -22.30 -28.63 -34.54
CA LEU L 2 -23.69 -28.29 -34.30
C LEU L 2 -23.84 -26.80 -34.27
N THR L 3 -24.71 -26.29 -35.15
CA THR L 3 -25.01 -24.86 -35.25
C THR L 3 -26.41 -24.61 -34.73
N GLN L 4 -26.50 -23.71 -33.74
CA GLN L 4 -27.72 -23.36 -33.06
C GLN L 4 -27.83 -21.82 -33.00
N PRO L 5 -29.04 -21.23 -33.12
CA PRO L 5 -29.14 -19.77 -32.96
C PRO L 5 -28.77 -19.36 -31.53
N SER L 6 -28.16 -18.20 -31.37
CA SER L 6 -27.75 -17.73 -30.04
C SER L 6 -28.95 -17.34 -29.17
N SER L 7 -30.02 -16.85 -29.80
CA SER L 7 -31.22 -16.41 -29.08
C SER L 7 -32.51 -16.71 -29.83
N VAL L 8 -33.59 -16.82 -29.06
CA VAL L 8 -34.94 -17.05 -29.55
C VAL L 8 -35.91 -16.37 -28.56
N SER L 9 -36.89 -15.62 -29.06
CA SER L 9 -37.84 -14.91 -28.20
C SER L 9 -39.25 -15.31 -28.50
N ALA L 10 -40.09 -15.41 -27.46
CA ALA L 10 -41.50 -15.72 -27.66
C ALA L 10 -42.35 -15.19 -26.55
N ASN L 11 -43.58 -14.82 -26.88
CA ASN L 11 -44.55 -14.36 -25.89
C ASN L 11 -45.12 -15.60 -25.21
N PRO L 12 -45.53 -15.49 -23.94
CA PRO L 12 -46.15 -16.66 -23.29
C PRO L 12 -47.40 -17.09 -24.06
N GLY L 13 -47.50 -18.39 -24.35
CA GLY L 13 -48.59 -18.95 -25.12
C GLY L 13 -48.18 -19.35 -26.53
N GLU L 14 -47.23 -18.60 -27.10
CA GLU L 14 -46.71 -18.86 -28.45
C GLU L 14 -46.00 -20.21 -28.57
N THR L 15 -45.89 -20.72 -29.80
CA THR L 15 -45.17 -21.94 -30.06
C THR L 15 -43.79 -21.53 -30.59
N VAL L 16 -42.72 -21.95 -29.92
CA VAL L 16 -41.38 -21.61 -30.36
C VAL L 16 -40.61 -22.82 -30.84
N LYS L 17 -39.73 -22.65 -31.84
CA LYS L 17 -38.93 -23.73 -32.38
C LYS L 17 -37.45 -23.36 -32.35
N ILE L 18 -36.61 -24.33 -31.96
CA ILE L 18 -35.18 -24.12 -31.93
C ILE L 18 -34.57 -25.20 -32.80
N THR L 19 -33.81 -24.84 -33.86
CA THR L 19 -33.21 -25.84 -34.74
C THR L 19 -31.70 -25.91 -34.67
N CYS L 20 -31.22 -27.11 -34.66
CA CYS L 20 -29.84 -27.42 -34.50
C CYS L 20 -29.41 -28.15 -35.74
N SER L 21 -28.45 -27.58 -36.47
CA SER L 21 -28.01 -28.15 -37.72
C SER L 21 -26.57 -28.68 -37.68
N GLY L 22 -26.34 -29.90 -38.14
CA GLY L 22 -24.99 -30.43 -38.16
C GLY L 22 -24.83 -31.84 -37.62
N GLY L 23 -23.60 -32.34 -37.66
CA GLY L 23 -23.30 -33.66 -37.17
C GLY L 23 -23.68 -34.77 -38.12
N SER L 24 -23.06 -35.93 -37.98
CA SER L 24 -23.35 -37.12 -38.75
C SER L 24 -23.91 -38.14 -37.75
N SER L 25 -25.14 -37.91 -37.29
CA SER L 25 -25.74 -38.76 -36.28
C SER L 25 -27.19 -39.15 -36.57
N SER L 26 -27.63 -40.26 -35.99
CA SER L 26 -28.99 -40.72 -36.08
C SER L 26 -29.89 -40.02 -35.03
N TYR L 27 -29.32 -39.45 -33.95
CA TYR L 27 -30.07 -38.88 -32.83
C TYR L 27 -29.58 -37.54 -32.33
N TYR L 28 -30.52 -36.67 -31.99
CA TYR L 28 -30.27 -35.38 -31.36
C TYR L 28 -30.89 -35.40 -29.95
N GLY L 29 -30.33 -34.61 -29.07
CA GLY L 29 -30.81 -34.52 -27.71
C GLY L 29 -30.90 -33.05 -27.32
N TRP L 30 -31.88 -32.68 -26.49
CA TRP L 30 -32.05 -31.31 -26.02
C TRP L 30 -31.96 -31.20 -24.51
N TYR L 31 -31.03 -30.39 -24.03
CA TYR L 31 -30.73 -30.26 -22.61
C TYR L 31 -30.92 -28.83 -22.22
N GLN L 32 -31.63 -28.58 -21.15
CA GLN L 32 -31.90 -27.24 -20.70
C GLN L 32 -31.03 -26.90 -19.50
N GLN L 33 -30.44 -25.71 -19.50
CA GLN L 33 -29.66 -25.23 -18.36
C GLN L 33 -30.25 -23.88 -17.93
N LYS L 34 -30.82 -23.83 -16.71
CA LYS L 34 -31.45 -22.60 -16.22
C LYS L 34 -30.45 -21.52 -15.88
N SER L 35 -29.43 -21.86 -15.10
CA SER L 35 -28.40 -20.91 -14.73
C SER L 35 -27.01 -21.48 -15.10
N PRO L 36 -26.01 -20.62 -15.34
CA PRO L 36 -24.67 -21.13 -15.68
C PRO L 36 -24.09 -22.11 -14.66
N GLY L 37 -24.58 -22.07 -13.42
CA GLY L 37 -24.17 -23.04 -12.42
C GLY L 37 -24.87 -24.38 -12.60
N SER L 38 -26.23 -24.33 -12.56
CA SER L 38 -27.18 -25.44 -12.64
C SER L 38 -26.79 -26.59 -13.61
N ALA L 39 -26.95 -27.84 -13.14
CA ALA L 39 -26.71 -29.02 -13.96
C ALA L 39 -27.75 -29.08 -15.08
N PRO L 40 -27.39 -29.59 -16.26
CA PRO L 40 -28.38 -29.67 -17.35
C PRO L 40 -29.53 -30.62 -17.05
N VAL L 41 -30.63 -30.46 -17.77
CA VAL L 41 -31.79 -31.30 -17.62
C VAL L 41 -32.20 -31.75 -19.01
N THR L 42 -32.23 -33.06 -19.26
CA THR L 42 -32.65 -33.57 -20.57
C THR L 42 -34.16 -33.31 -20.75
N LEU L 43 -34.52 -32.57 -21.76
CA LEU L 43 -35.93 -32.33 -22.08
C LEU L 43 -36.32 -33.38 -23.15
N ILE L 44 -35.43 -33.66 -24.14
CA ILE L 44 -35.62 -34.66 -25.20
C ILE L 44 -34.31 -35.41 -25.44
N TYR L 45 -34.35 -36.71 -25.67
CA TYR L 45 -33.18 -37.50 -26.02
C TYR L 45 -33.59 -38.47 -27.12
N ASN L 46 -32.63 -39.02 -27.89
CA ASN L 46 -32.96 -39.94 -28.98
C ASN L 46 -34.04 -39.38 -29.94
N ASN L 47 -33.87 -38.11 -30.32
CA ASN L 47 -34.73 -37.33 -31.23
C ASN L 47 -36.06 -36.89 -30.67
N GLN L 48 -36.82 -37.79 -30.05
CA GLN L 48 -38.15 -37.43 -29.57
C GLN L 48 -38.49 -37.91 -28.20
N LYS L 49 -37.69 -38.86 -27.61
CA LYS L 49 -37.98 -39.40 -26.29
C LYS L 49 -37.96 -38.35 -25.20
N ARG L 50 -38.97 -38.35 -24.34
CA ARG L 50 -39.08 -37.34 -23.29
C ARG L 50 -39.01 -37.98 -21.91
N PRO L 51 -37.99 -37.65 -21.12
CA PRO L 51 -37.90 -38.22 -19.77
C PRO L 51 -39.09 -37.86 -18.86
N SER L 52 -39.27 -38.61 -17.74
CA SER L 52 -40.39 -38.33 -16.84
C SER L 52 -40.27 -36.98 -16.16
N ASP L 53 -41.42 -36.34 -15.92
CA ASP L 53 -41.57 -35.01 -15.32
C ASP L 53 -41.19 -33.85 -16.26
N ILE L 54 -41.09 -34.13 -17.59
CA ILE L 54 -40.87 -33.09 -18.60
C ILE L 54 -42.26 -32.88 -19.25
N PRO L 55 -42.76 -31.62 -19.27
CA PRO L 55 -44.10 -31.35 -19.82
C PRO L 55 -44.28 -31.79 -21.26
N SER L 56 -45.50 -32.18 -21.62
CA SER L 56 -45.81 -32.61 -22.98
C SER L 56 -45.67 -31.48 -24.01
N ARG L 57 -45.55 -30.20 -23.57
CA ARG L 57 -45.35 -29.10 -24.50
C ARG L 57 -43.97 -29.10 -25.15
N PHE L 58 -43.04 -29.96 -24.68
CA PHE L 58 -41.71 -30.11 -25.27
C PHE L 58 -41.73 -31.28 -26.25
N SER L 59 -41.44 -30.99 -27.52
CA SER L 59 -41.45 -31.97 -28.61
C SER L 59 -40.08 -31.99 -29.30
N GLY L 60 -39.66 -33.18 -29.73
CA GLY L 60 -38.39 -33.36 -30.42
C GLY L 60 -38.60 -33.92 -31.82
N SER L 61 -37.83 -33.44 -32.78
CA SER L 61 -37.98 -33.87 -34.19
C SER L 61 -36.61 -33.96 -34.87
N LYS L 62 -36.53 -34.68 -36.00
CA LYS L 62 -35.30 -34.76 -36.77
C LYS L 62 -35.61 -34.89 -38.25
N SER L 63 -35.00 -34.04 -39.07
CA SER L 63 -35.18 -34.13 -40.51
C SER L 63 -33.79 -34.04 -41.12
N GLY L 64 -33.22 -35.17 -41.53
CA GLY L 64 -31.88 -35.22 -42.10
C GLY L 64 -30.83 -34.71 -41.11
N SER L 65 -29.93 -33.79 -41.54
CA SER L 65 -28.90 -33.25 -40.65
C SER L 65 -29.38 -32.12 -39.77
N THR L 66 -30.64 -32.16 -39.31
CA THR L 66 -31.14 -31.13 -38.39
C THR L 66 -32.07 -31.74 -37.36
N GLY L 67 -32.09 -31.15 -36.18
CA GLY L 67 -32.98 -31.50 -35.10
C GLY L 67 -33.79 -30.29 -34.67
N THR L 68 -35.06 -30.48 -34.28
CA THR L 68 -35.88 -29.34 -33.84
C THR L 68 -36.59 -29.57 -32.50
N LEU L 69 -36.38 -28.63 -31.56
CA LEU L 69 -37.06 -28.63 -30.28
C LEU L 69 -38.24 -27.68 -30.37
N THR L 70 -39.44 -28.16 -30.06
CA THR L 70 -40.64 -27.35 -30.20
C THR L 70 -41.29 -27.19 -28.85
N ILE L 71 -41.50 -25.95 -28.43
CA ILE L 71 -42.17 -25.65 -27.17
C ILE L 71 -43.54 -25.08 -27.53
N THR L 72 -44.61 -25.85 -27.27
CA THR L 72 -45.97 -25.53 -27.69
C THR L 72 -46.65 -24.33 -26.95
N GLY L 73 -46.71 -24.33 -25.63
CA GLY L 73 -47.35 -23.22 -24.92
C GLY L 73 -46.27 -22.54 -24.14
N VAL L 74 -45.55 -21.55 -24.72
CA VAL L 74 -44.39 -20.99 -24.01
C VAL L 74 -44.82 -20.39 -22.64
N GLN L 75 -44.04 -20.65 -21.57
CA GLN L 75 -44.38 -20.11 -20.25
C GLN L 75 -43.24 -19.27 -19.73
N ALA L 76 -43.48 -18.43 -18.70
CA ALA L 76 -42.40 -17.60 -18.14
C ALA L 76 -41.25 -18.43 -17.60
N GLU L 77 -41.54 -19.65 -17.09
CA GLU L 77 -40.49 -20.55 -16.55
C GLU L 77 -39.65 -21.24 -17.63
N ASP L 78 -40.07 -21.17 -18.90
CA ASP L 78 -39.33 -21.78 -19.99
C ASP L 78 -38.10 -20.95 -20.41
N GLU L 79 -37.85 -19.80 -19.76
CA GLU L 79 -36.65 -18.99 -19.94
C GLU L 79 -35.44 -19.90 -19.55
N ALA L 80 -34.40 -20.04 -20.38
CA ALA L 80 -33.25 -20.89 -20.08
C ALA L 80 -32.30 -20.96 -21.32
N VAL L 81 -31.15 -21.65 -21.21
CA VAL L 81 -30.28 -21.89 -22.36
C VAL L 81 -30.55 -23.35 -22.78
N TYR L 82 -30.85 -23.54 -24.06
CA TYR L 82 -31.15 -24.85 -24.60
C TYR L 82 -29.95 -25.34 -25.39
N PHE L 83 -29.37 -26.46 -25.00
CA PHE L 83 -28.24 -27.04 -25.68
C PHE L 83 -28.70 -28.24 -26.47
N CYS L 84 -28.17 -28.38 -27.69
CA CYS L 84 -28.46 -29.53 -28.53
C CYS L 84 -27.25 -30.42 -28.55
N GLY L 85 -27.45 -31.72 -28.51
CA GLY L 85 -26.34 -32.67 -28.46
C GLY L 85 -26.45 -33.73 -29.50
N SER L 86 -25.35 -34.09 -30.12
CA SER L 86 -25.35 -35.11 -31.18
C SER L 86 -23.97 -35.81 -31.31
N ARG L 87 -23.72 -36.57 -32.37
CA ARG L 87 -22.41 -37.16 -32.60
C ARG L 87 -21.88 -36.67 -33.94
N ASP L 88 -20.58 -36.79 -34.08
CA ASP L 88 -19.74 -36.44 -35.19
C ASP L 88 -18.68 -37.52 -35.30
N ASN L 89 -17.86 -37.50 -36.36
CA ASN L 89 -16.73 -38.44 -36.45
C ASN L 89 -15.65 -38.10 -35.39
N SER L 90 -15.68 -36.88 -34.83
CA SER L 90 -14.80 -36.38 -33.80
C SER L 90 -15.29 -36.65 -32.36
N GLY L 91 -16.36 -37.45 -32.20
CA GLY L 91 -16.93 -37.70 -30.88
C GLY L 91 -18.26 -37.01 -30.66
N GLY L 92 -18.67 -36.91 -29.42
CA GLY L 92 -19.91 -36.25 -29.07
C GLY L 92 -19.80 -34.75 -29.17
N ILE L 93 -20.76 -34.13 -29.85
CA ILE L 93 -20.73 -32.68 -30.06
C ILE L 93 -21.91 -31.99 -29.45
N PHE L 94 -21.71 -30.74 -29.03
CA PHE L 94 -22.79 -29.92 -28.45
C PHE L 94 -22.92 -28.63 -29.23
N GLY L 95 -24.10 -28.04 -29.16
CA GLY L 95 -24.32 -26.72 -29.74
C GLY L 95 -23.80 -25.65 -28.79
N ALA L 96 -23.75 -24.40 -29.25
CA ALA L 96 -23.31 -23.29 -28.39
C ALA L 96 -24.38 -22.87 -27.36
N GLY L 97 -25.64 -23.23 -27.58
CA GLY L 97 -26.73 -22.90 -26.68
C GLY L 97 -27.62 -21.79 -27.22
N THR L 98 -28.93 -21.98 -27.14
CA THR L 98 -29.88 -20.99 -27.58
C THR L 98 -30.55 -20.45 -26.34
N THR L 99 -30.56 -19.12 -26.18
CA THR L 99 -31.21 -18.52 -25.02
C THR L 99 -32.64 -18.17 -25.33
N LEU L 100 -33.60 -18.74 -24.55
CA LEU L 100 -35.01 -18.41 -24.73
C LEU L 100 -35.37 -17.20 -23.88
N THR L 101 -35.83 -16.15 -24.54
CA THR L 101 -36.18 -14.91 -23.86
C THR L 101 -37.68 -14.77 -23.87
N VAL L 102 -38.33 -14.79 -22.70
CA VAL L 102 -39.79 -14.62 -22.64
C VAL L 102 -40.12 -13.15 -22.79
N LEU L 103 -40.94 -12.81 -23.81
CA LEU L 103 -41.31 -11.42 -24.06
C LEU L 103 -42.34 -10.93 -23.05
N ARG L 104 -42.14 -9.69 -22.61
CA ARG L 104 -42.90 -9.05 -21.57
C ARG L 104 -43.20 -7.54 -21.88
N THR L 105 -44.08 -6.89 -21.09
CA THR L 105 -44.30 -5.45 -21.22
C THR L 105 -43.02 -4.74 -20.71
N VAL L 106 -42.72 -3.53 -21.25
CA VAL L 106 -41.51 -2.81 -20.82
C VAL L 106 -41.67 -2.38 -19.34
N ALA L 107 -40.61 -2.55 -18.53
CA ALA L 107 -40.63 -2.17 -17.12
C ALA L 107 -39.34 -1.43 -16.77
N ALA L 108 -39.47 -0.23 -16.22
CA ALA L 108 -38.33 0.59 -15.83
C ALA L 108 -37.65 0.02 -14.59
N PRO L 109 -36.32 0.19 -14.48
CA PRO L 109 -35.62 -0.33 -13.31
C PRO L 109 -35.79 0.56 -12.10
N SER L 110 -35.62 -0.01 -10.92
CA SER L 110 -35.70 0.74 -9.68
C SER L 110 -34.25 0.92 -9.24
N VAL L 111 -33.69 2.13 -9.32
CA VAL L 111 -32.27 2.35 -9.03
C VAL L 111 -31.98 2.66 -7.56
N PHE L 112 -30.92 2.05 -7.01
CA PHE L 112 -30.43 2.29 -5.65
C PHE L 112 -28.91 2.52 -5.70
N ILE L 113 -28.37 3.18 -4.68
CA ILE L 113 -26.92 3.41 -4.60
C ILE L 113 -26.46 3.20 -3.17
N PHE L 114 -25.41 2.43 -2.99
CA PHE L 114 -24.89 2.12 -1.66
C PHE L 114 -23.49 2.62 -1.46
N PRO L 115 -23.27 3.51 -0.48
CA PRO L 115 -21.91 3.97 -0.21
C PRO L 115 -21.10 2.90 0.50
N PRO L 116 -19.76 2.97 0.43
CA PRO L 116 -18.94 1.95 1.12
C PRO L 116 -19.19 1.92 2.62
N SER L 117 -19.27 0.70 3.19
CA SER L 117 -19.50 0.55 4.61
C SER L 117 -18.29 1.02 5.38
N ASP L 118 -18.53 1.59 6.56
CA ASP L 118 -17.46 2.10 7.41
C ASP L 118 -16.45 1.00 7.79
N GLU L 119 -16.90 -0.26 7.95
CA GLU L 119 -16.01 -1.37 8.27
C GLU L 119 -15.06 -1.64 7.08
N GLN L 120 -15.60 -1.62 5.86
CA GLN L 120 -14.81 -1.84 4.65
C GLN L 120 -13.78 -0.77 4.45
N LEU L 121 -14.14 0.48 4.75
CA LEU L 121 -13.25 1.61 4.60
C LEU L 121 -12.01 1.49 5.48
N LYS L 122 -12.08 0.78 6.61
CA LYS L 122 -10.90 0.57 7.45
C LYS L 122 -9.85 -0.32 6.74
N SER L 123 -10.32 -1.22 5.86
CA SER L 123 -9.51 -2.19 5.12
C SER L 123 -8.83 -1.64 3.83
N GLY L 124 -8.86 -0.32 3.64
CA GLY L 124 -8.19 0.34 2.52
C GLY L 124 -8.80 0.19 1.15
N THR L 125 -10.09 -0.20 1.08
CA THR L 125 -10.79 -0.33 -0.19
C THR L 125 -12.20 0.23 -0.09
N ALA L 126 -12.70 0.83 -1.17
CA ALA L 126 -14.05 1.40 -1.18
C ALA L 126 -14.87 0.88 -2.36
N SER L 127 -15.93 0.09 -2.07
CA SER L 127 -16.79 -0.50 -3.09
C SER L 127 -18.12 0.21 -3.07
N VAL L 128 -18.52 0.76 -4.20
CA VAL L 128 -19.79 1.48 -4.31
C VAL L 128 -20.72 0.65 -5.20
N VAL L 129 -21.94 0.35 -4.73
CA VAL L 129 -22.85 -0.52 -5.47
C VAL L 129 -24.05 0.21 -6.02
N CYS L 130 -24.42 -0.05 -7.27
CA CYS L 130 -25.57 0.54 -7.91
C CYS L 130 -26.53 -0.61 -8.28
N LEU L 131 -27.69 -0.67 -7.65
CA LEU L 131 -28.65 -1.73 -7.92
C LEU L 131 -29.65 -1.30 -8.97
N LEU L 132 -30.09 -2.22 -9.82
CA LEU L 132 -31.14 -1.93 -10.80
C LEU L 132 -32.13 -3.04 -10.59
N ASN L 133 -33.29 -2.75 -9.98
CA ASN L 133 -34.24 -3.80 -9.65
C ASN L 133 -35.47 -3.91 -10.54
N ASN L 134 -35.65 -5.15 -11.07
CA ASN L 134 -36.75 -5.69 -11.86
C ASN L 134 -37.10 -4.88 -13.08
N PHE L 135 -36.30 -5.04 -14.16
CA PHE L 135 -36.52 -4.31 -15.40
C PHE L 135 -36.59 -5.21 -16.62
N TYR L 136 -37.13 -4.69 -17.70
CA TYR L 136 -37.20 -5.39 -18.96
C TYR L 136 -37.37 -4.34 -20.03
N PRO L 137 -36.69 -4.47 -21.15
CA PRO L 137 -35.78 -5.60 -21.41
C PRO L 137 -34.56 -5.42 -20.53
N ARG L 138 -33.52 -6.21 -20.75
CA ARG L 138 -32.32 -6.05 -19.92
C ARG L 138 -31.19 -5.22 -20.55
N GLU L 139 -31.53 -4.35 -21.49
CA GLU L 139 -30.56 -3.50 -22.16
C GLU L 139 -30.52 -2.21 -21.35
N ALA L 140 -29.71 -2.22 -20.29
CA ALA L 140 -29.59 -1.12 -19.36
C ALA L 140 -28.13 -0.70 -19.30
N LYS L 141 -27.89 0.59 -19.37
CA LYS L 141 -26.53 1.12 -19.35
C LYS L 141 -26.26 1.91 -18.07
N VAL L 142 -25.30 1.43 -17.28
CA VAL L 142 -24.95 2.08 -16.03
C VAL L 142 -23.59 2.78 -16.13
N GLN L 143 -23.62 4.12 -16.14
CA GLN L 143 -22.40 4.90 -16.24
C GLN L 143 -22.10 5.51 -14.87
N TRP L 144 -20.88 5.26 -14.38
CA TRP L 144 -20.49 5.78 -13.08
C TRP L 144 -19.77 7.12 -13.25
N LYS L 145 -20.05 8.10 -12.39
CA LYS L 145 -19.40 9.40 -12.46
C LYS L 145 -18.97 9.81 -11.08
N VAL L 146 -17.70 10.15 -10.92
CA VAL L 146 -17.16 10.59 -9.64
C VAL L 146 -16.75 12.06 -9.78
N ASP L 147 -17.53 12.98 -9.19
CA ASP L 147 -17.36 14.43 -9.30
C ASP L 147 -17.55 14.86 -10.76
N ASN L 148 -18.58 14.28 -11.41
CA ASN L 148 -18.97 14.49 -12.79
C ASN L 148 -18.04 13.88 -13.83
N ALA L 149 -16.92 13.27 -13.42
CA ALA L 149 -15.96 12.63 -14.33
C ALA L 149 -16.37 11.19 -14.60
N LEU L 150 -16.52 10.82 -15.89
CA LEU L 150 -16.94 9.48 -16.28
C LEU L 150 -15.90 8.42 -15.97
N GLN L 151 -16.28 7.44 -15.13
CA GLN L 151 -15.40 6.35 -14.73
C GLN L 151 -15.28 5.26 -15.78
N SER L 152 -14.07 4.74 -15.95
CA SER L 152 -13.81 3.74 -16.97
C SER L 152 -12.86 2.65 -16.53
N GLY L 153 -13.33 1.40 -16.64
CA GLY L 153 -12.51 0.24 -16.32
C GLY L 153 -12.26 -0.02 -14.86
N ASN L 154 -13.19 0.40 -14.03
CA ASN L 154 -13.11 0.16 -12.59
C ASN L 154 -14.42 -0.34 -11.99
N SER L 155 -15.32 -0.87 -12.83
CA SER L 155 -16.59 -1.39 -12.40
C SER L 155 -16.90 -2.70 -13.07
N GLN L 156 -17.61 -3.57 -12.37
CA GLN L 156 -18.03 -4.86 -12.89
C GLN L 156 -19.52 -5.02 -12.69
N GLU L 157 -20.20 -5.60 -13.67
CA GLU L 157 -21.63 -5.82 -13.59
C GLU L 157 -21.97 -7.28 -13.40
N SER L 158 -23.12 -7.56 -12.84
CA SER L 158 -23.59 -8.91 -12.62
C SER L 158 -25.07 -8.87 -12.88
N VAL L 159 -25.56 -9.69 -13.81
CA VAL L 159 -26.97 -9.70 -14.12
C VAL L 159 -27.57 -11.00 -13.70
N THR L 160 -28.73 -10.94 -13.04
CA THR L 160 -29.44 -12.16 -12.70
C THR L 160 -30.10 -12.70 -13.99
N GLU L 161 -30.41 -13.99 -14.01
CA GLU L 161 -31.12 -14.58 -15.14
C GLU L 161 -32.56 -14.00 -15.17
N GLN L 162 -33.22 -14.00 -16.34
CA GLN L 162 -34.59 -13.53 -16.46
C GLN L 162 -35.52 -14.30 -15.50
N ASP L 163 -36.32 -13.60 -14.71
CA ASP L 163 -37.17 -14.23 -13.71
C ASP L 163 -38.14 -15.25 -14.26
N SER L 164 -38.29 -16.35 -13.52
CA SER L 164 -39.23 -17.41 -13.93
C SER L 164 -40.68 -17.09 -13.62
N LYS L 165 -40.96 -16.00 -12.90
CA LYS L 165 -42.32 -15.63 -12.55
C LYS L 165 -42.75 -14.37 -13.28
N ASP L 166 -41.93 -13.30 -13.21
CA ASP L 166 -42.31 -12.05 -13.86
C ASP L 166 -41.45 -11.66 -15.06
N SER L 167 -40.52 -12.52 -15.49
CA SER L 167 -39.70 -12.27 -16.67
C SER L 167 -38.85 -10.98 -16.65
N THR L 168 -38.39 -10.53 -15.47
CA THR L 168 -37.55 -9.33 -15.40
C THR L 168 -36.11 -9.62 -14.94
N TYR L 169 -35.22 -8.67 -15.19
CA TYR L 169 -33.82 -8.76 -14.87
C TYR L 169 -33.48 -7.85 -13.68
N SER L 170 -32.38 -8.11 -13.02
CA SER L 170 -31.85 -7.28 -11.95
C SER L 170 -30.34 -7.23 -12.15
N LEU L 171 -29.78 -6.04 -12.18
CA LEU L 171 -28.37 -5.85 -12.45
C LEU L 171 -27.72 -5.17 -11.27
N SER L 172 -26.43 -5.43 -11.04
CA SER L 172 -25.70 -4.77 -9.97
C SER L 172 -24.34 -4.32 -10.51
N SER L 173 -24.03 -3.02 -10.43
CA SER L 173 -22.74 -2.52 -10.91
C SER L 173 -21.93 -2.10 -9.69
N THR L 174 -20.76 -2.73 -9.47
CA THR L 174 -19.95 -2.38 -8.32
C THR L 174 -18.72 -1.65 -8.80
N LEU L 175 -18.49 -0.45 -8.26
CA LEU L 175 -17.32 0.38 -8.59
C LEU L 175 -16.27 0.23 -7.49
N THR L 176 -15.06 -0.24 -7.83
CA THR L 176 -14.02 -0.43 -6.83
C THR L 176 -12.92 0.59 -6.96
N LEU L 177 -12.72 1.37 -5.88
CA LEU L 177 -11.69 2.39 -5.76
C LEU L 177 -10.82 2.09 -4.54
N SER L 178 -9.61 2.64 -4.50
CA SER L 178 -8.77 2.53 -3.31
C SER L 178 -9.37 3.49 -2.24
N LYS L 179 -9.07 3.26 -0.96
CA LYS L 179 -9.57 4.12 0.11
C LYS L 179 -9.06 5.54 -0.06
N ALA L 180 -7.80 5.68 -0.47
CA ALA L 180 -7.16 6.96 -0.71
C ALA L 180 -7.85 7.71 -1.86
N ASP L 181 -8.10 7.00 -2.99
CA ASP L 181 -8.74 7.57 -4.18
C ASP L 181 -10.17 8.03 -3.91
N TYR L 182 -10.91 7.24 -3.10
CA TYR L 182 -12.30 7.53 -2.74
C TYR L 182 -12.41 8.78 -1.88
N GLU L 183 -11.41 9.03 -1.02
CA GLU L 183 -11.44 10.19 -0.15
C GLU L 183 -11.06 11.52 -0.85
N LYS L 184 -10.51 11.43 -2.06
CA LYS L 184 -10.15 12.62 -2.82
C LYS L 184 -11.33 13.13 -3.70
N HIS L 185 -12.57 12.64 -3.46
CA HIS L 185 -13.74 13.07 -4.24
C HIS L 185 -15.01 13.18 -3.41
N LYS L 186 -15.97 13.98 -3.86
CA LYS L 186 -17.21 14.22 -3.12
C LYS L 186 -18.44 13.47 -3.66
N VAL L 187 -18.91 13.79 -4.87
CA VAL L 187 -20.15 13.23 -5.41
C VAL L 187 -19.93 11.95 -6.16
N TYR L 188 -20.66 10.89 -5.79
CA TYR L 188 -20.58 9.57 -6.42
C TYR L 188 -21.93 9.24 -7.01
N ALA L 189 -22.01 9.11 -8.34
CA ALA L 189 -23.29 8.86 -8.98
C ALA L 189 -23.26 7.76 -10.02
N CYS L 190 -24.37 7.05 -10.14
CA CYS L 190 -24.54 6.08 -11.22
C CYS L 190 -25.73 6.53 -12.05
N GLU L 191 -25.53 6.64 -13.38
CA GLU L 191 -26.52 7.12 -14.36
C GLU L 191 -27.04 5.97 -15.24
N VAL L 192 -28.25 5.50 -14.93
CA VAL L 192 -28.88 4.38 -15.62
C VAL L 192 -29.63 4.83 -16.86
N THR L 193 -29.40 4.12 -17.97
CA THR L 193 -30.08 4.41 -19.22
C THR L 193 -30.83 3.19 -19.66
N HIS L 194 -32.15 3.21 -19.47
CA HIS L 194 -33.00 2.10 -19.85
C HIS L 194 -34.12 2.59 -20.78
N GLN L 195 -34.69 1.66 -21.55
CA GLN L 195 -35.75 1.91 -22.50
C GLN L 195 -37.04 2.39 -21.83
N GLY L 196 -37.31 1.89 -20.62
CA GLY L 196 -38.47 2.23 -19.80
C GLY L 196 -38.34 3.53 -19.02
N LEU L 197 -37.18 4.19 -19.10
CA LEU L 197 -36.95 5.49 -18.46
C LEU L 197 -37.04 6.57 -19.53
N SER L 198 -37.91 7.57 -19.33
CA SER L 198 -38.08 8.70 -20.26
C SER L 198 -36.79 9.52 -20.48
N SER L 199 -35.93 9.54 -19.45
CA SER L 199 -34.62 10.19 -19.45
C SER L 199 -33.72 9.47 -18.45
N PRO L 200 -32.39 9.49 -18.64
CA PRO L 200 -31.51 8.76 -17.70
C PRO L 200 -31.71 9.14 -16.24
N VAL L 201 -31.79 8.13 -15.37
CA VAL L 201 -31.98 8.28 -13.92
C VAL L 201 -30.63 8.27 -13.23
N THR L 202 -30.37 9.28 -12.40
CA THR L 202 -29.13 9.36 -11.67
C THR L 202 -29.43 9.23 -10.20
N LYS L 203 -28.72 8.36 -9.52
CA LYS L 203 -28.81 8.20 -8.07
C LYS L 203 -27.42 8.52 -7.54
N SER L 204 -27.33 9.41 -6.56
CA SER L 204 -26.03 9.84 -6.07
C SER L 204 -25.95 10.04 -4.57
N PHE L 205 -24.75 10.27 -4.09
CA PHE L 205 -24.46 10.58 -2.71
C PHE L 205 -23.12 11.33 -2.65
N ASN L 206 -22.91 12.09 -1.57
CA ASN L 206 -21.65 12.75 -1.29
C ASN L 206 -21.06 12.05 -0.05
N ARG L 207 -19.75 12.12 0.16
CA ARG L 207 -19.14 11.47 1.34
C ARG L 207 -19.61 12.13 2.65
#